data_9K2N
#
_entry.id   9K2N
#
_cell.length_a   260.909
_cell.length_b   260.909
_cell.length_c   154.18
_cell.angle_alpha   90
_cell.angle_beta   90
_cell.angle_gamma   90
#
_symmetry.space_group_name_H-M   'P 43 21 2'
#
loop_
_entity.id
_entity.type
_entity.pdbx_description
1 polymer 'Glutamine synthetase'
2 non-polymer 'TRIETHYLENE GLYCOL'
3 non-polymer GLYCEROL
4 non-polymer 'MAGNESIUM ION'
5 non-polymer 1,2-ETHANEDIOL
#
_entity_poly.entity_id   1
_entity_poly.type   'polypeptide(L)'
_entity_poly.pdbx_seq_one_letter_code
;ANKVLQLIQESGAKWVDFRFTDTKGKEQHVTYPADSIDEDTFEDGKMFDGSSIAGWKGIEASDMILRPDAETGFIDPFFA
EPTVVVTCDVIEPSTGQGYERDPRSIARRAEEYLKSTGIGDTAFFGPEPEFFVFDEVKWDIDMSGARHTLIAEEAAWSTG
KDYESGNSGHRPRVKGGYFPVPPVDSAQDMRAEMCAKIEDIMGPGRVEVHHHEVASCQLEIGVSFNTLVRKADEVQQFKY
AVWNVAHQYAKTATFMPKPMVGDNGSGMHVHMSISKDGKNLFAGDEYAGLSEMALYFIGGIIKHARALNAITNPSTNSYK
RLVPHFEAPIMLAYSARNRSASIRIPYVSNPKGKRIEARFPDPMMNPYLGFAALLMAGIDGIQNKIHPGEAADKNLYDLP
PEEEAKIPTVAHSLDMALEALQADHEFLLKGGVFTKEMLDAYIELKTEDVRRLNTTTHPVEFDMYYSL
;
_entity_poly.pdbx_strand_id   A,B,C,D,E,F
#
# COMPACT_ATOMS: atom_id res chain seq x y z
N ALA A 1 18.80 -19.91 46.42
CA ALA A 1 19.92 -18.97 46.69
C ALA A 1 19.62 -18.24 47.99
N ASN A 2 20.51 -18.32 48.98
CA ASN A 2 20.32 -17.56 50.20
C ASN A 2 20.03 -16.11 49.78
N LYS A 3 20.95 -15.47 49.05
CA LYS A 3 20.82 -14.04 48.89
C LYS A 3 19.61 -13.78 48.00
N VAL A 4 19.53 -14.32 46.76
CA VAL A 4 18.44 -14.07 45.82
C VAL A 4 17.09 -14.35 46.48
N LEU A 5 16.90 -15.62 46.90
CA LEU A 5 15.61 -16.02 47.41
C LEU A 5 15.22 -15.12 48.57
N GLN A 6 16.20 -14.78 49.42
CA GLN A 6 15.89 -13.92 50.55
C GLN A 6 15.51 -12.54 50.04
N LEU A 7 16.27 -12.04 49.09
CA LEU A 7 15.98 -10.75 48.52
C LEU A 7 14.54 -10.72 48.03
N ILE A 8 14.10 -11.82 47.39
CA ILE A 8 12.77 -11.86 46.84
C ILE A 8 11.79 -11.63 47.98
N GLN A 9 12.00 -12.34 49.09
CA GLN A 9 11.16 -12.24 50.28
C GLN A 9 11.13 -10.78 50.74
N GLU A 10 12.32 -10.22 50.99
CA GLU A 10 12.44 -8.88 51.56
C GLU A 10 11.80 -7.85 50.63
N SER A 11 12.02 -7.96 49.32
CA SER A 11 11.51 -6.99 48.37
C SER A 11 10.00 -7.11 48.18
N GLY A 12 9.41 -8.27 48.45
CA GLY A 12 8.04 -8.51 48.03
C GLY A 12 7.92 -8.42 46.51
N ALA A 13 8.99 -8.85 45.84
CA ALA A 13 9.05 -8.81 44.39
C ALA A 13 8.20 -9.92 43.82
N LYS A 14 7.52 -9.63 42.71
CA LYS A 14 6.75 -10.65 42.03
C LYS A 14 7.52 -11.20 40.82
N TRP A 15 8.69 -10.62 40.50
CA TRP A 15 9.35 -10.95 39.26
C TRP A 15 10.84 -11.09 39.46
N VAL A 16 11.46 -12.00 38.71
CA VAL A 16 12.90 -12.19 38.75
C VAL A 16 13.42 -12.11 37.33
N ASP A 17 14.37 -11.22 37.08
CA ASP A 17 14.86 -10.97 35.73
C ASP A 17 16.18 -11.71 35.59
N PHE A 18 16.15 -12.79 34.78
CA PHE A 18 17.32 -13.61 34.60
C PHE A 18 18.11 -12.99 33.48
N ARG A 19 19.38 -12.66 33.74
CA ARG A 19 20.17 -11.93 32.76
C ARG A 19 21.40 -12.75 32.42
N PHE A 20 21.76 -12.89 31.15
CA PHE A 20 23.07 -13.43 30.79
C PHE A 20 23.74 -12.55 29.75
N THR A 21 24.90 -13.00 29.20
CA THR A 21 25.64 -12.23 28.18
C THR A 21 25.91 -13.06 26.91
N ASP A 22 25.77 -12.45 25.75
CA ASP A 22 26.03 -13.16 24.50
C ASP A 22 27.51 -13.11 24.18
N THR A 23 27.92 -13.78 23.10
CA THR A 23 29.31 -13.80 22.67
C THR A 23 29.76 -12.35 22.44
N LYS A 24 28.86 -11.55 21.87
CA LYS A 24 29.16 -10.20 21.47
C LYS A 24 29.20 -9.28 22.69
N GLY A 25 28.86 -9.78 23.86
CA GLY A 25 29.08 -9.01 25.08
C GLY A 25 27.88 -8.13 25.46
N LYS A 26 26.67 -8.47 24.98
CA LYS A 26 25.48 -7.69 25.25
C LYS A 26 24.56 -8.42 26.23
N GLU A 27 24.28 -7.77 27.38
CA GLU A 27 23.39 -8.38 28.39
C GLU A 27 22.04 -8.73 27.75
N GLN A 28 21.51 -9.89 28.07
CA GLN A 28 20.21 -10.35 27.59
C GLN A 28 19.35 -10.75 28.81
N HIS A 29 18.03 -10.83 28.71
CA HIS A 29 17.18 -11.02 29.87
C HIS A 29 15.86 -11.70 29.52
N VAL A 30 15.37 -12.51 30.46
CA VAL A 30 14.03 -13.07 30.48
C VAL A 30 13.47 -12.91 31.89
N THR A 31 12.18 -12.64 31.98
CA THR A 31 11.62 -12.26 33.28
C THR A 31 10.59 -13.29 33.70
N TYR A 32 10.76 -13.83 34.92
CA TYR A 32 10.02 -14.96 35.40
C TYR A 32 9.39 -14.63 36.74
N PRO A 33 8.26 -15.26 37.11
CA PRO A 33 7.63 -14.95 38.38
C PRO A 33 8.37 -15.53 39.55
N ALA A 34 8.31 -14.90 40.72
CA ALA A 34 9.06 -15.36 41.87
C ALA A 34 8.58 -16.73 42.35
N ASP A 35 7.31 -17.02 42.15
CA ASP A 35 6.75 -18.32 42.46
C ASP A 35 7.51 -19.40 41.67
N SER A 36 7.96 -19.10 40.45
CA SER A 36 8.69 -20.04 39.64
C SER A 36 10.06 -20.37 40.22
N ILE A 37 10.51 -19.64 41.25
CA ILE A 37 11.90 -19.66 41.65
C ILE A 37 11.97 -20.28 43.03
N ASP A 38 12.61 -21.46 43.11
CA ASP A 38 12.87 -22.15 44.36
C ASP A 38 14.38 -22.35 44.48
N GLU A 39 14.78 -23.02 45.57
CA GLU A 39 16.17 -23.38 45.77
C GLU A 39 16.63 -24.28 44.62
N ASP A 40 15.71 -25.09 44.12
CA ASP A 40 16.00 -26.11 43.12
C ASP A 40 16.36 -25.46 41.81
N THR A 41 15.79 -24.27 41.58
CA THR A 41 16.05 -23.53 40.36
C THR A 41 17.55 -23.32 40.21
N PHE A 42 18.21 -23.02 41.33
CA PHE A 42 19.63 -22.72 41.29
C PHE A 42 20.37 -23.97 40.85
N GLU A 43 19.91 -25.15 41.25
CA GLU A 43 20.54 -26.37 40.74
C GLU A 43 20.07 -26.63 39.31
N ASP A 44 18.74 -26.85 39.14
CA ASP A 44 18.20 -27.28 37.87
C ASP A 44 18.29 -26.18 36.81
N GLY A 45 17.80 -24.97 37.11
CA GLY A 45 17.77 -23.86 36.16
C GLY A 45 16.47 -23.79 35.38
N LYS A 46 16.37 -22.87 34.40
CA LYS A 46 15.22 -22.72 33.52
C LYS A 46 15.67 -22.93 32.07
N MET A 47 14.89 -23.60 31.21
CA MET A 47 15.27 -23.80 29.83
C MET A 47 14.81 -22.66 28.90
N PHE A 48 15.48 -22.53 27.74
CA PHE A 48 15.22 -21.48 26.75
C PHE A 48 15.83 -21.83 25.39
N ASP A 49 15.39 -21.17 24.31
CA ASP A 49 15.90 -21.43 22.96
C ASP A 49 17.16 -20.62 22.66
N GLY A 50 17.88 -21.01 21.60
CA GLY A 50 19.09 -20.33 21.15
C GLY A 50 18.96 -19.83 19.72
N SER A 51 18.78 -18.51 19.56
CA SER A 51 18.98 -17.89 18.25
C SER A 51 20.18 -16.91 18.28
N SER A 52 20.79 -16.73 19.45
CA SER A 52 21.83 -15.73 19.68
C SER A 52 23.12 -16.05 18.87
N ILE A 53 23.58 -17.29 18.95
CA ILE A 53 24.70 -17.84 18.18
C ILE A 53 24.64 -19.35 18.36
N ALA A 54 25.40 -20.05 17.52
CA ALA A 54 25.50 -21.50 17.59
C ALA A 54 24.15 -22.15 17.37
N GLY A 55 23.38 -21.70 16.38
CA GLY A 55 22.18 -22.40 15.97
C GLY A 55 22.46 -23.90 15.85
N TRP A 56 21.73 -24.71 16.62
CA TRP A 56 22.03 -26.14 16.67
C TRP A 56 20.96 -26.94 15.95
N LYS A 57 21.07 -28.28 16.03
CA LYS A 57 19.95 -29.18 15.80
C LYS A 57 18.73 -28.54 16.45
N GLY A 58 18.82 -28.33 17.76
CA GLY A 58 17.94 -27.45 18.49
C GLY A 58 18.75 -26.95 19.68
N ILE A 59 18.42 -25.73 20.12
CA ILE A 59 19.07 -25.13 21.28
C ILE A 59 18.05 -25.10 22.39
N GLU A 60 17.79 -26.27 22.99
CA GLU A 60 17.21 -26.29 24.32
C GLU A 60 18.37 -26.19 25.28
N ALA A 61 18.75 -24.97 25.69
CA ALA A 61 19.81 -24.76 26.68
C ALA A 61 19.17 -24.27 27.97
N SER A 62 19.94 -24.30 29.06
CA SER A 62 19.38 -24.01 30.37
C SER A 62 20.08 -22.80 30.92
N ASP A 63 19.30 -21.96 31.60
CA ASP A 63 19.78 -20.79 32.27
C ASP A 63 19.95 -21.13 33.75
N MET A 64 21.16 -21.56 34.14
CA MET A 64 21.42 -21.82 35.55
C MET A 64 21.49 -20.47 36.27
N ILE A 65 20.42 -20.14 36.94
CA ILE A 65 20.40 -18.94 37.71
C ILE A 65 21.51 -18.97 38.74
N LEU A 66 22.25 -17.90 38.95
CA LEU A 66 23.53 -18.07 39.61
C LEU A 66 23.80 -17.16 40.80
N ARG A 67 22.79 -16.87 41.61
CA ARG A 67 23.03 -16.07 42.80
C ARG A 67 24.28 -15.16 42.69
N PRO A 68 24.18 -13.89 42.17
CA PRO A 68 25.34 -13.03 42.01
C PRO A 68 25.94 -12.53 43.30
N ASP A 69 27.09 -11.83 43.20
CA ASP A 69 27.48 -10.83 44.18
C ASP A 69 26.41 -9.75 44.12
N ALA A 70 25.59 -9.61 45.17
CA ALA A 70 24.43 -8.72 45.10
C ALA A 70 23.64 -8.86 43.77
N GLU A 71 22.76 -9.89 43.68
CA GLU A 71 21.71 -9.89 42.68
C GLU A 71 20.93 -8.63 42.98
N THR A 72 20.65 -7.88 41.95
CA THR A 72 20.29 -6.49 42.08
C THR A 72 18.81 -6.53 42.44
N GLY A 73 18.42 -5.73 43.46
CA GLY A 73 17.03 -5.45 43.76
C GLY A 73 16.35 -4.78 42.58
N PHE A 74 17.06 -4.48 41.48
CA PHE A 74 16.63 -3.67 40.34
C PHE A 74 16.53 -2.20 40.72
N ILE A 75 16.39 -1.32 39.69
CA ILE A 75 16.40 0.07 40.05
C ILE A 75 15.55 0.92 39.13
N ASP A 76 15.56 0.56 37.83
CA ASP A 76 14.88 1.35 36.81
C ASP A 76 13.37 0.92 36.83
N PRO A 77 12.93 -0.34 36.54
CA PRO A 77 11.53 -0.75 36.43
C PRO A 77 10.57 -0.46 37.59
N PHE A 78 9.24 -0.41 37.30
CA PHE A 78 8.23 0.01 38.26
C PHE A 78 8.00 -1.07 39.29
N PHE A 79 7.41 -2.20 38.88
CA PHE A 79 7.16 -3.31 39.80
C PHE A 79 8.50 -3.77 40.38
N ALA A 80 8.52 -4.07 41.68
CA ALA A 80 9.78 -4.42 42.28
C ALA A 80 10.30 -5.69 41.61
N GLU A 81 11.46 -5.66 40.92
CA GLU A 81 11.95 -6.87 40.23
C GLU A 81 13.43 -7.21 40.46
N PRO A 82 13.89 -8.16 41.34
CA PRO A 82 15.29 -8.54 41.42
C PRO A 82 15.81 -9.20 40.15
N THR A 83 17.07 -8.87 39.88
CA THR A 83 17.68 -9.38 38.68
C THR A 83 18.77 -10.27 39.20
N VAL A 84 18.93 -11.40 38.53
CA VAL A 84 20.05 -12.24 38.81
C VAL A 84 21.01 -12.06 37.67
N VAL A 85 21.91 -11.05 37.89
CA VAL A 85 22.75 -10.48 36.82
C VAL A 85 23.57 -11.64 36.27
N VAL A 86 23.56 -12.71 37.04
CA VAL A 86 24.32 -13.83 36.66
C VAL A 86 23.32 -14.87 36.24
N THR A 87 23.52 -15.43 35.09
CA THR A 87 22.83 -16.67 34.81
C THR A 87 23.79 -17.39 33.89
N CYS A 88 24.58 -18.31 34.44
CA CYS A 88 25.42 -19.18 33.61
C CYS A 88 24.48 -19.96 32.69
N ASP A 89 24.95 -20.19 31.46
CA ASP A 89 24.21 -20.96 30.50
C ASP A 89 24.78 -22.37 30.48
N VAL A 90 23.95 -23.41 30.71
CA VAL A 90 24.43 -24.78 30.87
C VAL A 90 23.82 -25.67 29.79
N ILE A 91 24.62 -26.58 29.21
CA ILE A 91 24.18 -27.45 28.13
C ILE A 91 23.36 -28.58 28.76
N GLU A 92 22.32 -29.07 28.04
CA GLU A 92 21.55 -30.21 28.55
C GLU A 92 22.45 -31.43 28.85
N PRO A 93 23.23 -31.99 27.90
CA PRO A 93 24.19 -33.04 28.24
C PRO A 93 25.38 -32.46 28.99
N SER A 94 25.49 -32.78 30.30
CA SER A 94 26.55 -32.24 31.14
C SER A 94 26.08 -30.91 31.71
N THR A 95 27.00 -30.06 32.15
CA THR A 95 26.70 -28.68 32.52
C THR A 95 27.92 -27.79 32.26
N GLY A 96 28.04 -27.19 31.06
CA GLY A 96 29.19 -26.35 30.75
C GLY A 96 28.81 -25.17 29.86
N GLN A 97 29.67 -24.75 28.95
CA GLN A 97 29.31 -23.69 28.02
C GLN A 97 28.27 -24.28 27.06
N GLY A 98 27.04 -23.77 27.12
CA GLY A 98 26.05 -24.06 26.09
C GLY A 98 26.42 -23.42 24.76
N TYR A 99 25.76 -23.89 23.68
CA TYR A 99 25.90 -23.36 22.33
C TYR A 99 27.39 -23.38 21.98
N GLU A 100 27.88 -22.37 21.25
CA GLU A 100 29.31 -22.18 21.03
C GLU A 100 30.01 -22.05 22.38
N ARG A 101 29.73 -21.02 23.17
CA ARG A 101 30.33 -20.96 24.49
C ARG A 101 29.89 -19.78 25.30
N ASP A 102 29.29 -20.08 26.45
CA ASP A 102 28.85 -19.06 27.37
C ASP A 102 30.07 -18.32 27.88
N PRO A 103 30.20 -17.01 27.65
CA PRO A 103 31.35 -16.27 28.14
C PRO A 103 31.55 -16.39 29.65
N ARG A 104 30.46 -16.35 30.42
CA ARG A 104 30.59 -16.40 31.87
C ARG A 104 31.28 -17.69 32.30
N SER A 105 30.86 -18.81 31.70
CA SER A 105 31.49 -20.09 31.97
C SER A 105 32.99 -20.05 31.59
N ILE A 106 33.29 -19.54 30.38
CA ILE A 106 34.65 -19.47 29.89
C ILE A 106 35.46 -18.72 30.94
N ALA A 107 34.87 -17.67 31.52
CA ALA A 107 35.58 -16.87 32.48
C ALA A 107 35.80 -17.65 33.78
N ARG A 108 34.76 -18.38 34.21
CA ARG A 108 34.89 -19.23 35.38
C ARG A 108 36.01 -20.24 35.11
N ARG A 109 36.02 -20.83 33.91
CA ARG A 109 37.04 -21.79 33.52
C ARG A 109 38.43 -21.22 33.77
N ALA A 110 38.66 -20.00 33.28
CA ALA A 110 39.93 -19.35 33.47
C ALA A 110 40.20 -19.09 34.96
N GLU A 111 39.17 -18.84 35.76
CA GLU A 111 39.38 -18.66 37.19
C GLU A 111 40.02 -19.93 37.77
N GLU A 112 39.45 -21.08 37.39
CA GLU A 112 39.88 -22.36 37.89
C GLU A 112 41.27 -22.70 37.37
N TYR A 113 41.50 -22.42 36.09
CA TYR A 113 42.77 -22.80 35.49
C TYR A 113 43.91 -22.09 36.18
N LEU A 114 43.65 -20.92 36.75
CA LEU A 114 44.68 -20.22 37.47
C LEU A 114 45.20 -21.11 38.62
N LYS A 115 44.24 -21.56 39.42
CA LYS A 115 44.53 -22.38 40.57
C LYS A 115 45.07 -23.72 40.11
N SER A 116 44.60 -24.25 38.98
CA SER A 116 45.11 -25.51 38.44
C SER A 116 46.61 -25.44 38.20
N THR A 117 47.06 -24.35 37.60
CA THR A 117 48.50 -24.14 37.35
C THR A 117 49.20 -23.86 38.66
N GLY A 118 48.42 -23.47 39.68
CA GLY A 118 48.97 -23.19 41.00
C GLY A 118 49.73 -21.88 41.05
N ILE A 119 49.60 -21.08 39.98
CA ILE A 119 50.27 -19.79 39.88
C ILE A 119 49.62 -18.82 40.88
N GLY A 120 48.28 -18.85 40.99
CA GLY A 120 47.61 -17.96 41.93
C GLY A 120 46.25 -18.49 42.42
N ASP A 121 45.82 -18.04 43.59
CA ASP A 121 44.50 -18.39 44.11
C ASP A 121 43.40 -17.53 43.46
N THR A 122 43.63 -16.23 43.24
CA THR A 122 42.61 -15.31 42.72
C THR A 122 43.22 -14.31 41.74
N ALA A 123 42.43 -13.79 40.79
CA ALA A 123 42.85 -12.79 39.81
C ALA A 123 41.90 -11.60 39.86
N PHE A 124 42.44 -10.39 39.77
CA PHE A 124 41.66 -9.20 40.05
C PHE A 124 41.67 -8.29 38.81
N PHE A 125 40.48 -7.76 38.49
CA PHE A 125 40.30 -6.89 37.34
C PHE A 125 39.66 -5.59 37.79
N GLY A 126 40.18 -4.45 37.29
CA GLY A 126 39.57 -3.15 37.53
C GLY A 126 39.49 -2.35 36.25
N PRO A 127 38.44 -2.54 35.40
CA PRO A 127 38.30 -1.81 34.15
C PRO A 127 37.77 -0.38 34.31
N GLU A 128 38.21 0.55 33.46
CA GLU A 128 37.84 1.95 33.60
C GLU A 128 37.09 2.36 32.32
N PRO A 129 35.82 1.90 32.08
CA PRO A 129 35.13 2.17 30.82
C PRO A 129 34.64 3.60 30.70
N GLU A 130 34.92 4.21 29.53
CA GLU A 130 34.57 5.59 29.27
C GLU A 130 33.33 5.61 28.38
N PHE A 131 32.47 6.61 28.52
CA PHE A 131 31.25 6.66 27.73
C PHE A 131 30.96 8.10 27.36
N PHE A 132 30.16 8.29 26.29
CA PHE A 132 29.60 9.57 25.90
C PHE A 132 28.09 9.58 26.17
N VAL A 133 27.57 10.78 26.51
CA VAL A 133 26.16 10.99 26.63
C VAL A 133 25.78 12.13 25.69
N PHE A 134 24.91 11.80 24.75
CA PHE A 134 24.38 12.77 23.83
C PHE A 134 22.89 12.95 24.06
N ASP A 135 22.42 14.12 23.61
CA ASP A 135 21.03 14.49 23.68
C ASP A 135 20.26 13.59 22.73
N GLU A 136 20.86 13.22 21.60
CA GLU A 136 20.16 12.41 20.64
C GLU A 136 21.10 12.02 19.53
N VAL A 137 20.79 10.94 18.85
CA VAL A 137 21.66 10.35 17.85
C VAL A 137 20.79 9.72 16.80
N LYS A 138 21.15 9.92 15.54
CA LYS A 138 20.35 9.41 14.44
C LYS A 138 21.28 8.77 13.43
N TRP A 139 20.84 7.75 12.71
CA TRP A 139 21.61 7.26 11.55
C TRP A 139 20.71 6.46 10.64
N ASP A 140 21.11 6.35 9.38
CA ASP A 140 20.44 5.43 8.47
C ASP A 140 21.36 5.04 7.34
N ILE A 141 21.16 3.82 6.85
CA ILE A 141 21.84 3.29 5.71
C ILE A 141 20.84 2.74 4.71
N ASP A 142 20.82 3.30 3.48
CA ASP A 142 19.96 2.83 2.42
C ASP A 142 20.78 2.65 1.16
N MET A 143 20.08 2.32 0.08
CA MET A 143 20.74 2.35 -1.22
C MET A 143 21.18 3.79 -1.51
N SER A 144 20.39 4.75 -1.01
CA SER A 144 20.65 6.16 -1.13
C SER A 144 21.99 6.54 -0.54
N GLY A 145 22.34 5.94 0.61
CA GLY A 145 23.72 6.04 1.10
C GLY A 145 23.84 5.68 2.57
N ALA A 146 24.63 6.45 3.31
CA ALA A 146 24.92 6.18 4.69
C ALA A 146 25.04 7.51 5.40
N ARG A 147 24.49 7.59 6.58
CA ARG A 147 24.52 8.82 7.34
C ARG A 147 24.40 8.52 8.81
N HIS A 148 24.94 9.41 9.63
CA HIS A 148 24.87 9.31 11.07
C HIS A 148 25.11 10.66 11.67
N THR A 149 24.36 11.05 12.67
CA THR A 149 24.50 12.40 13.18
C THR A 149 24.36 12.45 14.68
N LEU A 150 25.34 13.06 15.32
CA LEU A 150 25.37 13.19 16.78
C LEU A 150 24.87 14.57 17.16
N ILE A 151 24.06 14.59 18.22
CA ILE A 151 23.36 15.81 18.57
C ILE A 151 23.47 15.93 20.08
N ALA A 152 24.01 17.05 20.51
CA ALA A 152 24.02 17.35 21.92
C ALA A 152 24.26 18.82 22.13
N GLU A 153 23.71 19.30 23.24
CA GLU A 153 23.82 20.72 23.56
C GLU A 153 25.24 20.99 24.00
N GLU A 154 25.79 20.04 24.75
CA GLU A 154 27.13 20.16 25.33
C GLU A 154 28.19 19.97 24.26
N ALA A 155 27.81 19.45 23.09
CA ALA A 155 28.79 19.14 22.06
C ALA A 155 29.49 20.42 21.65
N ALA A 156 30.77 20.34 21.38
CA ALA A 156 31.56 21.56 21.21
C ALA A 156 31.13 22.30 19.98
N TRP A 157 30.54 21.60 19.00
CA TRP A 157 30.11 22.26 17.76
C TRP A 157 28.75 22.91 17.88
N SER A 158 28.07 22.71 19.00
CA SER A 158 26.84 23.41 19.30
C SER A 158 27.10 24.85 19.78
N THR A 159 28.24 25.47 19.51
CA THR A 159 28.40 26.84 19.99
C THR A 159 27.36 27.73 19.34
N GLY A 160 27.02 27.49 18.08
CA GLY A 160 26.15 28.45 17.43
C GLY A 160 24.68 27.99 17.37
N LYS A 161 24.35 26.84 18.01
CA LYS A 161 23.09 26.16 17.75
C LYS A 161 21.98 26.84 18.50
N ASP A 162 20.73 26.58 18.06
CA ASP A 162 19.57 27.21 18.66
C ASP A 162 18.95 26.31 19.69
N TYR A 163 18.61 26.88 20.86
CA TYR A 163 18.07 26.11 21.97
C TYR A 163 16.79 26.77 22.47
N GLU A 164 15.87 25.95 22.97
CA GLU A 164 14.59 26.38 23.51
C GLU A 164 14.84 27.35 24.66
N SER A 165 15.54 26.88 25.69
CA SER A 165 15.86 27.70 26.86
C SER A 165 16.97 28.68 26.57
N GLY A 166 17.48 28.66 25.31
CA GLY A 166 18.45 29.62 24.79
C GLY A 166 19.86 29.13 25.04
N ASN A 167 20.75 29.27 24.04
CA ASN A 167 22.10 28.75 24.08
C ASN A 167 22.88 29.46 25.18
N SER A 168 23.47 28.68 26.10
CA SER A 168 24.21 29.25 27.23
C SER A 168 25.54 29.83 26.77
N GLY A 169 26.08 29.28 25.68
CA GLY A 169 27.43 29.60 25.23
C GLY A 169 28.48 28.88 26.08
N HIS A 170 28.07 28.26 27.18
CA HIS A 170 28.98 27.64 28.11
C HIS A 170 29.03 26.15 27.86
N ARG A 171 29.99 25.68 27.09
CA ARG A 171 30.14 24.25 26.79
C ARG A 171 31.63 23.93 26.58
N PRO A 172 32.03 22.67 26.63
CA PRO A 172 33.41 22.27 26.41
C PRO A 172 33.95 22.62 25.02
N ARG A 173 35.20 23.10 24.96
CA ARG A 173 35.87 23.18 23.66
C ARG A 173 36.34 21.79 23.27
N VAL A 174 36.78 21.60 22.03
CA VAL A 174 37.22 20.28 21.59
C VAL A 174 38.46 19.84 22.38
N LYS A 175 38.41 18.63 22.93
CA LYS A 175 39.47 18.06 23.74
C LYS A 175 39.48 18.73 25.10
N GLY A 176 39.10 20.00 25.18
CA GLY A 176 39.00 20.64 26.48
C GLY A 176 37.81 20.06 27.20
N GLY A 177 37.46 20.46 28.41
CA GLY A 177 36.35 19.70 29.03
C GLY A 177 36.85 18.49 29.85
N TYR A 178 38.16 18.54 30.16
CA TYR A 178 38.79 17.82 31.25
C TYR A 178 38.71 18.65 32.52
N PHE A 179 37.60 18.41 33.24
CA PHE A 179 37.30 18.90 34.58
C PHE A 179 37.06 20.43 34.62
N PRO A 180 36.41 21.09 33.66
CA PRO A 180 35.96 22.45 33.94
C PRO A 180 34.78 22.43 34.90
N VAL A 181 34.48 23.54 35.57
CA VAL A 181 33.40 23.55 36.55
C VAL A 181 32.01 23.53 35.87
N PRO A 182 30.96 23.12 36.62
CA PRO A 182 29.64 22.80 36.15
C PRO A 182 28.97 23.74 35.16
N PRO A 183 29.08 25.08 35.19
CA PRO A 183 28.35 25.84 34.16
C PRO A 183 28.63 25.20 32.81
N VAL A 184 29.88 24.87 32.52
CA VAL A 184 30.31 24.22 31.28
C VAL A 184 30.04 22.72 31.32
N ASP A 185 30.29 22.09 32.49
CA ASP A 185 30.11 20.65 32.69
C ASP A 185 28.65 20.29 33.05
N SER A 186 27.91 19.80 32.05
CA SER A 186 26.50 19.51 32.20
C SER A 186 26.22 18.22 33.01
N ALA A 187 27.23 17.44 33.41
CA ALA A 187 26.98 16.06 33.80
C ALA A 187 26.98 15.87 35.30
N GLN A 188 27.33 16.88 36.12
CA GLN A 188 27.16 16.67 37.56
C GLN A 188 25.67 16.37 37.69
N ASP A 189 25.20 15.80 38.79
CA ASP A 189 23.76 15.59 38.81
C ASP A 189 23.58 14.35 37.98
N MET A 190 23.78 14.29 36.65
CA MET A 190 23.51 13.07 35.92
C MET A 190 24.48 11.96 36.36
N ARG A 191 25.77 12.25 36.36
CA ARG A 191 26.76 11.28 36.80
C ARG A 191 26.43 10.84 38.22
N ALA A 192 26.06 11.81 39.08
CA ALA A 192 25.69 11.53 40.45
C ALA A 192 24.59 10.47 40.50
N GLU A 193 23.53 10.69 39.73
CA GLU A 193 22.42 9.75 39.67
C GLU A 193 22.94 8.40 39.19
N MET A 194 23.78 8.42 38.17
CA MET A 194 24.33 7.17 37.67
C MET A 194 25.02 6.43 38.82
N CYS A 195 25.83 7.16 39.58
CA CYS A 195 26.55 6.59 40.70
C CYS A 195 25.57 6.00 41.71
N ALA A 196 24.51 6.76 42.01
CA ALA A 196 23.52 6.33 42.99
C ALA A 196 22.89 5.02 42.53
N LYS A 197 22.58 4.92 41.24
CA LYS A 197 21.98 3.72 40.70
C LYS A 197 22.96 2.57 40.78
N ILE A 198 24.23 2.81 40.48
CA ILE A 198 25.25 1.76 40.60
C ILE A 198 25.24 1.19 42.01
N GLU A 199 25.24 2.08 43.02
CA GLU A 199 25.21 1.66 44.41
C GLU A 199 23.96 0.85 44.70
N ASP A 200 22.82 1.22 44.12
CA ASP A 200 21.62 0.43 44.29
C ASP A 200 21.94 -0.99 43.81
N ILE A 201 22.58 -1.11 42.66
CA ILE A 201 22.82 -2.40 42.03
C ILE A 201 23.94 -3.12 42.77
N MET A 202 25.15 -2.57 42.83
CA MET A 202 26.31 -3.25 43.38
C MET A 202 26.54 -2.96 44.86
N GLY A 203 25.63 -2.21 45.51
CA GLY A 203 25.72 -1.95 46.93
C GLY A 203 26.74 -0.86 47.27
N PRO A 204 26.85 -0.46 48.56
CA PRO A 204 27.68 0.63 49.01
C PRO A 204 29.15 0.48 48.64
N GLY A 205 29.85 1.63 48.77
CA GLY A 205 31.20 1.76 48.25
C GLY A 205 31.13 1.48 46.76
N ARG A 206 32.13 0.74 46.29
CA ARG A 206 32.18 0.39 44.88
C ARG A 206 32.47 1.60 43.96
N VAL A 207 32.00 2.81 44.28
CA VAL A 207 32.14 3.87 43.30
C VAL A 207 33.25 4.81 43.75
N GLU A 208 34.29 4.91 42.89
CA GLU A 208 35.56 5.52 43.26
C GLU A 208 35.55 7.01 42.92
N VAL A 209 35.14 7.36 41.69
CA VAL A 209 35.19 8.76 41.26
C VAL A 209 34.25 8.98 40.07
N HIS A 210 33.77 10.20 39.89
CA HIS A 210 33.06 10.63 38.68
C HIS A 210 33.63 11.97 38.20
N HIS A 211 34.05 11.99 36.93
CA HIS A 211 34.53 13.24 36.33
C HIS A 211 34.13 13.33 34.86
N HIS A 212 34.33 14.52 34.27
CA HIS A 212 34.12 14.68 32.84
C HIS A 212 35.35 14.25 32.04
N GLU A 213 35.26 13.35 31.06
CA GLU A 213 36.42 13.03 30.22
C GLU A 213 36.68 14.16 29.22
N VAL A 214 37.78 14.05 28.47
CA VAL A 214 38.30 15.15 27.68
C VAL A 214 37.29 15.64 26.66
N ALA A 215 36.86 14.71 25.79
CA ALA A 215 35.99 15.03 24.66
C ALA A 215 34.68 15.62 25.15
N SER A 216 34.09 16.54 24.40
CA SER A 216 32.77 17.08 24.75
C SER A 216 31.81 15.89 24.97
N CYS A 217 30.94 15.98 25.98
CA CYS A 217 29.94 14.95 26.23
C CYS A 217 30.52 13.61 26.70
N GLN A 218 31.81 13.55 27.07
CA GLN A 218 32.40 12.28 27.47
C GLN A 218 32.52 12.27 28.98
N LEU A 219 32.07 11.18 29.63
CA LEU A 219 32.03 11.09 31.09
C LEU A 219 32.71 9.80 31.53
N GLU A 220 33.24 9.81 32.76
CA GLU A 220 33.84 8.61 33.34
C GLU A 220 33.34 8.47 34.78
N ILE A 221 32.85 7.26 35.08
CA ILE A 221 32.58 6.87 36.45
C ILE A 221 33.48 5.68 36.79
N GLY A 222 34.10 5.74 37.98
CA GLY A 222 35.07 4.77 38.43
C GLY A 222 34.45 3.76 39.39
N VAL A 223 34.59 2.46 39.08
CA VAL A 223 34.00 1.43 39.92
C VAL A 223 35.16 0.54 40.40
N SER A 224 35.08 0.12 41.66
CA SER A 224 36.15 -0.60 42.35
C SER A 224 36.42 -1.92 41.65
N PHE A 225 37.67 -2.37 41.77
CA PHE A 225 38.08 -3.63 41.17
C PHE A 225 37.37 -4.78 41.86
N ASN A 226 37.30 -5.91 41.14
CA ASN A 226 36.83 -7.14 41.75
C ASN A 226 37.45 -8.33 41.01
N THR A 227 37.01 -9.53 41.37
CA THR A 227 37.50 -10.73 40.73
C THR A 227 36.98 -10.78 39.30
N LEU A 228 37.61 -11.61 38.47
CA LEU A 228 37.09 -12.02 37.17
C LEU A 228 35.70 -12.58 37.40
N VAL A 229 34.83 -12.49 36.40
CA VAL A 229 33.48 -12.99 36.59
C VAL A 229 32.71 -11.98 37.44
N ARG A 230 33.09 -11.76 38.70
CA ARG A 230 32.42 -10.71 39.45
C ARG A 230 32.49 -9.36 38.70
N LYS A 231 33.72 -8.97 38.31
CA LYS A 231 33.93 -7.67 37.71
C LYS A 231 33.28 -7.66 36.35
N ALA A 232 33.35 -8.79 35.64
CA ALA A 232 32.70 -8.86 34.34
C ALA A 232 31.19 -8.67 34.54
N ASP A 233 30.60 -9.28 35.58
CA ASP A 233 29.20 -9.04 35.86
C ASP A 233 28.94 -7.56 36.12
N GLU A 234 29.86 -6.94 36.87
CA GLU A 234 29.70 -5.55 37.25
C GLU A 234 29.91 -4.63 36.04
N VAL A 235 30.72 -5.02 35.09
CA VAL A 235 30.85 -4.24 33.87
C VAL A 235 29.46 -4.14 33.25
N GLN A 236 28.79 -5.29 33.07
CA GLN A 236 27.52 -5.32 32.41
C GLN A 236 26.53 -4.45 33.20
N GLN A 237 26.60 -4.53 34.51
CA GLN A 237 25.69 -3.76 35.33
C GLN A 237 25.96 -2.28 35.19
N PHE A 238 27.24 -1.89 35.18
CA PHE A 238 27.61 -0.50 35.00
C PHE A 238 27.04 0.02 33.70
N LYS A 239 27.33 -0.68 32.59
CA LYS A 239 26.76 -0.27 31.31
C LYS A 239 25.26 -0.02 31.45
N TYR A 240 24.55 -1.02 31.99
CA TYR A 240 23.12 -0.93 32.17
C TYR A 240 22.74 0.34 32.92
N ALA A 241 23.37 0.59 34.05
CA ALA A 241 23.03 1.75 34.86
C ALA A 241 23.14 3.02 34.04
N VAL A 242 24.31 3.21 33.40
CA VAL A 242 24.57 4.50 32.76
C VAL A 242 23.58 4.60 31.58
N TRP A 243 23.35 3.51 30.83
CA TRP A 243 22.42 3.59 29.74
C TRP A 243 21.10 4.15 30.24
N ASN A 244 20.55 3.51 31.27
CA ASN A 244 19.19 3.79 31.69
C ASN A 244 19.14 5.14 32.37
N VAL A 245 20.12 5.53 33.17
CA VAL A 245 20.03 6.84 33.81
C VAL A 245 19.99 7.90 32.72
N ALA A 246 20.83 7.76 31.71
CA ALA A 246 20.84 8.70 30.60
C ALA A 246 19.46 8.78 29.99
N HIS A 247 18.85 7.62 29.78
CA HIS A 247 17.54 7.56 29.18
C HIS A 247 16.56 8.32 30.05
N GLN A 248 16.76 8.35 31.37
CA GLN A 248 15.90 9.09 32.26
C GLN A 248 16.11 10.58 32.08
N TYR A 249 17.26 10.99 31.54
CA TYR A 249 17.49 12.40 31.23
C TYR A 249 17.05 12.72 29.79
N ALA A 250 16.36 11.76 29.17
CA ALA A 250 15.99 11.85 27.78
C ALA A 250 17.21 11.96 26.88
N LYS A 251 18.32 11.35 27.31
CA LYS A 251 19.56 11.43 26.57
C LYS A 251 20.01 10.02 26.24
N THR A 252 21.12 9.89 25.53
CA THR A 252 21.52 8.54 25.15
C THR A 252 23.00 8.39 25.45
N ALA A 253 23.39 7.19 25.89
CA ALA A 253 24.75 6.93 26.27
C ALA A 253 25.30 5.84 25.33
N THR A 254 26.59 5.97 24.97
CA THR A 254 27.21 4.90 24.22
C THR A 254 28.63 4.73 24.70
N PHE A 255 28.95 3.45 24.88
CA PHE A 255 30.27 3.00 25.29
C PHE A 255 31.10 2.65 24.06
N MET A 256 30.60 2.95 22.88
CA MET A 256 31.35 2.65 21.70
C MET A 256 32.58 3.55 21.77
N PRO A 257 33.71 3.05 21.19
CA PRO A 257 34.90 3.87 21.04
C PRO A 257 34.71 4.79 19.86
N LYS A 258 35.54 5.83 19.80
CA LYS A 258 35.43 6.85 18.74
C LYS A 258 34.02 6.98 18.09
N PRO A 259 33.00 7.48 18.82
CA PRO A 259 31.75 7.81 18.17
C PRO A 259 31.87 9.16 17.44
N MET A 260 32.65 10.04 18.06
CA MET A 260 32.92 11.40 17.61
C MET A 260 34.37 11.37 17.11
N VAL A 261 34.61 11.85 15.88
CA VAL A 261 35.94 11.74 15.29
C VAL A 261 36.64 13.06 15.48
N GLY A 262 37.88 13.01 15.90
CA GLY A 262 38.67 14.22 16.06
C GLY A 262 38.48 14.85 17.44
N ASP A 263 37.97 14.03 18.33
CA ASP A 263 38.14 14.27 19.75
C ASP A 263 38.35 12.87 20.32
N ASN A 264 38.52 12.78 21.63
CA ASN A 264 38.98 11.55 22.21
C ASN A 264 37.91 10.46 22.03
N GLY A 265 38.36 9.23 21.81
CA GLY A 265 37.50 8.06 21.81
C GLY A 265 37.31 7.54 23.24
N SER A 266 36.46 6.51 23.38
CA SER A 266 36.18 6.02 24.72
C SER A 266 36.99 4.74 24.95
N GLY A 267 37.81 4.66 26.01
CA GLY A 267 38.63 3.46 26.20
C GLY A 267 38.42 2.80 27.56
N MET A 268 38.66 1.48 27.63
CA MET A 268 38.48 0.73 28.86
C MET A 268 39.83 0.17 29.31
N HIS A 269 40.58 0.98 30.10
CA HIS A 269 41.80 0.45 30.71
C HIS A 269 41.40 -0.67 31.65
N VAL A 270 42.16 -1.78 31.66
CA VAL A 270 41.93 -2.90 32.57
C VAL A 270 43.11 -3.01 33.55
N HIS A 271 42.88 -2.64 34.81
CA HIS A 271 43.87 -2.86 35.85
C HIS A 271 43.80 -4.34 36.27
N MET A 272 44.97 -4.97 36.43
CA MET A 272 45.04 -6.40 36.66
C MET A 272 46.02 -6.70 37.79
N SER A 273 45.63 -7.60 38.72
CA SER A 273 46.47 -8.07 39.82
C SER A 273 46.26 -9.56 40.07
N ILE A 274 47.28 -10.30 40.51
CA ILE A 274 47.12 -11.70 40.90
C ILE A 274 47.46 -11.87 42.38
N SER A 275 46.71 -12.69 43.12
CA SER A 275 47.01 -13.01 44.51
C SER A 275 47.10 -14.52 44.72
N LYS A 276 47.79 -14.92 45.80
CA LYS A 276 47.89 -16.30 46.26
C LYS A 276 48.02 -16.26 47.79
N ASP A 277 47.13 -16.98 48.49
CA ASP A 277 47.08 -16.94 49.95
C ASP A 277 46.87 -15.50 50.39
N GLY A 278 46.07 -14.73 49.64
CA GLY A 278 45.76 -13.35 49.98
C GLY A 278 46.97 -12.40 49.98
N LYS A 279 47.89 -12.62 49.05
CA LYS A 279 49.16 -11.91 48.98
C LYS A 279 49.40 -11.50 47.52
N ASN A 280 49.71 -10.22 47.29
CA ASN A 280 49.86 -9.69 45.95
C ASN A 280 51.11 -10.28 45.31
N LEU A 281 50.92 -11.15 44.32
CA LEU A 281 52.03 -11.74 43.61
C LEU A 281 52.74 -10.71 42.74
N PHE A 282 52.08 -9.64 42.39
CA PHE A 282 52.66 -8.70 41.45
C PHE A 282 53.70 -7.81 42.13
N ALA A 283 53.59 -7.64 43.45
CA ALA A 283 54.52 -6.77 44.16
C ALA A 283 55.90 -7.44 44.23
N GLY A 284 56.95 -6.63 44.07
CA GLY A 284 58.31 -7.14 44.14
C GLY A 284 59.32 -6.00 44.01
N ASP A 285 60.49 -6.35 43.45
CA ASP A 285 61.50 -5.34 43.27
C ASP A 285 62.18 -5.45 41.92
N GLU A 286 61.45 -5.93 40.90
CA GLU A 286 61.99 -5.90 39.54
C GLU A 286 61.92 -4.45 39.07
N TYR A 287 60.76 -3.96 38.73
CA TYR A 287 60.66 -2.66 38.06
C TYR A 287 59.48 -1.89 38.62
N ALA A 288 59.74 -0.72 39.23
CA ALA A 288 58.66 0.06 39.80
C ALA A 288 57.78 -0.87 40.63
N GLY A 289 58.47 -1.63 41.50
CA GLY A 289 57.91 -2.49 42.54
C GLY A 289 57.26 -3.74 42.00
N LEU A 290 57.70 -4.22 40.84
CA LEU A 290 57.06 -5.33 40.17
C LEU A 290 57.81 -6.65 40.41
N SER A 291 57.09 -7.71 40.71
CA SER A 291 57.68 -9.04 40.79
C SER A 291 58.02 -9.52 39.38
N GLU A 292 58.95 -10.47 39.27
CA GLU A 292 59.21 -11.12 37.99
C GLU A 292 57.94 -11.76 37.43
N MET A 293 57.07 -12.21 38.34
CA MET A 293 55.79 -12.75 37.95
C MET A 293 55.06 -11.75 37.08
N ALA A 294 54.88 -10.53 37.60
CA ALA A 294 54.22 -9.45 36.89
C ALA A 294 54.91 -9.17 35.57
N LEU A 295 56.24 -9.12 35.59
CA LEU A 295 56.95 -8.84 34.37
C LEU A 295 56.67 -9.93 33.33
N TYR A 296 56.49 -11.15 33.78
CA TYR A 296 56.25 -12.23 32.85
C TYR A 296 54.83 -12.12 32.32
N PHE A 297 53.88 -11.78 33.21
CA PHE A 297 52.50 -11.56 32.83
C PHE A 297 52.50 -10.59 31.65
N ILE A 298 53.20 -9.46 31.82
CA ILE A 298 53.31 -8.44 30.80
C ILE A 298 53.77 -9.06 29.49
N GLY A 299 54.86 -9.81 29.53
CA GLY A 299 55.42 -10.39 28.33
C GLY A 299 54.38 -11.15 27.51
N GLY A 300 53.61 -12.01 28.17
CA GLY A 300 52.65 -12.87 27.49
C GLY A 300 51.62 -12.04 26.75
N ILE A 301 51.07 -11.05 27.47
CA ILE A 301 50.13 -10.11 26.88
C ILE A 301 50.75 -9.50 25.61
N ILE A 302 51.96 -8.97 25.76
CA ILE A 302 52.61 -8.30 24.66
C ILE A 302 52.80 -9.29 23.52
N LYS A 303 53.17 -10.52 23.82
CA LYS A 303 53.44 -11.51 22.80
C LYS A 303 52.17 -11.72 22.00
N HIS A 304 51.06 -11.98 22.71
CA HIS A 304 49.84 -12.39 22.05
C HIS A 304 48.92 -11.20 21.72
N ALA A 305 49.39 -9.95 21.84
CA ALA A 305 48.53 -8.79 21.83
C ALA A 305 47.64 -8.71 20.58
N ARG A 306 48.23 -8.88 19.41
CA ARG A 306 47.44 -8.75 18.19
C ARG A 306 46.26 -9.71 18.26
N ALA A 307 46.50 -10.96 18.68
CA ALA A 307 45.39 -11.89 18.84
C ALA A 307 44.48 -11.46 19.98
N LEU A 308 45.04 -10.97 21.08
CA LEU A 308 44.26 -10.43 22.16
C LEU A 308 43.34 -9.33 21.69
N ASN A 309 43.75 -8.56 20.69
CA ASN A 309 42.95 -7.46 20.17
C ASN A 309 41.60 -7.93 19.68
N ALA A 310 41.52 -9.14 19.11
CA ALA A 310 40.24 -9.64 18.69
C ALA A 310 39.27 -9.59 19.88
N ILE A 311 39.77 -9.90 21.06
CA ILE A 311 38.93 -9.92 22.22
C ILE A 311 38.87 -8.56 22.90
N THR A 312 40.01 -7.89 23.10
CA THR A 312 40.09 -6.63 23.84
C THR A 312 39.60 -5.46 22.99
N ASN A 313 39.74 -5.58 21.67
CA ASN A 313 39.27 -4.56 20.76
C ASN A 313 38.42 -5.24 19.68
N PRO A 314 37.22 -5.75 19.99
CA PRO A 314 36.47 -6.61 19.08
C PRO A 314 35.50 -5.89 18.15
N SER A 315 35.70 -4.58 17.94
CA SER A 315 34.82 -3.82 17.08
C SER A 315 35.66 -3.20 15.97
N THR A 316 35.09 -3.09 14.76
CA THR A 316 35.77 -2.38 13.70
C THR A 316 36.09 -0.98 14.18
N ASN A 317 35.19 -0.43 14.99
CA ASN A 317 35.32 0.92 15.49
C ASN A 317 36.50 1.06 16.43
N SER A 318 36.92 -0.05 17.05
CA SER A 318 37.98 0.02 18.04
C SER A 318 39.21 0.65 17.44
N TYR A 319 39.42 0.37 16.15
CA TYR A 319 40.63 0.76 15.46
C TYR A 319 40.56 2.21 15.02
N LYS A 320 39.42 2.85 15.19
CA LYS A 320 39.33 4.29 15.07
C LYS A 320 40.02 4.92 16.27
N ARG A 321 39.91 4.30 17.44
CA ARG A 321 40.62 4.77 18.63
C ARG A 321 42.10 4.41 18.53
N LEU A 322 42.40 3.18 18.09
CA LEU A 322 43.78 2.73 17.96
C LEU A 322 44.37 3.28 16.67
N VAL A 323 44.56 4.60 16.65
CA VAL A 323 45.14 5.28 15.51
C VAL A 323 46.41 5.97 15.98
N PRO A 324 47.49 5.93 15.16
CA PRO A 324 48.73 6.67 15.40
C PRO A 324 48.53 8.12 15.84
N HIS A 325 48.53 8.27 17.16
CA HIS A 325 48.39 9.56 17.80
C HIS A 325 49.07 9.49 19.18
N PHE A 326 49.32 10.66 19.80
CA PHE A 326 49.69 10.67 21.22
C PHE A 326 48.40 10.41 22.00
N GLU A 327 48.50 9.98 23.27
CA GLU A 327 47.25 9.73 23.99
C GLU A 327 46.60 8.46 23.41
N ALA A 328 47.26 7.76 22.46
CA ALA A 328 46.71 6.59 21.79
C ALA A 328 47.64 5.40 22.01
N PRO A 329 47.32 4.48 22.97
CA PRO A 329 48.26 3.45 23.40
C PRO A 329 48.37 2.31 22.39
N ILE A 330 49.00 2.61 21.26
CA ILE A 330 49.13 1.64 20.19
C ILE A 330 50.41 0.83 20.37
N MET A 331 51.42 1.33 21.09
CA MET A 331 52.75 0.73 21.08
C MET A 331 52.83 -0.36 22.15
N LEU A 332 53.31 -1.54 21.76
CA LEU A 332 53.33 -2.70 22.65
C LEU A 332 54.55 -2.68 23.55
N ALA A 333 54.44 -1.97 24.67
CA ALA A 333 55.53 -1.84 25.64
C ALA A 333 54.95 -1.38 26.97
N TYR A 334 55.84 -1.16 27.97
CA TYR A 334 55.39 -0.96 29.32
C TYR A 334 56.19 0.15 29.97
N SER A 335 55.51 0.97 30.78
CA SER A 335 56.17 1.97 31.59
C SER A 335 55.30 2.41 32.74
N ALA A 336 55.90 3.06 33.74
CA ALA A 336 55.14 3.67 34.82
C ALA A 336 54.58 5.01 34.39
N ARG A 337 55.43 5.82 33.76
CA ARG A 337 55.07 7.21 33.50
C ARG A 337 55.14 7.56 32.03
N ASN A 338 54.98 6.58 31.14
CA ASN A 338 55.00 6.84 29.72
C ASN A 338 53.69 6.38 29.08
N ARG A 339 53.10 7.34 28.36
CA ARG A 339 51.97 7.14 27.48
C ARG A 339 52.57 6.60 26.17
N SER A 340 51.74 6.26 25.21
CA SER A 340 52.22 5.61 23.99
C SER A 340 52.45 4.15 24.29
N ALA A 341 52.62 3.80 25.58
CA ALA A 341 52.86 2.47 26.05
C ALA A 341 51.51 1.82 26.35
N SER A 342 51.28 0.70 25.66
CA SER A 342 50.05 -0.03 25.77
C SER A 342 49.81 -0.44 27.21
N ILE A 343 50.88 -0.78 27.95
CA ILE A 343 50.80 -1.19 29.34
C ILE A 343 51.46 -0.15 30.21
N ARG A 344 50.82 0.18 31.33
CA ARG A 344 51.30 1.18 32.25
C ARG A 344 51.27 0.57 33.65
N ILE A 345 52.19 0.97 34.53
CA ILE A 345 52.24 0.46 35.89
C ILE A 345 51.82 1.57 36.84
N PRO A 346 50.59 1.55 37.37
CA PRO A 346 50.08 2.68 38.14
C PRO A 346 50.76 2.83 39.49
N TYR A 347 50.96 4.08 39.89
CA TYR A 347 51.62 4.47 41.11
C TYR A 347 50.75 4.11 42.30
N VAL A 348 51.22 3.10 43.04
CA VAL A 348 50.43 2.50 44.10
C VAL A 348 50.68 3.20 45.44
N SER A 349 51.90 3.72 45.65
CA SER A 349 52.31 4.28 46.93
C SER A 349 52.54 3.16 47.96
N ASN A 350 51.56 2.27 48.20
CA ASN A 350 51.72 1.15 49.10
C ASN A 350 51.54 -0.15 48.33
N PRO A 351 52.54 -1.07 48.23
CA PRO A 351 52.38 -2.28 47.43
C PRO A 351 51.26 -3.14 47.98
N LYS A 352 51.09 -4.35 47.47
CA LYS A 352 49.89 -5.11 47.82
C LYS A 352 48.78 -4.57 46.94
N GLY A 353 48.73 -3.27 46.64
CA GLY A 353 47.88 -2.80 45.54
C GLY A 353 48.62 -2.74 44.20
N LYS A 354 49.81 -3.33 44.10
CA LYS A 354 50.53 -3.37 42.84
C LYS A 354 49.64 -3.94 41.75
N ARG A 355 49.57 -3.20 40.64
CA ARG A 355 48.82 -3.66 39.49
C ARG A 355 49.62 -3.45 38.21
N ILE A 356 49.08 -4.00 37.13
CA ILE A 356 49.43 -3.60 35.78
C ILE A 356 48.17 -3.11 35.07
N GLU A 357 48.29 -2.05 34.26
CA GLU A 357 47.16 -1.47 33.53
C GLU A 357 47.40 -1.67 32.04
N ALA A 358 46.42 -2.29 31.37
CA ALA A 358 46.43 -2.38 29.92
C ALA A 358 45.44 -1.35 29.36
N ARG A 359 45.95 -0.35 28.62
CA ARG A 359 45.13 0.77 28.21
C ARG A 359 44.49 0.51 26.83
N PHE A 360 44.98 -0.54 26.13
CA PHE A 360 44.55 -0.76 24.76
C PHE A 360 43.09 -1.24 24.67
N PRO A 361 42.51 -2.02 25.60
CA PRO A 361 41.10 -2.44 25.46
C PRO A 361 40.10 -1.29 25.45
N ASP A 362 38.95 -1.51 24.78
CA ASP A 362 37.88 -0.51 24.67
C ASP A 362 36.62 -1.16 25.23
N PRO A 363 35.55 -0.40 25.54
CA PRO A 363 34.37 -0.99 26.15
C PRO A 363 33.62 -1.95 25.25
N MET A 364 34.09 -2.17 24.03
CA MET A 364 33.37 -3.14 23.22
C MET A 364 33.77 -4.56 23.57
N MET A 365 34.84 -4.71 24.36
CA MET A 365 35.32 -5.99 24.85
C MET A 365 34.23 -6.68 25.67
N ASN A 366 34.04 -7.98 25.37
CA ASN A 366 33.19 -8.85 26.17
C ASN A 366 33.85 -9.02 27.51
N PRO A 367 33.37 -8.50 28.63
CA PRO A 367 34.17 -8.50 29.85
C PRO A 367 34.65 -9.90 30.23
N TYR A 368 33.72 -10.84 30.19
CA TYR A 368 34.04 -12.22 30.45
C TYR A 368 35.12 -12.65 29.50
N LEU A 369 34.87 -12.66 28.19
CA LEU A 369 35.87 -13.14 27.25
C LEU A 369 37.20 -12.40 27.41
N GLY A 370 37.12 -11.09 27.61
CA GLY A 370 38.29 -10.26 27.68
C GLY A 370 39.17 -10.57 28.88
N PHE A 371 38.58 -10.50 30.06
CA PHE A 371 39.32 -10.77 31.29
C PHE A 371 40.00 -12.13 31.15
N ALA A 372 39.25 -13.13 30.71
CA ALA A 372 39.73 -14.50 30.54
C ALA A 372 41.00 -14.51 29.69
N ALA A 373 40.87 -13.96 28.48
CA ALA A 373 41.95 -14.04 27.50
C ALA A 373 43.19 -13.34 28.02
N LEU A 374 43.02 -12.24 28.76
CA LEU A 374 44.17 -11.56 29.36
C LEU A 374 44.90 -12.48 30.33
N LEU A 375 44.16 -13.21 31.16
CA LEU A 375 44.75 -14.13 32.12
C LEU A 375 45.53 -15.22 31.41
N MET A 376 44.87 -15.89 30.45
CA MET A 376 45.49 -16.98 29.73
C MET A 376 46.82 -16.53 29.11
N ALA A 377 46.80 -15.36 28.44
CA ALA A 377 48.00 -14.80 27.85
C ALA A 377 48.99 -14.44 28.94
N GLY A 378 48.52 -13.81 30.02
CA GLY A 378 49.37 -13.46 31.14
C GLY A 378 50.11 -14.68 31.67
N ILE A 379 49.38 -15.76 31.96
CA ILE A 379 50.00 -16.92 32.58
C ILE A 379 50.89 -17.63 31.57
N ASP A 380 50.58 -17.58 30.27
CA ASP A 380 51.48 -18.15 29.29
C ASP A 380 52.84 -17.48 29.42
N GLY A 381 52.80 -16.19 29.74
CA GLY A 381 54.02 -15.42 29.97
C GLY A 381 54.81 -16.03 31.11
N ILE A 382 54.14 -16.17 32.25
CA ILE A 382 54.74 -16.71 33.46
C ILE A 382 55.23 -18.13 33.19
N GLN A 383 54.34 -18.97 32.67
CA GLN A 383 54.68 -20.35 32.38
C GLN A 383 55.92 -20.45 31.52
N ASN A 384 56.01 -19.65 30.46
CA ASN A 384 57.16 -19.74 29.57
C ASN A 384 58.19 -18.68 29.93
N LYS A 385 58.03 -18.04 31.10
CA LYS A 385 58.98 -17.04 31.57
C LYS A 385 59.30 -16.07 30.45
N ILE A 386 58.28 -15.60 29.72
CA ILE A 386 58.47 -14.72 28.55
C ILE A 386 58.88 -13.34 29.04
N HIS A 387 60.07 -12.86 28.58
CA HIS A 387 60.65 -11.65 29.11
C HIS A 387 59.98 -10.44 28.47
N PRO A 388 59.48 -9.45 29.25
CA PRO A 388 58.78 -8.30 28.69
C PRO A 388 59.70 -7.33 27.97
N GLY A 389 61.02 -7.58 28.03
CA GLY A 389 62.02 -6.67 27.51
C GLY A 389 62.16 -5.44 28.41
N GLU A 390 62.81 -4.41 27.89
CA GLU A 390 63.17 -3.26 28.71
C GLU A 390 61.96 -2.34 28.77
N ALA A 391 61.80 -1.61 29.88
CA ALA A 391 60.72 -0.65 30.02
C ALA A 391 60.99 0.58 29.16
N ALA A 392 60.00 0.94 28.33
CA ALA A 392 60.20 1.99 27.32
C ALA A 392 59.88 3.40 27.82
N ASP A 393 59.94 3.65 29.12
CA ASP A 393 59.62 4.95 29.67
C ASP A 393 60.67 6.01 29.34
N LYS A 394 61.66 5.60 28.56
CA LYS A 394 62.67 6.50 28.02
C LYS A 394 62.04 7.70 27.31
N ASN A 395 61.37 7.47 26.18
CA ASN A 395 60.91 8.56 25.33
C ASN A 395 59.70 8.02 24.57
N LEU A 396 58.74 8.90 24.28
CA LEU A 396 57.56 8.49 23.52
C LEU A 396 57.97 8.27 22.05
N TYR A 397 57.04 8.62 21.13
CA TYR A 397 57.30 8.67 19.70
C TYR A 397 58.09 9.93 19.33
N ASP A 398 58.44 10.75 20.33
CA ASP A 398 59.18 11.98 20.15
C ASP A 398 60.48 11.68 19.40
N LEU A 399 61.15 10.59 19.80
CA LEU A 399 62.37 10.13 19.16
C LEU A 399 62.07 8.85 18.39
N PRO A 400 61.94 8.88 17.04
CA PRO A 400 61.90 7.67 16.22
C PRO A 400 63.30 7.20 15.85
N PRO A 401 63.83 6.10 16.43
CA PRO A 401 65.17 5.66 16.06
C PRO A 401 65.13 4.92 14.72
N GLU A 402 64.02 5.04 13.97
CA GLU A 402 63.71 4.12 12.89
C GLU A 402 63.52 2.69 13.40
N GLU A 403 63.97 2.39 14.64
CA GLU A 403 63.66 1.15 15.32
C GLU A 403 62.22 1.21 15.79
N GLU A 404 61.67 2.42 15.91
CA GLU A 404 60.27 2.61 16.21
C GLU A 404 59.39 1.89 15.19
N ALA A 405 59.82 1.88 13.92
CA ALA A 405 59.20 1.06 12.90
C ALA A 405 59.18 -0.40 13.37
N LYS A 406 60.33 -0.88 13.86
CA LYS A 406 60.46 -2.25 14.35
C LYS A 406 59.75 -2.45 15.69
N ILE A 407 59.52 -1.39 16.47
CA ILE A 407 58.77 -1.49 17.72
C ILE A 407 57.36 -2.05 17.42
N PRO A 408 56.90 -3.07 18.17
CA PRO A 408 55.63 -3.70 17.87
C PRO A 408 54.45 -2.78 18.19
N THR A 409 53.37 -2.96 17.42
CA THR A 409 52.18 -2.15 17.58
C THR A 409 51.01 -3.10 17.66
N VAL A 410 49.91 -2.58 18.22
CA VAL A 410 48.67 -3.32 18.33
C VAL A 410 48.09 -3.46 16.94
N ALA A 411 47.03 -4.24 16.77
CA ALA A 411 46.48 -4.50 15.44
C ALA A 411 45.88 -3.23 14.83
N HIS A 412 45.96 -3.09 13.50
CA HIS A 412 45.48 -1.89 12.81
C HIS A 412 43.98 -2.01 12.50
N SER A 413 43.48 -3.24 12.39
CA SER A 413 42.10 -3.45 11.99
C SER A 413 41.54 -4.67 12.70
N LEU A 414 40.23 -4.75 12.83
CA LEU A 414 39.62 -5.96 13.37
C LEU A 414 39.97 -7.13 12.47
N ASP A 415 39.98 -6.86 11.17
CA ASP A 415 40.32 -7.87 10.20
C ASP A 415 41.64 -8.53 10.61
N MET A 416 42.68 -7.70 10.77
CA MET A 416 44.01 -8.11 11.17
C MET A 416 43.98 -8.83 12.51
N ALA A 417 43.24 -8.29 13.47
CA ALA A 417 43.14 -8.91 14.79
C ALA A 417 42.57 -10.32 14.67
N LEU A 418 41.60 -10.53 13.81
CA LEU A 418 41.02 -11.84 13.63
C LEU A 418 42.02 -12.77 12.96
N GLU A 419 42.81 -12.26 12.02
CA GLU A 419 43.85 -13.07 11.42
C GLU A 419 44.89 -13.46 12.47
N ALA A 420 45.16 -12.51 13.37
CA ALA A 420 46.11 -12.74 14.44
C ALA A 420 45.62 -13.88 15.33
N LEU A 421 44.35 -13.83 15.70
CA LEU A 421 43.77 -14.78 16.61
C LEU A 421 43.80 -16.14 15.97
N GLN A 422 43.53 -16.19 14.66
CA GLN A 422 43.55 -17.46 13.98
C GLN A 422 44.90 -18.11 14.26
N ALA A 423 45.99 -17.38 13.91
CA ALA A 423 47.35 -17.86 14.09
C ALA A 423 47.65 -18.19 15.54
N ASP A 424 47.35 -17.28 16.47
CA ASP A 424 47.80 -17.39 17.85
C ASP A 424 46.61 -17.63 18.80
N HIS A 425 46.04 -18.83 18.86
CA HIS A 425 44.97 -19.06 19.84
C HIS A 425 45.38 -20.03 20.93
N GLU A 426 46.63 -20.52 20.89
CA GLU A 426 47.02 -21.64 21.72
C GLU A 426 46.89 -21.36 23.20
N PHE A 427 47.36 -20.21 23.66
CA PHE A 427 47.35 -19.89 25.08
C PHE A 427 45.95 -20.03 25.65
N LEU A 428 44.93 -19.67 24.85
CA LEU A 428 43.54 -19.68 25.25
C LEU A 428 43.05 -21.11 25.42
N LEU A 429 43.50 -22.00 24.54
CA LEU A 429 43.03 -23.37 24.50
C LEU A 429 43.57 -24.17 25.69
N LYS A 430 44.59 -23.64 26.35
CA LYS A 430 45.14 -24.30 27.52
C LYS A 430 44.06 -24.37 28.61
N GLY A 431 44.08 -25.48 29.35
CA GLY A 431 43.12 -25.70 30.40
C GLY A 431 41.74 -26.03 29.85
N GLY A 432 41.63 -26.10 28.51
CA GLY A 432 40.34 -26.20 27.84
C GLY A 432 39.40 -25.04 28.18
N VAL A 433 40.00 -23.89 28.59
CA VAL A 433 39.23 -22.71 28.94
C VAL A 433 38.43 -22.25 27.72
N PHE A 434 39.14 -22.21 26.61
CA PHE A 434 38.57 -21.86 25.33
C PHE A 434 38.59 -23.11 24.46
N THR A 435 37.42 -23.48 23.95
CA THR A 435 37.32 -24.51 22.93
C THR A 435 37.84 -23.94 21.62
N LYS A 436 38.37 -24.78 20.73
CA LYS A 436 38.64 -24.35 19.37
C LYS A 436 37.34 -23.94 18.71
N GLU A 437 36.29 -24.74 18.92
CA GLU A 437 35.00 -24.50 18.31
C GLU A 437 34.53 -23.11 18.69
N MET A 438 34.65 -22.69 19.96
CA MET A 438 34.19 -21.37 20.37
C MET A 438 34.96 -20.28 19.62
N LEU A 439 36.29 -20.40 19.60
CA LEU A 439 37.13 -19.44 18.90
C LEU A 439 36.78 -19.46 17.43
N ASP A 440 36.61 -20.62 16.82
CA ASP A 440 36.27 -20.69 15.41
C ASP A 440 34.99 -19.92 15.12
N ALA A 441 33.96 -20.12 15.96
CA ALA A 441 32.70 -19.41 15.84
C ALA A 441 32.87 -17.90 15.99
N TYR A 442 33.45 -17.52 17.13
CA TYR A 442 33.73 -16.13 17.44
C TYR A 442 34.30 -15.46 16.20
N ILE A 443 35.36 -16.04 15.66
CA ILE A 443 36.02 -15.43 14.53
C ILE A 443 35.02 -15.23 13.40
N GLU A 444 34.21 -16.24 13.10
CA GLU A 444 33.31 -16.11 11.96
C GLU A 444 32.26 -15.04 12.21
N LEU A 445 31.73 -15.03 13.43
CA LEU A 445 30.71 -14.07 13.81
C LEU A 445 31.25 -12.65 13.66
N LYS A 446 32.43 -12.41 14.21
CA LYS A 446 33.02 -11.08 14.12
C LYS A 446 33.38 -10.76 12.68
N THR A 447 33.62 -11.74 11.85
CA THR A 447 33.92 -11.46 10.45
C THR A 447 32.73 -10.76 9.77
N GLU A 448 31.51 -11.06 10.20
CA GLU A 448 30.35 -10.42 9.59
C GLU A 448 30.45 -8.91 9.84
N ASP A 449 30.96 -8.52 11.01
CA ASP A 449 31.13 -7.11 11.32
C ASP A 449 32.10 -6.54 10.30
N VAL A 450 33.21 -7.25 10.07
CA VAL A 450 34.21 -6.78 9.14
C VAL A 450 33.55 -6.69 7.76
N ARG A 451 32.85 -7.75 7.35
CA ARG A 451 32.17 -7.72 6.07
C ARG A 451 31.34 -6.44 5.90
N ARG A 452 30.50 -6.14 6.89
CA ARG A 452 29.63 -4.97 6.82
C ARG A 452 30.42 -3.75 6.41
N LEU A 453 31.42 -3.43 7.23
CA LEU A 453 32.25 -2.25 7.04
C LEU A 453 32.83 -2.25 5.64
N ASN A 454 33.41 -3.38 5.23
CA ASN A 454 34.12 -3.42 3.98
C ASN A 454 33.17 -3.32 2.80
N THR A 455 31.92 -3.76 2.99
CA THR A 455 31.00 -3.76 1.89
C THR A 455 30.37 -2.38 1.71
N THR A 456 30.08 -1.70 2.83
CA THR A 456 29.31 -0.46 2.82
C THR A 456 30.20 0.74 2.48
N THR A 457 29.93 1.41 1.36
CA THR A 457 30.66 2.61 0.98
C THR A 457 30.49 3.64 2.08
N HIS A 458 31.55 4.39 2.37
CA HIS A 458 31.64 5.36 3.45
C HIS A 458 31.49 6.74 2.85
N PRO A 459 30.81 7.69 3.52
CA PRO A 459 30.74 9.06 3.03
C PRO A 459 32.09 9.63 2.58
N VAL A 460 33.13 9.28 3.30
CA VAL A 460 34.43 9.85 3.02
C VAL A 460 34.95 9.38 1.66
N GLU A 461 34.53 8.21 1.19
CA GLU A 461 34.97 7.76 -0.12
C GLU A 461 34.43 8.70 -1.19
N PHE A 462 33.26 9.27 -0.96
CA PHE A 462 32.74 10.25 -1.88
C PHE A 462 33.70 11.42 -1.91
N ASP A 463 34.15 11.80 -0.73
CA ASP A 463 35.00 12.97 -0.65
C ASP A 463 36.24 12.70 -1.46
N MET A 464 36.87 11.55 -1.26
CA MET A 464 38.11 11.29 -1.96
C MET A 464 37.88 10.96 -3.43
N TYR A 465 36.95 10.07 -3.76
CA TYR A 465 36.93 9.46 -5.07
C TYR A 465 35.82 9.96 -6.00
N TYR A 466 34.80 10.70 -5.54
CA TYR A 466 33.62 10.89 -6.39
C TYR A 466 34.01 11.54 -7.72
N SER A 467 34.79 12.64 -7.66
CA SER A 467 34.94 13.53 -8.82
C SER A 467 36.30 13.27 -9.45
N LEU A 468 36.57 11.99 -9.64
CA LEU A 468 37.82 11.47 -10.16
C LEU A 468 37.45 10.35 -11.14
N ALA B 1 -24.99 -19.86 39.34
CA ALA B 1 -23.56 -19.43 39.25
C ALA B 1 -23.16 -18.64 40.50
N ASN B 2 -22.74 -19.42 41.50
CA ASN B 2 -22.22 -18.85 42.73
C ASN B 2 -21.17 -17.81 42.34
N LYS B 3 -20.16 -18.19 41.55
CA LYS B 3 -18.99 -17.35 41.40
C LYS B 3 -19.37 -15.98 40.82
N VAL B 4 -19.95 -15.93 39.60
CA VAL B 4 -20.44 -14.69 39.00
C VAL B 4 -21.30 -13.90 39.99
N LEU B 5 -22.43 -14.50 40.36
CA LEU B 5 -23.41 -13.80 41.16
C LEU B 5 -22.75 -13.27 42.42
N GLN B 6 -21.89 -14.09 43.01
CA GLN B 6 -21.25 -13.70 44.25
C GLN B 6 -20.33 -12.54 43.97
N LEU B 7 -19.56 -12.67 42.89
CA LEU B 7 -18.65 -11.62 42.53
C LEU B 7 -19.40 -10.30 42.41
N ILE B 8 -20.59 -10.37 41.81
CA ILE B 8 -21.36 -9.17 41.58
C ILE B 8 -21.61 -8.50 42.92
N GLN B 9 -22.03 -9.32 43.90
CA GLN B 9 -22.33 -8.84 45.23
C GLN B 9 -21.10 -8.15 45.81
N GLU B 10 -19.98 -8.88 45.84
CA GLU B 10 -18.81 -8.34 46.51
C GLU B 10 -18.29 -7.10 45.78
N SER B 11 -18.31 -7.09 44.45
CA SER B 11 -17.83 -5.93 43.70
C SER B 11 -18.73 -4.70 43.82
N GLY B 12 -20.01 -4.89 44.12
CA GLY B 12 -20.97 -3.80 44.00
C GLY B 12 -21.04 -3.32 42.55
N ALA B 13 -20.84 -4.26 41.62
CA ALA B 13 -20.89 -4.03 40.20
C ALA B 13 -22.31 -3.75 39.75
N LYS B 14 -22.49 -2.82 38.84
CA LYS B 14 -23.80 -2.44 38.35
C LYS B 14 -24.08 -3.08 36.99
N TRP B 15 -23.07 -3.72 36.40
CA TRP B 15 -23.16 -4.16 35.01
C TRP B 15 -22.51 -5.53 34.88
N VAL B 16 -23.02 -6.36 33.97
CA VAL B 16 -22.39 -7.59 33.56
C VAL B 16 -22.17 -7.54 32.06
N ASP B 17 -20.92 -7.78 31.64
CA ASP B 17 -20.57 -7.76 30.24
C ASP B 17 -20.52 -9.21 29.76
N PHE B 18 -21.48 -9.55 28.91
CA PHE B 18 -21.55 -10.88 28.36
C PHE B 18 -20.67 -10.93 27.13
N ARG B 19 -19.76 -11.89 27.11
CA ARG B 19 -18.86 -12.00 26.00
C ARG B 19 -19.02 -13.35 25.33
N PHE B 20 -19.10 -13.39 24.00
CA PHE B 20 -19.01 -14.67 23.30
C PHE B 20 -18.04 -14.55 22.14
N THR B 21 -17.86 -15.61 21.35
CA THR B 21 -16.87 -15.62 20.28
C THR B 21 -17.46 -16.00 18.92
N ASP B 22 -17.12 -15.26 17.87
CA ASP B 22 -17.68 -15.49 16.56
C ASP B 22 -16.90 -16.55 15.82
N THR B 23 -17.35 -16.91 14.60
CA THR B 23 -16.70 -17.94 13.82
C THR B 23 -15.25 -17.57 13.58
N LYS B 24 -15.05 -16.27 13.31
CA LYS B 24 -13.74 -15.74 12.91
C LYS B 24 -12.84 -15.68 14.15
N GLY B 25 -13.40 -15.86 15.35
CA GLY B 25 -12.60 -15.94 16.55
C GLY B 25 -12.44 -14.58 17.20
N LYS B 26 -13.41 -13.67 17.00
CA LYS B 26 -13.38 -12.37 17.62
C LYS B 26 -14.40 -12.31 18.75
N GLU B 27 -13.91 -12.10 19.99
CA GLU B 27 -14.75 -11.91 21.16
C GLU B 27 -15.69 -10.74 20.88
N GLN B 28 -16.95 -10.92 21.27
CA GLN B 28 -17.98 -9.91 21.13
C GLN B 28 -18.60 -9.65 22.49
N HIS B 29 -19.17 -8.45 22.71
CA HIS B 29 -19.70 -8.11 24.02
C HIS B 29 -21.03 -7.34 23.95
N VAL B 30 -21.91 -7.66 24.90
CA VAL B 30 -23.08 -6.86 25.22
C VAL B 30 -23.13 -6.70 26.73
N THR B 31 -23.64 -5.57 27.21
CA THR B 31 -23.63 -5.28 28.63
C THR B 31 -25.07 -5.18 29.14
N TYR B 32 -25.35 -5.88 30.25
CA TYR B 32 -26.63 -5.87 30.91
C TYR B 32 -26.48 -5.48 32.37
N PRO B 33 -27.51 -4.90 33.03
CA PRO B 33 -27.41 -4.56 34.45
C PRO B 33 -27.39 -5.79 35.33
N ALA B 34 -26.76 -5.69 36.50
CA ALA B 34 -26.58 -6.84 37.38
C ALA B 34 -27.93 -7.40 37.85
N ASP B 35 -28.86 -6.46 38.07
CA ASP B 35 -30.20 -6.83 38.48
C ASP B 35 -30.82 -7.72 37.43
N SER B 36 -30.51 -7.53 36.16
CA SER B 36 -31.09 -8.34 35.10
C SER B 36 -30.50 -9.73 35.03
N ILE B 37 -29.61 -10.07 35.95
CA ILE B 37 -28.98 -11.38 35.98
C ILE B 37 -29.42 -12.09 37.25
N ASP B 38 -30.13 -13.24 37.13
CA ASP B 38 -30.40 -14.12 38.26
C ASP B 38 -29.82 -15.50 37.99
N GLU B 39 -30.07 -16.43 38.89
CA GLU B 39 -29.62 -17.80 38.73
C GLU B 39 -30.20 -18.37 37.44
N ASP B 40 -31.42 -17.93 37.09
CA ASP B 40 -32.16 -18.53 36.00
C ASP B 40 -31.50 -18.14 34.69
N THR B 41 -30.83 -17.00 34.70
CA THR B 41 -30.13 -16.52 33.51
C THR B 41 -29.16 -17.60 33.03
N PHE B 42 -28.49 -18.25 34.00
CA PHE B 42 -27.48 -19.23 33.64
C PHE B 42 -28.18 -20.37 32.89
N GLU B 43 -29.39 -20.74 33.36
CA GLU B 43 -30.18 -21.76 32.68
C GLU B 43 -30.79 -21.17 31.42
N ASP B 44 -31.66 -20.19 31.57
CA ASP B 44 -32.47 -19.67 30.46
C ASP B 44 -31.60 -18.89 29.48
N GLY B 45 -30.83 -17.90 29.94
CA GLY B 45 -30.02 -17.04 29.09
C GLY B 45 -30.75 -15.77 28.69
N LYS B 46 -30.13 -14.94 27.80
CA LYS B 46 -30.69 -13.73 27.22
C LYS B 46 -30.74 -13.90 25.69
N MET B 47 -31.53 -13.13 24.91
CA MET B 47 -31.65 -13.34 23.45
C MET B 47 -31.12 -12.16 22.61
N PHE B 48 -30.75 -12.41 21.32
CA PHE B 48 -30.07 -11.42 20.49
C PHE B 48 -30.15 -11.77 18.98
N ASP B 49 -29.90 -10.80 18.09
CA ASP B 49 -29.96 -10.99 16.64
C ASP B 49 -28.66 -11.59 16.08
N GLY B 50 -28.74 -12.13 14.87
CA GLY B 50 -27.63 -12.81 14.19
C GLY B 50 -26.64 -11.84 13.58
N SER B 51 -25.34 -12.21 13.75
CA SER B 51 -24.14 -11.42 13.48
C SER B 51 -23.36 -12.02 12.29
N SER B 52 -22.08 -12.41 12.46
CA SER B 52 -21.32 -13.06 11.39
C SER B 52 -21.90 -14.43 11.00
N ILE B 53 -22.17 -15.26 12.04
CA ILE B 53 -22.59 -16.66 11.98
C ILE B 53 -23.98 -16.77 11.34
N ALA B 54 -24.09 -17.28 10.10
CA ALA B 54 -25.37 -17.22 9.39
C ALA B 54 -25.93 -15.80 9.27
N GLY B 55 -26.49 -15.25 10.37
CA GLY B 55 -27.38 -14.11 10.28
C GLY B 55 -28.62 -14.46 9.46
N TRP B 56 -28.78 -15.75 9.13
CA TRP B 56 -29.88 -16.20 8.26
C TRP B 56 -31.20 -16.10 9.03
N LYS B 57 -32.30 -16.50 8.38
CA LYS B 57 -33.59 -16.47 9.04
C LYS B 57 -33.54 -17.24 10.37
N GLY B 58 -34.31 -16.75 11.32
CA GLY B 58 -34.28 -17.31 12.67
C GLY B 58 -33.20 -16.61 13.49
N ILE B 59 -33.22 -15.28 13.41
CA ILE B 59 -32.20 -14.42 13.98
C ILE B 59 -32.52 -14.09 15.45
N GLU B 60 -32.67 -15.13 16.29
CA GLU B 60 -33.13 -14.94 17.65
C GLU B 60 -32.43 -15.93 18.59
N ALA B 61 -31.10 -15.90 18.60
CA ALA B 61 -30.31 -16.87 19.37
C ALA B 61 -30.17 -16.37 20.80
N SER B 62 -29.76 -17.25 21.71
CA SER B 62 -29.75 -16.95 23.13
C SER B 62 -28.32 -17.09 23.66
N ASP B 63 -27.97 -16.20 24.59
CA ASP B 63 -26.67 -16.18 25.20
C ASP B 63 -26.74 -16.85 26.55
N MET B 64 -26.39 -18.15 26.58
CA MET B 64 -26.32 -18.89 27.84
C MET B 64 -25.12 -18.39 28.63
N ILE B 65 -25.37 -17.53 29.60
CA ILE B 65 -24.30 -17.06 30.43
C ILE B 65 -23.68 -18.23 31.17
N LEU B 66 -22.33 -18.39 31.19
CA LEU B 66 -21.79 -19.69 31.53
C LEU B 66 -20.90 -19.74 32.78
N ARG B 67 -20.74 -18.65 33.51
CA ARG B 67 -19.84 -18.68 34.66
C ARG B 67 -18.45 -19.29 34.34
N PRO B 68 -17.41 -18.47 33.94
CA PRO B 68 -16.14 -19.00 33.48
C PRO B 68 -15.27 -19.53 34.62
N ASP B 69 -14.12 -20.12 34.28
CA ASP B 69 -12.90 -20.03 35.07
C ASP B 69 -12.60 -18.56 35.44
N ALA B 70 -13.05 -18.15 36.64
CA ALA B 70 -13.02 -16.74 37.02
C ALA B 70 -13.58 -15.80 35.92
N GLU B 71 -14.92 -15.62 35.89
CA GLU B 71 -15.52 -14.49 35.22
C GLU B 71 -14.82 -13.27 35.77
N THR B 72 -14.36 -12.34 34.95
CA THR B 72 -13.44 -11.32 35.41
C THR B 72 -14.26 -10.19 36.04
N GLY B 73 -13.87 -9.69 37.22
CA GLY B 73 -14.33 -8.43 37.77
C GLY B 73 -14.08 -7.24 36.84
N PHE B 74 -13.16 -7.28 35.86
CA PHE B 74 -13.09 -6.34 34.73
C PHE B 74 -12.38 -5.00 35.02
N ILE B 75 -11.38 -4.71 34.21
CA ILE B 75 -10.28 -3.96 34.72
C ILE B 75 -10.01 -2.78 33.82
N ASP B 76 -10.26 -2.97 32.51
CA ASP B 76 -10.09 -1.88 31.55
C ASP B 76 -11.25 -0.86 31.75
N PRO B 77 -12.57 -1.15 31.64
CA PRO B 77 -13.70 -0.24 31.96
C PRO B 77 -13.71 0.46 33.32
N PHE B 78 -14.36 1.64 33.45
CA PHE B 78 -14.23 2.44 34.67
C PHE B 78 -15.05 1.82 35.78
N PHE B 79 -16.38 1.90 35.65
CA PHE B 79 -17.30 1.34 36.63
C PHE B 79 -16.98 -0.16 36.79
N ALA B 80 -17.08 -0.65 38.01
CA ALA B 80 -16.94 -2.06 38.22
C ALA B 80 -17.88 -2.84 37.30
N GLU B 81 -17.38 -3.63 36.34
CA GLU B 81 -18.22 -4.29 35.35
C GLU B 81 -17.87 -5.76 35.14
N PRO B 82 -18.16 -6.74 36.02
CA PRO B 82 -17.95 -8.18 35.80
C PRO B 82 -18.33 -8.72 34.44
N THR B 83 -17.49 -9.61 33.95
CA THR B 83 -17.62 -10.00 32.57
C THR B 83 -17.72 -11.49 32.70
N VAL B 84 -18.53 -12.09 31.85
CA VAL B 84 -18.60 -13.53 31.81
C VAL B 84 -18.04 -13.97 30.50
N VAL B 85 -16.72 -14.20 30.52
CA VAL B 85 -15.88 -14.32 29.31
C VAL B 85 -16.48 -15.46 28.49
N VAL B 86 -17.29 -16.21 29.18
CA VAL B 86 -17.85 -17.36 28.56
C VAL B 86 -19.31 -17.01 28.43
N THR B 87 -19.84 -17.19 27.26
CA THR B 87 -21.28 -17.23 27.14
C THR B 87 -21.49 -18.18 25.99
N CYS B 88 -21.87 -19.42 26.26
CA CYS B 88 -22.30 -20.34 25.21
C CYS B 88 -23.46 -19.67 24.46
N ASP B 89 -23.51 -19.86 23.15
CA ASP B 89 -24.63 -19.37 22.37
C ASP B 89 -25.55 -20.57 22.07
N VAL B 90 -26.84 -20.47 22.43
CA VAL B 90 -27.76 -21.61 22.36
C VAL B 90 -28.91 -21.30 21.41
N ILE B 91 -29.27 -22.25 20.54
CA ILE B 91 -30.32 -22.08 19.56
C ILE B 91 -31.64 -22.23 20.32
N GLU B 92 -32.63 -21.40 19.95
CA GLU B 92 -33.91 -21.42 20.65
C GLU B 92 -34.55 -22.83 20.60
N PRO B 93 -34.81 -23.44 19.41
CA PRO B 93 -35.37 -24.78 19.35
C PRO B 93 -34.38 -25.86 19.78
N SER B 94 -33.97 -25.81 21.05
CA SER B 94 -33.21 -26.87 21.68
C SER B 94 -32.24 -26.18 22.63
N THR B 95 -31.02 -26.70 22.77
CA THR B 95 -29.93 -26.02 23.44
C THR B 95 -28.62 -26.48 22.81
N GLY B 96 -28.12 -25.80 21.76
CA GLY B 96 -27.01 -26.34 20.98
C GLY B 96 -26.13 -25.23 20.41
N GLN B 97 -25.35 -25.54 19.37
CA GLN B 97 -24.59 -24.50 18.66
C GLN B 97 -25.56 -23.56 17.99
N GLY B 98 -25.61 -22.31 18.47
CA GLY B 98 -26.45 -21.29 17.85
C GLY B 98 -25.95 -20.94 16.43
N TYR B 99 -26.87 -20.41 15.60
CA TYR B 99 -26.57 -19.97 14.23
C TYR B 99 -25.87 -21.13 13.50
N GLU B 100 -24.87 -20.83 12.66
CA GLU B 100 -24.11 -21.87 11.98
C GLU B 100 -23.43 -22.78 13.02
N ARG B 101 -22.56 -22.27 13.89
CA ARG B 101 -22.13 -23.05 15.05
C ARG B 101 -21.40 -22.13 16.03
N ASP B 102 -21.72 -22.29 17.30
CA ASP B 102 -21.07 -21.57 18.37
C ASP B 102 -19.75 -22.28 18.62
N PRO B 103 -18.59 -21.62 18.49
CA PRO B 103 -17.32 -22.29 18.71
C PRO B 103 -17.19 -22.90 20.10
N ARG B 104 -17.67 -22.19 21.12
CA ARG B 104 -17.52 -22.66 22.49
C ARG B 104 -18.22 -24.02 22.65
N SER B 105 -19.42 -24.14 22.09
CA SER B 105 -20.13 -25.41 22.09
C SER B 105 -19.32 -26.48 21.36
N ILE B 106 -18.81 -26.14 20.15
CA ILE B 106 -18.04 -27.09 19.37
C ILE B 106 -16.92 -27.61 20.25
N ALA B 107 -16.32 -26.72 21.03
CA ALA B 107 -15.20 -27.10 21.88
C ALA B 107 -15.66 -28.01 23.00
N ARG B 108 -16.82 -27.66 23.60
CA ARG B 108 -17.41 -28.53 24.62
C ARG B 108 -17.65 -29.90 24.02
N ARG B 109 -18.21 -29.93 22.80
CA ARG B 109 -18.48 -31.18 22.11
C ARG B 109 -17.23 -32.05 22.08
N ALA B 110 -16.12 -31.46 21.64
CA ALA B 110 -14.87 -32.22 21.54
C ALA B 110 -14.38 -32.64 22.92
N GLU B 111 -14.63 -31.83 23.95
CA GLU B 111 -14.29 -32.25 25.32
C GLU B 111 -14.96 -33.59 25.62
N GLU B 112 -16.26 -33.65 25.33
CA GLU B 112 -17.10 -34.80 25.66
C GLU B 112 -16.71 -35.99 24.81
N TYR B 113 -16.44 -35.74 23.52
CA TYR B 113 -16.15 -36.86 22.64
C TYR B 113 -14.90 -37.59 23.11
N LEU B 114 -14.01 -36.89 23.79
CA LEU B 114 -12.83 -37.53 24.34
C LEU B 114 -13.24 -38.62 25.34
N LYS B 115 -14.10 -38.23 26.26
CA LYS B 115 -14.60 -39.14 27.29
C LYS B 115 -15.42 -40.23 26.63
N SER B 116 -16.21 -39.87 25.60
CA SER B 116 -17.03 -40.83 24.89
C SER B 116 -16.18 -41.93 24.27
N THR B 117 -15.06 -41.54 23.66
CA THR B 117 -14.12 -42.49 23.08
C THR B 117 -13.41 -43.25 24.19
N GLY B 118 -13.44 -42.70 25.41
CA GLY B 118 -12.83 -43.34 26.56
C GLY B 118 -11.30 -43.29 26.53
N ILE B 119 -10.76 -42.46 25.64
CA ILE B 119 -9.32 -42.27 25.53
C ILE B 119 -8.80 -41.56 26.78
N GLY B 120 -9.51 -40.54 27.25
CA GLY B 120 -9.02 -39.80 28.40
C GLY B 120 -10.09 -38.91 29.02
N ASP B 121 -9.87 -38.61 30.30
CA ASP B 121 -10.80 -37.83 31.11
C ASP B 121 -10.68 -36.34 30.78
N THR B 122 -9.46 -35.82 30.54
CA THR B 122 -9.23 -34.41 30.23
C THR B 122 -8.19 -34.29 29.09
N ALA B 123 -8.28 -33.18 28.34
CA ALA B 123 -7.33 -32.84 27.27
C ALA B 123 -6.71 -31.47 27.56
N PHE B 124 -5.39 -31.35 27.36
CA PHE B 124 -4.67 -30.20 27.87
C PHE B 124 -4.07 -29.42 26.71
N PHE B 125 -4.31 -28.11 26.71
CA PHE B 125 -3.81 -27.21 25.68
C PHE B 125 -3.01 -26.09 26.34
N GLY B 126 -1.84 -25.81 25.78
CA GLY B 126 -0.96 -24.74 26.24
C GLY B 126 -0.47 -23.93 25.05
N PRO B 127 -1.16 -22.82 24.72
CA PRO B 127 -0.82 -22.01 23.56
C PRO B 127 0.16 -20.90 23.92
N GLU B 128 1.05 -20.59 22.99
CA GLU B 128 2.02 -19.52 23.16
C GLU B 128 1.72 -18.49 22.07
N PRO B 129 0.73 -17.58 22.21
CA PRO B 129 0.48 -16.56 21.19
C PRO B 129 1.50 -15.44 21.25
N GLU B 130 2.04 -15.06 20.08
CA GLU B 130 3.03 -13.99 19.98
C GLU B 130 2.30 -12.74 19.48
N PHE B 131 2.71 -11.55 19.88
CA PHE B 131 2.11 -10.33 19.37
C PHE B 131 3.17 -9.26 19.13
N PHE B 132 2.80 -8.26 18.30
CA PHE B 132 3.56 -7.01 18.11
C PHE B 132 2.84 -5.85 18.76
N VAL B 133 3.59 -4.86 19.23
CA VAL B 133 3.08 -3.59 19.68
C VAL B 133 3.81 -2.52 18.86
N PHE B 134 3.02 -1.70 18.20
CA PHE B 134 3.49 -0.54 17.46
C PHE B 134 2.97 0.72 18.13
N ASP B 135 3.64 1.84 17.90
CA ASP B 135 3.22 3.16 18.36
C ASP B 135 1.95 3.54 17.60
N GLU B 136 1.80 3.12 16.35
CA GLU B 136 0.67 3.52 15.58
C GLU B 136 0.68 2.80 14.25
N VAL B 137 -0.48 2.62 13.64
CA VAL B 137 -0.59 1.92 12.39
C VAL B 137 -1.65 2.58 11.54
N LYS B 138 -1.38 2.75 10.26
CA LYS B 138 -2.34 3.39 9.37
C LYS B 138 -2.46 2.58 8.09
N TRP B 139 -3.66 2.54 7.50
CA TRP B 139 -3.83 1.91 6.20
C TRP B 139 -5.08 2.43 5.51
N ASP B 140 -5.08 2.36 4.19
CA ASP B 140 -6.27 2.65 3.41
C ASP B 140 -6.21 1.98 2.04
N ILE B 141 -7.40 1.59 1.56
CA ILE B 141 -7.51 0.99 0.24
C ILE B 141 -8.62 1.66 -0.54
N ASP B 142 -8.29 2.31 -1.66
CA ASP B 142 -9.26 2.95 -2.52
C ASP B 142 -8.97 2.52 -3.94
N MET B 143 -9.74 3.12 -4.83
CA MET B 143 -9.53 3.01 -6.24
C MET B 143 -8.14 3.57 -6.53
N SER B 144 -7.75 4.61 -5.77
CA SER B 144 -6.46 5.27 -5.89
C SER B 144 -5.32 4.29 -5.67
N GLY B 145 -5.46 3.41 -4.69
CA GLY B 145 -4.48 2.35 -4.47
C GLY B 145 -4.65 1.67 -3.11
N ALA B 146 -3.60 0.97 -2.64
CA ALA B 146 -3.67 0.28 -1.38
C ALA B 146 -2.39 0.55 -0.60
N ARG B 147 -2.53 0.87 0.67
CA ARG B 147 -1.43 1.43 1.42
C ARG B 147 -1.55 1.08 2.89
N HIS B 148 -0.41 0.84 3.52
CA HIS B 148 -0.37 0.47 4.92
C HIS B 148 1.01 0.80 5.45
N THR B 149 1.06 1.35 6.66
CA THR B 149 2.32 1.72 7.24
C THR B 149 2.35 1.31 8.70
N LEU B 150 3.50 0.83 9.16
CA LEU B 150 3.72 0.55 10.58
C LEU B 150 4.59 1.64 11.13
N ILE B 151 4.25 2.13 12.32
CA ILE B 151 4.96 3.24 12.93
C ILE B 151 5.33 2.84 14.34
N ALA B 152 6.59 2.90 14.67
CA ALA B 152 7.02 2.59 16.02
C ALA B 152 8.44 3.06 16.23
N GLU B 153 8.71 3.57 17.42
CA GLU B 153 9.99 4.17 17.72
C GLU B 153 10.97 3.03 17.86
N GLU B 154 10.57 1.93 18.48
CA GLU B 154 11.39 0.76 18.69
C GLU B 154 11.49 -0.06 17.40
N ALA B 155 10.88 0.36 16.32
CA ALA B 155 11.00 -0.33 15.06
C ALA B 155 12.47 -0.23 14.63
N ALA B 156 12.94 -1.28 13.98
CA ALA B 156 14.32 -1.35 13.58
C ALA B 156 14.66 -0.23 12.62
N TRP B 157 13.68 0.18 11.79
CA TRP B 157 13.95 1.17 10.76
C TRP B 157 13.85 2.61 11.28
N SER B 158 13.43 2.77 12.52
CA SER B 158 13.30 4.08 13.11
C SER B 158 14.63 4.73 13.49
N THR B 159 15.78 4.11 13.21
CA THR B 159 17.06 4.79 13.42
C THR B 159 17.03 5.97 12.50
N GLY B 160 17.41 7.14 13.03
CA GLY B 160 17.34 8.32 12.15
C GLY B 160 16.00 9.07 12.06
N LYS B 161 14.91 8.52 12.57
CA LYS B 161 13.68 9.25 12.70
C LYS B 161 13.74 10.28 13.83
N ASP B 162 12.87 11.32 13.73
CA ASP B 162 12.81 12.37 14.72
C ASP B 162 11.73 12.07 15.75
N TYR B 163 12.06 12.40 16.98
CA TYR B 163 11.16 12.26 18.11
C TYR B 163 11.25 13.52 18.95
N GLU B 164 10.21 13.69 19.79
CA GLU B 164 10.05 14.86 20.62
C GLU B 164 11.19 14.90 21.62
N SER B 165 11.35 13.84 22.40
CA SER B 165 12.41 13.72 23.39
C SER B 165 13.76 13.43 22.75
N GLY B 166 13.75 13.29 21.40
CA GLY B 166 14.92 12.92 20.61
C GLY B 166 15.08 11.40 20.52
N ASN B 167 15.74 10.97 19.44
CA ASN B 167 15.97 9.56 19.15
C ASN B 167 17.06 9.04 20.07
N SER B 168 16.76 7.95 20.80
CA SER B 168 17.74 7.37 21.71
C SER B 168 18.88 6.66 20.96
N GLY B 169 18.55 6.17 19.77
CA GLY B 169 19.42 5.30 19.01
C GLY B 169 19.47 3.88 19.57
N HIS B 170 18.85 3.68 20.73
CA HIS B 170 18.86 2.36 21.36
C HIS B 170 17.57 1.61 21.00
N ARG B 171 17.69 0.72 20.00
CA ARG B 171 16.54 -0.01 19.53
C ARG B 171 16.99 -1.32 18.94
N PRO B 172 16.11 -2.34 18.88
CA PRO B 172 16.47 -3.63 18.30
C PRO B 172 16.84 -3.54 16.82
N ARG B 173 17.88 -4.25 16.40
CA ARG B 173 18.12 -4.41 14.96
C ARG B 173 17.18 -5.51 14.49
N VAL B 174 17.12 -5.75 13.18
CA VAL B 174 16.17 -6.67 12.59
C VAL B 174 16.46 -8.08 13.09
N LYS B 175 15.43 -8.79 13.58
CA LYS B 175 15.57 -10.13 14.12
C LYS B 175 16.35 -10.11 15.45
N GLY B 176 16.86 -8.95 15.84
CA GLY B 176 17.80 -8.93 16.95
C GLY B 176 17.17 -8.41 18.23
N GLY B 177 15.90 -8.55 18.41
CA GLY B 177 15.36 -8.09 19.68
C GLY B 177 15.16 -9.26 20.61
N TYR B 178 16.01 -10.30 20.45
CA TYR B 178 15.90 -11.51 21.21
C TYR B 178 15.92 -11.19 22.68
N PHE B 179 17.00 -10.85 23.33
CA PHE B 179 16.64 -10.47 24.69
C PHE B 179 17.44 -9.29 25.20
N PRO B 180 17.73 -8.22 24.44
CA PRO B 180 18.66 -7.22 24.96
C PRO B 180 18.05 -6.45 26.12
N VAL B 181 18.90 -5.82 26.94
CA VAL B 181 18.45 -5.22 28.19
C VAL B 181 17.67 -3.93 27.91
N PRO B 182 16.87 -3.48 28.91
CA PRO B 182 15.86 -2.44 28.80
C PRO B 182 16.18 -1.18 28.02
N PRO B 183 17.40 -0.58 28.08
CA PRO B 183 17.57 0.64 27.27
C PRO B 183 17.02 0.41 25.87
N VAL B 184 17.30 -0.73 25.24
CA VAL B 184 16.76 -1.09 23.94
C VAL B 184 15.37 -1.73 24.03
N ASP B 185 15.17 -2.52 25.08
CA ASP B 185 13.97 -3.36 25.22
C ASP B 185 12.71 -2.50 25.19
N SER B 186 12.58 -1.57 26.12
CA SER B 186 11.42 -0.66 26.15
C SER B 186 10.17 -1.32 26.76
N ALA B 187 9.97 -2.61 26.51
CA ALA B 187 8.69 -3.22 26.81
C ALA B 187 8.59 -3.39 28.31
N GLN B 188 9.24 -4.41 28.86
CA GLN B 188 9.25 -4.65 30.29
C GLN B 188 8.10 -3.93 30.99
N ASP B 189 8.23 -2.67 31.42
CA ASP B 189 7.17 -2.09 32.23
C ASP B 189 5.78 -2.38 31.65
N MET B 190 5.68 -2.27 30.32
CA MET B 190 4.44 -2.53 29.63
C MET B 190 4.07 -4.00 29.74
N ARG B 191 5.00 -4.88 29.40
CA ARG B 191 4.72 -6.31 29.54
C ARG B 191 4.29 -6.66 30.98
N ALA B 192 4.98 -6.06 31.95
CA ALA B 192 4.67 -6.22 33.35
C ALA B 192 3.20 -5.88 33.61
N GLU B 193 2.77 -4.72 33.15
CA GLU B 193 1.38 -4.29 33.32
C GLU B 193 0.46 -5.28 32.62
N MET B 194 0.84 -5.73 31.44
CA MET B 194 0.04 -6.72 30.73
C MET B 194 -0.14 -7.94 31.64
N CYS B 195 0.96 -8.39 32.23
CA CYS B 195 0.92 -9.55 33.12
C CYS B 195 -0.02 -9.29 34.30
N ALA B 196 0.09 -8.10 34.87
CA ALA B 196 -0.73 -7.71 36.00
C ALA B 196 -2.20 -7.78 35.61
N LYS B 197 -2.54 -7.30 34.41
CA LYS B 197 -3.92 -7.36 33.93
C LYS B 197 -4.37 -8.79 33.76
N ILE B 198 -3.50 -9.62 33.21
CA ILE B 198 -3.82 -11.03 33.04
C ILE B 198 -4.20 -11.66 34.38
N GLU B 199 -3.43 -11.35 35.43
CA GLU B 199 -3.74 -11.77 36.79
C GLU B 199 -5.12 -11.27 37.19
N ASP B 200 -5.36 -9.96 37.06
CA ASP B 200 -6.65 -9.39 37.44
C ASP B 200 -7.77 -10.24 36.86
N ILE B 201 -7.55 -10.72 35.62
CA ILE B 201 -8.45 -11.66 34.97
C ILE B 201 -8.27 -13.06 35.54
N MET B 202 -7.32 -13.83 35.00
CA MET B 202 -7.21 -15.25 35.27
C MET B 202 -6.79 -15.54 36.72
N GLY B 203 -6.70 -14.48 37.54
CA GLY B 203 -6.33 -14.59 38.94
C GLY B 203 -4.86 -14.93 39.15
N PRO B 204 -4.32 -14.88 40.39
CA PRO B 204 -3.02 -15.42 40.78
C PRO B 204 -2.62 -16.76 40.20
N GLY B 205 -1.28 -17.00 40.24
CA GLY B 205 -0.63 -18.00 39.41
C GLY B 205 -1.02 -17.75 37.98
N ARG B 206 -0.42 -18.50 37.05
CA ARG B 206 -0.95 -18.49 35.67
C ARG B 206 -0.01 -17.88 34.62
N VAL B 207 0.78 -16.88 35.01
CA VAL B 207 1.68 -16.26 34.06
C VAL B 207 3.09 -16.80 34.28
N GLU B 208 3.64 -17.41 33.23
CA GLU B 208 4.83 -18.26 33.31
C GLU B 208 6.10 -17.46 33.04
N VAL B 209 6.09 -16.59 32.00
CA VAL B 209 7.29 -15.90 31.55
C VAL B 209 6.90 -14.75 30.61
N HIS B 210 7.69 -13.65 30.64
CA HIS B 210 7.53 -12.53 29.72
C HIS B 210 8.90 -12.12 29.16
N HIS B 211 9.02 -12.13 27.83
CA HIS B 211 10.24 -11.70 27.17
C HIS B 211 9.91 -10.98 25.86
N HIS B 212 10.92 -10.36 25.26
CA HIS B 212 10.76 -9.75 23.95
C HIS B 212 11.04 -10.79 22.86
N GLU B 213 10.16 -10.99 21.88
CA GLU B 213 10.46 -11.89 20.77
C GLU B 213 11.47 -11.26 19.80
N VAL B 214 11.88 -12.03 18.79
CA VAL B 214 12.98 -11.67 17.92
C VAL B 214 12.74 -10.35 17.23
N ALA B 215 11.64 -10.24 16.49
CA ALA B 215 11.36 -9.10 15.62
C ALA B 215 11.28 -7.83 16.45
N SER B 216 11.69 -6.70 15.88
CA SER B 216 11.48 -5.41 16.52
C SER B 216 10.02 -5.30 16.92
N CYS B 217 9.74 -4.76 18.12
CA CYS B 217 8.38 -4.56 18.58
C CYS B 217 7.56 -5.85 18.86
N GLN B 218 8.18 -7.02 18.88
CA GLN B 218 7.44 -8.27 19.06
C GLN B 218 7.66 -8.76 20.49
N LEU B 219 6.58 -9.11 21.18
CA LEU B 219 6.63 -9.48 22.59
C LEU B 219 5.91 -10.81 22.83
N GLU B 220 6.28 -11.53 23.88
CA GLU B 220 5.66 -12.81 24.21
C GLU B 220 5.41 -12.86 25.71
N ILE B 221 4.13 -13.12 26.06
CA ILE B 221 3.80 -13.44 27.46
C ILE B 221 3.25 -14.85 27.53
N GLY B 222 3.75 -15.64 28.49
CA GLY B 222 3.41 -17.05 28.60
C GLY B 222 2.39 -17.28 29.71
N VAL B 223 1.31 -17.99 29.34
CA VAL B 223 0.21 -18.24 30.26
C VAL B 223 0.04 -19.76 30.40
N SER B 224 -0.23 -20.23 31.62
CA SER B 224 -0.28 -21.64 31.97
C SER B 224 -1.31 -22.39 31.14
N PHE B 225 -1.05 -23.65 30.89
CA PHE B 225 -1.91 -24.50 30.09
C PHE B 225 -3.19 -24.80 30.86
N ASN B 226 -4.23 -25.19 30.14
CA ASN B 226 -5.47 -25.63 30.76
C ASN B 226 -6.21 -26.60 29.83
N THR B 227 -7.40 -27.06 30.23
CA THR B 227 -8.27 -27.82 29.36
C THR B 227 -8.77 -26.98 28.18
N LEU B 228 -9.12 -27.69 27.08
CA LEU B 228 -9.79 -27.07 25.92
C LEU B 228 -10.98 -26.28 26.44
N VAL B 229 -11.21 -25.01 26.06
CA VAL B 229 -12.13 -24.16 26.82
C VAL B 229 -11.45 -23.80 28.14
N ARG B 230 -11.69 -22.64 28.75
CA ARG B 230 -10.72 -22.19 29.73
C ARG B 230 -9.36 -22.15 29.04
N LYS B 231 -9.03 -23.04 28.09
CA LYS B 231 -7.86 -22.65 27.31
C LYS B 231 -8.29 -21.57 26.34
N ALA B 232 -9.38 -21.88 25.67
CA ALA B 232 -9.79 -21.02 24.57
C ALA B 232 -10.32 -19.72 25.13
N ASP B 233 -11.11 -19.77 26.20
CA ASP B 233 -11.61 -18.54 26.83
C ASP B 233 -10.43 -17.75 27.37
N GLU B 234 -9.35 -18.40 27.73
CA GLU B 234 -8.16 -17.75 28.27
C GLU B 234 -7.41 -17.05 27.15
N VAL B 235 -7.24 -17.76 26.02
CA VAL B 235 -6.60 -17.18 24.87
C VAL B 235 -7.23 -15.80 24.62
N GLN B 236 -8.57 -15.77 24.64
CA GLN B 236 -9.28 -14.58 24.25
C GLN B 236 -9.07 -13.55 25.33
N GLN B 237 -9.17 -13.91 26.60
CA GLN B 237 -8.91 -12.95 27.66
C GLN B 237 -7.49 -12.39 27.54
N PHE B 238 -6.51 -13.23 27.19
CA PHE B 238 -5.15 -12.73 27.03
C PHE B 238 -5.12 -11.67 25.93
N LYS B 239 -5.58 -12.03 24.74
CA LYS B 239 -5.61 -11.09 23.63
C LYS B 239 -6.18 -9.77 24.13
N TYR B 240 -7.31 -9.86 24.79
CA TYR B 240 -7.99 -8.67 25.30
C TYR B 240 -7.05 -7.85 26.19
N ALA B 241 -6.42 -8.50 27.14
CA ALA B 241 -5.58 -7.79 28.09
C ALA B 241 -4.47 -7.04 27.33
N VAL B 242 -3.78 -7.74 26.42
CA VAL B 242 -2.65 -7.16 25.76
C VAL B 242 -3.17 -5.99 24.93
N TRP B 243 -4.26 -6.18 24.19
CA TRP B 243 -4.78 -5.12 23.34
C TRP B 243 -4.93 -3.88 24.15
N ASN B 244 -5.63 -4.01 25.26
CA ASN B 244 -6.02 -2.87 26.03
C ASN B 244 -4.80 -2.28 26.72
N VAL B 245 -3.87 -3.07 27.25
CA VAL B 245 -2.77 -2.45 27.97
C VAL B 245 -1.98 -1.59 26.99
N ALA B 246 -1.74 -2.15 25.80
CA ALA B 246 -1.04 -1.42 24.75
C ALA B 246 -1.74 -0.08 24.52
N HIS B 247 -3.06 -0.15 24.40
CA HIS B 247 -3.83 1.03 24.10
C HIS B 247 -3.64 2.04 25.23
N GLN B 248 -3.47 1.57 26.47
CA GLN B 248 -3.28 2.49 27.58
C GLN B 248 -1.91 3.15 27.48
N TYR B 249 -0.97 2.53 26.74
CA TYR B 249 0.34 3.14 26.53
C TYR B 249 0.35 3.94 25.23
N ALA B 250 -0.84 4.20 24.74
CA ALA B 250 -1.01 4.94 23.51
C ALA B 250 -0.45 4.17 22.32
N LYS B 251 -0.36 2.84 22.41
CA LYS B 251 0.25 2.06 21.35
C LYS B 251 -0.76 1.06 20.84
N THR B 252 -0.41 0.30 19.81
CA THR B 252 -1.40 -0.61 19.25
C THR B 252 -0.81 -1.99 19.09
N ALA B 253 -1.58 -3.03 19.49
CA ALA B 253 -1.08 -4.39 19.47
C ALA B 253 -1.80 -5.19 18.40
N THR B 254 -1.08 -6.08 17.72
CA THR B 254 -1.71 -6.97 16.76
C THR B 254 -1.13 -8.37 16.86
N PHE B 255 -2.05 -9.32 16.77
CA PHE B 255 -1.71 -10.73 16.84
C PHE B 255 -1.59 -11.30 15.43
N MET B 256 -1.52 -10.42 14.42
CA MET B 256 -1.61 -10.95 13.08
C MET B 256 -0.35 -11.77 12.85
N PRO B 257 -0.45 -12.85 12.02
CA PRO B 257 0.71 -13.60 11.60
C PRO B 257 1.41 -12.83 10.49
N LYS B 258 2.49 -12.10 10.82
CA LYS B 258 3.26 -11.42 9.79
C LYS B 258 2.75 -10.01 9.39
N PRO B 259 2.83 -9.00 10.28
CA PRO B 259 2.57 -7.63 9.89
C PRO B 259 3.76 -7.03 9.17
N MET B 260 4.98 -7.33 9.69
CA MET B 260 6.24 -6.79 9.15
C MET B 260 6.86 -7.84 8.25
N VAL B 261 7.39 -7.40 7.11
CA VAL B 261 7.92 -8.36 6.16
C VAL B 261 9.43 -8.41 6.35
N GLY B 262 10.00 -9.62 6.44
CA GLY B 262 11.44 -9.79 6.55
C GLY B 262 11.94 -9.61 7.99
N ASP B 263 11.00 -9.69 8.93
CA ASP B 263 11.36 -10.02 10.29
C ASP B 263 10.49 -11.21 10.62
N ASN B 264 10.43 -11.54 11.90
CA ASN B 264 9.75 -12.76 12.30
C ASN B 264 8.24 -12.49 12.34
N GLY B 265 7.48 -13.53 12.00
CA GLY B 265 6.03 -13.50 12.15
C GLY B 265 5.64 -13.84 13.58
N SER B 266 4.35 -13.67 13.90
CA SER B 266 3.89 -14.06 15.23
C SER B 266 3.20 -15.41 15.10
N GLY B 267 3.59 -16.39 15.90
CA GLY B 267 2.97 -17.72 15.81
C GLY B 267 2.40 -18.16 17.16
N MET B 268 1.45 -19.08 17.13
CA MET B 268 0.80 -19.60 18.32
C MET B 268 1.09 -21.10 18.48
N HIS B 269 2.21 -21.44 19.13
CA HIS B 269 2.52 -22.84 19.35
C HIS B 269 1.48 -23.37 20.34
N VAL B 270 0.99 -24.61 20.09
CA VAL B 270 0.01 -25.24 20.96
C VAL B 270 0.63 -26.51 21.56
N HIS B 271 0.85 -26.51 22.87
CA HIS B 271 1.24 -27.71 23.58
C HIS B 271 0.01 -28.53 23.95
N MET B 272 0.11 -29.86 23.80
CA MET B 272 -1.05 -30.73 23.95
C MET B 272 -0.69 -31.98 24.74
N SER B 273 -1.57 -32.38 25.67
CA SER B 273 -1.47 -33.63 26.43
C SER B 273 -2.84 -34.25 26.66
N ILE B 274 -2.92 -35.58 26.82
CA ILE B 274 -4.18 -36.23 27.22
C ILE B 274 -3.99 -36.93 28.56
N SER B 275 -4.91 -36.74 29.51
CA SER B 275 -4.82 -37.34 30.85
C SER B 275 -6.09 -38.14 31.16
N LYS B 276 -5.94 -39.25 31.92
CA LYS B 276 -7.04 -40.11 32.28
C LYS B 276 -6.96 -40.47 33.76
N ASP B 277 -8.00 -40.05 34.49
CA ASP B 277 -8.15 -40.33 35.91
C ASP B 277 -6.96 -39.81 36.70
N GLY B 278 -6.04 -39.04 36.10
CA GLY B 278 -4.96 -38.40 36.84
C GLY B 278 -3.57 -38.63 36.25
N LYS B 279 -3.47 -39.23 35.04
CA LYS B 279 -2.19 -39.73 34.58
C LYS B 279 -2.00 -39.38 33.11
N ASN B 280 -0.81 -38.88 32.78
CA ASN B 280 -0.48 -38.45 31.44
C ASN B 280 -0.37 -39.66 30.54
N LEU B 281 -1.37 -39.83 29.67
CA LEU B 281 -1.35 -40.93 28.71
C LEU B 281 -0.27 -40.69 27.66
N PHE B 282 0.28 -39.48 27.57
CA PHE B 282 1.31 -39.23 26.59
C PHE B 282 2.65 -39.79 27.03
N ALA B 283 2.89 -39.89 28.34
CA ALA B 283 4.13 -40.44 28.87
C ALA B 283 4.27 -41.93 28.54
N GLY B 284 5.46 -42.35 28.16
CA GLY B 284 5.73 -43.75 27.83
C GLY B 284 7.20 -44.02 27.53
N ASP B 285 7.48 -44.74 26.44
CA ASP B 285 8.74 -45.42 26.22
C ASP B 285 8.89 -45.75 24.72
N GLU B 286 8.56 -44.80 23.86
CA GLU B 286 8.78 -45.00 22.43
C GLU B 286 9.56 -43.85 21.77
N TYR B 287 9.91 -42.81 22.49
CA TYR B 287 10.63 -41.71 21.86
C TYR B 287 10.51 -40.48 22.73
N ALA B 288 11.63 -40.02 23.27
CA ALA B 288 11.63 -38.92 24.21
C ALA B 288 10.54 -39.11 25.27
N GLY B 289 10.32 -40.35 25.72
CA GLY B 289 9.37 -40.67 26.78
C GLY B 289 7.93 -40.61 26.31
N LEU B 290 7.69 -40.96 25.04
CA LEU B 290 6.34 -40.81 24.47
C LEU B 290 5.61 -42.15 24.40
N SER B 291 4.35 -42.17 24.82
CA SER B 291 3.53 -43.36 24.68
C SER B 291 3.16 -43.53 23.21
N GLU B 292 2.80 -44.75 22.79
CA GLU B 292 2.25 -44.96 21.46
C GLU B 292 1.00 -44.11 21.26
N MET B 293 0.25 -43.85 22.34
CA MET B 293 -0.89 -42.96 22.29
C MET B 293 -0.47 -41.63 21.64
N ALA B 294 0.55 -41.00 22.25
CA ALA B 294 1.08 -39.73 21.78
C ALA B 294 1.55 -39.87 20.33
N LEU B 295 2.26 -40.94 20.04
CA LEU B 295 2.80 -41.13 18.70
C LEU B 295 1.63 -41.19 17.71
N TYR B 296 0.50 -41.78 18.12
CA TYR B 296 -0.61 -41.92 17.22
C TYR B 296 -1.28 -40.56 17.05
N PHE B 297 -1.40 -39.81 18.15
CA PHE B 297 -1.93 -38.45 18.11
C PHE B 297 -1.21 -37.70 17.00
N ILE B 298 0.12 -37.74 17.07
CA ILE B 298 0.96 -37.06 16.12
C ILE B 298 0.61 -37.48 14.70
N GLY B 299 0.57 -38.78 14.43
CA GLY B 299 0.29 -39.27 13.09
C GLY B 299 -0.96 -38.62 12.49
N GLY B 300 -2.04 -38.63 13.28
CA GLY B 300 -3.33 -38.14 12.83
C GLY B 300 -3.24 -36.67 12.43
N ILE B 301 -2.63 -35.85 13.29
CA ILE B 301 -2.42 -34.44 13.03
C ILE B 301 -1.70 -34.29 11.70
N ILE B 302 -0.59 -35.02 11.53
CA ILE B 302 0.18 -34.92 10.32
C ILE B 302 -0.70 -35.28 9.11
N LYS B 303 -1.52 -36.32 9.25
CA LYS B 303 -2.36 -36.75 8.15
C LYS B 303 -3.36 -35.66 7.79
N HIS B 304 -4.00 -35.05 8.79
CA HIS B 304 -5.05 -34.07 8.59
C HIS B 304 -4.54 -32.63 8.56
N ALA B 305 -3.23 -32.42 8.44
CA ALA B 305 -2.66 -31.10 8.66
C ALA B 305 -3.19 -30.07 7.66
N ARG B 306 -3.09 -30.36 6.35
CA ARG B 306 -3.46 -29.37 5.36
C ARG B 306 -4.88 -28.88 5.64
N ALA B 307 -5.80 -29.82 5.91
CA ALA B 307 -7.14 -29.44 6.28
C ALA B 307 -7.12 -28.69 7.59
N LEU B 308 -6.39 -29.19 8.59
CA LEU B 308 -6.28 -28.50 9.87
C LEU B 308 -5.92 -27.03 9.66
N ASN B 309 -5.07 -26.76 8.66
CA ASN B 309 -4.58 -25.42 8.44
C ASN B 309 -5.71 -24.42 8.28
N ALA B 310 -6.78 -24.81 7.58
CA ALA B 310 -7.88 -23.90 7.37
C ALA B 310 -8.45 -23.43 8.70
N ILE B 311 -8.27 -24.20 9.77
CA ILE B 311 -8.74 -23.78 11.07
C ILE B 311 -7.58 -23.22 11.89
N THR B 312 -6.42 -23.88 11.88
CA THR B 312 -5.29 -23.54 12.73
C THR B 312 -4.54 -22.35 12.16
N ASN B 313 -4.57 -22.20 10.84
CA ASN B 313 -3.92 -21.10 10.13
C ASN B 313 -4.98 -20.46 9.24
N PRO B 314 -6.00 -19.76 9.80
CA PRO B 314 -7.20 -19.38 9.06
C PRO B 314 -7.14 -18.03 8.35
N SER B 315 -5.94 -17.48 8.15
CA SER B 315 -5.81 -16.15 7.59
C SER B 315 -4.93 -16.23 6.36
N THR B 316 -5.22 -15.44 5.33
CA THR B 316 -4.31 -15.42 4.18
C THR B 316 -2.95 -14.96 4.67
N ASN B 317 -2.91 -14.16 5.72
CA ASN B 317 -1.67 -13.66 6.31
C ASN B 317 -0.85 -14.80 6.92
N SER B 318 -1.51 -15.87 7.33
CA SER B 318 -0.83 -16.97 7.99
C SER B 318 0.27 -17.49 7.10
N TYR B 319 0.01 -17.49 5.80
CA TYR B 319 0.89 -18.11 4.82
C TYR B 319 2.04 -17.18 4.48
N LYS B 320 2.00 -15.93 4.98
CA LYS B 320 3.19 -15.08 4.93
C LYS B 320 4.21 -15.64 5.91
N ARG B 321 3.75 -16.12 7.08
CA ARG B 321 4.61 -16.73 8.07
C ARG B 321 5.11 -18.08 7.57
N LEU B 322 4.19 -18.89 7.05
CA LEU B 322 4.50 -20.24 6.63
C LEU B 322 5.14 -20.21 5.25
N VAL B 323 6.39 -19.75 5.20
CA VAL B 323 7.11 -19.58 3.96
C VAL B 323 8.37 -20.43 4.01
N PRO B 324 8.77 -21.08 2.89
CA PRO B 324 10.04 -21.82 2.81
C PRO B 324 11.26 -21.06 3.31
N HIS B 325 11.54 -21.27 4.60
CA HIS B 325 12.59 -20.63 5.34
C HIS B 325 12.79 -21.47 6.64
N PHE B 326 13.87 -21.21 7.37
CA PHE B 326 14.06 -21.73 8.71
C PHE B 326 13.18 -20.89 9.66
N GLU B 327 13.07 -21.34 10.91
CA GLU B 327 12.15 -20.76 11.89
C GLU B 327 10.74 -20.57 11.28
N ALA B 328 10.43 -21.46 10.35
CA ALA B 328 9.15 -21.60 9.68
C ALA B 328 8.74 -23.06 9.85
N PRO B 329 7.74 -23.40 10.69
CA PRO B 329 7.36 -24.78 10.94
C PRO B 329 6.63 -25.43 9.77
N ILE B 330 7.27 -25.44 8.61
CA ILE B 330 6.56 -25.74 7.38
C ILE B 330 6.59 -27.25 7.12
N MET B 331 7.63 -27.96 7.58
CA MET B 331 7.74 -29.38 7.26
C MET B 331 6.88 -30.21 8.19
N LEU B 332 6.03 -31.09 7.63
CA LEU B 332 5.16 -31.97 8.39
C LEU B 332 5.94 -33.17 8.92
N ALA B 333 6.52 -33.01 10.10
CA ALA B 333 7.08 -34.14 10.83
C ALA B 333 7.32 -33.77 12.28
N TYR B 334 8.00 -34.63 13.02
CA TYR B 334 8.15 -34.48 14.45
C TYR B 334 9.59 -34.77 14.85
N SER B 335 10.06 -33.99 15.84
CA SER B 335 11.33 -34.23 16.51
C SER B 335 11.35 -33.52 17.86
N ALA B 336 12.34 -33.83 18.70
CA ALA B 336 12.45 -33.21 20.01
C ALA B 336 13.44 -32.03 19.96
N ARG B 337 14.39 -32.09 19.05
CA ARG B 337 15.43 -31.07 18.98
C ARG B 337 15.78 -30.81 17.53
N ASN B 338 14.79 -30.79 16.66
CA ASN B 338 14.97 -30.39 15.27
C ASN B 338 13.89 -29.35 14.94
N ARG B 339 14.37 -28.27 14.32
CA ARG B 339 13.48 -27.21 13.84
C ARG B 339 13.10 -27.63 12.42
N SER B 340 12.37 -26.75 11.71
CA SER B 340 11.84 -27.10 10.38
C SER B 340 10.94 -28.33 10.52
N ALA B 341 10.36 -28.44 11.73
CA ALA B 341 9.52 -29.56 12.12
C ALA B 341 8.24 -29.02 12.72
N SER B 342 7.13 -29.34 12.05
CA SER B 342 5.78 -28.90 12.39
C SER B 342 5.51 -29.15 13.87
N ILE B 343 5.87 -30.37 14.30
CA ILE B 343 5.61 -30.81 15.66
C ILE B 343 6.93 -31.05 16.35
N ARG B 344 7.02 -30.57 17.59
CA ARG B 344 8.24 -30.69 18.36
C ARG B 344 7.86 -31.27 19.72
N ILE B 345 8.76 -32.07 20.30
CA ILE B 345 8.49 -32.71 21.58
C ILE B 345 9.36 -32.06 22.63
N PRO B 346 8.81 -31.19 23.51
CA PRO B 346 9.62 -30.53 24.52
C PRO B 346 10.17 -31.50 25.58
N TYR B 347 11.42 -31.27 26.00
CA TYR B 347 12.04 -32.02 27.09
C TYR B 347 11.49 -31.57 28.43
N VAL B 348 10.97 -32.48 29.29
CA VAL B 348 10.33 -32.04 30.51
C VAL B 348 10.98 -32.66 31.74
N SER B 349 12.02 -33.48 31.53
CA SER B 349 12.61 -34.29 32.61
C SER B 349 11.56 -35.22 33.21
N ASN B 350 10.82 -34.73 34.20
CA ASN B 350 9.74 -35.48 34.84
C ASN B 350 8.72 -35.88 33.76
N PRO B 351 8.45 -37.19 33.57
CA PRO B 351 7.57 -37.61 32.48
C PRO B 351 6.09 -37.31 32.73
N LYS B 352 5.78 -36.65 33.84
CA LYS B 352 4.42 -36.19 34.06
C LYS B 352 4.09 -35.13 33.03
N GLY B 353 4.97 -34.16 32.79
CA GLY B 353 4.65 -33.04 31.93
C GLY B 353 4.68 -33.39 30.44
N LYS B 354 4.91 -34.68 30.08
CA LYS B 354 5.11 -35.09 28.71
C LYS B 354 4.01 -34.53 27.81
N ARG B 355 4.38 -33.77 26.78
CA ARG B 355 3.46 -33.09 25.91
C ARG B 355 4.01 -33.12 24.50
N ILE B 356 3.18 -32.69 23.54
CA ILE B 356 3.61 -32.47 22.17
C ILE B 356 3.25 -31.04 21.77
N GLU B 357 4.16 -30.36 21.05
CA GLU B 357 3.98 -28.95 20.71
C GLU B 357 3.87 -28.80 19.21
N ALA B 358 2.76 -28.17 18.77
CA ALA B 358 2.52 -27.91 17.35
C ALA B 358 2.83 -26.45 17.06
N ARG B 359 3.86 -26.19 16.25
CA ARG B 359 4.37 -24.84 16.06
C ARG B 359 3.70 -24.18 14.86
N PHE B 360 2.95 -24.94 14.04
CA PHE B 360 2.39 -24.40 12.82
C PHE B 360 1.23 -23.43 13.11
N PRO B 361 0.38 -23.58 14.14
CA PRO B 361 -0.74 -22.66 14.33
C PRO B 361 -0.35 -21.20 14.57
N ASP B 362 -1.25 -20.27 14.23
CA ASP B 362 -0.99 -18.84 14.35
C ASP B 362 -2.07 -18.22 15.21
N PRO B 363 -1.90 -17.00 15.77
CA PRO B 363 -2.88 -16.43 16.67
C PRO B 363 -4.22 -16.12 15.98
N MET B 364 -4.31 -16.38 14.68
CA MET B 364 -5.53 -16.06 13.97
C MET B 364 -6.57 -17.13 14.25
N MET B 365 -6.09 -18.30 14.68
CA MET B 365 -6.93 -19.48 14.83
C MET B 365 -7.96 -19.18 15.90
N ASN B 366 -9.20 -19.62 15.62
CA ASN B 366 -10.28 -19.53 16.59
C ASN B 366 -9.95 -20.52 17.70
N PRO B 367 -9.63 -20.10 18.93
CA PRO B 367 -9.09 -21.02 19.91
C PRO B 367 -9.99 -22.23 20.12
N TYR B 368 -11.27 -21.96 20.32
CA TYR B 368 -12.25 -23.01 20.44
C TYR B 368 -12.13 -23.91 19.22
N LEU B 369 -12.43 -23.38 18.03
CA LEU B 369 -12.44 -24.23 16.86
C LEU B 369 -11.10 -24.93 16.67
N GLY B 370 -10.02 -24.21 16.88
CA GLY B 370 -8.68 -24.71 16.61
C GLY B 370 -8.31 -25.87 17.52
N PHE B 371 -8.39 -25.64 18.83
CA PHE B 371 -8.02 -26.67 19.78
C PHE B 371 -8.82 -27.93 19.44
N ALA B 372 -10.13 -27.78 19.27
CA ALA B 372 -11.02 -28.90 19.02
C ALA B 372 -10.55 -29.69 17.82
N ALA B 373 -10.31 -29.01 16.68
CA ALA B 373 -9.92 -29.68 15.45
C ALA B 373 -8.64 -30.49 15.66
N LEU B 374 -7.70 -29.95 16.43
CA LEU B 374 -6.48 -30.67 16.72
C LEU B 374 -6.76 -32.00 17.45
N LEU B 375 -7.67 -31.96 18.43
CA LEU B 375 -8.06 -33.14 19.21
C LEU B 375 -8.69 -34.18 18.29
N MET B 376 -9.67 -33.76 17.50
CA MET B 376 -10.36 -34.66 16.59
C MET B 376 -9.35 -35.36 15.70
N ALA B 377 -8.43 -34.60 15.12
CA ALA B 377 -7.37 -35.16 14.28
C ALA B 377 -6.48 -36.08 15.10
N GLY B 378 -6.09 -35.62 16.30
CA GLY B 378 -5.28 -36.41 17.20
C GLY B 378 -5.93 -37.79 17.48
N ILE B 379 -7.20 -37.78 17.88
CA ILE B 379 -7.85 -39.03 18.26
C ILE B 379 -8.10 -39.89 17.03
N ASP B 380 -8.31 -39.29 15.85
CA ASP B 380 -8.42 -40.11 14.65
C ASP B 380 -7.15 -40.93 14.50
N GLY B 381 -6.03 -40.32 14.88
CA GLY B 381 -4.76 -41.02 14.85
C GLY B 381 -4.80 -42.26 15.74
N ILE B 382 -5.14 -42.03 17.01
CA ILE B 382 -5.25 -43.06 18.03
C ILE B 382 -6.23 -44.12 17.56
N GLN B 383 -7.45 -43.70 17.21
CA GLN B 383 -8.50 -44.63 16.82
C GLN B 383 -8.03 -45.50 15.66
N ASN B 384 -7.38 -44.92 14.65
CA ASN B 384 -6.97 -45.71 13.51
C ASN B 384 -5.50 -46.13 13.66
N LYS B 385 -4.92 -45.95 14.86
CA LYS B 385 -3.54 -46.32 15.15
C LYS B 385 -2.64 -45.85 14.00
N ILE B 386 -2.82 -44.58 13.57
CA ILE B 386 -2.11 -43.99 12.45
C ILE B 386 -0.65 -43.78 12.86
N HIS B 387 0.27 -44.38 12.08
CA HIS B 387 1.68 -44.37 12.45
C HIS B 387 2.27 -43.03 12.06
N PRO B 388 2.96 -42.31 12.99
CA PRO B 388 3.48 -40.98 12.70
C PRO B 388 4.72 -41.02 11.81
N GLY B 389 5.20 -42.24 11.51
CA GLY B 389 6.44 -42.43 10.79
C GLY B 389 7.65 -42.17 11.70
N GLU B 390 8.83 -42.14 11.11
CA GLU B 390 10.08 -42.05 11.84
C GLU B 390 10.27 -40.60 12.25
N ALA B 391 10.92 -40.37 13.41
CA ALA B 391 11.21 -39.01 13.85
C ALA B 391 12.38 -38.45 13.03
N ALA B 392 12.17 -37.28 12.41
CA ALA B 392 13.24 -36.59 11.72
C ALA B 392 14.02 -35.74 12.72
N ASP B 393 14.74 -36.45 13.58
CA ASP B 393 15.64 -35.83 14.52
C ASP B 393 16.82 -35.18 13.78
N LYS B 394 16.96 -35.52 12.49
CA LYS B 394 18.06 -35.05 11.67
C LYS B 394 17.52 -34.17 10.55
N ASN B 395 18.40 -33.75 9.62
CA ASN B 395 18.05 -33.03 8.40
C ASN B 395 17.08 -31.84 8.58
N LEU B 396 17.47 -30.76 9.31
CA LEU B 396 16.72 -29.51 9.19
C LEU B 396 17.01 -28.92 7.79
N TYR B 397 15.96 -28.48 7.07
CA TYR B 397 16.05 -28.22 5.63
C TYR B 397 17.00 -29.24 5.01
N ASP B 398 18.11 -28.78 4.41
CA ASP B 398 19.15 -29.62 3.81
C ASP B 398 18.78 -29.93 2.36
N LEU B 399 19.81 -30.25 1.56
CA LEU B 399 19.64 -30.64 0.16
C LEU B 399 18.81 -31.94 0.12
N PRO B 400 17.83 -32.10 -0.79
CA PRO B 400 16.93 -33.24 -0.77
C PRO B 400 17.69 -34.52 -1.03
N PRO B 401 17.79 -35.47 -0.06
CA PRO B 401 18.34 -36.79 -0.34
C PRO B 401 17.28 -37.63 -1.07
N GLU B 402 16.74 -37.04 -2.15
CA GLU B 402 15.44 -37.41 -2.73
C GLU B 402 14.33 -36.95 -1.76
N GLU B 403 14.59 -37.04 -0.45
CA GLU B 403 13.56 -37.06 0.56
C GLU B 403 12.88 -35.72 0.72
N GLU B 404 13.63 -34.60 0.81
CA GLU B 404 13.05 -33.30 1.11
C GLU B 404 11.94 -32.96 0.11
N ALA B 405 12.19 -33.31 -1.16
CA ALA B 405 11.17 -33.21 -2.21
C ALA B 405 9.93 -33.98 -1.76
N LYS B 406 10.13 -35.22 -1.28
CA LYS B 406 9.05 -36.08 -0.83
C LYS B 406 8.45 -35.58 0.49
N ILE B 407 9.21 -34.83 1.31
CA ILE B 407 8.73 -34.48 2.65
C ILE B 407 7.47 -33.64 2.53
N PRO B 408 6.38 -33.99 3.27
CA PRO B 408 5.15 -33.20 3.22
C PRO B 408 5.34 -31.85 3.89
N THR B 409 4.58 -30.86 3.42
CA THR B 409 4.65 -29.51 3.97
C THR B 409 3.23 -29.09 4.32
N VAL B 410 3.12 -28.06 5.16
CA VAL B 410 1.84 -27.51 5.54
C VAL B 410 1.29 -26.73 4.35
N ALA B 411 0.06 -26.22 4.44
CA ALA B 411 -0.58 -25.61 3.26
C ALA B 411 0.11 -24.31 2.82
N HIS B 412 0.09 -24.02 1.53
CA HIS B 412 0.81 -22.89 0.97
C HIS B 412 -0.06 -21.63 1.04
N SER B 413 -1.38 -21.81 1.00
CA SER B 413 -2.29 -20.69 0.95
C SER B 413 -3.56 -21.04 1.71
N LEU B 414 -4.30 -20.03 2.15
CA LEU B 414 -5.60 -20.29 2.75
C LEU B 414 -6.50 -20.98 1.73
N ASP B 415 -6.36 -20.53 0.48
CA ASP B 415 -7.11 -21.11 -0.62
C ASP B 415 -6.98 -22.64 -0.55
N MET B 416 -5.73 -23.09 -0.62
CA MET B 416 -5.38 -24.50 -0.61
C MET B 416 -5.89 -25.18 0.67
N ALA B 417 -5.70 -24.51 1.82
CA ALA B 417 -6.15 -25.05 3.08
C ALA B 417 -7.65 -25.32 3.06
N LEU B 418 -8.41 -24.41 2.47
CA LEU B 418 -9.86 -24.57 2.41
C LEU B 418 -10.21 -25.73 1.47
N GLU B 419 -9.47 -25.87 0.38
CA GLU B 419 -9.71 -26.99 -0.53
C GLU B 419 -9.37 -28.30 0.19
N ALA B 420 -8.34 -28.26 1.04
CA ALA B 420 -7.92 -29.41 1.80
C ALA B 420 -9.04 -29.84 2.75
N LEU B 421 -9.62 -28.85 3.44
CA LEU B 421 -10.65 -29.09 4.43
C LEU B 421 -11.86 -29.70 3.74
N GLN B 422 -12.16 -29.22 2.54
CA GLN B 422 -13.27 -29.78 1.81
C GLN B 422 -13.06 -31.29 1.73
N ALA B 423 -11.91 -31.69 1.16
CA ALA B 423 -11.57 -33.08 0.96
C ALA B 423 -11.54 -33.87 2.27
N ASP B 424 -10.90 -33.32 3.32
CA ASP B 424 -10.68 -34.07 4.54
C ASP B 424 -11.36 -33.42 5.74
N HIS B 425 -12.69 -33.58 5.90
CA HIS B 425 -13.35 -33.05 7.10
C HIS B 425 -13.88 -34.16 8.02
N GLU B 426 -13.64 -35.41 7.67
CA GLU B 426 -14.33 -36.53 8.24
C GLU B 426 -14.09 -36.62 9.75
N PHE B 427 -12.82 -36.52 10.15
CA PHE B 427 -12.43 -36.68 11.55
C PHE B 427 -13.23 -35.74 12.45
N LEU B 428 -13.53 -34.54 11.94
CA LEU B 428 -14.25 -33.51 12.67
C LEU B 428 -15.70 -33.90 12.88
N LEU B 429 -16.31 -34.55 11.89
CA LEU B 429 -17.72 -34.85 11.91
C LEU B 429 -18.00 -35.96 12.94
N LYS B 430 -16.96 -36.71 13.32
CA LYS B 430 -17.14 -37.77 14.31
C LYS B 430 -17.57 -37.15 15.63
N GLY B 431 -18.41 -37.87 16.37
CA GLY B 431 -18.93 -37.38 17.63
C GLY B 431 -19.97 -36.29 17.44
N GLY B 432 -20.24 -35.95 16.17
CA GLY B 432 -21.07 -34.80 15.83
C GLY B 432 -20.54 -33.49 16.40
N VAL B 433 -19.23 -33.47 16.72
CA VAL B 433 -18.57 -32.32 17.32
C VAL B 433 -18.69 -31.16 16.32
N PHE B 434 -18.40 -31.48 15.06
CA PHE B 434 -18.52 -30.53 13.98
C PHE B 434 -19.67 -30.99 13.09
N THR B 435 -20.65 -30.09 12.91
CA THR B 435 -21.69 -30.35 11.92
C THR B 435 -21.13 -30.01 10.55
N LYS B 436 -21.62 -30.70 9.53
CA LYS B 436 -21.17 -30.46 8.17
C LYS B 436 -21.56 -29.04 7.75
N GLU B 437 -22.78 -28.64 8.13
CA GLU B 437 -23.31 -27.32 7.80
C GLU B 437 -22.33 -26.26 8.27
N MET B 438 -21.84 -26.37 9.52
CA MET B 438 -20.90 -25.39 10.07
C MET B 438 -19.64 -25.33 9.23
N LEU B 439 -19.06 -26.50 8.90
CA LEU B 439 -17.88 -26.54 8.08
C LEU B 439 -18.16 -25.92 6.73
N ASP B 440 -19.29 -26.26 6.12
CA ASP B 440 -19.65 -25.67 4.84
C ASP B 440 -19.63 -24.13 4.90
N ALA B 441 -20.27 -23.58 5.94
CA ALA B 441 -20.33 -22.14 6.18
C ALA B 441 -18.94 -21.55 6.36
N TYR B 442 -18.22 -22.08 7.35
CA TYR B 442 -16.86 -21.66 7.67
C TYR B 442 -16.07 -21.52 6.38
N ILE B 443 -16.08 -22.57 5.56
CA ILE B 443 -15.30 -22.54 4.35
C ILE B 443 -15.72 -21.34 3.50
N GLU B 444 -17.02 -21.12 3.33
CA GLU B 444 -17.46 -20.05 2.46
C GLU B 444 -17.06 -18.69 3.05
N LEU B 445 -17.26 -18.54 4.36
CA LEU B 445 -16.93 -17.31 5.04
C LEU B 445 -15.44 -16.97 4.85
N LYS B 446 -14.58 -17.95 5.10
CA LYS B 446 -13.15 -17.74 4.95
C LYS B 446 -12.81 -17.47 3.49
N THR B 447 -13.62 -18.00 2.56
CA THR B 447 -13.31 -17.78 1.16
C THR B 447 -13.41 -16.28 0.83
N GLU B 448 -14.27 -15.55 1.54
CA GLU B 448 -14.40 -14.13 1.28
C GLU B 448 -13.08 -13.45 1.55
N ASP B 449 -12.38 -13.91 2.58
CA ASP B 449 -11.06 -13.38 2.90
C ASP B 449 -10.14 -13.63 1.71
N VAL B 450 -10.19 -14.85 1.18
CA VAL B 450 -9.39 -15.19 0.03
C VAL B 450 -9.79 -14.28 -1.12
N ARG B 451 -11.08 -14.16 -1.37
CA ARG B 451 -11.55 -13.28 -2.43
C ARG B 451 -10.92 -11.89 -2.33
N ARG B 452 -11.00 -11.29 -1.14
CA ARG B 452 -10.46 -9.95 -0.91
C ARG B 452 -9.04 -9.85 -1.46
N LEU B 453 -8.16 -10.71 -0.94
CA LEU B 453 -6.76 -10.71 -1.31
C LEU B 453 -6.63 -10.85 -2.82
N ASN B 454 -7.35 -11.80 -3.40
CA ASN B 454 -7.16 -12.10 -4.80
C ASN B 454 -7.70 -10.96 -5.67
N THR B 455 -8.68 -10.21 -5.16
CA THR B 455 -9.27 -9.16 -5.95
C THR B 455 -8.41 -7.91 -5.90
N THR B 456 -7.85 -7.59 -4.72
CA THR B 456 -7.22 -6.31 -4.49
C THR B 456 -5.78 -6.31 -5.00
N THR B 457 -5.48 -5.41 -5.94
CA THR B 457 -4.13 -5.28 -6.46
C THR B 457 -3.19 -4.97 -5.29
N HIS B 458 -1.98 -5.55 -5.33
CA HIS B 458 -0.97 -5.41 -4.28
C HIS B 458 0.08 -4.42 -4.75
N PRO B 459 0.61 -3.53 -3.89
CA PRO B 459 1.70 -2.64 -4.28
C PRO B 459 2.82 -3.34 -5.03
N VAL B 460 3.12 -4.57 -4.61
CA VAL B 460 4.23 -5.30 -5.19
C VAL B 460 3.99 -5.57 -6.67
N GLU B 461 2.73 -5.68 -7.08
CA GLU B 461 2.45 -5.98 -8.47
C GLU B 461 2.83 -4.78 -9.33
N PHE B 462 2.76 -3.58 -8.76
CA PHE B 462 3.24 -2.41 -9.47
C PHE B 462 4.73 -2.58 -9.69
N ASP B 463 5.41 -3.06 -8.66
CA ASP B 463 6.85 -3.17 -8.76
C ASP B 463 7.14 -4.14 -9.89
N MET B 464 6.48 -5.30 -9.92
CA MET B 464 6.82 -6.27 -10.93
C MET B 464 6.28 -5.89 -12.29
N TYR B 465 5.01 -5.51 -12.39
CA TYR B 465 4.35 -5.48 -13.68
C TYR B 465 4.17 -4.07 -14.30
N TYR B 466 4.30 -2.98 -13.54
CA TYR B 466 3.82 -1.70 -14.06
C TYR B 466 4.46 -1.37 -15.42
N SER B 467 5.78 -1.52 -15.54
CA SER B 467 6.51 -1.07 -16.72
C SER B 467 6.80 -2.22 -17.67
N LEU B 468 5.86 -3.17 -17.79
CA LEU B 468 6.00 -4.27 -18.72
C LEU B 468 4.94 -4.19 -19.83
N ALA C 1 -46.56 20.67 43.88
CA ALA C 1 -46.36 19.24 43.58
C ALA C 1 -45.81 18.54 44.82
N ASN C 2 -46.45 17.45 45.25
CA ASN C 2 -45.78 16.51 46.14
C ASN C 2 -44.37 16.26 45.58
N LYS C 3 -44.26 15.77 44.34
CA LYS C 3 -42.97 15.36 43.82
C LYS C 3 -42.04 16.58 43.75
N VAL C 4 -42.41 17.50 42.86
CA VAL C 4 -41.52 18.58 42.46
C VAL C 4 -41.19 19.45 43.67
N LEU C 5 -42.20 20.00 44.32
CA LEU C 5 -41.96 20.97 45.39
C LEU C 5 -41.08 20.32 46.45
N GLN C 6 -41.34 19.06 46.76
CA GLN C 6 -40.55 18.36 47.76
C GLN C 6 -39.13 18.19 47.23
N LEU C 7 -39.02 17.78 45.98
CA LEU C 7 -37.70 17.61 45.38
C LEU C 7 -36.91 18.90 45.53
N ILE C 8 -37.59 20.05 45.32
CA ILE C 8 -36.93 21.32 45.39
C ILE C 8 -36.32 21.45 46.76
N GLN C 9 -37.11 21.15 47.80
CA GLN C 9 -36.65 21.19 49.18
C GLN C 9 -35.41 20.33 49.35
N GLU C 10 -35.53 19.05 48.98
CA GLU C 10 -34.45 18.08 49.14
C GLU C 10 -33.17 18.56 48.43
N SER C 11 -33.32 19.02 47.19
CA SER C 11 -32.18 19.40 46.37
C SER C 11 -31.55 20.72 46.83
N GLY C 12 -32.30 21.57 47.52
CA GLY C 12 -31.86 22.94 47.74
C GLY C 12 -31.72 23.69 46.41
N ALA C 13 -32.53 23.29 45.42
CA ALA C 13 -32.44 23.83 44.08
C ALA C 13 -33.01 25.23 44.05
N LYS C 14 -32.36 26.12 43.27
CA LYS C 14 -32.79 27.50 43.15
C LYS C 14 -33.56 27.72 41.85
N TRP C 15 -33.60 26.72 40.97
CA TRP C 15 -34.14 26.94 39.63
C TRP C 15 -34.99 25.74 39.20
N VAL C 16 -36.05 25.98 38.45
CA VAL C 16 -36.89 24.93 37.90
C VAL C 16 -36.96 25.13 36.40
N ASP C 17 -36.61 24.06 35.67
CA ASP C 17 -36.45 24.17 34.23
C ASP C 17 -37.68 23.54 33.61
N PHE C 18 -38.57 24.37 33.05
CA PHE C 18 -39.79 23.85 32.50
C PHE C 18 -39.53 23.46 31.05
N ARG C 19 -39.86 22.23 30.69
CA ARG C 19 -39.52 21.72 29.39
C ARG C 19 -40.80 21.26 28.71
N PHE C 20 -40.98 21.59 27.42
CA PHE C 20 -42.07 20.97 26.67
C PHE C 20 -41.58 20.44 25.35
N THR C 21 -42.44 20.12 24.38
CA THR C 21 -42.05 19.59 23.09
C THR C 21 -42.75 20.40 22.00
N ASP C 22 -42.20 20.38 20.79
CA ASP C 22 -42.75 21.10 19.65
C ASP C 22 -43.25 20.09 18.61
N THR C 23 -43.85 20.58 17.53
CA THR C 23 -44.47 19.70 16.55
C THR C 23 -43.41 18.77 15.98
N LYS C 24 -42.22 19.31 15.75
CA LYS C 24 -41.14 18.58 15.11
C LYS C 24 -40.53 17.60 16.09
N GLY C 25 -40.89 17.69 17.37
CA GLY C 25 -40.46 16.71 18.34
C GLY C 25 -39.17 17.13 19.04
N LYS C 26 -38.94 18.44 19.16
CA LYS C 26 -37.74 18.94 19.80
C LYS C 26 -38.09 19.55 21.14
N GLU C 27 -37.55 19.00 22.21
CA GLU C 27 -37.77 19.52 23.56
C GLU C 27 -37.28 20.97 23.60
N GLN C 28 -38.02 21.81 24.30
CA GLN C 28 -37.70 23.22 24.50
C GLN C 28 -37.71 23.48 26.00
N HIS C 29 -37.10 24.56 26.51
CA HIS C 29 -36.95 24.75 27.95
C HIS C 29 -36.86 26.23 28.32
N VAL C 30 -37.41 26.59 29.47
CA VAL C 30 -37.26 27.90 30.08
C VAL C 30 -37.02 27.67 31.57
N THR C 31 -36.24 28.53 32.20
CA THR C 31 -35.86 28.31 33.58
C THR C 31 -36.42 29.43 34.47
N TYR C 32 -37.04 29.03 35.58
CA TYR C 32 -37.66 29.97 36.51
C TYR C 32 -37.15 29.69 37.93
N PRO C 33 -37.08 30.69 38.84
CA PRO C 33 -36.65 30.45 40.19
C PRO C 33 -37.65 29.65 40.99
N ALA C 34 -37.17 28.88 41.98
CA ALA C 34 -38.04 27.92 42.66
C ALA C 34 -39.14 28.65 43.44
N ASP C 35 -38.82 29.87 43.94
CA ASP C 35 -39.82 30.66 44.63
C ASP C 35 -41.01 30.92 43.74
N SER C 36 -40.80 31.06 42.43
CA SER C 36 -41.91 31.36 41.54
C SER C 36 -42.77 30.13 41.29
N ILE C 37 -42.47 29.00 41.92
CA ILE C 37 -43.24 27.77 41.72
C ILE C 37 -43.91 27.39 43.03
N ASP C 38 -45.25 27.41 43.09
CA ASP C 38 -46.04 26.92 44.22
C ASP C 38 -47.01 25.85 43.72
N GLU C 39 -47.88 25.35 44.61
CA GLU C 39 -48.85 24.34 44.24
C GLU C 39 -49.76 24.88 43.13
N ASP C 40 -50.05 26.20 43.17
CA ASP C 40 -51.05 26.75 42.27
C ASP C 40 -50.49 26.77 40.86
N THR C 41 -49.15 26.86 40.78
CA THR C 41 -48.47 26.88 39.50
C THR C 41 -48.87 25.63 38.72
N PHE C 42 -49.00 24.49 39.41
CA PHE C 42 -49.32 23.24 38.75
C PHE C 42 -50.69 23.38 38.09
N GLU C 43 -51.61 24.05 38.79
CA GLU C 43 -52.94 24.32 38.26
C GLU C 43 -52.83 25.42 37.20
N ASP C 44 -52.45 26.62 37.61
CA ASP C 44 -52.49 27.81 36.76
C ASP C 44 -51.44 27.70 35.63
N GLY C 45 -50.17 27.46 36.00
CA GLY C 45 -49.06 27.42 35.05
C GLY C 45 -48.40 28.78 34.87
N LYS C 46 -47.50 28.90 33.87
CA LYS C 46 -46.81 30.14 33.52
C LYS C 46 -47.16 30.52 32.07
N MET C 47 -47.26 31.82 31.74
CA MET C 47 -47.61 32.22 30.38
C MET C 47 -46.37 32.59 29.55
N PHE C 48 -46.44 32.43 28.20
CA PHE C 48 -45.30 32.57 27.30
C PHE C 48 -45.77 32.73 25.83
N ASP C 49 -44.90 33.23 24.94
CA ASP C 49 -45.24 33.48 23.54
C ASP C 49 -45.15 32.22 22.67
N GLY C 50 -45.67 32.29 21.44
CA GLY C 50 -45.88 31.14 20.57
C GLY C 50 -45.07 31.23 19.26
N SER C 51 -44.05 30.37 19.19
CA SER C 51 -43.31 30.06 17.95
C SER C 51 -43.02 28.55 17.85
N SER C 52 -42.70 28.14 16.63
CA SER C 52 -42.64 26.75 16.18
C SER C 52 -44.04 26.17 16.00
N ILE C 53 -44.89 26.16 17.06
CA ILE C 53 -46.35 25.83 16.99
C ILE C 53 -47.12 27.12 16.75
N ALA C 54 -46.46 28.15 16.23
CA ALA C 54 -47.00 29.51 16.18
C ALA C 54 -48.29 29.51 15.34
N GLY C 55 -48.12 29.14 14.07
CA GLY C 55 -49.15 29.33 13.06
C GLY C 55 -49.59 30.78 13.10
N TRP C 56 -50.86 30.98 13.43
CA TRP C 56 -51.41 32.31 13.69
C TRP C 56 -51.82 32.38 15.15
N LYS C 57 -50.91 31.98 16.05
CA LYS C 57 -51.24 32.01 17.48
C LYS C 57 -51.19 33.46 17.95
N GLY C 58 -49.96 33.99 18.14
CA GLY C 58 -49.78 35.28 18.76
C GLY C 58 -50.49 35.34 20.10
N ILE C 59 -50.44 34.20 20.83
CA ILE C 59 -51.15 34.02 22.08
C ILE C 59 -50.10 33.95 23.19
N GLU C 60 -50.46 34.57 24.32
CA GLU C 60 -49.81 34.34 25.60
C GLU C 60 -50.32 33.02 26.20
N ALA C 61 -49.93 31.89 25.58
CA ALA C 61 -50.35 30.55 25.98
C ALA C 61 -49.71 30.17 27.30
N SER C 62 -50.24 29.16 27.97
CA SER C 62 -49.79 28.85 29.32
C SER C 62 -49.05 27.51 29.32
N ASP C 63 -47.96 27.46 30.06
CA ASP C 63 -47.18 26.25 30.25
C ASP C 63 -47.59 25.67 31.59
N MET C 64 -48.52 24.73 31.54
CA MET C 64 -48.98 24.07 32.75
C MET C 64 -47.87 23.14 33.21
N ILE C 65 -47.14 23.60 34.22
CA ILE C 65 -46.17 22.74 34.81
C ILE C 65 -46.92 21.49 35.24
N LEU C 66 -46.53 20.37 34.64
CA LEU C 66 -47.48 19.28 34.56
C LEU C 66 -46.89 18.04 35.22
N ARG C 67 -47.72 17.04 35.36
CA ARG C 67 -47.41 15.86 36.13
C ARG C 67 -46.24 16.12 37.07
N PRO C 68 -46.40 16.47 38.38
CA PRO C 68 -45.30 16.42 39.35
C PRO C 68 -44.57 15.08 39.27
N ASP C 69 -43.72 15.01 38.27
CA ASP C 69 -43.19 13.78 37.69
C ASP C 69 -42.33 14.32 36.56
N ALA C 70 -41.58 13.42 35.91
CA ALA C 70 -40.42 13.81 35.14
C ALA C 70 -39.63 14.87 35.91
N GLU C 71 -39.63 14.71 37.25
CA GLU C 71 -39.01 15.64 38.19
C GLU C 71 -37.56 15.19 38.38
N THR C 72 -36.69 15.65 37.47
CA THR C 72 -35.34 15.18 37.39
C THR C 72 -34.48 16.35 37.87
N GLY C 73 -33.58 16.15 38.84
CA GLY C 73 -32.36 16.94 38.97
C GLY C 73 -31.65 17.08 37.61
N PHE C 74 -31.42 18.31 37.14
CA PHE C 74 -30.60 18.61 35.96
C PHE C 74 -29.26 17.92 36.12
N ILE C 75 -29.12 16.76 35.45
CA ILE C 75 -27.95 15.97 35.74
C ILE C 75 -26.68 16.69 35.25
N ASP C 76 -26.71 17.22 34.03
CA ASP C 76 -25.54 17.80 33.40
C ASP C 76 -25.24 19.15 34.06
N PRO C 77 -26.10 20.20 34.06
CA PRO C 77 -25.76 21.56 34.51
C PRO C 77 -25.26 21.74 35.94
N PHE C 78 -24.60 22.88 36.20
CA PHE C 78 -23.92 23.16 37.45
C PHE C 78 -24.91 23.35 38.58
N PHE C 79 -25.68 24.45 38.57
CA PHE C 79 -26.61 24.71 39.66
C PHE C 79 -27.55 23.51 39.83
N ALA C 80 -27.90 23.18 41.07
CA ALA C 80 -28.96 22.23 41.26
C ALA C 80 -30.22 22.77 40.57
N GLU C 81 -30.72 22.14 39.50
CA GLU C 81 -31.87 22.67 38.77
C GLU C 81 -32.88 21.58 38.39
N PRO C 82 -33.97 21.25 39.17
CA PRO C 82 -34.96 20.27 38.75
C PRO C 82 -35.76 20.69 37.54
N THR C 83 -36.10 19.69 36.74
CA THR C 83 -36.74 19.94 35.47
C THR C 83 -38.07 19.24 35.61
N VAL C 84 -39.10 19.83 34.98
CA VAL C 84 -40.39 19.18 34.89
C VAL C 84 -40.76 18.98 33.44
N VAL C 85 -40.16 17.94 32.85
CA VAL C 85 -40.21 17.61 31.41
C VAL C 85 -41.68 17.48 31.04
N VAL C 86 -42.47 17.39 32.06
CA VAL C 86 -43.90 17.32 31.88
C VAL C 86 -44.45 18.74 32.10
N THR C 87 -44.50 19.48 30.99
CA THR C 87 -45.18 20.74 30.97
C THR C 87 -46.12 20.68 29.77
N CYS C 88 -47.41 20.39 30.04
CA CYS C 88 -48.39 20.52 28.99
C CYS C 88 -48.53 22.01 28.70
N ASP C 89 -48.76 22.35 27.44
CA ASP C 89 -49.03 23.72 27.05
C ASP C 89 -50.55 23.87 26.85
N VAL C 90 -51.20 24.81 27.56
CA VAL C 90 -52.66 24.93 27.58
C VAL C 90 -53.11 26.29 27.01
N ILE C 91 -54.19 26.27 26.21
CA ILE C 91 -54.75 27.47 25.61
C ILE C 91 -55.55 28.21 26.66
N GLU C 92 -55.83 29.52 26.48
CA GLU C 92 -56.79 30.22 27.33
C GLU C 92 -58.16 29.51 27.35
N PRO C 93 -58.87 29.30 26.20
CA PRO C 93 -60.11 28.53 26.25
C PRO C 93 -59.89 27.06 26.60
N SER C 94 -60.83 26.18 26.25
CA SER C 94 -60.72 24.76 26.51
C SER C 94 -59.29 24.38 26.89
N THR C 95 -58.99 24.38 28.19
CA THR C 95 -57.65 24.07 28.71
C THR C 95 -57.07 22.84 28.01
N GLY C 96 -56.42 23.04 26.84
CA GLY C 96 -56.10 21.93 25.95
C GLY C 96 -54.82 22.21 25.19
N GLN C 97 -54.79 22.00 23.86
CA GLN C 97 -53.60 22.32 23.09
C GLN C 97 -53.44 23.84 23.09
N GLY C 98 -52.33 24.31 23.69
CA GLY C 98 -52.07 25.75 23.80
C GLY C 98 -51.78 26.51 22.49
N TYR C 99 -51.50 25.77 21.42
CA TYR C 99 -51.50 26.22 20.04
C TYR C 99 -51.68 24.96 19.18
N GLU C 100 -51.76 25.15 17.86
CA GLU C 100 -51.64 24.05 16.88
C GLU C 100 -51.10 22.78 17.59
N ARG C 101 -51.90 22.18 18.45
CA ARG C 101 -51.52 20.89 19.05
C ARG C 101 -50.24 20.89 19.89
N ASP C 102 -50.39 21.10 21.21
CA ASP C 102 -49.41 20.65 22.18
C ASP C 102 -49.34 19.13 22.05
N PRO C 103 -48.17 18.56 21.72
CA PRO C 103 -48.12 17.11 21.48
C PRO C 103 -48.49 16.29 22.71
N ARG C 104 -48.06 16.75 23.89
CA ARG C 104 -48.32 16.03 25.12
C ARG C 104 -49.82 15.92 25.35
N SER C 105 -50.56 17.01 25.13
CA SER C 105 -52.01 16.99 25.21
C SER C 105 -52.58 15.99 24.20
N ILE C 106 -52.13 16.05 22.94
CA ILE C 106 -52.65 15.14 21.93
C ILE C 106 -52.46 13.73 22.44
N ALA C 107 -51.33 13.46 23.08
CA ALA C 107 -51.05 12.12 23.56
C ALA C 107 -52.00 11.75 24.71
N ARG C 108 -52.21 12.71 25.63
CA ARG C 108 -53.16 12.52 26.71
C ARG C 108 -54.53 12.22 26.10
N ARG C 109 -54.91 13.00 25.09
CA ARG C 109 -56.19 12.80 24.42
C ARG C 109 -56.33 11.36 23.95
N ALA C 110 -55.29 10.84 23.28
CA ALA C 110 -55.33 9.47 22.80
C ALA C 110 -55.38 8.49 23.98
N GLU C 111 -54.76 8.82 25.12
CA GLU C 111 -54.90 7.99 26.31
C GLU C 111 -56.38 7.83 26.67
N GLU C 112 -57.10 8.97 26.68
CA GLU C 112 -58.49 9.01 27.07
C GLU C 112 -59.35 8.30 26.04
N TYR C 113 -59.06 8.49 24.75
CA TYR C 113 -59.91 7.89 23.74
C TYR C 113 -59.87 6.37 23.86
N LEU C 114 -58.74 5.82 24.32
CA LEU C 114 -58.66 4.39 24.50
C LEU C 114 -59.71 3.93 25.52
N LYS C 115 -59.71 4.61 26.67
CA LYS C 115 -60.65 4.29 27.72
C LYS C 115 -62.09 4.56 27.24
N SER C 116 -62.27 5.66 26.48
CA SER C 116 -63.58 6.03 25.97
C SER C 116 -64.12 4.94 25.05
N THR C 117 -63.28 4.36 24.20
CA THR C 117 -63.65 3.26 23.33
C THR C 117 -63.88 2.01 24.17
N GLY C 118 -63.34 2.01 25.39
CA GLY C 118 -63.51 0.89 26.31
C GLY C 118 -62.68 -0.32 25.89
N ILE C 119 -61.78 -0.13 24.93
CA ILE C 119 -60.84 -1.15 24.48
C ILE C 119 -59.84 -1.43 25.58
N GLY C 120 -59.36 -0.40 26.28
CA GLY C 120 -58.30 -0.63 27.26
C GLY C 120 -58.13 0.51 28.25
N ASP C 121 -57.63 0.16 29.44
CA ASP C 121 -57.36 1.14 30.49
C ASP C 121 -56.03 1.85 30.22
N THR C 122 -54.99 1.15 29.73
CA THR C 122 -53.66 1.69 29.54
C THR C 122 -53.06 1.14 28.23
N ALA C 123 -52.16 1.92 27.59
CA ALA C 123 -51.38 1.47 26.44
C ALA C 123 -49.88 1.57 26.74
N PHE C 124 -49.13 0.55 26.30
CA PHE C 124 -47.71 0.48 26.61
C PHE C 124 -46.90 0.60 25.33
N PHE C 125 -45.89 1.46 25.41
CA PHE C 125 -44.97 1.70 24.31
C PHE C 125 -43.52 1.44 24.75
N GLY C 126 -42.78 0.72 23.89
CA GLY C 126 -41.33 0.61 23.97
C GLY C 126 -40.64 1.07 22.69
N PRO C 127 -39.83 2.14 22.72
CA PRO C 127 -39.34 2.78 21.50
C PRO C 127 -38.01 2.33 20.88
N GLU C 128 -37.03 1.66 21.52
CA GLU C 128 -35.82 1.16 20.82
C GLU C 128 -35.11 2.13 19.82
N PRO C 129 -34.75 3.40 20.16
CA PRO C 129 -34.08 4.32 19.24
C PRO C 129 -32.54 4.28 19.21
N GLU C 130 -31.99 4.34 18.00
CA GLU C 130 -30.57 4.15 17.76
C GLU C 130 -29.95 5.54 17.53
N PHE C 131 -28.67 5.74 17.88
CA PHE C 131 -28.00 7.00 17.64
C PHE C 131 -26.57 6.74 17.20
N PHE C 132 -25.95 7.76 16.56
CA PHE C 132 -24.53 7.80 16.23
C PHE C 132 -23.84 8.84 17.09
N VAL C 133 -22.56 8.56 17.46
CA VAL C 133 -21.70 9.54 18.08
C VAL C 133 -20.47 9.74 17.20
N PHE C 134 -20.26 11.00 16.81
CA PHE C 134 -19.09 11.38 16.08
C PHE C 134 -18.24 12.34 16.91
N ASP C 135 -16.95 12.45 16.53
CA ASP C 135 -16.01 13.39 17.12
C ASP C 135 -16.46 14.78 16.74
N GLU C 136 -16.95 14.93 15.51
CA GLU C 136 -17.23 16.27 15.04
C GLU C 136 -17.92 16.18 13.69
N VAL C 137 -18.74 17.19 13.40
CA VAL C 137 -19.53 17.18 12.21
C VAL C 137 -19.61 18.61 11.71
N LYS C 138 -19.42 18.81 10.41
CA LYS C 138 -19.51 20.15 9.86
C LYS C 138 -20.36 20.12 8.60
N TRP C 139 -21.05 21.23 8.36
CA TRP C 139 -21.71 21.39 7.07
C TRP C 139 -21.94 22.87 6.77
N ASP C 140 -22.06 23.20 5.48
CA ASP C 140 -22.58 24.51 5.11
C ASP C 140 -23.37 24.46 3.81
N ILE C 141 -24.33 25.39 3.68
CA ILE C 141 -24.94 25.62 2.40
C ILE C 141 -24.91 27.11 2.02
N ASP C 142 -24.31 27.43 0.86
CA ASP C 142 -24.34 28.78 0.31
C ASP C 142 -24.76 28.70 -1.14
N MET C 143 -24.75 29.87 -1.78
CA MET C 143 -24.95 29.93 -3.20
C MET C 143 -23.83 29.12 -3.87
N SER C 144 -22.64 29.14 -3.24
CA SER C 144 -21.47 28.40 -3.72
C SER C 144 -21.75 26.93 -3.84
N GLY C 145 -22.48 26.35 -2.87
CA GLY C 145 -22.93 24.97 -2.97
C GLY C 145 -23.41 24.43 -1.62
N ALA C 146 -23.50 23.10 -1.47
CA ALA C 146 -23.93 22.50 -0.22
C ALA C 146 -23.03 21.35 0.12
N ARG C 147 -22.58 21.26 1.37
CA ARG C 147 -21.52 20.35 1.74
C ARG C 147 -21.63 19.93 3.20
N HIS C 148 -21.20 18.70 3.49
CA HIS C 148 -21.37 18.15 4.84
C HIS C 148 -20.36 17.04 5.04
N THR C 149 -19.75 16.98 6.22
CA THR C 149 -18.74 15.96 6.45
C THR C 149 -18.86 15.39 7.85
N LEU C 150 -18.70 14.06 8.01
CA LEU C 150 -18.67 13.45 9.32
C LEU C 150 -17.21 13.12 9.65
N ILE C 151 -16.84 13.39 10.90
CA ILE C 151 -15.49 13.17 11.38
C ILE C 151 -15.59 12.37 12.68
N ALA C 152 -14.88 11.25 12.68
CA ALA C 152 -14.75 10.49 13.89
C ALA C 152 -13.56 9.55 13.77
N GLU C 153 -12.95 9.28 14.92
CA GLU C 153 -11.78 8.42 14.95
C GLU C 153 -12.26 6.99 14.71
N GLU C 154 -13.41 6.68 15.32
CA GLU C 154 -13.98 5.35 15.28
C GLU C 154 -14.57 5.05 13.90
N ALA C 155 -14.69 6.08 13.06
CA ALA C 155 -15.32 5.90 11.76
C ALA C 155 -14.52 4.90 10.95
N ALA C 156 -15.22 4.08 10.20
CA ALA C 156 -14.57 2.96 9.55
C ALA C 156 -13.58 3.44 8.53
N TRP C 157 -13.80 4.63 7.95
CA TRP C 157 -12.90 5.14 6.92
C TRP C 157 -11.64 5.81 7.50
N SER C 158 -11.58 5.97 8.82
CA SER C 158 -10.48 6.66 9.47
C SER C 158 -9.23 5.79 9.56
N THR C 159 -9.22 4.57 9.00
CA THR C 159 -7.95 3.84 8.92
C THR C 159 -7.06 4.68 8.03
N GLY C 160 -5.81 4.90 8.42
CA GLY C 160 -4.99 5.82 7.61
C GLY C 160 -5.09 7.32 7.92
N LYS C 161 -5.84 7.72 8.95
CA LYS C 161 -5.88 9.09 9.40
C LYS C 161 -5.05 9.35 10.64
N ASP C 162 -4.57 10.57 10.80
CA ASP C 162 -3.58 10.90 11.81
C ASP C 162 -4.26 11.49 13.05
N TYR C 163 -3.71 11.09 14.18
CA TYR C 163 -4.16 11.58 15.48
C TYR C 163 -2.92 11.87 16.32
N GLU C 164 -3.16 12.63 17.41
CA GLU C 164 -2.18 13.02 18.38
C GLU C 164 -1.61 11.76 19.01
N SER C 165 -2.49 10.98 19.65
CA SER C 165 -2.11 9.75 20.32
C SER C 165 -1.81 8.63 19.32
N GLY C 166 -1.95 8.95 18.01
CA GLY C 166 -1.73 8.03 16.91
C GLY C 166 -2.98 7.19 16.61
N ASN C 167 -3.02 6.66 15.39
CA ASN C 167 -4.07 5.77 14.92
C ASN C 167 -3.87 4.41 15.59
N SER C 168 -4.90 3.92 16.30
CA SER C 168 -4.79 2.59 16.92
C SER C 168 -4.84 1.47 15.89
N GLY C 169 -5.52 1.74 14.78
CA GLY C 169 -5.80 0.73 13.77
C GLY C 169 -6.95 -0.15 14.19
N HIS C 170 -7.40 -0.02 15.45
CA HIS C 170 -8.48 -0.83 15.98
C HIS C 170 -9.74 0.00 15.91
N ARG C 171 -10.56 -0.27 14.89
CA ARG C 171 -11.85 0.41 14.76
C ARG C 171 -12.82 -0.53 14.06
N PRO C 172 -14.14 -0.30 14.18
CA PRO C 172 -15.14 -1.08 13.46
C PRO C 172 -15.00 -1.00 11.95
N ARG C 173 -15.15 -2.13 11.25
CA ARG C 173 -15.24 -2.06 9.80
C ARG C 173 -16.68 -1.68 9.45
N VAL C 174 -16.98 -1.49 8.17
CA VAL C 174 -18.30 -1.06 7.73
C VAL C 174 -19.30 -2.15 8.06
N LYS C 175 -20.40 -1.78 8.74
CA LYS C 175 -21.45 -2.71 9.12
C LYS C 175 -20.95 -3.68 10.20
N GLY C 176 -19.68 -3.62 10.54
CA GLY C 176 -19.11 -4.57 11.46
C GLY C 176 -18.91 -3.96 12.85
N GLY C 177 -19.84 -3.12 13.27
CA GLY C 177 -19.74 -2.58 14.61
C GLY C 177 -20.48 -3.47 15.59
N TYR C 178 -20.82 -4.70 15.17
CA TYR C 178 -21.71 -5.59 15.89
C TYR C 178 -20.95 -6.36 16.99
N PHE C 179 -20.82 -5.65 18.12
CA PHE C 179 -20.42 -6.08 19.43
C PHE C 179 -18.93 -6.38 19.57
N PRO C 180 -17.94 -5.94 18.78
CA PRO C 180 -16.59 -6.40 19.04
C PRO C 180 -16.04 -5.75 20.30
N VAL C 181 -14.98 -6.33 20.88
CA VAL C 181 -14.55 -5.95 22.23
C VAL C 181 -13.79 -4.62 22.20
N PRO C 182 -13.70 -3.93 23.38
CA PRO C 182 -13.33 -2.54 23.54
C PRO C 182 -12.15 -2.00 22.73
N PRO C 183 -11.01 -2.71 22.57
CA PRO C 183 -10.06 -2.21 21.57
C PRO C 183 -10.83 -2.40 20.27
N VAL C 184 -11.43 -1.35 19.72
CA VAL C 184 -12.31 -1.48 18.58
C VAL C 184 -13.52 -0.72 19.07
N ASP C 185 -14.17 -1.19 20.14
CA ASP C 185 -15.45 -0.62 20.56
C ASP C 185 -15.28 0.83 20.96
N SER C 186 -14.55 1.10 22.05
CA SER C 186 -14.32 2.47 22.53
C SER C 186 -15.50 3.00 23.34
N ALA C 187 -16.72 2.60 23.00
CA ALA C 187 -17.90 3.30 23.48
C ALA C 187 -18.30 2.92 24.89
N GLN C 188 -17.73 1.85 25.43
CA GLN C 188 -18.28 1.31 26.65
C GLN C 188 -18.36 2.42 27.69
N ASP C 189 -17.21 2.98 28.05
CA ASP C 189 -17.18 3.89 29.18
C ASP C 189 -18.22 5.00 28.99
N MET C 190 -18.30 5.51 27.76
CA MET C 190 -19.21 6.59 27.45
C MET C 190 -20.65 6.12 27.59
N ARG C 191 -20.98 4.98 26.97
CA ARG C 191 -22.31 4.43 27.09
C ARG C 191 -22.67 4.25 28.56
N ALA C 192 -21.72 3.71 29.34
CA ALA C 192 -21.92 3.51 30.76
C ALA C 192 -22.34 4.80 31.44
N GLU C 193 -21.58 5.88 31.18
CA GLU C 193 -21.90 7.18 31.76
C GLU C 193 -23.28 7.61 31.28
N MET C 194 -23.58 7.42 30.00
CA MET C 194 -24.90 7.76 29.49
C MET C 194 -25.96 7.05 30.33
N CYS C 195 -25.76 5.76 30.57
CA CYS C 195 -26.70 4.97 31.33
C CYS C 195 -26.82 5.52 32.74
N ALA C 196 -25.69 5.86 33.35
CA ALA C 196 -25.68 6.38 34.72
C ALA C 196 -26.50 7.67 34.77
N LYS C 197 -26.33 8.52 33.76
CA LYS C 197 -27.07 9.78 33.70
C LYS C 197 -28.56 9.50 33.53
N ILE C 198 -28.92 8.53 32.69
CA ILE C 198 -30.32 8.16 32.53
C ILE C 198 -30.92 7.80 33.89
N GLU C 199 -30.22 6.97 34.66
CA GLU C 199 -30.68 6.58 35.98
C GLU C 199 -30.83 7.79 36.88
N ASP C 200 -29.94 8.77 36.77
CA ASP C 200 -30.09 10.00 37.53
C ASP C 200 -31.44 10.60 37.18
N ILE C 201 -31.78 10.63 35.88
CA ILE C 201 -33.01 11.24 35.39
C ILE C 201 -34.21 10.37 35.75
N MET C 202 -34.28 9.17 35.17
CA MET C 202 -35.44 8.31 35.30
C MET C 202 -35.42 7.42 36.56
N GLY C 203 -34.38 7.55 37.39
CA GLY C 203 -34.28 6.76 38.60
C GLY C 203 -33.84 5.32 38.31
N PRO C 204 -33.73 4.47 39.37
CA PRO C 204 -33.15 3.14 39.24
C PRO C 204 -33.92 2.23 38.28
N GLY C 205 -33.27 1.11 37.93
CA GLY C 205 -33.76 0.26 36.87
C GLY C 205 -33.84 1.09 35.60
N ARG C 206 -34.91 0.81 34.86
CA ARG C 206 -35.23 1.58 33.66
C ARG C 206 -34.29 1.27 32.49
N VAL C 207 -33.07 0.77 32.71
CA VAL C 207 -32.13 0.61 31.62
C VAL C 207 -31.88 -0.89 31.38
N GLU C 208 -32.16 -1.35 30.15
CA GLU C 208 -32.21 -2.76 29.83
C GLU C 208 -30.85 -3.27 29.37
N VAL C 209 -30.16 -2.54 28.48
CA VAL C 209 -28.94 -3.03 27.86
C VAL C 209 -28.24 -1.89 27.13
N HIS C 210 -26.87 -1.95 27.05
CA HIS C 210 -26.09 -1.01 26.23
C HIS C 210 -25.10 -1.76 25.37
N HIS C 211 -25.19 -1.56 24.05
CA HIS C 211 -24.32 -2.23 23.09
C HIS C 211 -23.93 -1.27 21.94
N HIS C 212 -23.10 -1.77 21.03
CA HIS C 212 -22.65 -1.00 19.88
C HIS C 212 -23.43 -1.49 18.66
N GLU C 213 -24.11 -0.57 17.96
CA GLU C 213 -24.85 -0.98 16.77
C GLU C 213 -23.91 -1.23 15.61
N VAL C 214 -24.47 -1.73 14.51
CA VAL C 214 -23.70 -2.26 13.40
C VAL C 214 -22.83 -1.20 12.75
N ALA C 215 -23.39 -0.05 12.38
CA ALA C 215 -22.63 0.99 11.69
C ALA C 215 -21.50 1.50 12.57
N SER C 216 -20.37 1.87 11.97
CA SER C 216 -19.30 2.51 12.73
C SER C 216 -19.89 3.69 13.48
N CYS C 217 -19.48 3.88 14.75
CA CYS C 217 -19.93 5.02 15.55
C CYS C 217 -21.41 4.93 15.96
N GLN C 218 -22.08 3.79 15.78
CA GLN C 218 -23.51 3.73 16.08
C GLN C 218 -23.68 2.99 17.39
N LEU C 219 -24.49 3.53 18.29
CA LEU C 219 -24.63 2.97 19.63
C LEU C 219 -26.11 2.78 19.96
N GLU C 220 -26.41 1.77 20.80
CA GLU C 220 -27.76 1.60 21.30
C GLU C 220 -27.74 1.49 22.82
N ILE C 221 -28.60 2.26 23.49
CA ILE C 221 -28.99 2.00 24.86
C ILE C 221 -30.49 1.65 24.87
N GLY C 222 -30.83 0.60 25.65
CA GLY C 222 -32.21 0.14 25.79
C GLY C 222 -32.83 0.67 27.07
N VAL C 223 -34.02 1.24 26.91
CA VAL C 223 -34.73 1.81 28.06
C VAL C 223 -36.08 1.10 28.17
N SER C 224 -36.51 0.80 29.40
CA SER C 224 -37.71 0.01 29.69
C SER C 224 -38.95 0.68 29.09
N PHE C 225 -39.92 -0.16 28.68
CA PHE C 225 -41.13 0.39 28.08
C PHE C 225 -41.96 1.07 29.16
N ASN C 226 -42.88 1.96 28.74
CA ASN C 226 -43.77 2.62 29.68
C ASN C 226 -45.07 2.97 28.97
N THR C 227 -46.02 3.60 29.67
CA THR C 227 -47.22 4.11 29.03
C THR C 227 -46.88 5.24 28.05
N LEU C 228 -47.75 5.48 27.06
CA LEU C 228 -47.68 6.67 26.21
C LEU C 228 -47.72 7.88 27.14
N VAL C 229 -47.18 9.00 26.71
CA VAL C 229 -47.10 10.17 27.58
C VAL C 229 -45.86 9.94 28.44
N ARG C 230 -45.88 8.95 29.34
CA ARG C 230 -44.68 8.76 30.14
C ARG C 230 -43.50 8.40 29.23
N LYS C 231 -43.70 7.42 28.33
CA LYS C 231 -42.63 6.92 27.49
C LYS C 231 -42.19 8.04 26.55
N ALA C 232 -43.18 8.81 26.05
CA ALA C 232 -42.84 9.91 25.17
C ALA C 232 -41.96 10.91 25.94
N ASP C 233 -42.31 11.20 27.20
CA ASP C 233 -41.47 12.07 28.02
C ASP C 233 -40.06 11.48 28.15
N GLU C 234 -40.00 10.18 28.36
CA GLU C 234 -38.74 9.50 28.59
C GLU C 234 -37.91 9.43 27.32
N VAL C 235 -38.57 9.37 26.15
CA VAL C 235 -37.83 9.41 24.90
C VAL C 235 -37.01 10.70 24.92
N GLN C 236 -37.70 11.81 25.17
CA GLN C 236 -37.05 13.11 25.09
C GLN C 236 -35.93 13.16 26.11
N GLN C 237 -36.15 12.59 27.30
CA GLN C 237 -35.13 12.61 28.32
C GLN C 237 -33.91 11.77 27.89
N PHE C 238 -34.16 10.61 27.29
CA PHE C 238 -33.08 9.79 26.77
C PHE C 238 -32.24 10.59 25.78
N LYS C 239 -32.89 11.18 24.76
CA LYS C 239 -32.17 11.97 23.77
C LYS C 239 -31.32 13.00 24.47
N TYR C 240 -31.89 13.75 25.41
CA TYR C 240 -31.16 14.80 26.12
C TYR C 240 -29.92 14.19 26.75
N ALA C 241 -30.06 13.07 27.47
CA ALA C 241 -28.92 12.50 28.16
C ALA C 241 -27.82 12.20 27.17
N VAL C 242 -28.15 11.47 26.10
CA VAL C 242 -27.12 10.99 25.20
C VAL C 242 -26.47 12.21 24.56
N TRP C 243 -27.26 13.21 24.15
CA TRP C 243 -26.69 14.39 23.53
C TRP C 243 -25.62 14.96 24.45
N ASN C 244 -26.01 15.25 25.69
CA ASN C 244 -25.16 16.00 26.58
C ASN C 244 -23.99 15.15 27.03
N VAL C 245 -24.18 13.86 27.31
CA VAL C 245 -23.05 13.05 27.76
C VAL C 245 -21.97 13.10 26.68
N ALA C 246 -22.40 12.88 25.43
CA ALA C 246 -21.48 12.88 24.31
C ALA C 246 -20.71 14.19 24.29
N HIS C 247 -21.46 15.28 24.46
CA HIS C 247 -20.88 16.60 24.38
C HIS C 247 -19.82 16.74 25.45
N GLN C 248 -20.02 16.10 26.60
CA GLN C 248 -19.03 16.20 27.66
C GLN C 248 -17.79 15.41 27.30
N TYR C 249 -17.93 14.44 26.40
CA TYR C 249 -16.79 13.67 25.92
C TYR C 249 -16.26 14.29 24.63
N ALA C 250 -16.59 15.56 24.43
CA ALA C 250 -16.09 16.34 23.32
C ALA C 250 -16.55 15.77 21.99
N LYS C 251 -17.71 15.09 21.99
CA LYS C 251 -18.19 14.43 20.78
C LYS C 251 -19.60 14.90 20.53
N THR C 252 -20.20 14.46 19.43
CA THR C 252 -21.54 14.91 19.14
C THR C 252 -22.40 13.70 18.78
N ALA C 253 -23.65 13.74 19.27
CA ALA C 253 -24.58 12.65 19.07
C ALA C 253 -25.70 13.09 18.14
N THR C 254 -26.22 12.18 17.33
CA THR C 254 -27.33 12.51 16.43
C THR C 254 -28.26 11.32 16.33
N PHE C 255 -29.56 11.65 16.48
CA PHE C 255 -30.58 10.63 16.35
C PHE C 255 -31.16 10.61 14.95
N MET C 256 -30.52 11.33 14.05
CA MET C 256 -30.84 11.27 12.65
C MET C 256 -30.80 9.80 12.21
N PRO C 257 -31.67 9.42 11.26
CA PRO C 257 -31.46 8.20 10.48
C PRO C 257 -30.35 8.40 9.48
N LYS C 258 -29.95 7.34 8.79
CA LYS C 258 -28.95 7.41 7.72
C LYS C 258 -28.12 8.72 7.66
N PRO C 259 -27.27 9.04 8.64
CA PRO C 259 -26.34 10.14 8.50
C PRO C 259 -25.16 9.74 7.61
N MET C 260 -24.82 8.46 7.69
CA MET C 260 -23.75 7.85 6.94
C MET C 260 -24.40 6.99 5.87
N VAL C 261 -24.02 7.14 4.60
CA VAL C 261 -24.56 6.32 3.54
C VAL C 261 -23.67 5.12 3.41
N GLY C 262 -24.26 3.97 3.14
CA GLY C 262 -23.49 2.76 2.92
C GLY C 262 -23.28 1.99 4.21
N ASP C 263 -23.88 2.48 5.30
CA ASP C 263 -23.84 1.76 6.54
C ASP C 263 -25.24 1.91 7.12
N ASN C 264 -25.43 1.28 8.25
CA ASN C 264 -26.70 1.08 8.85
C ASN C 264 -27.34 2.41 9.25
N GLY C 265 -28.67 2.51 9.04
CA GLY C 265 -29.39 3.68 9.49
C GLY C 265 -29.77 3.53 10.96
N SER C 266 -30.08 4.63 11.64
CA SER C 266 -30.57 4.54 13.01
C SER C 266 -32.10 4.46 13.00
N GLY C 267 -32.68 3.45 13.65
CA GLY C 267 -34.11 3.25 13.63
C GLY C 267 -34.73 3.23 15.03
N MET C 268 -36.03 3.53 15.08
CA MET C 268 -36.81 3.48 16.31
C MET C 268 -37.90 2.42 16.14
N HIS C 269 -37.61 1.14 16.43
CA HIS C 269 -38.65 0.13 16.50
C HIS C 269 -39.57 0.51 17.68
N VAL C 270 -40.89 0.40 17.48
CA VAL C 270 -41.87 0.72 18.51
C VAL C 270 -42.61 -0.54 18.96
N HIS C 271 -42.46 -0.85 20.23
CA HIS C 271 -43.13 -1.98 20.85
C HIS C 271 -44.44 -1.49 21.45
N MET C 272 -45.52 -2.28 21.27
CA MET C 272 -46.84 -1.83 21.66
C MET C 272 -47.61 -2.96 22.33
N SER C 273 -48.35 -2.61 23.39
CA SER C 273 -49.31 -3.48 24.09
C SER C 273 -50.51 -2.67 24.55
N ILE C 274 -51.65 -3.34 24.75
CA ILE C 274 -52.81 -2.74 25.41
C ILE C 274 -53.13 -3.56 26.66
N SER C 275 -53.41 -2.89 27.79
CA SER C 275 -53.91 -3.55 29.00
C SER C 275 -55.27 -2.99 29.42
N LYS C 276 -56.13 -3.84 29.97
CA LYS C 276 -57.46 -3.45 30.45
C LYS C 276 -57.74 -4.03 31.84
N ASP C 277 -57.82 -3.17 32.84
CA ASP C 277 -57.89 -3.59 34.25
C ASP C 277 -56.69 -4.48 34.56
N GLY C 278 -55.53 -4.13 34.03
CA GLY C 278 -54.29 -4.84 34.26
C GLY C 278 -54.24 -6.24 33.66
N LYS C 279 -54.78 -6.44 32.45
CA LYS C 279 -54.61 -7.70 31.74
C LYS C 279 -54.22 -7.47 30.28
N ASN C 280 -53.17 -8.14 29.82
CA ASN C 280 -52.61 -7.89 28.51
C ASN C 280 -53.56 -8.43 27.45
N LEU C 281 -54.22 -7.50 26.76
CA LEU C 281 -55.20 -7.87 25.75
C LEU C 281 -54.53 -8.50 24.54
N PHE C 282 -53.22 -8.28 24.38
CA PHE C 282 -52.56 -8.74 23.18
C PHE C 282 -52.31 -10.25 23.24
N ALA C 283 -52.26 -10.79 24.46
CA ALA C 283 -52.06 -12.22 24.67
C ALA C 283 -53.25 -13.02 24.12
N GLY C 284 -52.97 -14.12 23.41
CA GLY C 284 -54.01 -14.99 22.90
C GLY C 284 -53.41 -16.23 22.28
N ASP C 285 -54.24 -16.95 21.51
CA ASP C 285 -53.76 -18.14 20.81
C ASP C 285 -54.14 -18.10 19.33
N GLU C 286 -54.31 -16.89 18.79
CA GLU C 286 -54.55 -16.74 17.36
C GLU C 286 -53.25 -17.08 16.62
N TYR C 287 -52.20 -16.28 16.77
CA TYR C 287 -51.01 -16.47 15.96
C TYR C 287 -49.82 -16.15 16.85
N ALA C 288 -48.94 -17.15 17.07
CA ALA C 288 -47.72 -16.88 17.81
C ALA C 288 -48.08 -16.08 19.07
N GLY C 289 -49.13 -16.54 19.77
CA GLY C 289 -49.53 -16.04 21.07
C GLY C 289 -50.30 -14.73 21.01
N LEU C 290 -50.89 -14.40 19.84
CA LEU C 290 -51.50 -13.10 19.67
C LEU C 290 -53.02 -13.21 19.72
N SER C 291 -53.63 -12.27 20.45
CA SER C 291 -55.07 -12.16 20.45
C SER C 291 -55.58 -11.65 19.11
N GLU C 292 -56.84 -11.93 18.78
CA GLU C 292 -57.52 -11.34 17.63
C GLU C 292 -57.43 -9.81 17.70
N MET C 293 -57.48 -9.28 18.93
CA MET C 293 -57.36 -7.86 19.15
C MET C 293 -56.09 -7.36 18.46
N ALA C 294 -54.96 -7.97 18.83
CA ALA C 294 -53.68 -7.56 18.32
C ALA C 294 -53.62 -7.78 16.81
N LEU C 295 -54.23 -8.86 16.27
CA LEU C 295 -54.23 -9.03 14.84
C LEU C 295 -54.91 -7.82 14.17
N TYR C 296 -55.93 -7.28 14.82
CA TYR C 296 -56.64 -6.17 14.22
C TYR C 296 -55.79 -4.93 14.36
N PHE C 297 -55.12 -4.75 15.51
CA PHE C 297 -54.21 -3.64 15.70
C PHE C 297 -53.28 -3.56 14.51
N ILE C 298 -52.65 -4.72 14.23
CA ILE C 298 -51.73 -4.87 13.13
C ILE C 298 -52.39 -4.42 11.84
N GLY C 299 -53.58 -4.97 11.53
CA GLY C 299 -54.24 -4.68 10.27
C GLY C 299 -54.37 -3.18 10.03
N GLY C 300 -54.83 -2.47 11.05
CA GLY C 300 -55.09 -1.04 10.96
C GLY C 300 -53.83 -0.27 10.57
N ILE C 301 -52.76 -0.57 11.29
CA ILE C 301 -51.48 0.03 11.04
C ILE C 301 -51.05 -0.27 9.61
N ILE C 302 -51.14 -1.52 9.19
CA ILE C 302 -50.74 -1.85 7.82
C ILE C 302 -51.57 -1.02 6.83
N LYS C 303 -52.87 -0.90 7.09
CA LYS C 303 -53.75 -0.18 6.18
C LYS C 303 -53.28 1.26 6.08
N HIS C 304 -53.08 1.91 7.23
CA HIS C 304 -52.80 3.33 7.31
C HIS C 304 -51.30 3.65 7.26
N ALA C 305 -50.45 2.68 6.93
CA ALA C 305 -49.00 2.85 7.06
C ALA C 305 -48.47 4.06 6.26
N ARG C 306 -48.79 4.15 4.96
CA ARG C 306 -48.22 5.23 4.17
C ARG C 306 -48.52 6.56 4.84
N ALA C 307 -49.73 6.77 5.29
CA ALA C 307 -50.06 7.98 6.03
C ALA C 307 -49.28 8.05 7.34
N LEU C 308 -49.23 6.92 8.04
CA LEU C 308 -48.53 6.84 9.30
C LEU C 308 -47.05 7.19 9.07
N ASN C 309 -46.49 7.00 7.89
CA ASN C 309 -45.12 7.36 7.61
C ASN C 309 -44.84 8.82 7.90
N ALA C 310 -45.76 9.77 7.78
CA ALA C 310 -45.50 11.06 8.43
C ALA C 310 -45.85 10.84 9.90
N ILE C 311 -45.31 11.58 10.88
CA ILE C 311 -45.54 11.12 12.27
C ILE C 311 -45.01 9.69 12.38
N THR C 312 -43.72 9.49 12.71
CA THR C 312 -42.92 8.29 12.40
C THR C 312 -42.32 8.68 11.07
N ASN C 313 -41.07 8.34 10.77
CA ASN C 313 -40.49 8.77 9.48
C ASN C 313 -40.93 10.18 9.00
N PRO C 314 -40.88 11.24 9.84
CA PRO C 314 -41.26 12.57 9.45
C PRO C 314 -40.13 13.44 8.90
N SER C 315 -39.06 12.80 8.44
CA SER C 315 -37.90 13.54 7.96
C SER C 315 -37.63 13.09 6.54
N THR C 316 -37.17 14.01 5.69
CA THR C 316 -36.82 13.63 4.34
C THR C 316 -35.73 12.55 4.41
N ASN C 317 -34.90 12.64 5.46
CA ASN C 317 -33.80 11.72 5.64
C ASN C 317 -34.32 10.30 5.94
N SER C 318 -35.54 10.21 6.47
CA SER C 318 -36.06 8.93 6.91
C SER C 318 -36.05 7.96 5.74
N TYR C 319 -36.30 8.49 4.54
CA TYR C 319 -36.49 7.68 3.36
C TYR C 319 -35.15 7.26 2.76
N LYS C 320 -34.07 7.81 3.30
CA LYS C 320 -32.74 7.28 2.99
C LYS C 320 -32.59 5.93 3.64
N ARG C 321 -33.15 5.76 4.86
CA ARG C 321 -33.12 4.51 5.58
C ARG C 321 -33.99 3.48 4.88
N LEU C 322 -35.22 3.89 4.53
CA LEU C 322 -36.23 2.98 4.04
C LEU C 322 -35.98 2.58 2.59
N VAL C 323 -34.94 1.77 2.38
CA VAL C 323 -34.40 1.55 1.06
C VAL C 323 -34.45 0.05 0.76
N PRO C 324 -34.84 -0.36 -0.47
CA PRO C 324 -34.82 -1.77 -0.86
C PRO C 324 -33.45 -2.44 -0.68
N HIS C 325 -33.22 -3.00 0.51
CA HIS C 325 -31.97 -3.67 0.83
C HIS C 325 -32.18 -4.49 2.11
N PHE C 326 -31.06 -4.91 2.70
CA PHE C 326 -31.07 -5.74 3.89
C PHE C 326 -31.35 -4.82 5.08
N GLU C 327 -31.79 -5.44 6.19
CA GLU C 327 -32.09 -4.71 7.41
C GLU C 327 -33.14 -3.61 7.12
N ALA C 328 -34.01 -3.86 6.12
CA ALA C 328 -34.95 -2.83 5.66
C ALA C 328 -36.41 -3.21 5.93
N PRO C 329 -37.10 -2.59 6.92
CA PRO C 329 -38.52 -2.86 7.17
C PRO C 329 -39.43 -2.20 6.14
N ILE C 330 -39.17 -2.43 4.86
CA ILE C 330 -39.85 -1.68 3.81
C ILE C 330 -41.15 -2.39 3.45
N MET C 331 -41.17 -3.73 3.55
CA MET C 331 -42.35 -4.51 3.20
C MET C 331 -43.37 -4.44 4.33
N LEU C 332 -44.61 -4.10 3.95
CA LEU C 332 -45.73 -3.96 4.86
C LEU C 332 -46.31 -5.33 5.16
N ALA C 333 -45.78 -5.98 6.19
CA ALA C 333 -46.26 -7.31 6.56
C ALA C 333 -46.03 -7.57 8.04
N TYR C 334 -46.37 -8.78 8.51
CA TYR C 334 -46.10 -9.16 9.88
C TYR C 334 -45.57 -10.59 9.90
N SER C 335 -44.60 -10.82 10.80
CA SER C 335 -44.15 -12.15 11.20
C SER C 335 -43.36 -12.06 12.50
N ALA C 336 -43.30 -13.15 13.26
CA ALA C 336 -42.45 -13.15 14.44
C ALA C 336 -40.99 -13.40 14.06
N ARG C 337 -40.76 -14.19 12.99
CA ARG C 337 -39.44 -14.71 12.69
C ARG C 337 -38.93 -14.26 11.32
N ASN C 338 -39.44 -13.12 10.80
CA ASN C 338 -39.04 -12.68 9.48
C ASN C 338 -38.57 -11.23 9.54
N ARG C 339 -37.39 -11.01 8.95
CA ARG C 339 -36.89 -9.68 8.67
C ARG C 339 -37.58 -9.18 7.39
N SER C 340 -37.42 -7.89 7.11
CA SER C 340 -38.11 -7.22 6.02
C SER C 340 -39.61 -7.21 6.31
N ALA C 341 -40.00 -7.60 7.52
CA ALA C 341 -41.34 -7.42 8.00
C ALA C 341 -41.40 -6.08 8.72
N SER C 342 -42.24 -5.17 8.23
CA SER C 342 -42.35 -3.86 8.87
C SER C 342 -42.86 -4.06 10.31
N ILE C 343 -43.68 -5.08 10.53
CA ILE C 343 -44.22 -5.40 11.85
C ILE C 343 -43.70 -6.78 12.24
N ARG C 344 -43.24 -6.93 13.47
CA ARG C 344 -42.54 -8.12 13.92
C ARG C 344 -43.11 -8.47 15.28
N ILE C 345 -43.20 -9.77 15.60
CA ILE C 345 -43.71 -10.21 16.87
C ILE C 345 -42.56 -10.73 17.72
N PRO C 346 -42.14 -9.99 18.76
CA PRO C 346 -41.02 -10.38 19.60
C PRO C 346 -41.26 -11.67 20.36
N TYR C 347 -40.20 -12.47 20.49
CA TYR C 347 -40.12 -13.56 21.45
C TYR C 347 -40.17 -13.01 22.87
N VAL C 348 -41.30 -13.24 23.54
CA VAL C 348 -41.61 -12.58 24.80
C VAL C 348 -41.52 -13.57 25.96
N SER C 349 -41.34 -14.87 25.65
CA SER C 349 -41.41 -15.95 26.62
C SER C 349 -42.76 -16.02 27.32
N ASN C 350 -42.86 -15.46 28.55
CA ASN C 350 -44.13 -15.36 29.25
C ASN C 350 -45.12 -14.63 28.36
N PRO C 351 -46.31 -15.19 28.03
CA PRO C 351 -47.33 -14.42 27.32
C PRO C 351 -47.80 -13.19 28.08
N LYS C 352 -47.46 -13.05 29.36
CA LYS C 352 -47.83 -11.89 30.13
C LYS C 352 -47.37 -10.59 29.47
N GLY C 353 -46.20 -10.54 28.89
CA GLY C 353 -45.73 -9.30 28.30
C GLY C 353 -45.89 -9.28 26.78
N LYS C 354 -46.74 -10.12 26.19
CA LYS C 354 -46.79 -10.24 24.73
C LYS C 354 -47.06 -8.89 24.11
N ARG C 355 -46.21 -8.47 23.16
CA ARG C 355 -46.37 -7.18 22.50
C ARG C 355 -46.14 -7.35 20.99
N ILE C 356 -46.32 -6.26 20.24
CA ILE C 356 -46.02 -6.21 18.82
C ILE C 356 -45.04 -5.06 18.53
N GLU C 357 -44.12 -5.26 17.57
CA GLU C 357 -43.06 -4.30 17.27
C GLU C 357 -43.21 -3.80 15.84
N ALA C 358 -43.15 -2.50 15.62
CA ALA C 358 -43.14 -1.89 14.28
C ALA C 358 -41.75 -1.33 14.00
N ARG C 359 -41.05 -1.85 13.00
CA ARG C 359 -39.64 -1.55 12.81
C ARG C 359 -39.43 -0.36 11.87
N PHE C 360 -40.49 0.12 11.20
CA PHE C 360 -40.32 1.13 10.17
C PHE C 360 -40.02 2.51 10.78
N PRO C 361 -40.52 2.93 11.97
CA PRO C 361 -40.26 4.29 12.45
C PRO C 361 -38.77 4.59 12.70
N ASP C 362 -38.37 5.87 12.59
CA ASP C 362 -37.02 6.32 12.93
C ASP C 362 -37.10 7.33 14.07
N PRO C 363 -35.99 7.68 14.76
CA PRO C 363 -36.07 8.55 15.93
C PRO C 363 -36.56 9.94 15.62
N MET C 364 -36.83 10.23 14.35
CA MET C 364 -37.26 11.55 14.01
C MET C 364 -38.73 11.75 14.37
N MET C 365 -39.41 10.63 14.60
CA MET C 365 -40.82 10.62 14.96
C MET C 365 -41.00 11.38 16.29
N ASN C 366 -42.06 12.21 16.30
CA ASN C 366 -42.48 12.91 17.50
C ASN C 366 -42.96 11.85 18.47
N PRO C 367 -42.34 11.62 19.63
CA PRO C 367 -42.83 10.57 20.51
C PRO C 367 -44.34 10.72 20.76
N TYR C 368 -44.73 11.89 21.25
CA TYR C 368 -46.10 12.11 21.61
C TYR C 368 -46.95 11.84 20.38
N LEU C 369 -46.80 12.66 19.36
CA LEU C 369 -47.67 12.56 18.19
C LEU C 369 -47.57 11.16 17.59
N GLY C 370 -46.37 10.60 17.54
CA GLY C 370 -46.14 9.33 16.88
C GLY C 370 -46.85 8.17 17.58
N PHE C 371 -46.55 8.00 18.87
CA PHE C 371 -47.17 6.93 19.62
C PHE C 371 -48.69 7.00 19.42
N ALA C 372 -49.25 8.21 19.60
CA ALA C 372 -50.69 8.44 19.53
C ALA C 372 -51.23 7.94 18.19
N ALA C 373 -50.63 8.40 17.08
CA ALA C 373 -51.09 8.03 15.74
C ALA C 373 -51.11 6.52 15.56
N LEU C 374 -50.10 5.83 16.10
CA LEU C 374 -50.07 4.37 16.00
C LEU C 374 -51.28 3.74 16.69
N LEU C 375 -51.62 4.24 17.89
CA LEU C 375 -52.76 3.76 18.64
C LEU C 375 -54.07 3.96 17.86
N MET C 376 -54.28 5.19 17.40
CA MET C 376 -55.48 5.52 16.67
C MET C 376 -55.63 4.57 15.48
N ALA C 377 -54.55 4.36 14.71
CA ALA C 377 -54.57 3.43 13.58
C ALA C 377 -54.81 2.01 14.08
N GLY C 378 -54.14 1.64 15.16
CA GLY C 378 -54.35 0.35 15.77
C GLY C 378 -55.82 0.10 16.11
N ILE C 379 -56.45 1.03 16.82
CA ILE C 379 -57.83 0.82 17.26
C ILE C 379 -58.79 0.89 16.07
N ASP C 380 -58.46 1.65 15.03
CA ASP C 380 -59.28 1.63 13.82
C ASP C 380 -59.34 0.18 13.31
N GLY C 381 -58.22 -0.53 13.47
CA GLY C 381 -58.17 -1.91 13.07
C GLY C 381 -59.16 -2.74 13.87
N ILE C 382 -59.07 -2.62 15.19
CA ILE C 382 -59.95 -3.31 16.14
C ILE C 382 -61.40 -2.97 15.82
N GLN C 383 -61.69 -1.67 15.80
CA GLN C 383 -63.07 -1.22 15.61
C GLN C 383 -63.63 -1.76 14.30
N ASN C 384 -62.85 -1.74 13.23
CA ASN C 384 -63.35 -2.20 11.95
C ASN C 384 -62.93 -3.64 11.70
N LYS C 385 -62.44 -4.33 12.74
CA LYS C 385 -62.07 -5.73 12.65
C LYS C 385 -61.26 -5.96 11.36
N ILE C 386 -60.24 -5.10 11.16
CA ILE C 386 -59.41 -5.13 9.95
C ILE C 386 -58.53 -6.36 10.02
N HIS C 387 -58.63 -7.24 9.01
CA HIS C 387 -57.82 -8.47 8.99
C HIS C 387 -56.44 -8.11 8.49
N PRO C 388 -55.34 -8.45 9.23
CA PRO C 388 -53.99 -8.08 8.81
C PRO C 388 -53.49 -8.91 7.64
N GLY C 389 -54.32 -9.86 7.19
CA GLY C 389 -53.95 -10.77 6.12
C GLY C 389 -53.10 -11.89 6.69
N GLU C 390 -52.65 -12.77 5.80
CA GLU C 390 -51.75 -13.86 6.12
C GLU C 390 -50.39 -13.33 6.59
N ALA C 391 -49.71 -14.11 7.43
CA ALA C 391 -48.37 -13.74 7.87
C ALA C 391 -47.33 -14.35 6.92
N ALA C 392 -46.44 -13.50 6.35
CA ALA C 392 -45.34 -13.99 5.55
C ALA C 392 -44.17 -14.25 6.48
N ASP C 393 -43.87 -15.51 6.82
CA ASP C 393 -42.68 -15.80 7.60
C ASP C 393 -41.54 -16.27 6.69
N LYS C 394 -41.90 -16.65 5.45
CA LYS C 394 -41.01 -17.44 4.60
C LYS C 394 -39.72 -16.66 4.30
N ASN C 395 -39.79 -15.61 3.47
CA ASN C 395 -38.60 -15.02 2.88
C ASN C 395 -38.80 -13.53 2.69
N LEU C 396 -37.75 -12.77 2.93
CA LEU C 396 -37.78 -11.32 2.81
C LEU C 396 -38.14 -10.88 1.37
N TYR C 397 -37.16 -10.79 0.46
CA TYR C 397 -37.33 -10.33 -0.91
C TYR C 397 -36.74 -11.35 -1.88
N ASP C 398 -37.57 -11.89 -2.80
CA ASP C 398 -37.15 -12.95 -3.73
C ASP C 398 -37.62 -12.61 -5.16
N LEU C 399 -37.75 -13.64 -6.02
CA LEU C 399 -38.25 -13.52 -7.38
C LEU C 399 -39.68 -12.98 -7.38
N PRO C 400 -40.15 -12.26 -8.43
CA PRO C 400 -41.56 -11.91 -8.52
C PRO C 400 -42.40 -12.94 -9.27
N PRO C 401 -43.16 -13.83 -8.59
CA PRO C 401 -44.14 -14.66 -9.29
C PRO C 401 -45.38 -13.83 -9.59
N GLU C 402 -45.17 -12.65 -10.16
CA GLU C 402 -46.15 -11.56 -10.18
C GLU C 402 -46.53 -11.15 -8.75
N GLU C 403 -45.81 -11.68 -7.74
CA GLU C 403 -46.02 -11.38 -6.33
C GLU C 403 -44.70 -10.78 -5.83
N GLU C 404 -44.64 -10.46 -4.54
CA GLU C 404 -43.50 -9.78 -3.94
C GLU C 404 -43.43 -8.35 -4.51
N ALA C 405 -43.45 -8.23 -5.84
CA ALA C 405 -43.76 -6.97 -6.51
C ALA C 405 -45.08 -6.43 -5.97
N LYS C 406 -46.09 -7.30 -5.86
CA LYS C 406 -47.41 -6.95 -5.36
C LYS C 406 -47.39 -6.66 -3.84
N ILE C 407 -46.42 -7.20 -3.10
CA ILE C 407 -46.34 -6.96 -1.66
C ILE C 407 -46.23 -5.46 -1.38
N PRO C 408 -47.06 -4.91 -0.47
CA PRO C 408 -47.11 -3.46 -0.25
C PRO C 408 -45.85 -2.93 0.40
N THR C 409 -45.49 -1.69 0.09
CA THR C 409 -44.27 -1.11 0.64
C THR C 409 -44.64 0.18 1.36
N VAL C 410 -43.76 0.56 2.27
CA VAL C 410 -43.98 1.79 3.01
C VAL C 410 -43.64 2.96 2.10
N ALA C 411 -43.86 4.20 2.53
CA ALA C 411 -43.72 5.37 1.66
C ALA C 411 -42.27 5.58 1.18
N HIS C 412 -42.10 6.07 -0.06
CA HIS C 412 -40.78 6.24 -0.65
C HIS C 412 -40.20 7.59 -0.27
N SER C 413 -41.04 8.57 0.01
CA SER C 413 -40.58 9.93 0.26
C SER C 413 -41.47 10.60 1.29
N LEU C 414 -40.97 11.62 1.98
CA LEU C 414 -41.82 12.39 2.86
C LEU C 414 -42.95 13.01 2.03
N ASP C 415 -42.60 13.44 0.82
CA ASP C 415 -43.56 13.90 -0.19
C ASP C 415 -44.81 13.00 -0.17
N MET C 416 -44.56 11.73 -0.53
CA MET C 416 -45.59 10.71 -0.65
C MET C 416 -46.29 10.51 0.69
N ALA C 417 -45.52 10.47 1.77
CA ALA C 417 -46.10 10.26 3.08
C ALA C 417 -47.09 11.37 3.41
N LEU C 418 -46.75 12.60 3.05
CA LEU C 418 -47.62 13.72 3.34
C LEU C 418 -48.87 13.65 2.46
N GLU C 419 -48.72 13.22 1.20
CA GLU C 419 -49.87 13.03 0.33
C GLU C 419 -50.77 11.95 0.91
N ALA C 420 -50.14 10.91 1.49
CA ALA C 420 -50.90 9.79 2.04
C ALA C 420 -51.72 10.30 3.22
N LEU C 421 -51.09 11.10 4.09
CA LEU C 421 -51.74 11.57 5.28
C LEU C 421 -52.85 12.53 4.89
N GLN C 422 -52.71 13.26 3.79
CA GLN C 422 -53.81 14.10 3.33
C GLN C 422 -55.01 13.19 3.12
N ALA C 423 -54.84 12.19 2.27
CA ALA C 423 -55.91 11.25 1.93
C ALA C 423 -56.49 10.58 3.17
N ASP C 424 -55.63 9.96 3.97
CA ASP C 424 -56.10 9.06 5.01
C ASP C 424 -55.78 9.59 6.41
N HIS C 425 -56.51 10.59 6.90
CA HIS C 425 -56.24 11.11 8.24
C HIS C 425 -57.36 10.83 9.24
N GLU C 426 -58.41 10.12 8.78
CA GLU C 426 -59.65 10.05 9.51
C GLU C 426 -59.48 9.43 10.88
N PHE C 427 -58.76 8.32 10.95
CA PHE C 427 -58.56 7.60 12.20
C PHE C 427 -58.04 8.52 13.31
N LEU C 428 -57.19 9.49 12.95
CA LEU C 428 -56.62 10.43 13.92
C LEU C 428 -57.66 11.38 14.48
N LEU C 429 -58.58 11.80 13.61
CA LEU C 429 -59.56 12.83 13.95
C LEU C 429 -60.58 12.25 14.91
N LYS C 430 -60.71 10.92 14.95
CA LYS C 430 -61.68 10.27 15.81
C LYS C 430 -61.29 10.55 17.26
N GLY C 431 -62.28 10.70 18.12
CA GLY C 431 -62.04 11.06 19.51
C GLY C 431 -61.69 12.54 19.65
N GLY C 432 -61.62 13.25 18.51
CA GLY C 432 -61.15 14.62 18.46
C GLY C 432 -59.76 14.79 19.01
N VAL C 433 -59.00 13.67 19.05
CA VAL C 433 -57.64 13.63 19.59
C VAL C 433 -56.80 14.57 18.75
N PHE C 434 -56.96 14.43 17.43
CA PHE C 434 -56.27 15.29 16.47
C PHE C 434 -57.31 16.23 15.85
N THR C 435 -57.14 17.55 16.06
CA THR C 435 -57.98 18.55 15.46
C THR C 435 -57.52 18.70 14.02
N LYS C 436 -58.42 19.10 13.13
CA LYS C 436 -58.02 19.37 11.78
C LYS C 436 -57.14 20.59 11.71
N GLU C 437 -57.26 21.56 12.65
CA GLU C 437 -56.35 22.70 12.66
C GLU C 437 -54.90 22.19 12.66
N MET C 438 -54.61 21.32 13.61
CA MET C 438 -53.21 20.96 13.83
C MET C 438 -52.76 20.07 12.69
N LEU C 439 -53.55 19.10 12.23
CA LEU C 439 -53.06 18.16 11.24
C LEU C 439 -52.71 18.93 9.97
N ASP C 440 -53.60 19.80 9.51
CA ASP C 440 -53.33 20.55 8.28
C ASP C 440 -52.12 21.45 8.51
N ALA C 441 -51.93 22.06 9.70
CA ALA C 441 -50.72 22.80 10.02
C ALA C 441 -49.44 21.97 9.89
N TYR C 442 -49.43 20.88 10.67
CA TYR C 442 -48.36 19.92 10.69
C TYR C 442 -47.97 19.65 9.25
N ILE C 443 -48.94 19.27 8.41
CA ILE C 443 -48.61 18.88 7.06
C ILE C 443 -47.88 20.02 6.37
N GLU C 444 -48.37 21.24 6.50
CA GLU C 444 -47.75 22.35 5.80
C GLU C 444 -46.33 22.60 6.34
N LEU C 445 -46.17 22.58 7.65
CA LEU C 445 -44.88 22.81 8.27
C LEU C 445 -43.89 21.75 7.78
N LYS C 446 -44.26 20.48 7.79
CA LYS C 446 -43.41 19.43 7.29
C LYS C 446 -43.12 19.62 5.80
N THR C 447 -44.03 20.24 5.08
CA THR C 447 -43.79 20.41 3.67
C THR C 447 -42.62 21.39 3.44
N GLU C 448 -42.38 22.32 4.36
CA GLU C 448 -41.26 23.23 4.23
C GLU C 448 -39.97 22.41 4.23
N ASP C 449 -39.93 21.35 5.03
CA ASP C 449 -38.77 20.48 5.06
C ASP C 449 -38.61 19.88 3.66
N VAL C 450 -39.71 19.42 3.09
CA VAL C 450 -39.70 18.85 1.76
C VAL C 450 -39.22 19.90 0.80
N ARG C 451 -39.80 21.09 0.86
CA ARG C 451 -39.37 22.21 0.00
C ARG C 451 -37.84 22.32 0.01
N ARG C 452 -37.25 22.43 1.21
CA ARG C 452 -35.81 22.60 1.33
C ARG C 452 -35.08 21.59 0.45
N LEU C 453 -35.33 20.31 0.71
CA LEU C 453 -34.69 19.21 0.00
C LEU C 453 -34.88 19.40 -1.50
N ASN C 454 -36.11 19.65 -1.93
CA ASN C 454 -36.42 19.65 -3.34
C ASN C 454 -35.81 20.87 -4.01
N THR C 455 -35.61 21.95 -3.25
CA THR C 455 -35.09 23.17 -3.85
C THR C 455 -33.57 23.09 -3.96
N THR C 456 -32.90 22.51 -2.95
CA THR C 456 -31.45 22.54 -2.86
C THR C 456 -30.85 21.46 -3.76
N THR C 457 -30.04 21.85 -4.74
CA THR C 457 -29.36 20.85 -5.55
C THR C 457 -28.48 20.01 -4.63
N HIS C 458 -28.39 18.70 -4.92
CA HIS C 458 -27.59 17.76 -4.15
C HIS C 458 -26.28 17.51 -4.88
N PRO C 459 -25.15 17.38 -4.16
CA PRO C 459 -23.89 17.05 -4.80
C PRO C 459 -23.96 15.90 -5.80
N VAL C 460 -24.81 14.92 -5.50
CA VAL C 460 -24.91 13.74 -6.34
C VAL C 460 -25.38 14.13 -7.74
N GLU C 461 -26.17 15.21 -7.85
CA GLU C 461 -26.69 15.61 -9.15
C GLU C 461 -25.54 16.02 -10.03
N PHE C 462 -24.51 16.59 -9.42
CA PHE C 462 -23.32 16.96 -10.17
C PHE C 462 -22.74 15.69 -10.77
N ASP C 463 -22.72 14.65 -9.95
CA ASP C 463 -22.08 13.43 -10.40
C ASP C 463 -22.79 12.96 -11.65
N MET C 464 -24.11 12.89 -11.58
CA MET C 464 -24.83 12.30 -12.69
C MET C 464 -24.93 13.28 -13.85
N TYR C 465 -25.33 14.52 -13.57
CA TYR C 465 -25.78 15.38 -14.64
C TYR C 465 -24.79 16.45 -15.10
N TYR C 466 -23.71 16.75 -14.39
CA TYR C 466 -22.96 17.98 -14.69
C TYR C 466 -22.53 18.01 -16.15
N SER C 467 -21.97 16.92 -16.69
CA SER C 467 -21.33 16.95 -18.00
C SER C 467 -22.24 16.36 -19.08
N LEU C 468 -23.56 16.38 -18.86
CA LEU C 468 -24.52 16.01 -19.90
C LEU C 468 -24.96 17.26 -20.72
N ALA D 1 53.34 22.61 -33.90
CA ALA D 1 52.84 21.23 -34.07
C ALA D 1 51.91 21.17 -35.26
N ASN D 2 52.19 20.30 -36.23
CA ASN D 2 51.33 20.16 -37.38
C ASN D 2 49.89 20.05 -36.91
N LYS D 3 49.53 19.10 -36.02
CA LYS D 3 48.15 19.03 -35.58
C LYS D 3 47.73 20.35 -34.92
N VAL D 4 48.34 20.59 -33.75
CA VAL D 4 47.92 21.63 -32.82
C VAL D 4 47.97 22.98 -33.54
N LEU D 5 49.17 23.39 -33.95
CA LEU D 5 49.35 24.75 -34.45
C LEU D 5 48.40 24.98 -35.62
N GLN D 6 48.25 23.97 -36.47
CA GLN D 6 47.37 24.12 -37.61
C GLN D 6 45.94 24.27 -37.09
N LEU D 7 45.58 23.42 -36.14
CA LEU D 7 44.24 23.49 -35.61
C LEU D 7 43.97 24.89 -35.08
N ILE D 8 44.96 25.48 -34.43
CA ILE D 8 44.77 26.79 -33.83
C ILE D 8 44.36 27.75 -34.96
N GLN D 9 45.13 27.69 -36.06
CA GLN D 9 44.86 28.53 -37.22
C GLN D 9 43.43 28.31 -37.70
N GLU D 10 43.10 27.04 -37.98
CA GLU D 10 41.81 26.67 -38.55
C GLU D 10 40.67 27.10 -37.63
N SER D 11 40.82 26.87 -36.33
CA SER D 11 39.77 27.17 -35.36
C SER D 11 39.59 28.67 -35.16
N GLY D 12 40.63 29.47 -35.41
CA GLY D 12 40.61 30.85 -34.98
C GLY D 12 40.49 30.95 -33.47
N ALA D 13 41.12 29.98 -32.80
CA ALA D 13 41.10 29.92 -31.36
C ALA D 13 42.02 30.98 -30.78
N LYS D 14 41.60 31.58 -29.66
CA LYS D 14 42.41 32.57 -28.98
C LYS D 14 43.13 31.93 -27.78
N TRP D 15 42.82 30.68 -27.45
CA TRP D 15 43.31 30.09 -26.23
C TRP D 15 43.66 28.63 -26.43
N VAL D 16 44.70 28.17 -25.72
CA VAL D 16 45.07 26.77 -25.75
C VAL D 16 45.09 26.27 -24.31
N ASP D 17 44.38 25.17 -24.07
CA ASP D 17 44.27 24.62 -22.74
C ASP D 17 45.23 23.45 -22.63
N PHE D 18 46.27 23.63 -21.81
CA PHE D 18 47.27 22.61 -21.64
C PHE D 18 46.77 21.70 -20.54
N ARG D 19 46.70 20.40 -20.80
CA ARG D 19 46.15 19.47 -19.81
C ARG D 19 47.21 18.42 -19.47
N PHE D 20 47.43 18.11 -18.20
CA PHE D 20 48.23 16.94 -17.86
C PHE D 20 47.49 16.10 -16.83
N THR D 21 48.12 15.02 -16.34
CA THR D 21 47.48 14.15 -15.35
C THR D 21 48.31 14.01 -14.07
N ASP D 22 47.63 14.10 -12.92
CA ASP D 22 48.31 14.04 -11.63
C ASP D 22 48.54 12.59 -11.26
N THR D 23 49.25 12.36 -10.14
CA THR D 23 49.57 11.00 -9.70
C THR D 23 48.28 10.23 -9.51
N LYS D 24 47.27 10.89 -8.94
CA LYS D 24 46.01 10.27 -8.57
C LYS D 24 45.16 10.00 -9.81
N GLY D 25 45.58 10.54 -10.96
CA GLY D 25 44.92 10.23 -12.21
C GLY D 25 43.81 11.22 -12.55
N LYS D 26 43.93 12.47 -12.07
CA LYS D 26 42.97 13.51 -12.37
C LYS D 26 43.57 14.51 -13.34
N GLU D 27 42.94 14.65 -14.51
CA GLU D 27 43.37 15.60 -15.53
C GLU D 27 43.34 17.00 -14.94
N GLN D 28 44.37 17.79 -15.24
CA GLN D 28 44.49 19.15 -14.73
C GLN D 28 44.74 20.08 -15.92
N HIS D 29 44.49 21.40 -15.79
CA HIS D 29 44.58 22.29 -16.93
C HIS D 29 45.05 23.69 -16.58
N VAL D 30 45.79 24.29 -17.53
CA VAL D 30 46.15 25.70 -17.49
C VAL D 30 46.01 26.27 -18.90
N THR D 31 45.59 27.53 -19.02
CA THR D 31 45.13 28.04 -20.30
C THR D 31 46.00 29.22 -20.70
N TYR D 32 46.53 29.14 -21.91
CA TYR D 32 47.48 30.10 -22.43
C TYR D 32 46.99 30.63 -23.77
N PRO D 33 47.31 31.89 -24.14
CA PRO D 33 46.88 32.45 -25.40
C PRO D 33 47.59 31.80 -26.57
N ALA D 34 46.91 31.71 -27.72
CA ALA D 34 47.46 30.99 -28.85
C ALA D 34 48.69 31.70 -29.39
N ASP D 35 48.77 33.03 -29.20
CA ASP D 35 49.94 33.78 -29.59
C ASP D 35 51.17 33.23 -28.90
N SER D 36 51.05 32.74 -27.65
CA SER D 36 52.24 32.26 -26.96
C SER D 36 52.69 30.90 -27.52
N ILE D 37 51.86 30.28 -28.34
CA ILE D 37 52.14 28.92 -28.76
C ILE D 37 52.78 28.94 -30.13
N ASP D 38 54.07 28.58 -30.18
CA ASP D 38 54.82 28.44 -31.40
C ASP D 38 55.37 27.01 -31.46
N GLU D 39 56.08 26.70 -32.53
CA GLU D 39 56.68 25.38 -32.68
C GLU D 39 57.68 25.17 -31.55
N ASP D 40 58.32 26.25 -31.10
CA ASP D 40 59.41 26.16 -30.13
C ASP D 40 58.80 25.77 -28.78
N THR D 41 57.53 26.15 -28.56
CA THR D 41 56.84 25.81 -27.33
C THR D 41 56.88 24.30 -27.11
N PHE D 42 56.71 23.55 -28.21
CA PHE D 42 56.66 22.10 -28.13
C PHE D 42 57.99 21.60 -27.61
N GLU D 43 59.09 22.21 -28.07
CA GLU D 43 60.41 21.82 -27.63
C GLU D 43 60.64 22.39 -26.23
N ASP D 44 60.59 23.73 -26.09
CA ASP D 44 60.94 24.39 -24.83
C ASP D 44 59.91 24.08 -23.75
N GLY D 45 58.61 24.33 -24.02
CA GLY D 45 57.54 24.06 -23.06
C GLY D 45 57.20 25.31 -22.22
N LYS D 46 56.18 25.19 -21.32
CA LYS D 46 55.82 26.29 -20.44
C LYS D 46 56.01 25.89 -18.97
N MET D 47 56.52 26.81 -18.14
CA MET D 47 56.86 26.58 -16.75
C MET D 47 55.68 26.80 -15.83
N PHE D 48 55.67 26.10 -14.67
CA PHE D 48 54.57 26.15 -13.71
C PHE D 48 54.99 25.55 -12.37
N ASP D 49 54.24 25.76 -11.27
CA ASP D 49 54.60 25.23 -9.94
C ASP D 49 54.13 23.80 -9.73
N GLY D 50 54.49 23.23 -8.56
CA GLY D 50 54.21 21.85 -8.15
C GLY D 50 53.18 21.73 -7.02
N SER D 51 51.98 21.19 -7.40
CA SER D 51 51.01 20.60 -6.48
C SER D 51 50.51 19.21 -6.96
N SER D 52 50.26 18.35 -5.95
CA SER D 52 49.68 16.99 -6.01
C SER D 52 50.69 15.91 -6.32
N ILE D 53 51.51 16.18 -7.38
CA ILE D 53 52.68 15.41 -7.85
C ILE D 53 53.78 15.41 -6.79
N ALA D 54 53.52 16.06 -5.63
CA ALA D 54 54.39 15.97 -4.47
C ALA D 54 55.71 16.63 -4.82
N GLY D 55 55.64 17.80 -5.46
CA GLY D 55 56.81 18.42 -6.06
C GLY D 55 57.79 18.80 -4.95
N TRP D 56 57.31 19.68 -4.06
CA TRP D 56 57.91 20.02 -2.78
C TRP D 56 59.38 20.43 -2.91
N LYS D 57 59.64 21.68 -3.27
CA LYS D 57 61.04 22.07 -3.48
C LYS D 57 61.52 21.56 -4.84
N GLY D 58 62.43 22.34 -5.44
CA GLY D 58 62.67 22.24 -6.88
C GLY D 58 61.35 22.32 -7.64
N ILE D 59 60.55 23.32 -7.24
CA ILE D 59 59.13 23.40 -7.59
C ILE D 59 58.85 23.68 -9.06
N GLU D 60 59.59 24.58 -9.70
CA GLU D 60 59.32 25.03 -11.06
C GLU D 60 59.54 23.87 -12.03
N ALA D 61 58.49 23.29 -12.57
CA ALA D 61 58.53 22.19 -13.53
C ALA D 61 57.94 22.69 -14.83
N SER D 62 57.95 21.87 -15.88
CA SER D 62 57.64 22.38 -17.20
C SER D 62 56.60 21.47 -17.84
N ASP D 63 55.72 22.11 -18.60
CA ASP D 63 54.67 21.41 -19.30
C ASP D 63 55.08 21.32 -20.76
N MET D 64 55.65 20.18 -21.17
CA MET D 64 55.99 19.99 -22.58
C MET D 64 54.71 19.77 -23.35
N ILE D 65 54.24 20.82 -23.99
CA ILE D 65 53.04 20.72 -24.76
C ILE D 65 53.27 19.66 -25.81
N LEU D 66 52.46 18.63 -25.81
CA LEU D 66 52.71 17.58 -26.78
C LEU D 66 51.84 17.81 -28.01
N ARG D 67 51.58 16.83 -28.87
CA ARG D 67 50.54 17.01 -29.86
C ARG D 67 49.58 15.83 -29.73
N PRO D 68 48.33 15.97 -29.18
CA PRO D 68 47.34 14.91 -29.29
C PRO D 68 46.72 14.83 -30.67
N ASP D 69 46.21 13.63 -30.95
CA ASP D 69 45.47 13.31 -32.15
C ASP D 69 44.24 14.23 -32.21
N ALA D 70 44.19 15.14 -33.20
CA ALA D 70 43.12 16.14 -33.22
C ALA D 70 42.96 16.76 -31.84
N GLU D 71 44.04 17.38 -31.34
CA GLU D 71 44.01 18.09 -30.07
C GLU D 71 42.63 18.68 -29.97
N THR D 72 41.94 18.34 -28.90
CA THR D 72 40.50 18.50 -28.89
C THR D 72 40.26 19.98 -29.20
N GLY D 73 39.35 20.33 -30.12
CA GLY D 73 38.62 21.61 -30.07
C GLY D 73 37.90 21.73 -28.72
N PHE D 74 37.44 22.94 -28.34
CA PHE D 74 36.91 23.21 -26.99
C PHE D 74 36.01 22.09 -26.46
N ILE D 75 34.94 21.92 -27.26
CA ILE D 75 33.89 20.95 -27.13
C ILE D 75 33.34 21.07 -25.73
N ASP D 76 32.87 22.26 -25.33
CA ASP D 76 32.35 22.49 -23.98
C ASP D 76 32.68 23.95 -23.60
N PRO D 77 33.96 24.47 -23.55
CA PRO D 77 34.22 25.90 -23.18
C PRO D 77 33.61 26.97 -24.10
N PHE D 78 33.54 28.24 -23.67
CA PHE D 78 32.87 29.31 -24.43
C PHE D 78 33.60 29.66 -25.73
N PHE D 79 34.74 30.36 -25.65
CA PHE D 79 35.49 30.72 -26.84
C PHE D 79 35.90 29.43 -27.53
N ALA D 80 35.96 29.41 -28.84
CA ALA D 80 36.67 28.33 -29.50
C ALA D 80 38.08 28.15 -28.90
N GLU D 81 38.36 27.00 -28.25
CA GLU D 81 39.65 26.78 -27.59
C GLU D 81 40.22 25.38 -27.77
N PRO D 82 41.36 25.10 -28.48
CA PRO D 82 41.96 23.78 -28.49
C PRO D 82 42.59 23.42 -27.15
N THR D 83 42.50 22.13 -26.87
CA THR D 83 43.14 21.62 -25.69
C THR D 83 44.17 20.67 -26.23
N VAL D 84 45.33 20.71 -25.60
CA VAL D 84 46.34 19.73 -25.85
C VAL D 84 46.32 18.78 -24.68
N VAL D 85 45.42 17.78 -24.79
CA VAL D 85 45.04 16.87 -23.70
C VAL D 85 46.34 16.23 -23.21
N VAL D 86 47.34 16.36 -24.06
CA VAL D 86 48.58 15.75 -23.73
C VAL D 86 49.50 16.91 -23.40
N THR D 87 50.13 16.85 -22.26
CA THR D 87 51.23 17.77 -22.01
C THR D 87 52.11 16.96 -21.08
N CYS D 88 53.15 16.35 -21.63
CA CYS D 88 54.12 15.62 -20.84
C CYS D 88 54.74 16.60 -19.85
N ASP D 89 55.00 16.13 -18.63
CA ASP D 89 55.52 17.01 -17.60
C ASP D 89 57.00 16.74 -17.45
N VAL D 90 57.86 17.76 -17.63
CA VAL D 90 59.30 17.54 -17.77
C VAL D 90 60.05 18.29 -16.66
N ILE D 91 61.10 17.63 -16.13
CA ILE D 91 61.88 18.16 -15.01
C ILE D 91 62.74 19.31 -15.53
N GLU D 92 63.07 20.28 -14.67
CA GLU D 92 64.04 21.32 -15.01
C GLU D 92 65.35 20.68 -15.53
N PRO D 93 66.11 19.88 -14.74
CA PRO D 93 67.34 19.30 -15.26
C PRO D 93 66.98 18.10 -16.09
N SER D 94 66.94 18.26 -17.39
CA SER D 94 66.81 17.15 -18.32
C SER D 94 65.36 17.15 -18.80
N THR D 95 64.88 15.97 -19.17
CA THR D 95 63.58 15.78 -19.79
C THR D 95 63.01 14.46 -19.25
N GLY D 96 61.93 14.44 -18.45
CA GLY D 96 61.21 13.19 -18.42
C GLY D 96 60.07 13.19 -17.45
N GLN D 97 60.30 12.74 -16.22
CA GLN D 97 59.27 12.73 -15.18
C GLN D 97 59.63 13.90 -14.26
N GLY D 98 58.59 14.50 -13.69
CA GLY D 98 58.77 15.64 -12.80
C GLY D 98 58.36 15.25 -11.38
N TYR D 99 58.92 15.97 -10.39
CA TYR D 99 58.69 15.70 -8.96
C TYR D 99 58.86 14.20 -8.73
N GLU D 100 57.93 13.55 -8.02
CA GLU D 100 57.95 12.11 -7.85
C GLU D 100 57.92 11.41 -9.21
N ARG D 101 56.87 11.57 -10.02
CA ARG D 101 56.88 10.98 -11.35
C ARG D 101 55.63 11.44 -12.11
N ASP D 102 55.85 11.82 -13.35
CA ASP D 102 54.76 12.12 -14.25
C ASP D 102 54.22 10.81 -14.78
N PRO D 103 52.94 10.47 -14.58
CA PRO D 103 52.36 9.26 -15.15
C PRO D 103 52.53 9.13 -16.64
N ARG D 104 52.31 10.22 -17.37
CA ARG D 104 52.40 10.18 -18.83
C ARG D 104 53.81 9.74 -19.26
N SER D 105 54.84 10.29 -18.62
CA SER D 105 56.21 9.85 -18.89
C SER D 105 56.39 8.36 -18.58
N ILE D 106 55.90 7.92 -17.40
CA ILE D 106 56.01 6.53 -17.00
C ILE D 106 55.41 5.69 -18.13
N ALA D 107 54.31 6.16 -18.69
CA ALA D 107 53.65 5.44 -19.77
C ALA D 107 54.48 5.56 -21.05
N ARG D 108 55.10 6.70 -21.32
CA ARG D 108 55.97 6.84 -22.48
C ARG D 108 57.06 5.78 -22.37
N ARG D 109 57.67 5.69 -21.17
CA ARG D 109 58.69 4.68 -20.94
C ARG D 109 57.86 3.45 -21.16
N ALA D 110 58.32 2.21 -21.07
CA ALA D 110 57.37 1.08 -21.11
C ALA D 110 56.75 0.95 -22.50
N GLU D 111 56.36 2.03 -23.17
CA GLU D 111 56.18 1.94 -24.62
C GLU D 111 57.51 1.51 -25.24
N GLU D 112 58.57 2.17 -24.80
CA GLU D 112 59.92 1.90 -25.28
C GLU D 112 60.36 0.52 -24.79
N TYR D 113 60.07 0.21 -23.53
CA TYR D 113 60.61 -0.96 -22.92
C TYR D 113 60.12 -2.21 -23.65
N LEU D 114 58.94 -2.16 -24.23
CA LEU D 114 58.44 -3.31 -24.96
C LEU D 114 59.34 -3.59 -26.16
N LYS D 115 59.62 -2.54 -26.91
CA LYS D 115 60.50 -2.64 -28.07
C LYS D 115 61.90 -3.00 -27.62
N SER D 116 62.36 -2.43 -26.49
CA SER D 116 63.68 -2.69 -25.96
C SER D 116 63.84 -4.18 -25.65
N THR D 117 62.83 -4.78 -25.03
CA THR D 117 62.83 -6.20 -24.72
C THR D 117 62.72 -7.00 -26.02
N GLY D 118 62.25 -6.34 -27.08
CA GLY D 118 62.17 -6.94 -28.39
C GLY D 118 60.99 -7.89 -28.50
N ILE D 119 60.13 -7.96 -27.47
CA ILE D 119 59.02 -8.92 -27.56
C ILE D 119 57.95 -8.39 -28.50
N GLY D 120 57.72 -7.07 -28.48
CA GLY D 120 56.82 -6.48 -29.46
C GLY D 120 57.10 -5.00 -29.71
N ASP D 121 56.62 -4.54 -30.87
CA ASP D 121 56.73 -3.13 -31.23
C ASP D 121 55.60 -2.35 -30.55
N THR D 122 54.38 -2.89 -30.48
CA THR D 122 53.22 -2.09 -30.03
C THR D 122 52.31 -2.86 -29.09
N ALA D 123 51.70 -2.14 -28.15
CA ALA D 123 50.81 -2.70 -27.13
C ALA D 123 49.45 -2.01 -27.20
N PHE D 124 48.39 -2.81 -27.10
CA PHE D 124 47.05 -2.31 -27.38
C PHE D 124 46.20 -2.46 -26.14
N PHE D 125 45.50 -1.37 -25.78
CA PHE D 125 44.67 -1.32 -24.58
C PHE D 125 43.27 -0.85 -24.97
N GLY D 126 42.24 -1.56 -24.49
CA GLY D 126 40.86 -1.22 -24.79
C GLY D 126 40.01 -1.26 -23.54
N PRO D 127 39.93 -0.15 -22.78
CA PRO D 127 39.22 -0.13 -21.50
C PRO D 127 37.72 0.02 -21.67
N GLU D 128 36.96 -0.59 -20.75
CA GLU D 128 35.51 -0.47 -20.79
C GLU D 128 35.11 0.20 -19.47
N PRO D 129 35.32 1.54 -19.29
CA PRO D 129 34.94 2.21 -18.04
C PRO D 129 33.43 2.41 -17.92
N GLU D 130 32.91 2.07 -16.72
CA GLU D 130 31.51 2.18 -16.40
C GLU D 130 31.33 3.44 -15.56
N PHE D 131 30.18 4.12 -15.66
CA PHE D 131 29.94 5.31 -14.85
C PHE D 131 28.47 5.33 -14.46
N PHE D 132 28.17 6.09 -13.39
CA PHE D 132 26.82 6.41 -12.96
C PHE D 132 26.53 7.88 -13.23
N VAL D 133 25.27 8.18 -13.55
CA VAL D 133 24.79 9.54 -13.60
C VAL D 133 23.64 9.70 -12.62
N PHE D 134 23.82 10.64 -11.69
CA PHE D 134 22.81 10.99 -10.73
C PHE D 134 22.33 12.42 -10.99
N ASP D 135 21.10 12.69 -10.53
CA ASP D 135 20.50 14.01 -10.59
C ASP D 135 21.28 14.91 -9.66
N GLU D 136 21.75 14.39 -8.55
CA GLU D 136 22.36 15.25 -7.55
C GLU D 136 22.98 14.37 -6.48
N VAL D 137 23.99 14.84 -5.78
CA VAL D 137 24.70 14.07 -4.80
C VAL D 137 25.15 15.02 -3.73
N LYS D 138 24.98 14.65 -2.47
CA LYS D 138 25.43 15.52 -1.39
C LYS D 138 26.19 14.68 -0.36
N TRP D 139 27.16 15.28 0.31
CA TRP D 139 27.79 14.65 1.47
C TRP D 139 28.38 15.72 2.37
N ASP D 140 28.55 15.36 3.65
CA ASP D 140 29.36 16.18 4.55
C ASP D 140 29.90 15.33 5.67
N ILE D 141 31.11 15.71 6.13
CA ILE D 141 31.69 15.12 7.31
C ILE D 141 32.08 16.19 8.32
N ASP D 142 31.55 16.15 9.54
CA ASP D 142 31.98 17.02 10.63
C ASP D 142 32.24 16.16 11.84
N MET D 143 32.54 16.85 12.94
CA MET D 143 32.63 16.22 14.25
C MET D 143 31.27 15.58 14.53
N SER D 144 30.19 16.25 14.10
CA SER D 144 28.83 15.82 14.31
C SER D 144 28.60 14.46 13.67
N GLY D 145 29.15 14.22 12.47
CA GLY D 145 29.06 12.90 11.87
C GLY D 145 29.46 12.90 10.41
N ALA D 146 29.12 11.83 9.70
CA ALA D 146 29.61 11.64 8.34
C ALA D 146 28.48 11.08 7.52
N ARG D 147 28.19 11.68 6.37
CA ARG D 147 26.87 11.49 5.74
C ARG D 147 27.00 11.71 4.25
N HIS D 148 26.27 10.91 3.49
CA HIS D 148 26.31 11.04 2.03
C HIS D 148 24.98 10.55 1.47
N THR D 149 24.46 11.23 0.46
CA THR D 149 23.14 10.87 -0.05
C THR D 149 23.14 10.90 -1.56
N LEU D 150 22.57 9.88 -2.19
CA LEU D 150 22.50 9.82 -3.64
C LEU D 150 21.09 10.17 -4.08
N ILE D 151 20.98 11.03 -5.11
CA ILE D 151 19.67 11.53 -5.48
C ILE D 151 19.53 11.39 -6.98
N ALA D 152 18.51 10.66 -7.41
CA ALA D 152 18.30 10.50 -8.82
C ALA D 152 16.87 10.03 -9.07
N GLU D 153 16.32 10.46 -10.19
CA GLU D 153 14.98 10.13 -10.57
C GLU D 153 14.97 8.68 -11.03
N GLU D 154 16.00 8.32 -11.77
CA GLU D 154 16.11 7.00 -12.35
C GLU D 154 16.52 5.98 -11.31
N ALA D 155 16.88 6.44 -10.10
CA ALA D 155 17.29 5.53 -9.04
C ALA D 155 16.17 4.56 -8.75
N ALA D 156 16.50 3.31 -8.47
CA ALA D 156 15.45 2.31 -8.35
C ALA D 156 14.57 2.60 -7.16
N TRP D 157 15.11 3.26 -6.13
CA TRP D 157 14.38 3.55 -4.90
C TRP D 157 13.51 4.79 -5.01
N SER D 158 13.62 5.52 -6.13
CA SER D 158 12.87 6.74 -6.32
C SER D 158 11.40 6.48 -6.64
N THR D 159 10.93 5.23 -6.67
CA THR D 159 9.51 5.00 -6.84
C THR D 159 8.86 5.62 -5.62
N GLY D 160 7.79 6.38 -5.81
CA GLY D 160 7.19 7.00 -4.63
C GLY D 160 7.69 8.40 -4.29
N LYS D 161 8.82 8.81 -4.83
CA LYS D 161 9.33 10.17 -4.64
C LYS D 161 8.53 11.14 -5.50
N ASP D 162 8.57 12.42 -5.07
CA ASP D 162 7.79 13.46 -5.73
C ASP D 162 8.67 14.24 -6.66
N TYR D 163 8.12 14.48 -7.84
CA TYR D 163 8.79 15.18 -8.91
C TYR D 163 7.81 16.21 -9.48
N GLU D 164 8.40 17.22 -10.11
CA GLU D 164 7.70 18.30 -10.77
C GLU D 164 6.80 17.73 -11.84
N SER D 165 7.38 17.04 -12.81
CA SER D 165 6.63 16.44 -13.92
C SER D 165 5.81 15.24 -13.47
N GLY D 166 6.01 14.86 -12.18
CA GLY D 166 5.29 13.77 -11.54
C GLY D 166 5.94 12.42 -11.82
N ASN D 167 5.86 11.49 -10.87
CA ASN D 167 6.62 10.26 -10.91
C ASN D 167 6.13 9.37 -12.04
N SER D 168 7.01 9.00 -12.97
CA SER D 168 6.59 8.23 -14.14
C SER D 168 6.28 6.80 -13.76
N GLY D 169 6.92 6.31 -12.69
CA GLY D 169 6.88 4.91 -12.31
C GLY D 169 7.74 4.04 -13.22
N HIS D 170 8.23 4.63 -14.33
CA HIS D 170 9.03 3.93 -15.30
C HIS D 170 10.52 4.17 -15.02
N ARG D 171 11.12 3.24 -14.28
CA ARG D 171 12.50 3.35 -13.87
C ARG D 171 13.03 1.93 -13.62
N PRO D 172 14.37 1.74 -13.67
CA PRO D 172 14.94 0.43 -13.48
C PRO D 172 14.68 -0.16 -12.08
N ARG D 173 14.41 -1.46 -12.02
CA ARG D 173 14.51 -2.18 -10.75
C ARG D 173 15.99 -2.40 -10.41
N VAL D 174 16.26 -2.85 -9.19
CA VAL D 174 17.62 -3.02 -8.74
C VAL D 174 18.27 -4.14 -9.53
N LYS D 175 19.46 -3.91 -10.09
CA LYS D 175 20.17 -4.89 -10.89
C LYS D 175 19.49 -5.07 -12.23
N GLY D 176 18.18 -4.84 -12.31
CA GLY D 176 17.52 -4.77 -13.61
C GLY D 176 17.97 -3.48 -14.27
N GLY D 177 17.50 -3.15 -15.45
CA GLY D 177 18.04 -1.95 -16.07
C GLY D 177 19.25 -2.27 -16.94
N TYR D 178 19.36 -3.57 -17.28
CA TYR D 178 20.15 -4.05 -18.40
C TYR D 178 19.30 -4.07 -19.66
N PHE D 179 19.39 -2.94 -20.37
CA PHE D 179 18.89 -2.71 -21.73
C PHE D 179 17.37 -2.58 -21.82
N PRO D 180 16.59 -2.11 -20.83
CA PRO D 180 15.18 -1.89 -21.09
C PRO D 180 14.96 -0.75 -22.10
N VAL D 181 13.76 -0.65 -22.67
CA VAL D 181 13.42 0.42 -23.60
C VAL D 181 13.32 1.79 -22.91
N PRO D 182 13.48 2.88 -23.69
CA PRO D 182 13.66 4.25 -23.20
C PRO D 182 12.73 4.76 -22.12
N PRO D 183 11.41 4.46 -22.07
CA PRO D 183 10.63 5.00 -20.98
C PRO D 183 11.41 4.83 -19.67
N VAL D 184 11.92 3.61 -19.43
CA VAL D 184 12.71 3.25 -18.27
C VAL D 184 14.16 3.71 -18.41
N ASP D 185 14.70 3.56 -19.64
CA ASP D 185 16.11 3.82 -19.90
C ASP D 185 16.46 5.26 -19.53
N SER D 186 15.77 6.25 -20.09
CA SER D 186 15.97 7.65 -19.75
C SER D 186 17.22 8.25 -20.42
N ALA D 187 18.34 7.53 -20.38
CA ALA D 187 19.61 8.15 -20.72
C ALA D 187 19.98 8.01 -22.19
N GLN D 188 19.05 7.57 -23.04
CA GLN D 188 19.39 7.34 -24.42
C GLN D 188 19.96 8.64 -25.00
N ASP D 189 19.15 9.70 -24.95
CA ASP D 189 19.54 10.94 -25.57
C ASP D 189 20.88 11.39 -24.99
N MET D 190 21.03 11.25 -23.67
CA MET D 190 22.20 11.76 -22.99
C MET D 190 23.45 11.00 -23.44
N ARG D 191 23.40 9.67 -23.40
CA ARG D 191 24.50 8.86 -23.91
C ARG D 191 24.87 9.29 -25.34
N ALA D 192 23.84 9.48 -26.18
CA ALA D 192 24.04 9.89 -27.56
C ALA D 192 24.87 11.18 -27.62
N GLU D 193 24.46 12.18 -26.82
CA GLU D 193 25.18 13.44 -26.75
C GLU D 193 26.61 13.20 -26.29
N MET D 194 26.77 12.34 -25.28
CA MET D 194 28.10 12.02 -24.81
C MET D 194 28.94 11.49 -25.98
N CYS D 195 28.34 10.57 -26.75
CA CYS D 195 29.02 9.98 -27.89
C CYS D 195 29.44 11.06 -28.88
N ALA D 196 28.49 11.98 -29.16
CA ALA D 196 28.74 13.06 -30.10
C ALA D 196 29.93 13.90 -29.64
N LYS D 197 29.98 14.19 -28.35
CA LYS D 197 31.06 14.97 -27.79
C LYS D 197 32.38 14.24 -27.94
N ILE D 198 32.37 12.94 -27.66
CA ILE D 198 33.57 12.13 -27.80
C ILE D 198 34.14 12.28 -29.21
N GLU D 199 33.25 12.12 -30.21
CA GLU D 199 33.66 12.22 -31.60
C GLU D 199 34.21 13.61 -31.91
N ASP D 200 33.65 14.65 -31.29
CA ASP D 200 34.20 15.97 -31.47
C ASP D 200 35.66 15.95 -31.03
N ILE D 201 35.93 15.32 -29.87
CA ILE D 201 37.26 15.27 -29.30
C ILE D 201 38.16 14.33 -30.10
N MET D 202 37.82 13.04 -30.13
CA MET D 202 38.69 12.02 -30.69
C MET D 202 38.42 11.75 -32.18
N GLY D 203 37.52 12.53 -32.80
CA GLY D 203 37.26 12.39 -34.22
C GLY D 203 36.36 11.19 -34.55
N PRO D 204 36.11 10.93 -35.84
CA PRO D 204 35.11 9.94 -36.26
C PRO D 204 35.44 8.52 -35.82
N GLY D 205 34.41 7.66 -35.92
CA GLY D 205 34.44 6.34 -35.31
C GLY D 205 34.76 6.50 -33.84
N ARG D 206 35.64 5.62 -33.36
CA ARG D 206 36.08 5.65 -31.99
C ARG D 206 34.99 5.24 -30.98
N VAL D 207 33.71 5.20 -31.38
CA VAL D 207 32.66 4.89 -30.42
C VAL D 207 31.98 3.59 -30.84
N GLU D 208 32.07 2.57 -29.98
CA GLU D 208 31.72 1.20 -30.33
C GLU D 208 30.25 0.91 -30.00
N VAL D 209 29.82 1.27 -28.78
CA VAL D 209 28.44 0.97 -28.38
C VAL D 209 27.99 1.87 -27.23
N HIS D 210 26.68 2.13 -27.08
CA HIS D 210 26.13 2.76 -25.88
C HIS D 210 24.93 1.97 -25.35
N HIS D 211 25.01 1.58 -24.08
CA HIS D 211 23.91 0.89 -23.44
C HIS D 211 23.79 1.29 -21.98
N HIS D 212 22.67 0.94 -21.37
CA HIS D 212 22.49 1.11 -19.93
C HIS D 212 23.12 -0.06 -19.17
N GLU D 213 24.04 0.17 -18.21
CA GLU D 213 24.57 -0.93 -17.42
C GLU D 213 23.53 -1.41 -16.40
N VAL D 214 23.85 -2.49 -15.69
CA VAL D 214 22.90 -3.20 -14.86
C VAL D 214 22.28 -2.29 -13.81
N ALA D 215 23.10 -1.65 -12.98
CA ALA D 215 22.61 -0.88 -11.86
C ALA D 215 21.76 0.29 -12.32
N SER D 216 20.76 0.69 -11.54
CA SER D 216 20.04 1.92 -11.77
C SER D 216 21.04 3.05 -11.94
N CYS D 217 20.79 3.95 -12.92
CA CYS D 217 21.62 5.11 -13.16
C CYS D 217 23.00 4.77 -13.72
N GLN D 218 23.27 3.53 -14.14
CA GLN D 218 24.61 3.16 -14.57
C GLN D 218 24.60 3.06 -16.08
N LEU D 219 25.59 3.69 -16.72
CA LEU D 219 25.68 3.73 -18.17
C LEU D 219 27.06 3.31 -18.64
N GLU D 220 27.12 2.78 -19.86
CA GLU D 220 28.39 2.40 -20.47
C GLU D 220 28.43 2.90 -21.90
N ILE D 221 29.52 3.61 -22.22
CA ILE D 221 29.83 3.93 -23.60
C ILE D 221 31.13 3.25 -23.97
N GLY D 222 31.12 2.59 -25.15
CA GLY D 222 32.24 1.79 -25.64
C GLY D 222 33.17 2.66 -26.48
N VAL D 223 34.47 2.67 -26.16
CA VAL D 223 35.41 3.50 -26.91
C VAL D 223 36.50 2.58 -27.50
N SER D 224 36.93 2.86 -28.73
CA SER D 224 37.84 2.00 -29.47
C SER D 224 39.18 1.85 -28.75
N PHE D 225 39.79 0.68 -28.95
CA PHE D 225 41.07 0.38 -28.33
C PHE D 225 42.15 1.18 -29.05
N ASN D 226 43.24 1.43 -28.35
CA ASN D 226 44.34 2.21 -28.89
C ASN D 226 45.63 1.79 -28.19
N THR D 227 46.75 2.38 -28.60
CA THR D 227 48.02 2.15 -27.95
C THR D 227 48.00 2.77 -26.56
N LEU D 228 48.93 2.29 -25.71
CA LEU D 228 49.24 2.89 -24.43
C LEU D 228 49.52 4.37 -24.65
N VAL D 229 49.29 5.19 -23.63
CA VAL D 229 49.58 6.62 -23.75
C VAL D 229 48.44 7.24 -24.55
N ARG D 230 48.26 6.85 -25.80
CA ARG D 230 47.15 7.39 -26.55
C ARG D 230 45.85 7.01 -25.87
N LYS D 231 45.68 5.73 -25.55
CA LYS D 231 44.45 5.26 -24.94
C LYS D 231 44.27 5.88 -23.57
N ALA D 232 45.37 6.03 -22.85
CA ALA D 232 45.36 6.69 -21.56
C ALA D 232 44.86 8.12 -21.73
N ASP D 233 45.35 8.83 -22.76
CA ASP D 233 44.86 10.17 -23.04
C ASP D 233 43.36 10.14 -23.34
N GLU D 234 42.93 9.14 -24.10
CA GLU D 234 41.54 9.02 -24.47
C GLU D 234 40.65 8.64 -23.28
N VAL D 235 41.19 7.89 -22.34
CA VAL D 235 40.43 7.60 -21.14
C VAL D 235 40.10 8.94 -20.49
N GLN D 236 41.11 9.79 -20.29
CA GLN D 236 40.90 11.04 -19.61
C GLN D 236 39.87 11.86 -20.37
N GLN D 237 39.95 11.83 -21.69
CA GLN D 237 39.03 12.61 -22.50
C GLN D 237 37.62 12.06 -22.37
N PHE D 238 37.48 10.74 -22.37
CA PHE D 238 36.18 10.11 -22.16
C PHE D 238 35.56 10.60 -20.85
N LYS D 239 36.30 10.44 -19.75
CA LYS D 239 35.82 10.91 -18.47
C LYS D 239 35.35 12.36 -18.58
N TYR D 240 36.19 13.23 -19.14
CA TYR D 240 35.87 14.64 -19.30
C TYR D 240 34.53 14.79 -20.03
N ALA D 241 34.38 14.13 -21.17
CA ALA D 241 33.18 14.28 -21.96
C ALA D 241 31.96 13.94 -21.11
N VAL D 242 31.98 12.75 -20.49
CA VAL D 242 30.78 12.27 -19.82
C VAL D 242 30.51 13.21 -18.64
N TRP D 243 31.54 13.61 -17.91
CA TRP D 243 31.30 14.54 -16.81
C TRP D 243 30.54 15.74 -17.31
N ASN D 244 31.05 16.39 -18.36
CA ASN D 244 30.55 17.68 -18.76
C ASN D 244 29.19 17.51 -19.41
N VAL D 245 28.96 16.47 -20.23
CA VAL D 245 27.66 16.36 -20.85
C VAL D 245 26.62 16.23 -19.75
N ALA D 246 26.89 15.40 -18.75
CA ALA D 246 25.99 15.23 -17.63
C ALA D 246 25.70 16.58 -16.99
N HIS D 247 26.74 17.38 -16.80
CA HIS D 247 26.60 18.67 -16.18
C HIS D 247 25.65 19.53 -17.01
N GLN D 248 25.67 19.36 -18.34
CA GLN D 248 24.79 20.13 -19.18
C GLN D 248 23.36 19.64 -19.04
N TYR D 249 23.16 18.42 -18.55
CA TYR D 249 21.83 17.91 -18.28
C TYR D 249 21.45 18.18 -16.82
N ALA D 250 22.22 19.05 -16.17
CA ALA D 250 22.01 19.38 -14.78
C ALA D 250 22.13 18.16 -13.87
N LYS D 251 22.97 17.21 -14.28
CA LYS D 251 23.14 15.98 -13.54
C LYS D 251 24.62 15.82 -13.23
N THR D 252 24.96 14.77 -12.48
CA THR D 252 26.36 14.60 -12.15
C THR D 252 26.76 13.17 -12.45
N ALA D 253 27.97 13.00 -12.96
CA ALA D 253 28.48 11.68 -13.31
C ALA D 253 29.64 11.35 -12.39
N THR D 254 29.76 10.08 -11.99
CA THR D 254 30.92 9.66 -11.23
C THR D 254 31.40 8.30 -11.73
N PHE D 255 32.72 8.24 -11.82
CA PHE D 255 33.40 7.03 -12.21
C PHE D 255 33.82 6.22 -10.99
N MET D 256 33.35 6.63 -9.81
CA MET D 256 33.78 5.91 -8.64
C MET D 256 33.14 4.52 -8.75
N PRO D 257 33.84 3.47 -8.25
CA PRO D 257 33.26 2.14 -8.18
C PRO D 257 32.30 2.08 -7.00
N LYS D 258 31.32 1.22 -6.99
CA LYS D 258 30.40 1.14 -5.84
C LYS D 258 30.10 2.47 -5.14
N PRO D 259 29.42 3.45 -5.80
CA PRO D 259 28.83 4.56 -5.06
C PRO D 259 27.54 4.10 -4.36
N MET D 260 26.86 3.18 -5.03
CA MET D 260 25.57 2.67 -4.64
C MET D 260 25.79 1.25 -4.17
N VAL D 261 25.22 0.90 -3.01
CA VAL D 261 25.53 -0.38 -2.40
C VAL D 261 24.41 -1.34 -2.74
N GLY D 262 24.76 -2.55 -3.14
CA GLY D 262 23.75 -3.57 -3.37
C GLY D 262 23.20 -3.52 -4.79
N ASP D 263 23.95 -2.82 -5.63
CA ASP D 263 23.74 -2.93 -7.05
C ASP D 263 25.13 -2.90 -7.63
N ASN D 264 25.25 -3.05 -8.94
CA ASN D 264 26.58 -3.26 -9.50
C ASN D 264 27.46 -2.04 -9.32
N GLY D 265 28.74 -2.27 -9.03
CA GLY D 265 29.71 -1.18 -9.01
C GLY D 265 30.20 -0.91 -10.42
N SER D 266 30.97 0.15 -10.59
CA SER D 266 31.46 0.48 -11.92
C SER D 266 32.85 -0.11 -12.07
N GLY D 267 33.10 -0.91 -13.12
CA GLY D 267 34.42 -1.51 -13.31
C GLY D 267 34.99 -1.15 -14.67
N MET D 268 36.33 -1.16 -14.77
CA MET D 268 37.03 -0.82 -16.00
C MET D 268 37.78 -2.05 -16.49
N HIS D 269 37.10 -2.91 -17.28
CA HIS D 269 37.77 -4.05 -17.89
C HIS D 269 38.77 -3.47 -18.89
N VAL D 270 39.97 -4.07 -18.95
CA VAL D 270 41.02 -3.65 -19.88
C VAL D 270 41.30 -4.76 -20.89
N HIS D 271 40.88 -4.59 -22.15
CA HIS D 271 41.28 -5.49 -23.21
C HIS D 271 42.73 -5.19 -23.61
N MET D 272 43.55 -6.24 -23.76
CA MET D 272 44.97 -6.07 -24.00
C MET D 272 45.43 -7.01 -25.11
N SER D 273 46.28 -6.47 -26.02
CA SER D 273 46.86 -7.22 -27.12
C SER D 273 48.28 -6.73 -27.38
N ILE D 274 49.18 -7.66 -27.79
CA ILE D 274 50.51 -7.27 -28.23
C ILE D 274 50.71 -7.57 -29.72
N SER D 275 51.20 -6.58 -30.47
CA SER D 275 51.38 -6.75 -31.91
C SER D 275 52.82 -6.42 -32.30
N LYS D 276 53.37 -7.15 -33.27
CA LYS D 276 54.75 -6.95 -33.70
C LYS D 276 54.77 -7.14 -35.21
N ASP D 277 55.25 -6.13 -35.94
CA ASP D 277 55.20 -6.12 -37.39
C ASP D 277 53.75 -6.28 -37.84
N GLY D 278 52.83 -5.65 -37.11
CA GLY D 278 51.42 -5.63 -37.47
C GLY D 278 50.77 -7.01 -37.47
N LYS D 279 51.16 -7.89 -36.53
CA LYS D 279 50.52 -9.18 -36.38
C LYS D 279 50.25 -9.45 -34.90
N ASN D 280 49.04 -9.96 -34.61
CA ASN D 280 48.60 -10.20 -33.25
C ASN D 280 49.41 -11.36 -32.65
N LEU D 281 50.32 -11.04 -31.74
CA LEU D 281 51.17 -12.03 -31.09
C LEU D 281 50.35 -12.90 -30.16
N PHE D 282 49.18 -12.44 -29.74
CA PHE D 282 48.40 -13.21 -28.78
C PHE D 282 47.71 -14.40 -29.45
N ALA D 283 47.51 -14.31 -30.77
CA ALA D 283 46.86 -15.37 -31.53
C ALA D 283 47.77 -16.59 -31.59
N GLY D 284 47.19 -17.78 -31.45
CA GLY D 284 47.92 -19.04 -31.50
C GLY D 284 46.96 -20.22 -31.44
N ASP D 285 47.46 -21.39 -31.00
CA ASP D 285 46.61 -22.56 -30.86
C ASP D 285 46.73 -23.22 -29.49
N GLU D 286 47.33 -22.52 -28.50
CA GLU D 286 47.56 -23.11 -27.20
C GLU D 286 46.22 -23.27 -26.48
N TYR D 287 45.52 -22.18 -26.15
CA TYR D 287 44.24 -22.34 -25.48
C TYR D 287 43.22 -21.43 -26.15
N ALA D 288 42.18 -22.02 -26.73
CA ALA D 288 41.12 -21.20 -27.31
C ALA D 288 41.76 -20.09 -28.15
N GLY D 289 42.73 -20.48 -28.99
CA GLY D 289 43.33 -19.58 -29.97
C GLY D 289 44.40 -18.65 -29.38
N LEU D 290 44.97 -19.03 -28.23
CA LEU D 290 45.94 -18.18 -27.54
C LEU D 290 47.37 -18.68 -27.78
N SER D 291 48.27 -17.75 -28.08
CA SER D 291 49.68 -18.07 -28.19
C SER D 291 50.24 -18.32 -26.79
N GLU D 292 51.35 -19.06 -26.70
CA GLU D 292 52.07 -19.21 -25.45
C GLU D 292 52.45 -17.84 -24.89
N MET D 293 52.72 -16.89 -25.80
CA MET D 293 53.05 -15.54 -25.41
C MET D 293 51.94 -15.01 -24.51
N ALA D 294 50.70 -15.05 -25.01
CA ALA D 294 49.53 -14.59 -24.29
C ALA D 294 49.39 -15.34 -22.96
N LEU D 295 49.57 -16.66 -23.00
CA LEU D 295 49.44 -17.44 -21.78
C LEU D 295 50.45 -16.94 -20.75
N TYR D 296 51.64 -16.56 -21.22
CA TYR D 296 52.68 -16.12 -20.31
C TYR D 296 52.32 -14.75 -19.76
N PHE D 297 51.80 -13.86 -20.64
CA PHE D 297 51.35 -12.54 -20.25
C PHE D 297 50.43 -12.70 -19.05
N ILE D 298 49.43 -13.58 -19.23
CA ILE D 298 48.44 -13.86 -18.20
C ILE D 298 49.14 -14.23 -16.90
N GLY D 299 50.06 -15.21 -16.95
CA GLY D 299 50.73 -15.67 -15.75
C GLY D 299 51.29 -14.53 -14.91
N GLY D 300 52.01 -13.62 -15.56
CA GLY D 300 52.70 -12.54 -14.88
C GLY D 300 51.69 -11.67 -14.11
N ILE D 301 50.62 -11.29 -14.80
CA ILE D 301 49.53 -10.53 -14.21
C ILE D 301 49.06 -11.24 -12.94
N ILE D 302 48.73 -12.53 -13.10
CA ILE D 302 48.23 -13.31 -11.98
C ILE D 302 49.24 -13.25 -10.82
N LYS D 303 50.53 -13.40 -11.15
CA LYS D 303 51.54 -13.48 -10.12
C LYS D 303 51.57 -12.16 -9.36
N HIS D 304 51.60 -11.04 -10.07
CA HIS D 304 51.80 -9.74 -9.45
C HIS D 304 50.49 -9.03 -9.12
N ALA D 305 49.35 -9.72 -9.22
CA ALA D 305 48.05 -9.06 -9.14
C ALA D 305 47.87 -8.21 -7.87
N ARG D 306 48.17 -8.77 -6.71
CA ARG D 306 47.91 -8.03 -5.48
C ARG D 306 48.64 -6.70 -5.54
N ALA D 307 49.90 -6.71 -5.97
CA ALA D 307 50.62 -5.46 -6.14
C ALA D 307 50.01 -4.62 -7.25
N LEU D 308 49.62 -5.26 -8.35
CA LEU D 308 48.93 -4.56 -9.43
C LEU D 308 47.71 -3.80 -8.92
N ASN D 309 47.03 -4.37 -7.93
CA ASN D 309 45.83 -3.78 -7.40
C ASN D 309 46.05 -2.35 -6.90
N ALA D 310 47.22 -2.06 -6.34
CA ALA D 310 47.49 -0.74 -5.86
C ALA D 310 47.35 0.25 -7.01
N ILE D 311 47.63 -0.19 -8.25
CA ILE D 311 47.51 0.71 -9.38
C ILE D 311 46.19 0.51 -10.12
N THR D 312 45.75 -0.73 -10.30
CA THR D 312 44.52 -1.02 -11.06
C THR D 312 43.26 -0.75 -10.20
N ASN D 313 43.41 -0.90 -8.89
CA ASN D 313 42.30 -0.66 -7.97
C ASN D 313 42.80 0.27 -6.87
N PRO D 314 43.12 1.55 -7.16
CA PRO D 314 43.85 2.40 -6.23
C PRO D 314 42.99 3.24 -5.31
N SER D 315 41.75 2.81 -5.08
CA SER D 315 40.85 3.55 -4.21
C SER D 315 40.37 2.60 -3.10
N THR D 316 40.17 3.14 -1.90
CA THR D 316 39.62 2.35 -0.82
C THR D 316 38.29 1.80 -1.29
N ASN D 317 37.59 2.59 -2.11
CA ASN D 317 36.26 2.24 -2.55
C ASN D 317 36.31 1.07 -3.54
N SER D 318 37.45 0.85 -4.17
CA SER D 318 37.56 -0.19 -5.17
C SER D 318 37.13 -1.51 -4.58
N TYR D 319 37.48 -1.69 -3.30
CA TYR D 319 37.34 -2.98 -2.64
C TYR D 319 35.89 -3.20 -2.20
N LYS D 320 35.05 -2.16 -2.32
CA LYS D 320 33.63 -2.37 -2.15
C LYS D 320 33.08 -3.13 -3.35
N ARG D 321 33.63 -2.88 -4.54
CA ARG D 321 33.27 -3.64 -5.73
C ARG D 321 33.83 -5.04 -5.67
N LEU D 322 35.10 -5.17 -5.26
CA LEU D 322 35.78 -6.45 -5.21
C LEU D 322 35.34 -7.23 -3.97
N VAL D 323 34.20 -7.91 -4.06
CA VAL D 323 33.65 -8.61 -2.91
C VAL D 323 33.40 -10.06 -3.29
N PRO D 324 33.16 -10.94 -2.28
CA PRO D 324 32.75 -12.33 -2.50
C PRO D 324 31.58 -12.58 -3.44
N HIS D 325 30.71 -11.61 -3.73
CA HIS D 325 29.68 -11.84 -4.71
C HIS D 325 30.39 -12.42 -5.95
N PHE D 326 29.95 -13.58 -6.46
CA PHE D 326 30.62 -14.24 -7.57
C PHE D 326 30.62 -13.37 -8.83
N GLU D 327 29.77 -12.34 -8.83
CA GLU D 327 29.78 -11.29 -9.85
C GLU D 327 31.16 -10.62 -9.95
N ALA D 328 31.69 -10.22 -8.80
CA ALA D 328 32.96 -9.52 -8.69
C ALA D 328 34.09 -10.47 -9.08
N PRO D 329 34.88 -10.17 -10.14
CA PRO D 329 35.96 -11.04 -10.59
C PRO D 329 37.15 -11.09 -9.65
N ILE D 330 36.93 -11.72 -8.49
CA ILE D 330 37.93 -11.72 -7.44
C ILE D 330 38.92 -12.87 -7.64
N MET D 331 38.51 -13.97 -8.26
CA MET D 331 39.37 -15.15 -8.36
C MET D 331 40.39 -14.99 -9.49
N LEU D 332 41.67 -15.17 -9.16
CA LEU D 332 42.79 -14.97 -10.06
C LEU D 332 42.98 -16.22 -10.92
N ALA D 333 42.24 -16.28 -12.03
CA ALA D 333 42.46 -17.30 -13.06
C ALA D 333 41.85 -16.79 -14.37
N TYR D 334 41.81 -17.66 -15.38
CA TYR D 334 41.46 -17.27 -16.73
C TYR D 334 40.53 -18.31 -17.31
N SER D 335 39.54 -17.85 -18.08
CA SER D 335 38.66 -18.70 -18.86
C SER D 335 37.84 -17.82 -19.80
N ALA D 336 37.55 -18.31 -21.01
CA ALA D 336 36.69 -17.58 -21.92
C ALA D 336 35.27 -17.45 -21.37
N ARG D 337 34.85 -18.42 -20.56
CA ARG D 337 33.45 -18.59 -20.23
C ARG D 337 33.25 -18.60 -18.71
N ASN D 338 34.14 -17.94 -17.94
CA ASN D 338 33.96 -17.88 -16.50
C ASN D 338 33.94 -16.44 -16.01
N ARG D 339 32.91 -16.15 -15.22
CA ARG D 339 32.61 -14.82 -14.75
C ARG D 339 33.54 -14.48 -13.58
N SER D 340 33.72 -15.46 -12.69
CA SER D 340 34.48 -15.28 -11.48
C SER D 340 35.95 -15.10 -11.84
N ALA D 341 36.30 -15.40 -13.10
CA ALA D 341 37.68 -15.32 -13.57
C ALA D 341 38.10 -13.86 -13.66
N SER D 342 39.18 -13.52 -12.96
CA SER D 342 39.75 -12.19 -13.02
C SER D 342 40.08 -11.84 -14.46
N ILE D 343 40.56 -12.85 -15.23
CA ILE D 343 40.91 -12.68 -16.63
C ILE D 343 39.95 -13.50 -17.46
N ARG D 344 39.48 -12.88 -18.55
CA ARG D 344 38.59 -13.55 -19.47
C ARG D 344 39.20 -13.42 -20.85
N ILE D 345 38.98 -14.45 -21.69
CA ILE D 345 39.44 -14.41 -23.07
C ILE D 345 38.22 -14.24 -23.97
N PRO D 346 38.00 -13.05 -24.56
CA PRO D 346 36.85 -12.85 -25.43
C PRO D 346 36.93 -13.67 -26.72
N TYR D 347 35.77 -14.16 -27.16
CA TYR D 347 35.61 -14.82 -28.44
C TYR D 347 35.82 -13.81 -29.56
N VAL D 348 36.93 -14.01 -30.27
CA VAL D 348 37.19 -13.29 -31.51
C VAL D 348 36.85 -14.23 -32.69
N SER D 349 35.87 -13.83 -33.51
CA SER D 349 35.42 -14.60 -34.66
C SER D 349 36.59 -14.95 -35.59
N ASN D 350 37.54 -14.00 -35.71
CA ASN D 350 38.74 -14.13 -36.53
C ASN D 350 40.00 -13.98 -35.67
N PRO D 351 41.04 -14.84 -35.81
CA PRO D 351 42.19 -14.78 -34.93
C PRO D 351 42.92 -13.44 -34.90
N LYS D 352 42.76 -12.62 -35.95
CA LYS D 352 43.31 -11.27 -35.91
C LYS D 352 42.60 -10.51 -34.79
N GLY D 353 43.38 -9.89 -33.91
CA GLY D 353 42.82 -9.14 -32.81
C GLY D 353 42.41 -10.04 -31.63
N LYS D 354 43.03 -11.22 -31.51
CA LYS D 354 42.96 -11.98 -30.28
C LYS D 354 43.42 -11.12 -29.12
N ARG D 355 42.61 -11.08 -28.04
CA ARG D 355 42.95 -10.26 -26.89
C ARG D 355 42.75 -11.03 -25.59
N ILE D 356 43.20 -10.42 -24.49
CA ILE D 356 42.89 -10.87 -23.15
C ILE D 356 42.23 -9.71 -22.38
N GLU D 357 41.24 -10.02 -21.53
CA GLU D 357 40.53 -9.03 -20.76
C GLU D 357 40.83 -9.23 -19.27
N ALA D 358 41.29 -8.16 -18.62
CA ALA D 358 41.42 -8.11 -17.17
C ALA D 358 40.27 -7.31 -16.59
N ARG D 359 39.39 -7.99 -15.83
CA ARG D 359 38.14 -7.39 -15.40
C ARG D 359 38.31 -6.73 -14.02
N PHE D 360 39.43 -6.99 -13.35
CA PHE D 360 39.60 -6.55 -11.97
C PHE D 360 39.82 -5.04 -11.87
N PRO D 361 40.47 -4.31 -12.80
CA PRO D 361 40.62 -2.86 -12.65
C PRO D 361 39.29 -2.07 -12.61
N ASP D 362 39.29 -0.93 -11.90
CA ASP D 362 38.13 -0.05 -11.80
C ASP D 362 38.55 1.33 -12.34
N PRO D 363 37.61 2.25 -12.65
CA PRO D 363 37.95 3.51 -13.24
C PRO D 363 38.78 4.42 -12.36
N MET D 364 39.07 4.02 -11.11
CA MET D 364 39.88 4.89 -10.29
C MET D 364 41.37 4.82 -10.66
N MET D 365 41.71 3.80 -11.47
CA MET D 365 43.05 3.63 -11.99
C MET D 365 43.46 4.86 -12.79
N ASN D 366 44.70 5.32 -12.55
CA ASN D 366 45.33 6.37 -13.36
C ASN D 366 45.81 5.70 -14.63
N PRO D 367 45.12 5.80 -15.78
CA PRO D 367 45.38 4.87 -16.87
C PRO D 367 46.84 4.79 -17.27
N TYR D 368 47.52 5.93 -17.35
CA TYR D 368 48.94 5.94 -17.64
C TYR D 368 49.65 4.92 -16.76
N LEU D 369 49.72 5.21 -15.46
CA LEU D 369 50.28 4.24 -14.53
C LEU D 369 49.25 3.15 -14.57
N GLY D 370 49.54 1.93 -14.86
CA GLY D 370 48.41 1.02 -14.82
C GLY D 370 48.25 0.34 -16.15
N PHE D 371 48.09 1.05 -17.26
CA PHE D 371 48.41 0.42 -18.54
C PHE D 371 49.85 -0.08 -18.45
N ALA D 372 50.72 0.81 -17.96
CA ALA D 372 52.12 0.52 -17.71
C ALA D 372 52.26 -0.75 -16.89
N ALA D 373 51.64 -0.75 -15.70
CA ALA D 373 51.84 -1.82 -14.74
C ALA D 373 51.44 -3.16 -15.33
N LEU D 374 50.34 -3.15 -16.09
CA LEU D 374 49.88 -4.35 -16.74
C LEU D 374 50.93 -4.91 -17.68
N LEU D 375 51.54 -4.04 -18.49
CA LEU D 375 52.57 -4.44 -19.45
C LEU D 375 53.75 -5.05 -18.71
N MET D 376 54.28 -4.32 -17.73
CA MET D 376 55.46 -4.75 -17.00
C MET D 376 55.24 -6.15 -16.44
N ALA D 377 54.08 -6.34 -15.78
CA ALA D 377 53.75 -7.63 -15.20
C ALA D 377 53.54 -8.65 -16.30
N GLY D 378 52.84 -8.26 -17.37
CA GLY D 378 52.65 -9.14 -18.50
C GLY D 378 53.98 -9.66 -19.05
N ILE D 379 54.92 -8.74 -19.33
CA ILE D 379 56.17 -9.13 -19.96
C ILE D 379 57.04 -9.92 -18.99
N ASP D 380 56.94 -9.64 -17.68
CA ASP D 380 57.66 -10.46 -16.70
C ASP D 380 57.24 -11.91 -16.90
N GLY D 381 55.95 -12.10 -17.22
CA GLY D 381 55.43 -13.43 -17.48
C GLY D 381 56.17 -14.06 -18.65
N ILE D 382 56.16 -13.35 -19.78
CA ILE D 382 56.78 -13.80 -21.01
C ILE D 382 58.28 -14.04 -20.76
N GLN D 383 58.95 -13.04 -20.20
CA GLN D 383 60.37 -13.12 -19.91
C GLN D 383 60.70 -14.36 -19.10
N ASN D 384 59.93 -14.64 -18.04
CA ASN D 384 60.20 -15.78 -17.20
C ASN D 384 59.35 -16.98 -17.61
N LYS D 385 58.70 -16.90 -18.77
CA LYS D 385 57.86 -17.97 -19.29
C LYS D 385 56.96 -18.51 -18.18
N ILE D 386 56.31 -17.60 -17.43
CA ILE D 386 55.49 -17.94 -16.27
C ILE D 386 54.22 -18.63 -16.76
N HIS D 387 54.00 -19.87 -16.31
CA HIS D 387 52.87 -20.65 -16.80
C HIS D 387 51.64 -20.25 -16.03
N PRO D 388 50.50 -19.88 -16.68
CA PRO D 388 49.32 -19.44 -15.94
C PRO D 388 48.58 -20.58 -15.27
N GLY D 389 49.03 -21.82 -15.52
CA GLY D 389 48.32 -23.01 -15.08
C GLY D 389 47.05 -23.24 -15.90
N GLU D 390 46.19 -24.09 -15.37
CA GLU D 390 45.02 -24.58 -16.07
C GLU D 390 43.94 -23.49 -16.11
N ALA D 391 43.10 -23.53 -17.15
CA ALA D 391 41.98 -22.61 -17.27
C ALA D 391 40.79 -23.15 -16.47
N ALA D 392 40.17 -22.30 -15.63
CA ALA D 392 39.00 -22.66 -14.86
C ALA D 392 37.73 -22.45 -15.68
N ASP D 393 37.53 -23.35 -16.62
CA ASP D 393 36.31 -23.36 -17.43
C ASP D 393 35.19 -23.98 -16.62
N LYS D 394 35.55 -24.82 -15.63
CA LYS D 394 34.57 -25.72 -15.02
C LYS D 394 33.62 -24.89 -14.15
N ASN D 395 34.09 -24.40 -13.00
CA ASN D 395 33.19 -23.87 -11.98
C ASN D 395 33.71 -22.56 -11.40
N LEU D 396 32.86 -21.52 -11.40
CA LEU D 396 33.19 -20.28 -10.71
C LEU D 396 33.22 -20.52 -9.18
N TYR D 397 32.11 -20.98 -8.58
CA TYR D 397 32.07 -21.25 -7.14
C TYR D 397 31.14 -22.45 -6.89
N ASP D 398 31.52 -23.34 -5.97
CA ASP D 398 30.67 -24.44 -5.51
C ASP D 398 30.67 -24.49 -3.98
N LEU D 399 29.99 -25.50 -3.40
CA LEU D 399 30.29 -25.92 -2.03
C LEU D 399 31.80 -26.15 -2.00
N PRO D 400 32.61 -25.36 -1.23
CA PRO D 400 34.04 -25.29 -1.45
C PRO D 400 34.71 -26.65 -1.50
N PRO D 401 35.12 -27.17 -2.68
CA PRO D 401 35.77 -28.48 -2.74
C PRO D 401 37.24 -28.32 -2.33
N GLU D 402 37.45 -27.64 -1.19
CA GLU D 402 38.72 -26.97 -0.91
C GLU D 402 38.87 -26.10 -2.14
N GLU D 403 39.77 -26.47 -3.06
CA GLU D 403 39.91 -25.91 -4.40
C GLU D 403 39.71 -24.39 -4.43
N GLU D 404 38.44 -23.97 -4.45
CA GLU D 404 38.07 -22.57 -4.49
C GLU D 404 38.70 -21.82 -3.31
N ALA D 405 38.73 -22.48 -2.14
CA ALA D 405 39.45 -21.99 -0.98
C ALA D 405 40.91 -21.73 -1.37
N LYS D 406 41.53 -22.71 -2.05
CA LYS D 406 42.91 -22.62 -2.48
C LYS D 406 43.09 -21.63 -3.63
N ILE D 407 42.03 -21.35 -4.39
CA ILE D 407 42.12 -20.45 -5.54
C ILE D 407 42.60 -19.08 -5.07
N PRO D 408 43.62 -18.49 -5.74
CA PRO D 408 44.11 -17.16 -5.39
C PRO D 408 43.07 -16.08 -5.65
N THR D 409 43.15 -15.00 -4.89
CA THR D 409 42.18 -13.91 -4.98
C THR D 409 42.94 -12.63 -5.19
N VAL D 410 42.21 -11.59 -5.60
CA VAL D 410 42.75 -10.25 -5.71
C VAL D 410 43.03 -9.72 -4.29
N ALA D 411 42.95 -8.44 -3.99
CA ALA D 411 43.32 -7.97 -2.66
C ALA D 411 42.08 -7.44 -1.94
N HIS D 412 42.07 -7.48 -0.60
CA HIS D 412 40.84 -7.21 0.14
C HIS D 412 40.68 -5.71 0.38
N SER D 413 41.78 -4.99 0.46
CA SER D 413 41.74 -3.60 0.84
C SER D 413 42.85 -2.84 0.13
N LEU D 414 42.69 -1.52 0.00
CA LEU D 414 43.78 -0.73 -0.54
C LEU D 414 45.01 -0.88 0.35
N ASP D 415 44.75 -0.93 1.66
CA ASP D 415 45.80 -1.13 2.63
C ASP D 415 46.71 -2.27 2.18
N MET D 416 46.09 -3.42 2.01
CA MET D 416 46.73 -4.66 1.63
C MET D 416 47.41 -4.50 0.27
N ALA D 417 46.71 -3.89 -0.68
CA ALA D 417 47.28 -3.69 -2.01
C ALA D 417 48.57 -2.88 -1.94
N LEU D 418 48.61 -1.87 -1.07
CA LEU D 418 49.79 -1.07 -0.92
C LEU D 418 50.92 -1.89 -0.29
N GLU D 419 50.58 -2.74 0.67
CA GLU D 419 51.56 -3.63 1.27
C GLU D 419 52.10 -4.59 0.22
N ALA D 420 51.22 -5.02 -0.68
CA ALA D 420 51.57 -5.94 -1.74
C ALA D 420 52.60 -5.29 -2.65
N LEU D 421 52.31 -4.04 -3.03
CA LEU D 421 53.16 -3.30 -3.96
C LEU D 421 54.53 -3.12 -3.33
N GLN D 422 54.53 -2.84 -2.02
CA GLN D 422 55.81 -2.62 -1.38
C GLN D 422 56.67 -3.85 -1.60
N ALA D 423 56.12 -5.03 -1.24
CA ALA D 423 56.82 -6.30 -1.39
C ALA D 423 57.19 -6.56 -2.83
N ASP D 424 56.25 -6.43 -3.76
CA ASP D 424 56.46 -6.82 -5.14
C ASP D 424 56.49 -5.62 -6.08
N HIS D 425 57.59 -4.85 -6.11
CA HIS D 425 57.66 -3.76 -7.09
C HIS D 425 58.73 -4.00 -8.15
N GLU D 426 59.43 -5.13 -8.07
CA GLU D 426 60.60 -5.32 -8.90
C GLU D 426 60.29 -5.29 -10.39
N PHE D 427 59.22 -5.98 -10.81
CA PHE D 427 58.93 -6.08 -12.23
C PHE D 427 58.79 -4.68 -12.84
N LEU D 428 58.23 -3.75 -12.06
CA LEU D 428 57.97 -2.39 -12.49
C LEU D 428 59.27 -1.62 -12.69
N LEU D 429 60.28 -1.86 -11.83
CA LEU D 429 61.52 -1.10 -11.86
C LEU D 429 62.35 -1.47 -13.08
N LYS D 430 62.05 -2.61 -13.71
CA LYS D 430 62.74 -3.01 -14.93
C LYS D 430 62.48 -1.96 -16.01
N GLY D 431 63.46 -1.78 -16.89
CA GLY D 431 63.36 -0.77 -17.93
C GLY D 431 63.54 0.63 -17.38
N GLY D 432 63.74 0.73 -16.05
CA GLY D 432 63.66 1.99 -15.33
C GLY D 432 62.33 2.70 -15.54
N VAL D 433 61.28 1.95 -15.91
CA VAL D 433 59.98 2.51 -16.23
C VAL D 433 59.45 3.18 -14.96
N PHE D 434 59.55 2.45 -13.87
CA PHE D 434 59.12 2.93 -12.57
C PHE D 434 60.35 3.16 -11.70
N THR D 435 60.50 4.38 -11.22
CA THR D 435 61.53 4.65 -10.23
C THR D 435 61.03 4.15 -8.87
N LYS D 436 61.95 3.78 -8.00
CA LYS D 436 61.62 3.45 -6.63
C LYS D 436 61.03 4.67 -5.93
N GLU D 437 61.61 5.83 -6.17
CA GLU D 437 61.19 7.04 -5.50
C GLU D 437 59.73 7.27 -5.84
N MET D 438 59.31 7.08 -7.10
CA MET D 438 57.91 7.25 -7.49
C MET D 438 57.01 6.31 -6.70
N LEU D 439 57.38 5.02 -6.65
CA LEU D 439 56.63 4.02 -5.93
C LEU D 439 56.58 4.41 -4.46
N ASP D 440 57.70 4.81 -3.87
CA ASP D 440 57.70 5.18 -2.47
C ASP D 440 56.71 6.32 -2.21
N ALA D 441 56.72 7.34 -3.07
CA ALA D 441 55.79 8.47 -2.97
C ALA D 441 54.34 8.03 -3.07
N TYR D 442 54.05 7.35 -4.20
CA TYR D 442 52.74 6.80 -4.49
C TYR D 442 52.19 6.16 -3.24
N ILE D 443 52.97 5.25 -2.67
CA ILE D 443 52.50 4.48 -1.54
C ILE D 443 52.13 5.44 -0.43
N GLU D 444 52.99 6.42 -0.14
CA GLU D 444 52.72 7.27 1.01
C GLU D 444 51.47 8.10 0.78
N LEU D 445 51.35 8.63 -0.45
CA LEU D 445 50.23 9.49 -0.79
C LEU D 445 48.94 8.71 -0.67
N LYS D 446 48.90 7.52 -1.25
CA LYS D 446 47.69 6.69 -1.18
C LYS D 446 47.43 6.25 0.24
N THR D 447 48.44 6.20 1.09
CA THR D 447 48.20 5.81 2.47
C THR D 447 47.29 6.84 3.16
N GLU D 448 47.38 8.12 2.75
CA GLU D 448 46.56 9.13 3.38
C GLU D 448 45.10 8.80 3.10
N ASP D 449 44.79 8.25 1.92
CA ASP D 449 43.45 7.83 1.62
C ASP D 449 43.03 6.77 2.64
N VAL D 450 43.91 5.80 2.84
CA VAL D 450 43.63 4.75 3.77
C VAL D 450 43.47 5.35 5.14
N ARG D 451 44.37 6.22 5.56
CA ARG D 451 44.25 6.87 6.85
C ARG D 451 42.86 7.46 7.03
N ARG D 452 42.40 8.28 6.05
CA ARG D 452 41.10 8.93 6.15
C ARG D 452 40.03 7.92 6.57
N LEU D 453 39.90 6.88 5.71
CA LEU D 453 38.87 5.87 5.89
C LEU D 453 38.97 5.26 7.28
N ASN D 454 40.20 4.86 7.66
CA ASN D 454 40.37 4.09 8.86
C ASN D 454 40.22 4.98 10.07
N THR D 455 40.41 6.29 9.92
CA THR D 455 40.29 7.17 11.07
C THR D 455 38.82 7.53 11.29
N THR D 456 38.06 7.74 10.22
CA THR D 456 36.72 8.34 10.32
C THR D 456 35.69 7.27 10.63
N THR D 457 35.02 7.40 11.76
CA THR D 457 33.94 6.49 12.12
C THR D 457 32.89 6.51 11.02
N HIS D 458 32.36 5.32 10.71
CA HIS D 458 31.45 5.09 9.59
C HIS D 458 30.06 4.93 10.19
N PRO D 459 28.97 5.39 9.54
CA PRO D 459 27.63 5.15 10.03
C PRO D 459 27.38 3.72 10.48
N VAL D 460 27.93 2.74 9.80
CA VAL D 460 27.60 1.37 10.20
C VAL D 460 28.17 1.05 11.58
N GLU D 461 29.23 1.73 11.99
CA GLU D 461 29.81 1.48 13.31
C GLU D 461 28.85 1.95 14.41
N PHE D 462 27.74 2.54 14.00
CA PHE D 462 26.66 2.90 14.91
C PHE D 462 25.63 1.80 14.91
N ASP D 463 25.38 1.25 13.73
CA ASP D 463 24.47 0.15 13.61
C ASP D 463 25.00 -0.96 14.49
N MET D 464 26.30 -1.29 14.33
CA MET D 464 26.84 -2.46 15.02
C MET D 464 27.08 -2.13 16.48
N TYR D 465 27.78 -1.02 16.73
CA TYR D 465 28.36 -0.84 18.05
C TYR D 465 27.61 0.15 18.96
N TYR D 466 26.64 0.93 18.51
CA TYR D 466 26.17 2.03 19.35
C TYR D 466 25.64 1.48 20.68
N SER D 467 24.77 0.46 20.61
CA SER D 467 24.11 -0.05 21.80
C SER D 467 24.81 -1.30 22.36
N LEU D 468 26.06 -1.15 22.72
CA LEU D 468 26.89 -2.29 23.09
C LEU D 468 27.87 -1.86 24.17
N ALA E 1 21.39 -5.56 -44.93
CA ALA E 1 19.94 -5.85 -45.09
C ALA E 1 19.30 -4.85 -46.04
N ASN E 2 18.62 -5.36 -47.07
CA ASN E 2 17.95 -4.50 -48.03
C ASN E 2 17.15 -3.45 -47.26
N LYS E 3 16.22 -3.85 -46.39
CA LYS E 3 15.46 -2.89 -45.62
C LYS E 3 16.40 -1.99 -44.81
N VAL E 4 17.04 -2.63 -43.81
CA VAL E 4 17.72 -1.92 -42.74
C VAL E 4 18.83 -1.06 -43.33
N LEU E 5 19.80 -1.73 -43.99
CA LEU E 5 21.00 -1.03 -44.43
C LEU E 5 20.59 0.12 -45.33
N GLN E 6 19.60 -0.10 -46.19
CA GLN E 6 19.18 0.96 -47.09
C GLN E 6 18.55 2.08 -46.27
N LEU E 7 17.71 1.71 -45.32
CA LEU E 7 17.10 2.71 -44.47
C LEU E 7 18.19 3.58 -43.83
N ILE E 8 19.27 2.94 -43.39
CA ILE E 8 20.35 3.64 -42.73
C ILE E 8 20.88 4.70 -43.68
N GLN E 9 21.11 4.30 -44.93
CA GLN E 9 21.60 5.21 -45.97
C GLN E 9 20.64 6.39 -46.10
N GLU E 10 19.37 6.09 -46.35
CA GLU E 10 18.37 7.11 -46.61
C GLU E 10 18.25 8.06 -45.42
N SER E 11 18.23 7.53 -44.20
CA SER E 11 18.06 8.33 -43.00
C SER E 11 19.29 9.19 -42.70
N GLY E 12 20.47 8.78 -43.17
CA GLY E 12 21.70 9.40 -42.72
C GLY E 12 21.89 9.20 -41.23
N ALA E 13 21.37 8.07 -40.72
CA ALA E 13 21.41 7.79 -39.30
C ALA E 13 22.82 7.36 -38.91
N LYS E 14 23.28 7.79 -37.73
CA LYS E 14 24.57 7.42 -37.21
C LYS E 14 24.45 6.29 -36.20
N TRP E 15 23.23 5.91 -35.82
CA TRP E 15 23.06 4.98 -34.71
C TRP E 15 21.98 3.97 -35.02
N VAL E 16 22.21 2.72 -34.62
CA VAL E 16 21.31 1.62 -34.93
C VAL E 16 21.00 0.91 -33.63
N ASP E 17 19.70 0.77 -33.32
CA ASP E 17 19.31 0.31 -31.99
C ASP E 17 18.87 -1.13 -32.13
N PHE E 18 19.66 -2.05 -31.58
CA PHE E 18 19.33 -3.47 -31.64
C PHE E 18 18.36 -3.77 -30.50
N ARG E 19 17.16 -4.25 -30.79
CA ARG E 19 16.15 -4.47 -29.78
C ARG E 19 15.76 -5.96 -29.79
N PHE E 20 15.71 -6.57 -28.60
CA PHE E 20 15.28 -7.95 -28.49
C PHE E 20 14.33 -8.04 -27.31
N THR E 21 13.79 -9.24 -27.03
CA THR E 21 12.76 -9.40 -25.99
C THR E 21 13.17 -10.48 -24.99
N ASP E 22 13.02 -10.17 -23.70
CA ASP E 22 13.44 -11.10 -22.66
C ASP E 22 12.30 -12.09 -22.39
N THR E 23 12.57 -13.06 -21.51
CA THR E 23 11.61 -14.11 -21.27
C THR E 23 10.32 -13.51 -20.74
N LYS E 24 10.44 -12.50 -19.88
CA LYS E 24 9.30 -11.88 -19.23
C LYS E 24 8.55 -10.99 -20.20
N GLY E 25 9.11 -10.77 -21.40
CA GLY E 25 8.39 -10.06 -22.44
C GLY E 25 8.68 -8.57 -22.42
N LYS E 26 9.87 -8.19 -21.94
CA LYS E 26 10.26 -6.79 -21.88
C LYS E 26 11.29 -6.51 -22.97
N GLU E 27 10.96 -5.59 -23.88
CA GLU E 27 11.88 -5.24 -24.96
C GLU E 27 13.14 -4.64 -24.34
N GLN E 28 14.29 -5.01 -24.88
CA GLN E 28 15.58 -4.52 -24.42
C GLN E 28 16.31 -3.90 -25.60
N HIS E 29 17.26 -2.98 -25.37
CA HIS E 29 17.95 -2.32 -26.47
C HIS E 29 19.43 -2.04 -26.17
N VAL E 30 20.24 -2.15 -27.23
CA VAL E 30 21.65 -1.79 -27.22
C VAL E 30 21.92 -1.03 -28.52
N THR E 31 22.78 -0.01 -28.45
CA THR E 31 22.89 0.89 -29.58
C THR E 31 24.31 0.82 -30.15
N TYR E 32 24.38 0.67 -31.48
CA TYR E 32 25.64 0.63 -32.18
C TYR E 32 25.70 1.74 -33.22
N PRO E 33 26.91 2.23 -33.57
CA PRO E 33 27.08 3.10 -34.71
C PRO E 33 26.82 2.37 -36.01
N ALA E 34 26.40 3.13 -37.03
CA ALA E 34 26.08 2.54 -38.31
C ALA E 34 27.32 1.92 -38.97
N ASP E 35 28.49 2.42 -38.64
CA ASP E 35 29.72 1.99 -39.25
C ASP E 35 29.91 0.49 -39.09
N SER E 36 29.56 -0.07 -37.93
CA SER E 36 29.81 -1.49 -37.71
C SER E 36 28.79 -2.36 -38.46
N ILE E 37 27.70 -1.74 -38.93
CA ILE E 37 26.59 -2.52 -39.46
C ILE E 37 26.77 -2.70 -40.96
N ASP E 38 27.00 -3.94 -41.38
CA ASP E 38 27.17 -4.35 -42.76
C ASP E 38 26.15 -5.45 -43.03
N GLU E 39 26.06 -5.88 -44.29
CA GLU E 39 25.14 -6.95 -44.65
C GLU E 39 25.56 -8.23 -43.93
N ASP E 40 26.87 -8.37 -43.72
CA ASP E 40 27.46 -9.59 -43.16
C ASP E 40 27.06 -9.68 -41.70
N THR E 41 26.86 -8.52 -41.07
CA THR E 41 26.52 -8.45 -39.67
C THR E 41 25.20 -9.18 -39.46
N PHE E 42 24.28 -9.14 -40.43
CA PHE E 42 23.01 -9.85 -40.32
C PHE E 42 23.30 -11.34 -40.19
N GLU E 43 24.28 -11.82 -40.95
CA GLU E 43 24.73 -13.21 -40.82
C GLU E 43 25.54 -13.36 -39.53
N ASP E 44 26.69 -12.69 -39.44
CA ASP E 44 27.64 -12.87 -38.35
C ASP E 44 27.06 -12.44 -37.00
N GLY E 45 26.57 -11.19 -36.88
CA GLY E 45 25.92 -10.70 -35.67
C GLY E 45 26.88 -9.95 -34.75
N LYS E 46 26.36 -9.41 -33.63
CA LYS E 46 27.20 -8.76 -32.62
C LYS E 46 27.01 -9.45 -31.26
N MET E 47 28.10 -9.81 -30.54
CA MET E 47 27.98 -10.67 -29.35
C MET E 47 27.88 -9.86 -28.06
N PHE E 48 27.37 -10.46 -26.97
CA PHE E 48 26.99 -9.72 -25.74
C PHE E 48 26.80 -10.69 -24.56
N ASP E 49 26.78 -10.18 -23.31
CA ASP E 49 26.62 -11.04 -22.14
C ASP E 49 25.15 -11.35 -21.85
N GLY E 50 24.90 -12.43 -21.08
CA GLY E 50 23.55 -12.89 -20.73
C GLY E 50 23.25 -12.73 -19.24
N SER E 51 22.43 -11.70 -18.96
CA SER E 51 22.03 -11.26 -17.64
C SER E 51 20.55 -10.86 -17.72
N SER E 52 19.67 -11.86 -17.83
CA SER E 52 18.23 -11.77 -17.57
C SER E 52 17.57 -13.16 -17.65
N ILE E 53 17.85 -13.89 -18.75
CA ILE E 53 17.32 -15.22 -19.06
C ILE E 53 18.21 -16.28 -18.42
N ALA E 54 19.54 -16.06 -18.52
CA ALA E 54 20.53 -17.04 -18.14
C ALA E 54 21.47 -16.52 -17.04
N GLY E 55 22.33 -17.43 -16.59
CA GLY E 55 23.40 -17.12 -15.65
C GLY E 55 24.27 -18.35 -15.35
N TRP E 56 25.37 -18.11 -14.62
CA TRP E 56 26.33 -19.15 -14.26
C TRP E 56 27.12 -19.56 -15.50
N LYS E 57 26.44 -19.73 -16.65
CA LYS E 57 27.09 -20.17 -17.87
C LYS E 57 28.17 -19.19 -18.31
N GLY E 58 28.14 -17.97 -17.77
CA GLY E 58 28.98 -16.90 -18.27
C GLY E 58 28.77 -16.72 -19.77
N ILE E 59 27.49 -16.76 -20.18
CA ILE E 59 27.08 -16.88 -21.56
C ILE E 59 27.42 -15.62 -22.37
N GLU E 60 28.07 -15.89 -23.51
CA GLU E 60 28.50 -14.87 -24.46
C GLU E 60 27.71 -15.14 -25.75
N ALA E 61 26.39 -14.90 -25.70
CA ALA E 61 25.52 -15.16 -26.84
C ALA E 61 25.69 -14.06 -27.88
N SER E 62 25.16 -14.27 -29.09
CA SER E 62 25.28 -13.28 -30.14
C SER E 62 23.90 -12.70 -30.46
N ASP E 63 23.86 -11.41 -30.81
CA ASP E 63 22.61 -10.79 -31.24
C ASP E 63 22.59 -10.74 -32.76
N MET E 64 22.07 -11.81 -33.37
CA MET E 64 21.94 -11.91 -34.81
C MET E 64 20.86 -10.93 -35.25
N ILE E 65 21.37 -9.81 -35.74
CA ILE E 65 20.51 -8.72 -36.07
C ILE E 65 19.63 -9.25 -37.19
N LEU E 66 18.33 -9.23 -36.96
CA LEU E 66 17.44 -9.67 -38.02
C LEU E 66 17.16 -8.47 -38.89
N ARG E 67 16.76 -8.70 -40.14
CA ARG E 67 16.89 -7.70 -41.17
C ARG E 67 15.52 -7.21 -41.66
N PRO E 68 14.68 -8.05 -42.32
CA PRO E 68 13.46 -7.54 -42.95
C PRO E 68 12.56 -6.93 -41.90
N ASP E 69 11.98 -5.76 -42.26
CA ASP E 69 11.01 -5.09 -41.41
C ASP E 69 11.67 -4.77 -40.06
N ALA E 70 10.83 -4.26 -39.17
CA ALA E 70 11.25 -3.79 -37.86
C ALA E 70 12.41 -2.83 -38.04
N GLU E 71 12.60 -2.26 -39.25
CA GLU E 71 13.63 -1.28 -39.51
C GLU E 71 13.00 0.10 -39.39
N THR E 72 12.80 0.58 -38.15
CA THR E 72 11.96 1.77 -37.97
C THR E 72 12.90 2.87 -37.48
N GLY E 73 12.94 4.04 -38.13
CA GLY E 73 13.49 5.24 -37.51
C GLY E 73 12.88 5.50 -36.12
N PHE E 74 13.72 5.55 -35.08
CA PHE E 74 13.33 5.84 -33.70
C PHE E 74 12.57 7.14 -33.66
N ILE E 75 11.24 7.06 -33.57
CA ILE E 75 10.45 8.26 -33.66
C ILE E 75 10.76 9.20 -32.50
N ASP E 76 10.87 8.69 -31.27
CA ASP E 76 10.96 9.54 -30.10
C ASP E 76 12.37 10.17 -30.02
N PRO E 77 13.52 9.43 -29.95
CA PRO E 77 14.87 10.01 -29.74
C PRO E 77 15.37 11.06 -30.73
N PHE E 78 16.32 11.91 -30.31
CA PHE E 78 16.71 13.09 -31.05
C PHE E 78 17.48 12.73 -32.31
N PHE E 79 18.71 12.24 -32.16
CA PHE E 79 19.57 11.89 -33.29
C PHE E 79 18.84 10.91 -34.20
N ALA E 80 19.02 11.03 -35.49
CA ALA E 80 18.42 10.04 -36.38
C ALA E 80 18.90 8.65 -35.99
N GLU E 81 18.02 7.76 -35.49
CA GLU E 81 18.45 6.44 -35.02
C GLU E 81 17.46 5.35 -35.43
N PRO E 82 17.63 4.52 -36.51
CA PRO E 82 16.73 3.38 -36.76
C PRO E 82 16.92 2.28 -35.71
N THR E 83 15.87 1.51 -35.56
CA THR E 83 15.79 0.42 -34.65
C THR E 83 15.70 -0.83 -35.50
N VAL E 84 16.26 -1.86 -34.91
CA VAL E 84 16.18 -3.20 -35.45
C VAL E 84 15.53 -4.09 -34.41
N VAL E 85 14.20 -3.95 -34.23
CA VAL E 85 13.39 -4.70 -33.27
C VAL E 85 13.59 -6.18 -33.56
N VAL E 86 14.16 -6.42 -34.70
CA VAL E 86 14.50 -7.74 -35.16
C VAL E 86 15.94 -8.03 -34.76
N THR E 87 16.09 -8.64 -33.60
CA THR E 87 17.40 -9.14 -33.19
C THR E 87 17.19 -10.50 -32.54
N CYS E 88 17.13 -11.55 -33.36
CA CYS E 88 16.97 -12.91 -32.85
C CYS E 88 18.23 -13.22 -32.06
N ASP E 89 18.11 -13.99 -30.98
CA ASP E 89 19.25 -14.26 -30.13
C ASP E 89 19.74 -15.68 -30.40
N VAL E 90 21.02 -15.83 -30.80
CA VAL E 90 21.56 -17.10 -31.27
C VAL E 90 22.73 -17.50 -30.37
N ILE E 91 22.84 -18.80 -30.01
CA ILE E 91 24.03 -19.28 -29.30
C ILE E 91 25.23 -19.16 -30.22
N GLU E 92 26.46 -19.20 -29.70
CA GLU E 92 27.65 -19.14 -30.55
C GLU E 92 27.62 -20.25 -31.62
N PRO E 93 27.56 -21.56 -31.28
CA PRO E 93 27.35 -22.59 -32.29
C PRO E 93 25.87 -22.66 -32.67
N SER E 94 25.30 -23.85 -32.61
CA SER E 94 23.87 -24.10 -32.76
C SER E 94 23.04 -22.81 -32.81
N THR E 95 23.05 -22.14 -33.98
CA THR E 95 22.30 -20.91 -34.19
C THR E 95 20.84 -21.14 -33.76
N GLY E 96 20.52 -20.94 -32.47
CA GLY E 96 19.26 -21.42 -31.93
C GLY E 96 18.74 -20.51 -30.83
N GLN E 97 17.70 -20.95 -30.11
CA GLN E 97 17.17 -20.15 -29.00
C GLN E 97 18.24 -19.94 -27.95
N GLY E 98 18.77 -18.71 -27.88
CA GLY E 98 19.87 -18.39 -26.98
C GLY E 98 19.38 -18.34 -25.54
N TYR E 99 20.34 -18.30 -24.60
CA TYR E 99 20.07 -18.31 -23.16
C TYR E 99 19.17 -19.51 -22.86
N GLU E 100 18.25 -19.40 -21.90
CA GLU E 100 17.24 -20.42 -21.69
C GLU E 100 16.39 -20.59 -22.96
N ARG E 101 15.69 -19.54 -23.39
CA ARG E 101 15.07 -19.58 -24.71
C ARG E 101 14.73 -18.16 -25.15
N ASP E 102 15.12 -17.87 -26.39
CA ASP E 102 14.78 -16.61 -27.00
C ASP E 102 13.34 -16.74 -27.46
N PRO E 103 12.39 -15.90 -27.00
CA PRO E 103 11.00 -16.00 -27.42
C PRO E 103 10.81 -15.91 -28.92
N ARG E 104 11.54 -14.99 -29.56
CA ARG E 104 11.38 -14.75 -30.98
C ARG E 104 11.71 -16.03 -31.75
N SER E 105 12.81 -16.70 -31.38
CA SER E 105 13.16 -17.95 -32.02
C SER E 105 12.09 -19.02 -31.73
N ILE E 106 11.60 -19.12 -30.49
CA ILE E 106 10.55 -20.08 -30.17
C ILE E 106 9.41 -19.85 -31.14
N ALA E 107 9.11 -18.57 -31.40
CA ALA E 107 8.00 -18.24 -32.27
C ALA E 107 8.35 -18.60 -33.71
N ARG E 108 9.60 -18.34 -34.15
CA ARG E 108 10.05 -18.76 -35.46
C ARG E 108 9.87 -20.28 -35.57
N ARG E 109 10.27 -21.02 -34.54
CA ARG E 109 10.11 -22.47 -34.52
C ARG E 109 8.66 -22.85 -34.81
N ALA E 110 7.72 -22.21 -34.10
CA ALA E 110 6.31 -22.43 -34.31
C ALA E 110 5.89 -22.02 -35.74
N GLU E 111 6.51 -21.00 -36.32
CA GLU E 111 6.21 -20.62 -37.69
C GLU E 111 6.44 -21.81 -38.61
N GLU E 112 7.59 -22.47 -38.42
CA GLU E 112 7.94 -23.63 -39.22
C GLU E 112 7.01 -24.80 -38.91
N TYR E 113 6.72 -24.96 -37.61
CA TYR E 113 5.83 -26.01 -37.11
C TYR E 113 4.37 -25.62 -37.30
N LEU E 114 4.07 -25.45 -38.54
CA LEU E 114 2.74 -25.21 -39.04
C LEU E 114 2.79 -25.58 -40.52
N LYS E 115 3.77 -25.05 -41.25
CA LYS E 115 4.03 -25.52 -42.61
C LYS E 115 4.49 -26.98 -42.55
N SER E 116 5.33 -27.29 -41.55
CA SER E 116 5.85 -28.65 -41.38
C SER E 116 4.71 -29.61 -41.12
N THR E 117 3.72 -29.20 -40.32
CA THR E 117 2.56 -30.03 -40.02
C THR E 117 1.70 -30.13 -41.28
N GLY E 118 1.89 -29.19 -42.22
CA GLY E 118 1.11 -29.11 -43.43
C GLY E 118 -0.33 -28.65 -43.16
N ILE E 119 -0.61 -28.20 -41.93
CA ILE E 119 -1.90 -27.65 -41.58
C ILE E 119 -2.09 -26.30 -42.28
N GLY E 120 -1.04 -25.48 -42.33
CA GLY E 120 -1.23 -24.09 -42.79
C GLY E 120 0.09 -23.42 -43.15
N ASP E 121 0.04 -22.45 -44.09
CA ASP E 121 1.22 -21.73 -44.52
C ASP E 121 1.58 -20.63 -43.52
N THR E 122 0.57 -19.90 -43.00
CA THR E 122 0.78 -18.76 -42.09
C THR E 122 -0.34 -18.74 -41.04
N ALA E 123 -0.07 -18.14 -39.86
CA ALA E 123 -1.09 -17.89 -38.84
C ALA E 123 -1.19 -16.41 -38.53
N PHE E 124 -2.41 -15.94 -38.33
CA PHE E 124 -2.65 -14.51 -38.20
C PHE E 124 -3.21 -14.24 -36.80
N PHE E 125 -2.61 -13.25 -36.15
CA PHE E 125 -2.96 -12.84 -34.80
C PHE E 125 -3.29 -11.35 -34.80
N GLY E 126 -4.39 -10.98 -34.12
CA GLY E 126 -4.81 -9.60 -34.02
C GLY E 126 -5.13 -9.24 -32.59
N PRO E 127 -4.14 -8.80 -31.78
CA PRO E 127 -4.35 -8.52 -30.37
C PRO E 127 -5.00 -7.16 -30.13
N GLU E 128 -5.79 -7.05 -29.07
CA GLU E 128 -6.43 -5.81 -28.71
C GLU E 128 -5.91 -5.43 -27.32
N PRO E 129 -4.63 -4.98 -27.14
CA PRO E 129 -4.12 -4.61 -25.82
C PRO E 129 -4.68 -3.29 -25.31
N GLU E 130 -5.13 -3.32 -24.04
CA GLU E 130 -5.74 -2.16 -23.41
C GLU E 130 -4.67 -1.55 -22.50
N PHE E 131 -4.67 -0.23 -22.36
CA PHE E 131 -3.72 0.40 -21.45
C PHE E 131 -4.42 1.53 -20.69
N PHE E 132 -3.83 1.87 -19.54
CA PHE E 132 -4.21 3.03 -18.77
C PHE E 132 -3.11 4.08 -18.87
N VAL E 133 -3.53 5.37 -18.91
CA VAL E 133 -2.59 6.48 -18.82
C VAL E 133 -2.95 7.32 -17.61
N PHE E 134 -1.98 7.45 -16.72
CA PHE E 134 -2.12 8.27 -15.54
C PHE E 134 -1.17 9.46 -15.60
N ASP E 135 -1.48 10.48 -14.82
CA ASP E 135 -0.60 11.63 -14.66
C ASP E 135 0.66 11.17 -13.94
N GLU E 136 0.51 10.28 -12.97
CA GLU E 136 1.62 10.01 -12.09
C GLU E 136 1.26 8.82 -11.23
N VAL E 137 2.27 8.06 -10.83
CA VAL E 137 2.07 6.81 -10.15
C VAL E 137 3.19 6.65 -9.16
N LYS E 138 2.89 6.25 -7.94
CA LYS E 138 3.90 6.21 -6.89
C LYS E 138 3.69 4.94 -6.09
N TRP E 139 4.78 4.30 -5.63
CA TRP E 139 4.69 3.18 -4.74
C TRP E 139 6.00 2.95 -4.01
N ASP E 140 5.94 2.30 -2.84
CA ASP E 140 7.12 1.80 -2.16
C ASP E 140 6.77 0.65 -1.25
N ILE E 141 7.75 -0.23 -1.06
CA ILE E 141 7.64 -1.41 -0.20
C ILE E 141 8.82 -1.49 0.76
N ASP E 142 8.64 -1.40 2.06
CA ASP E 142 9.70 -1.57 3.05
C ASP E 142 9.19 -2.47 4.15
N MET E 143 10.03 -2.62 5.15
CA MET E 143 9.68 -3.25 6.41
C MET E 143 8.54 -2.44 7.02
N SER E 144 8.56 -1.10 6.81
CA SER E 144 7.55 -0.22 7.34
C SER E 144 6.18 -0.56 6.76
N GLY E 145 6.13 -0.90 5.47
CA GLY E 145 4.89 -1.39 4.88
C GLY E 145 4.91 -1.43 3.37
N ALA E 146 3.74 -1.45 2.73
CA ALA E 146 3.65 -1.49 1.28
C ALA E 146 2.58 -0.52 0.87
N ARG E 147 2.85 0.28 -0.15
CA ARG E 147 1.98 1.40 -0.47
C ARG E 147 2.06 1.71 -1.96
N HIS E 148 0.94 2.12 -2.55
CA HIS E 148 0.88 2.41 -3.97
C HIS E 148 -0.29 3.33 -4.23
N THR E 149 -0.12 4.32 -5.08
CA THR E 149 -1.11 5.35 -5.28
C THR E 149 -1.20 5.71 -6.75
N LEU E 150 -2.42 5.88 -7.26
CA LEU E 150 -2.63 6.32 -8.62
C LEU E 150 -3.06 7.77 -8.61
N ILE E 151 -2.48 8.55 -9.52
CA ILE E 151 -2.74 9.96 -9.59
C ILE E 151 -3.06 10.30 -11.04
N ALA E 152 -4.25 10.87 -11.25
CA ALA E 152 -4.62 11.31 -12.57
C ALA E 152 -5.77 12.29 -12.49
N GLU E 153 -5.80 13.22 -13.45
CA GLU E 153 -6.83 14.24 -13.49
C GLU E 153 -8.10 13.58 -13.96
N GLU E 154 -7.95 12.66 -14.93
CA GLU E 154 -9.10 12.01 -15.55
C GLU E 154 -9.67 10.96 -14.63
N ALA E 155 -8.96 10.64 -13.53
CA ALA E 155 -9.40 9.60 -12.63
C ALA E 155 -10.76 9.97 -12.08
N ALA E 156 -11.61 8.95 -11.92
CA ALA E 156 -12.98 9.14 -11.54
C ALA E 156 -13.09 9.88 -10.21
N TRP E 157 -12.14 9.61 -9.31
CA TRP E 157 -12.17 10.11 -7.95
C TRP E 157 -11.57 11.50 -7.83
N SER E 158 -11.02 12.04 -8.93
CA SER E 158 -10.40 13.34 -8.92
C SER E 158 -11.38 14.53 -8.84
N THR E 159 -12.68 14.26 -8.80
CA THR E 159 -13.62 15.34 -8.55
C THR E 159 -13.31 15.83 -7.15
N GLY E 160 -13.28 17.12 -6.90
CA GLY E 160 -13.02 17.57 -5.53
C GLY E 160 -11.54 17.87 -5.25
N LYS E 161 -10.65 17.41 -6.14
CA LYS E 161 -9.25 17.73 -6.05
C LYS E 161 -8.99 19.11 -6.65
N ASP E 162 -7.96 19.77 -6.11
CA ASP E 162 -7.51 21.06 -6.60
C ASP E 162 -6.51 20.90 -7.73
N TYR E 163 -6.60 21.79 -8.71
CA TYR E 163 -5.69 21.78 -9.84
C TYR E 163 -5.25 23.21 -10.13
N GLU E 164 -4.09 23.30 -10.77
CA GLU E 164 -3.46 24.52 -11.22
C GLU E 164 -4.39 25.22 -12.19
N SER E 165 -4.74 24.53 -13.28
CA SER E 165 -5.62 25.07 -14.32
C SER E 165 -7.07 25.14 -13.86
N GLY E 166 -7.30 24.66 -12.60
CA GLY E 166 -8.62 24.40 -12.04
C GLY E 166 -9.17 23.04 -12.48
N ASN E 167 -10.17 22.61 -11.73
CA ASN E 167 -10.81 21.33 -11.94
C ASN E 167 -11.95 21.54 -12.91
N SER E 168 -11.96 20.78 -14.02
CA SER E 168 -12.97 20.98 -15.04
C SER E 168 -14.33 20.44 -14.59
N GLY E 169 -14.28 19.41 -13.73
CA GLY E 169 -15.47 18.66 -13.37
C GLY E 169 -15.92 17.72 -14.49
N HIS E 170 -15.27 17.82 -15.65
CA HIS E 170 -15.59 16.99 -16.79
C HIS E 170 -14.63 15.82 -16.84
N ARG E 171 -15.06 14.69 -16.28
CA ARG E 171 -14.25 13.50 -16.23
C ARG E 171 -15.17 12.29 -16.29
N PRO E 172 -14.69 11.14 -16.82
CA PRO E 172 -15.46 9.91 -16.81
C PRO E 172 -15.84 9.45 -15.40
N ARG E 173 -17.10 9.01 -15.23
CA ARG E 173 -17.51 8.41 -13.98
C ARG E 173 -17.06 6.96 -14.04
N VAL E 174 -17.18 6.25 -12.92
CA VAL E 174 -16.58 4.93 -12.78
C VAL E 174 -17.25 3.96 -13.74
N LYS E 175 -16.47 3.24 -14.55
CA LYS E 175 -16.98 2.34 -15.58
C LYS E 175 -17.60 3.12 -16.74
N GLY E 176 -17.83 4.41 -16.56
CA GLY E 176 -18.63 5.18 -17.50
C GLY E 176 -17.77 5.99 -18.46
N GLY E 177 -16.54 5.57 -18.71
CA GLY E 177 -15.81 6.22 -19.77
C GLY E 177 -15.94 5.51 -21.11
N TYR E 178 -17.16 5.07 -21.51
CA TYR E 178 -17.32 4.45 -22.82
C TYR E 178 -17.76 5.48 -23.85
N PHE E 179 -16.75 6.13 -24.45
CA PHE E 179 -16.78 7.00 -25.60
C PHE E 179 -17.39 8.37 -25.32
N PRO E 180 -17.47 8.98 -24.12
CA PRO E 180 -18.08 10.29 -24.02
C PRO E 180 -17.21 11.35 -24.70
N VAL E 181 -17.81 12.50 -25.02
CA VAL E 181 -17.16 13.49 -25.87
C VAL E 181 -16.02 14.21 -25.15
N PRO E 182 -15.09 14.81 -25.93
CA PRO E 182 -13.82 15.38 -25.48
C PRO E 182 -13.80 16.21 -24.23
N PRO E 183 -14.78 17.08 -23.90
CA PRO E 183 -14.67 17.81 -22.65
C PRO E 183 -14.18 16.86 -21.55
N VAL E 184 -14.87 15.72 -21.41
CA VAL E 184 -14.53 14.73 -20.39
C VAL E 184 -13.44 13.80 -20.89
N ASP E 185 -13.43 13.49 -22.21
CA ASP E 185 -12.48 12.55 -22.77
C ASP E 185 -11.05 12.99 -22.51
N SER E 186 -10.66 14.25 -22.84
CA SER E 186 -9.35 14.71 -22.38
C SER E 186 -8.26 13.69 -22.77
N ALA E 187 -8.33 13.20 -24.00
CA ALA E 187 -7.28 12.38 -24.56
C ALA E 187 -7.18 12.76 -26.02
N GLN E 188 -7.83 11.97 -26.86
CA GLN E 188 -8.00 12.32 -28.27
C GLN E 188 -6.67 12.76 -28.85
N ASP E 189 -6.26 14.02 -28.70
CA ASP E 189 -5.05 14.48 -29.34
C ASP E 189 -3.87 13.59 -28.96
N MET E 190 -3.83 13.13 -27.70
CA MET E 190 -2.78 12.23 -27.27
C MET E 190 -2.85 10.91 -28.03
N ARG E 191 -4.04 10.30 -28.06
CA ARG E 191 -4.21 9.07 -28.80
C ARG E 191 -3.80 9.27 -30.25
N ALA E 192 -4.21 10.41 -30.83
CA ALA E 192 -3.86 10.76 -32.20
C ALA E 192 -2.36 10.70 -32.40
N GLU E 193 -1.61 11.37 -31.51
CA GLU E 193 -0.15 11.38 -31.59
C GLU E 193 0.35 9.95 -31.47
N MET E 194 -0.22 9.16 -30.53
CA MET E 194 0.19 7.78 -30.40
C MET E 194 0.05 7.08 -31.76
N CYS E 195 -1.11 7.28 -32.38
CA CYS E 195 -1.39 6.65 -33.66
C CYS E 195 -0.36 7.09 -34.70
N ALA E 196 -0.07 8.39 -34.73
CA ALA E 196 0.87 8.96 -35.69
C ALA E 196 2.23 8.31 -35.51
N LYS E 197 2.65 8.13 -34.25
CA LYS E 197 3.93 7.52 -33.96
C LYS E 197 3.93 6.07 -34.42
N ILE E 198 2.83 5.35 -34.18
CA ILE E 198 2.73 3.97 -34.62
C ILE E 198 2.99 3.89 -36.13
N GLU E 199 2.33 4.78 -36.89
CA GLU E 199 2.49 4.82 -38.33
C GLU E 199 3.93 5.11 -38.72
N ASP E 200 4.61 5.97 -37.96
CA ASP E 200 6.01 6.21 -38.21
C ASP E 200 6.73 4.87 -38.11
N ILE E 201 6.42 4.10 -37.07
CA ILE E 201 7.11 2.88 -36.75
C ILE E 201 6.73 1.78 -37.74
N MET E 202 5.49 1.31 -37.72
CA MET E 202 5.28 0.01 -38.38
C MET E 202 5.16 0.31 -39.87
N GLY E 203 4.18 1.14 -40.19
CA GLY E 203 4.00 1.66 -41.55
C GLY E 203 2.69 2.44 -41.67
N PRO E 204 2.38 3.00 -42.86
CA PRO E 204 1.04 3.51 -43.14
C PRO E 204 -0.05 2.44 -43.03
N GLY E 205 -1.31 2.90 -42.98
CA GLY E 205 -2.42 2.05 -42.59
C GLY E 205 -2.12 1.46 -41.22
N ARG E 206 -2.41 0.17 -41.04
CA ARG E 206 -2.03 -0.56 -39.83
C ARG E 206 -2.84 -0.12 -38.59
N VAL E 207 -3.20 1.15 -38.46
CA VAL E 207 -3.90 1.57 -37.26
C VAL E 207 -5.40 1.65 -37.57
N GLU E 208 -6.20 0.87 -36.82
CA GLU E 208 -7.59 0.61 -37.16
C GLU E 208 -8.51 1.65 -36.52
N VAL E 209 -8.36 1.88 -35.21
CA VAL E 209 -9.36 2.63 -34.46
C VAL E 209 -8.79 3.04 -33.10
N HIS E 210 -9.23 4.21 -32.58
CA HIS E 210 -8.85 4.68 -31.25
C HIS E 210 -10.08 5.13 -30.47
N HIS E 211 -10.28 4.55 -29.28
CA HIS E 211 -11.41 4.92 -28.45
C HIS E 211 -11.04 4.86 -26.97
N HIS E 212 -11.91 5.43 -26.13
CA HIS E 212 -11.67 5.44 -24.70
C HIS E 212 -12.29 4.18 -24.10
N GLU E 213 -11.50 3.34 -23.37
CA GLU E 213 -12.08 2.14 -22.77
C GLU E 213 -12.89 2.53 -21.54
N VAL E 214 -13.58 1.56 -20.95
CA VAL E 214 -14.61 1.84 -19.96
C VAL E 214 -14.05 2.57 -18.73
N ALA E 215 -13.00 2.02 -18.12
CA ALA E 215 -12.45 2.56 -16.89
C ALA E 215 -11.92 3.97 -17.11
N SER E 216 -12.01 4.82 -16.08
CA SER E 216 -11.37 6.13 -16.12
C SER E 216 -9.91 5.94 -16.52
N CYS E 217 -9.39 6.82 -17.39
CA CYS E 217 -7.99 6.80 -17.79
C CYS E 217 -7.62 5.59 -18.66
N GLN E 218 -8.59 4.83 -19.16
CA GLN E 218 -8.25 3.63 -19.91
C GLN E 218 -8.51 3.90 -21.38
N LEU E 219 -7.52 3.56 -22.23
CA LEU E 219 -7.58 3.86 -23.66
C LEU E 219 -7.28 2.61 -24.46
N GLU E 220 -7.81 2.54 -25.69
CA GLU E 220 -7.53 1.43 -26.59
C GLU E 220 -7.21 2.00 -27.97
N ILE E 221 -6.09 1.55 -28.53
CA ILE E 221 -5.76 1.79 -29.93
C ILE E 221 -5.70 0.42 -30.62
N GLY E 222 -6.30 0.35 -31.81
CA GLY E 222 -6.39 -0.87 -32.60
C GLY E 222 -5.32 -0.89 -33.68
N VAL E 223 -4.60 -2.01 -33.75
CA VAL E 223 -3.57 -2.21 -34.75
C VAL E 223 -3.96 -3.44 -35.58
N SER E 224 -3.66 -3.40 -36.90
CA SER E 224 -4.08 -4.44 -37.84
C SER E 224 -3.47 -5.77 -37.47
N PHE E 225 -4.20 -6.84 -37.79
CA PHE E 225 -3.73 -8.17 -37.50
C PHE E 225 -2.58 -8.50 -38.45
N ASN E 226 -1.70 -9.42 -38.02
CA ASN E 226 -0.54 -9.78 -38.81
C ASN E 226 -0.13 -11.19 -38.42
N THR E 227 0.85 -11.71 -39.15
CA THR E 227 1.46 -12.99 -38.83
C THR E 227 2.23 -12.91 -37.52
N LEU E 228 2.46 -14.07 -36.91
CA LEU E 228 3.32 -14.13 -35.75
C LEU E 228 4.71 -13.69 -36.16
N VAL E 229 5.49 -13.20 -35.19
CA VAL E 229 6.89 -12.93 -35.38
C VAL E 229 6.92 -11.63 -36.15
N ARG E 230 5.74 -11.22 -36.60
CA ARG E 230 5.55 -9.90 -37.18
C ARG E 230 4.70 -9.11 -36.18
N LYS E 231 3.50 -9.64 -35.92
CA LYS E 231 2.54 -9.06 -35.00
C LYS E 231 3.16 -9.00 -33.62
N ALA E 232 3.90 -10.05 -33.24
CA ALA E 232 4.58 -10.09 -31.98
C ALA E 232 5.54 -8.91 -31.86
N ASP E 233 6.32 -8.67 -32.91
CA ASP E 233 7.21 -7.53 -32.93
C ASP E 233 6.43 -6.24 -32.83
N GLU E 234 5.30 -6.18 -33.52
CA GLU E 234 4.47 -4.98 -33.54
C GLU E 234 3.80 -4.74 -32.20
N VAL E 235 3.50 -5.79 -31.46
CA VAL E 235 2.98 -5.60 -30.12
C VAL E 235 4.01 -4.81 -29.32
N GLN E 236 5.26 -5.27 -29.34
CA GLN E 236 6.29 -4.61 -28.56
C GLN E 236 6.40 -3.15 -29.02
N GLN E 237 6.31 -2.92 -30.33
CA GLN E 237 6.45 -1.58 -30.85
C GLN E 237 5.28 -0.71 -30.41
N PHE E 238 4.07 -1.27 -30.42
CA PHE E 238 2.89 -0.57 -29.94
C PHE E 238 3.12 -0.11 -28.51
N LYS E 239 3.47 -1.06 -27.63
CA LYS E 239 3.73 -0.72 -26.24
C LYS E 239 4.69 0.45 -26.17
N TYR E 240 5.81 0.33 -26.88
CA TYR E 240 6.85 1.36 -26.89
C TYR E 240 6.24 2.71 -27.23
N ALA E 241 5.48 2.76 -28.34
CA ALA E 241 4.93 4.02 -28.79
C ALA E 241 4.11 4.67 -27.68
N VAL E 242 3.16 3.89 -27.14
CA VAL E 242 2.20 4.48 -26.22
C VAL E 242 2.99 4.92 -24.98
N TRP E 243 3.93 4.10 -24.50
CA TRP E 243 4.69 4.50 -23.33
C TRP E 243 5.28 5.87 -23.56
N ASN E 244 6.01 6.03 -24.67
CA ASN E 244 6.83 7.20 -24.87
C ASN E 244 5.95 8.40 -25.17
N VAL E 245 4.88 8.23 -25.97
CA VAL E 245 4.07 9.39 -26.26
C VAL E 245 3.51 9.95 -24.95
N ALA E 246 3.03 9.05 -24.10
CA ALA E 246 2.49 9.45 -22.80
C ALA E 246 3.54 10.25 -22.05
N HIS E 247 4.76 9.74 -22.06
CA HIS E 247 5.86 10.37 -21.34
C HIS E 247 6.02 11.79 -21.86
N GLN E 248 5.80 12.01 -23.17
CA GLN E 248 5.97 13.33 -23.72
C GLN E 248 4.84 14.24 -23.24
N TYR E 249 3.72 13.66 -22.80
CA TYR E 249 2.63 14.46 -22.26
C TYR E 249 2.75 14.55 -20.74
N ALA E 250 3.93 14.21 -20.24
CA ALA E 250 4.20 14.24 -18.81
C ALA E 250 3.31 13.25 -18.06
N LYS E 251 2.92 12.16 -18.73
CA LYS E 251 2.01 11.20 -18.13
C LYS E 251 2.68 9.84 -18.19
N THR E 252 2.06 8.83 -17.61
CA THR E 252 2.67 7.52 -17.62
C THR E 252 1.63 6.51 -18.06
N ALA E 253 2.09 5.54 -18.85
CA ALA E 253 1.22 4.51 -19.38
C ALA E 253 1.60 3.18 -18.77
N THR E 254 0.60 2.32 -18.51
CA THR E 254 0.88 0.98 -18.04
C THR E 254 -0.07 -0.01 -18.71
N PHE E 255 0.53 -1.11 -19.12
CA PHE E 255 -0.20 -2.21 -19.73
C PHE E 255 -0.51 -3.27 -18.69
N MET E 256 -0.28 -2.95 -17.42
CA MET E 256 -0.60 -3.92 -16.40
C MET E 256 -2.11 -4.09 -16.42
N PRO E 257 -2.63 -5.30 -16.10
CA PRO E 257 -4.05 -5.49 -15.88
C PRO E 257 -4.47 -4.85 -14.57
N LYS E 258 -5.77 -4.80 -14.32
CA LYS E 258 -6.31 -4.27 -13.07
C LYS E 258 -5.31 -3.47 -12.21
N PRO E 259 -4.86 -2.27 -12.64
CA PRO E 259 -4.16 -1.37 -11.76
C PRO E 259 -5.11 -0.68 -10.80
N MET E 260 -6.34 -0.49 -11.29
CA MET E 260 -7.42 0.19 -10.60
C MET E 260 -8.39 -0.89 -10.11
N VAL E 261 -8.82 -0.75 -8.86
CA VAL E 261 -9.69 -1.71 -8.24
C VAL E 261 -11.09 -1.12 -8.32
N GLY E 262 -12.06 -1.91 -8.80
CA GLY E 262 -13.43 -1.44 -8.86
C GLY E 262 -13.72 -0.67 -10.13
N ASP E 263 -12.83 -0.80 -11.11
CA ASP E 263 -13.15 -0.42 -12.46
C ASP E 263 -12.53 -1.46 -13.34
N ASN E 264 -12.73 -1.35 -14.63
CA ASN E 264 -12.36 -2.39 -15.57
C ASN E 264 -10.85 -2.59 -15.59
N GLY E 265 -10.43 -3.84 -15.77
CA GLY E 265 -9.02 -4.16 -15.97
C GLY E 265 -8.64 -4.00 -17.43
N SER E 266 -7.34 -4.09 -17.72
CA SER E 266 -6.89 -4.00 -19.10
C SER E 266 -6.64 -5.41 -19.61
N GLY E 267 -7.27 -5.79 -20.73
CA GLY E 267 -7.11 -7.14 -21.25
C GLY E 267 -6.66 -7.09 -22.71
N MET E 268 -6.00 -8.17 -23.15
CA MET E 268 -5.49 -8.29 -24.50
C MET E 268 -6.21 -9.41 -25.24
N HIS E 269 -7.35 -9.10 -25.86
CA HIS E 269 -8.10 -10.10 -26.62
C HIS E 269 -7.24 -10.40 -27.84
N VAL E 270 -7.10 -11.68 -28.21
CA VAL E 270 -6.29 -12.13 -29.33
C VAL E 270 -7.19 -12.72 -30.40
N HIS E 271 -7.32 -12.03 -31.55
CA HIS E 271 -8.03 -12.59 -32.68
C HIS E 271 -7.09 -13.49 -33.46
N MET E 272 -7.58 -14.65 -33.89
CA MET E 272 -6.76 -15.65 -34.54
C MET E 272 -7.45 -16.21 -35.79
N SER E 273 -6.65 -16.39 -36.86
CA SER E 273 -7.04 -17.06 -38.10
C SER E 273 -5.82 -17.81 -38.65
N ILE E 274 -6.04 -18.94 -39.36
CA ILE E 274 -4.98 -19.67 -40.03
C ILE E 274 -5.23 -19.67 -41.54
N SER E 275 -4.17 -19.46 -42.33
CA SER E 275 -4.26 -19.45 -43.78
C SER E 275 -3.33 -20.50 -44.39
N LYS E 276 -3.76 -21.11 -45.51
CA LYS E 276 -2.96 -22.06 -46.26
C LYS E 276 -3.01 -21.71 -47.75
N ASP E 277 -1.86 -21.27 -48.28
CA ASP E 277 -1.76 -20.79 -49.64
C ASP E 277 -2.76 -19.66 -49.86
N GLY E 278 -2.90 -18.79 -48.85
CA GLY E 278 -3.76 -17.62 -48.97
C GLY E 278 -5.25 -17.96 -49.00
N LYS E 279 -5.68 -18.92 -48.19
CA LYS E 279 -7.11 -19.13 -47.96
C LYS E 279 -7.34 -19.32 -46.45
N ASN E 280 -8.21 -18.52 -45.83
CA ASN E 280 -8.43 -18.64 -44.39
C ASN E 280 -9.24 -19.91 -44.14
N LEU E 281 -8.58 -20.89 -43.52
CA LEU E 281 -9.16 -22.20 -43.31
C LEU E 281 -10.28 -22.17 -42.29
N PHE E 282 -10.42 -21.08 -41.54
CA PHE E 282 -11.42 -21.01 -40.49
C PHE E 282 -12.84 -20.87 -41.06
N ALA E 283 -12.93 -20.42 -42.32
CA ALA E 283 -14.19 -20.36 -43.04
C ALA E 283 -14.80 -21.74 -43.23
N GLY E 284 -16.12 -21.87 -42.98
CA GLY E 284 -16.84 -23.12 -43.16
C GLY E 284 -18.32 -22.90 -42.89
N ASP E 285 -19.02 -23.89 -42.31
CA ASP E 285 -20.39 -23.63 -41.90
C ASP E 285 -20.75 -24.35 -40.61
N GLU E 286 -19.76 -24.82 -39.84
CA GLU E 286 -20.04 -25.62 -38.66
C GLU E 286 -20.76 -24.75 -37.61
N TYR E 287 -20.13 -23.67 -37.13
CA TYR E 287 -20.84 -22.81 -36.20
C TYR E 287 -20.73 -21.36 -36.63
N ALA E 288 -21.87 -20.76 -36.98
CA ALA E 288 -21.86 -19.40 -37.47
C ALA E 288 -20.71 -19.25 -38.48
N GLY E 289 -20.63 -20.19 -39.42
CA GLY E 289 -19.73 -20.08 -40.56
C GLY E 289 -18.28 -20.47 -40.23
N LEU E 290 -18.14 -21.36 -39.23
CA LEU E 290 -16.82 -21.81 -38.78
C LEU E 290 -16.49 -23.18 -39.37
N SER E 291 -15.27 -23.36 -39.85
CA SER E 291 -14.81 -24.68 -40.26
C SER E 291 -14.61 -25.57 -39.04
N GLU E 292 -14.67 -26.90 -39.25
CA GLU E 292 -14.31 -27.85 -38.22
C GLU E 292 -12.88 -27.59 -37.74
N MET E 293 -12.02 -27.13 -38.66
CA MET E 293 -10.65 -26.78 -38.32
C MET E 293 -10.68 -25.81 -37.14
N ALA E 294 -11.40 -24.70 -37.31
CA ALA E 294 -11.51 -23.68 -36.29
C ALA E 294 -12.10 -24.27 -35.01
N LEU E 295 -13.15 -25.08 -35.14
CA LEU E 295 -13.75 -25.67 -33.95
C LEU E 295 -12.73 -26.51 -33.21
N TYR E 296 -11.83 -27.17 -33.95
CA TYR E 296 -10.84 -28.01 -33.31
C TYR E 296 -9.79 -27.13 -32.64
N PHE E 297 -9.41 -26.03 -33.30
CA PHE E 297 -8.49 -25.07 -32.74
C PHE E 297 -9.01 -24.68 -31.34
N ILE E 298 -10.28 -24.26 -31.34
CA ILE E 298 -11.02 -23.96 -30.12
C ILE E 298 -11.10 -25.32 -29.45
N GLY E 299 -11.23 -25.35 -28.16
CA GLY E 299 -11.33 -26.67 -27.54
C GLY E 299 -9.97 -27.32 -27.32
N GLY E 300 -9.01 -27.32 -28.26
CA GLY E 300 -7.60 -27.54 -27.88
C GLY E 300 -7.16 -26.51 -26.83
N ILE E 301 -7.44 -25.25 -27.18
CA ILE E 301 -7.23 -24.14 -26.26
C ILE E 301 -7.97 -24.41 -24.97
N ILE E 302 -9.24 -24.79 -25.04
CA ILE E 302 -10.00 -25.01 -23.82
C ILE E 302 -9.34 -26.10 -22.98
N LYS E 303 -8.86 -27.16 -23.63
CA LYS E 303 -8.25 -28.27 -22.91
C LYS E 303 -7.04 -27.73 -22.16
N HIS E 304 -6.16 -27.03 -22.87
CA HIS E 304 -4.88 -26.61 -22.30
C HIS E 304 -4.94 -25.22 -21.68
N ALA E 305 -6.12 -24.66 -21.44
CA ALA E 305 -6.27 -23.26 -21.04
C ALA E 305 -5.54 -22.97 -19.74
N ARG E 306 -5.80 -23.76 -18.69
CA ARG E 306 -5.20 -23.48 -17.41
C ARG E 306 -3.68 -23.37 -17.57
N ALA E 307 -3.08 -24.31 -18.31
CA ALA E 307 -1.66 -24.24 -18.58
C ALA E 307 -1.33 -23.02 -19.44
N LEU E 308 -2.16 -22.76 -20.43
CA LEU E 308 -1.98 -21.59 -21.28
C LEU E 308 -1.95 -20.31 -20.46
N ASN E 309 -2.70 -20.28 -19.36
CA ASN E 309 -2.79 -19.09 -18.52
C ASN E 309 -1.42 -18.67 -18.00
N ALA E 310 -0.54 -19.62 -17.72
CA ALA E 310 0.79 -19.26 -17.28
C ALA E 310 1.38 -18.30 -18.30
N ILE E 311 1.14 -18.58 -19.57
CA ILE E 311 1.77 -17.78 -20.61
C ILE E 311 0.89 -16.59 -20.98
N THR E 312 -0.42 -16.80 -21.13
CA THR E 312 -1.35 -15.75 -21.56
C THR E 312 -1.67 -14.78 -20.43
N ASN E 313 -1.60 -15.28 -19.20
CA ASN E 313 -1.85 -14.46 -18.03
C ASN E 313 -0.71 -14.65 -17.06
N PRO E 314 0.52 -14.16 -17.37
CA PRO E 314 1.70 -14.51 -16.61
C PRO E 314 2.02 -13.60 -15.45
N SER E 315 1.04 -12.87 -14.96
CA SER E 315 1.27 -11.94 -13.87
C SER E 315 0.33 -12.30 -12.73
N THR E 316 0.80 -12.15 -11.50
CA THR E 316 -0.06 -12.33 -10.36
C THR E 316 -1.24 -11.39 -10.50
N ASN E 317 -1.00 -10.22 -11.08
CA ASN E 317 -2.03 -9.22 -11.23
C ASN E 317 -3.12 -9.68 -12.20
N SER E 318 -2.78 -10.59 -13.11
CA SER E 318 -3.71 -11.01 -14.13
C SER E 318 -4.99 -11.51 -13.48
N TYR E 319 -4.82 -12.16 -12.32
CA TYR E 319 -5.92 -12.86 -11.68
C TYR E 319 -6.78 -11.87 -10.89
N LYS E 320 -6.33 -10.62 -10.78
CA LYS E 320 -7.19 -9.58 -10.29
C LYS E 320 -8.27 -9.27 -11.33
N ARG E 321 -7.89 -9.33 -12.61
CA ARG E 321 -8.82 -9.12 -13.72
C ARG E 321 -9.74 -10.32 -13.83
N LEU E 322 -9.19 -11.54 -13.74
CA LEU E 322 -9.98 -12.75 -13.86
C LEU E 322 -10.78 -13.00 -12.57
N VAL E 323 -11.85 -12.25 -12.41
CA VAL E 323 -12.71 -12.39 -11.26
C VAL E 323 -14.14 -12.60 -11.76
N PRO E 324 -15.04 -13.13 -10.91
CA PRO E 324 -16.49 -13.11 -11.16
C PRO E 324 -17.04 -11.71 -11.48
N HIS E 325 -17.10 -11.43 -12.79
CA HIS E 325 -17.81 -10.27 -13.30
C HIS E 325 -18.31 -10.57 -14.71
N PHE E 326 -19.24 -9.75 -15.21
CA PHE E 326 -19.62 -9.80 -16.62
C PHE E 326 -18.50 -9.09 -17.39
N GLU E 327 -18.37 -9.38 -18.70
CA GLU E 327 -17.26 -8.89 -19.49
C GLU E 327 -15.92 -9.33 -18.89
N ALA E 328 -15.94 -10.39 -18.05
CA ALA E 328 -14.76 -11.05 -17.52
C ALA E 328 -14.67 -12.46 -18.13
N PRO E 329 -13.67 -12.73 -19.00
CA PRO E 329 -13.65 -13.95 -19.81
C PRO E 329 -13.24 -15.18 -19.02
N ILE E 330 -13.93 -15.44 -17.90
CA ILE E 330 -13.43 -16.39 -16.92
C ILE E 330 -13.91 -17.80 -17.27
N MET E 331 -15.08 -17.90 -17.93
CA MET E 331 -15.74 -19.17 -18.13
C MET E 331 -15.27 -19.73 -19.47
N LEU E 332 -14.70 -20.96 -19.46
CA LEU E 332 -14.12 -21.57 -20.65
C LEU E 332 -15.22 -22.12 -21.55
N ALA E 333 -15.72 -21.24 -22.42
CA ALA E 333 -16.74 -21.60 -23.38
C ALA E 333 -16.59 -20.72 -24.63
N TYR E 334 -17.36 -21.08 -25.68
CA TYR E 334 -17.31 -20.30 -26.91
C TYR E 334 -18.72 -19.91 -27.35
N SER E 335 -18.86 -18.66 -27.78
CA SER E 335 -20.10 -18.15 -28.33
C SER E 335 -19.82 -16.82 -29.00
N ALA E 336 -20.34 -16.66 -30.21
CA ALA E 336 -20.19 -15.41 -30.93
C ALA E 336 -20.85 -14.25 -30.20
N ARG E 337 -21.90 -14.53 -29.41
CA ARG E 337 -22.74 -13.47 -28.88
C ARG E 337 -22.85 -13.53 -27.36
N ASN E 338 -21.84 -14.12 -26.70
CA ASN E 338 -21.93 -14.22 -25.24
C ASN E 338 -20.71 -13.59 -24.59
N ARG E 339 -20.98 -12.69 -23.63
CA ARG E 339 -19.94 -12.15 -22.76
C ARG E 339 -19.70 -13.17 -21.66
N SER E 340 -18.58 -13.00 -20.96
CA SER E 340 -18.19 -13.89 -19.88
C SER E 340 -17.72 -15.22 -20.47
N ALA E 341 -18.03 -15.49 -21.75
CA ALA E 341 -17.41 -16.53 -22.54
C ALA E 341 -15.94 -16.21 -22.79
N SER E 342 -15.06 -17.13 -22.42
CA SER E 342 -13.63 -16.91 -22.56
C SER E 342 -13.29 -16.65 -24.03
N ILE E 343 -14.01 -17.33 -24.94
CA ILE E 343 -13.78 -17.24 -26.37
C ILE E 343 -15.04 -16.64 -26.99
N ARG E 344 -14.84 -15.76 -27.98
CA ARG E 344 -15.96 -15.20 -28.73
C ARG E 344 -15.68 -15.40 -30.21
N ILE E 345 -16.72 -15.49 -31.04
CA ILE E 345 -16.54 -15.47 -32.49
C ILE E 345 -17.02 -14.12 -33.02
N PRO E 346 -16.12 -13.19 -33.39
CA PRO E 346 -16.53 -11.89 -33.88
C PRO E 346 -17.27 -11.95 -35.21
N TYR E 347 -18.30 -11.11 -35.35
CA TYR E 347 -19.20 -11.23 -36.49
C TYR E 347 -18.52 -10.65 -37.72
N VAL E 348 -17.98 -11.53 -38.57
CA VAL E 348 -17.14 -11.09 -39.67
C VAL E 348 -18.04 -10.59 -40.80
N SER E 349 -19.33 -10.98 -40.78
CA SER E 349 -20.31 -10.56 -41.79
C SER E 349 -19.79 -10.78 -43.21
N ASN E 350 -19.08 -11.89 -43.42
CA ASN E 350 -18.34 -12.14 -44.66
C ASN E 350 -17.35 -13.26 -44.41
N PRO E 351 -17.44 -14.42 -45.12
CA PRO E 351 -16.62 -15.56 -44.78
C PRO E 351 -15.12 -15.33 -44.89
N LYS E 352 -14.69 -14.27 -45.60
CA LYS E 352 -13.27 -14.01 -45.77
C LYS E 352 -12.54 -13.93 -44.44
N GLY E 353 -13.08 -13.22 -43.44
CA GLY E 353 -12.30 -12.97 -42.23
C GLY E 353 -12.24 -14.18 -41.29
N LYS E 354 -13.41 -14.54 -40.80
CA LYS E 354 -13.59 -15.69 -39.92
C LYS E 354 -12.52 -15.81 -38.82
N ARG E 355 -12.30 -14.75 -38.04
CA ARG E 355 -11.42 -14.87 -36.89
C ARG E 355 -12.18 -15.52 -35.71
N ILE E 356 -11.40 -16.00 -34.75
CA ILE E 356 -11.89 -16.37 -33.42
C ILE E 356 -11.10 -15.58 -32.37
N GLU E 357 -11.80 -15.15 -31.30
CA GLU E 357 -11.25 -14.15 -30.39
C GLU E 357 -11.14 -14.76 -29.00
N ALA E 358 -9.92 -14.76 -28.44
CA ALA E 358 -9.69 -15.28 -27.10
C ALA E 358 -9.49 -14.11 -26.14
N ARG E 359 -10.42 -13.91 -25.21
CA ARG E 359 -10.44 -12.68 -24.44
C ARG E 359 -9.64 -12.83 -23.14
N PHE E 360 -9.22 -14.06 -22.81
CA PHE E 360 -8.62 -14.33 -21.52
C PHE E 360 -7.21 -13.74 -21.43
N PRO E 361 -6.35 -13.65 -22.46
CA PRO E 361 -5.02 -13.07 -22.27
C PRO E 361 -5.02 -11.59 -21.85
N ASP E 362 -3.96 -11.16 -21.14
CA ASP E 362 -3.77 -9.77 -20.72
C ASP E 362 -2.47 -9.26 -21.34
N PRO E 363 -2.20 -7.94 -21.36
CA PRO E 363 -1.02 -7.42 -22.03
C PRO E 363 0.30 -7.84 -21.41
N MET E 364 0.25 -8.53 -20.28
CA MET E 364 1.49 -8.91 -19.64
C MET E 364 2.13 -10.09 -20.36
N MET E 365 1.33 -10.78 -21.19
CA MET E 365 1.77 -11.91 -21.99
C MET E 365 2.95 -11.50 -22.87
N ASN E 366 3.99 -12.34 -22.87
CA ASN E 366 5.10 -12.26 -23.80
C ASN E 366 4.50 -12.54 -25.18
N PRO E 367 4.45 -11.58 -26.11
CA PRO E 367 3.73 -11.81 -27.35
C PRO E 367 4.20 -13.07 -28.06
N TYR E 368 5.52 -13.15 -28.24
CA TYR E 368 6.11 -14.28 -28.92
C TYR E 368 5.64 -15.54 -28.22
N LEU E 369 6.05 -15.74 -26.96
CA LEU E 369 5.72 -16.96 -26.25
C LEU E 369 4.22 -17.23 -26.26
N GLY E 370 3.43 -16.17 -26.05
CA GLY E 370 2.00 -16.34 -25.91
C GLY E 370 1.34 -16.82 -27.20
N PHE E 371 1.56 -16.07 -28.28
CA PHE E 371 0.96 -16.45 -29.55
C PHE E 371 1.31 -17.89 -29.86
N ALA E 372 2.59 -18.25 -29.71
CA ALA E 372 3.09 -19.58 -30.01
C ALA E 372 2.27 -20.62 -29.26
N ALA E 373 2.19 -20.47 -27.93
CA ALA E 373 1.52 -21.43 -27.08
C ALA E 373 0.07 -21.64 -27.52
N LEU E 374 -0.59 -20.56 -27.92
CA LEU E 374 -1.96 -20.67 -28.40
C LEU E 374 -2.06 -21.57 -29.63
N LEU E 375 -1.12 -21.39 -30.58
CA LEU E 375 -1.06 -22.18 -31.79
C LEU E 375 -0.87 -23.66 -31.45
N MET E 376 0.16 -23.96 -30.64
CA MET E 376 0.46 -25.32 -30.27
C MET E 376 -0.77 -26.01 -29.69
N ALA E 377 -1.46 -25.31 -28.76
CA ALA E 377 -2.70 -25.81 -28.16
C ALA E 377 -3.77 -25.97 -29.23
N GLY E 378 -3.90 -24.95 -30.08
CA GLY E 378 -4.84 -24.98 -31.18
C GLY E 378 -4.66 -26.21 -32.05
N ILE E 379 -3.43 -26.44 -32.52
CA ILE E 379 -3.19 -27.52 -33.46
C ILE E 379 -3.32 -28.88 -32.75
N ASP E 380 -3.01 -28.94 -31.44
CA ASP E 380 -3.24 -30.18 -30.72
C ASP E 380 -4.72 -30.52 -30.82
N GLY E 381 -5.57 -29.49 -30.80
CA GLY E 381 -7.00 -29.67 -30.97
C GLY E 381 -7.31 -30.39 -32.28
N ILE E 382 -6.80 -29.78 -33.37
CA ILE E 382 -7.02 -30.28 -34.72
C ILE E 382 -6.45 -31.69 -34.83
N GLN E 383 -5.17 -31.83 -34.44
CA GLN E 383 -4.51 -33.12 -34.57
C GLN E 383 -5.26 -34.21 -33.83
N ASN E 384 -5.73 -33.92 -32.61
CA ASN E 384 -6.41 -34.94 -31.82
C ASN E 384 -7.92 -34.79 -31.98
N LYS E 385 -8.36 -33.99 -32.96
CA LYS E 385 -9.77 -33.84 -33.27
C LYS E 385 -10.54 -33.58 -31.97
N ILE E 386 -10.02 -32.70 -31.10
CA ILE E 386 -10.61 -32.40 -29.80
C ILE E 386 -11.86 -31.58 -30.05
N HIS E 387 -13.00 -32.06 -29.56
CA HIS E 387 -14.28 -31.38 -29.80
C HIS E 387 -14.40 -30.23 -28.81
N PRO E 388 -14.71 -28.99 -29.26
CA PRO E 388 -14.84 -27.85 -28.37
C PRO E 388 -16.10 -27.90 -27.51
N GLY E 389 -16.90 -28.94 -27.68
CA GLY E 389 -18.19 -29.03 -27.02
C GLY E 389 -19.19 -28.26 -27.87
N GLU E 390 -20.30 -27.83 -27.23
CA GLU E 390 -21.38 -27.15 -27.90
C GLU E 390 -21.36 -25.69 -27.45
N ALA E 391 -21.73 -24.76 -28.34
CA ALA E 391 -21.58 -23.34 -28.05
C ALA E 391 -22.65 -22.87 -27.05
N ALA E 392 -22.20 -22.30 -25.92
CA ALA E 392 -23.11 -21.86 -24.87
C ALA E 392 -23.45 -20.40 -25.11
N ASP E 393 -24.61 -20.10 -25.71
CA ASP E 393 -24.89 -18.72 -26.11
C ASP E 393 -25.79 -18.05 -25.08
N LYS E 394 -26.59 -18.86 -24.38
CA LYS E 394 -27.70 -18.32 -23.60
C LYS E 394 -27.25 -17.58 -22.34
N ASN E 395 -26.31 -18.11 -21.53
CA ASN E 395 -26.02 -17.56 -20.21
C ASN E 395 -24.56 -17.10 -20.01
N LEU E 396 -24.32 -15.81 -19.81
CA LEU E 396 -22.98 -15.34 -19.50
C LEU E 396 -22.56 -15.84 -18.13
N TYR E 397 -22.99 -15.17 -17.05
CA TYR E 397 -22.68 -15.60 -15.67
C TYR E 397 -23.93 -15.44 -14.80
N ASP E 398 -24.59 -16.55 -14.40
CA ASP E 398 -25.90 -16.46 -13.77
C ASP E 398 -26.17 -17.72 -12.95
N LEU E 399 -27.37 -18.32 -13.05
CA LEU E 399 -27.80 -19.41 -12.19
C LEU E 399 -26.97 -20.65 -12.48
N PRO E 400 -26.71 -21.55 -11.48
CA PRO E 400 -26.11 -22.84 -11.79
C PRO E 400 -27.12 -23.97 -11.98
N PRO E 401 -27.47 -24.41 -13.20
CA PRO E 401 -28.25 -25.64 -13.35
C PRO E 401 -27.34 -26.86 -13.17
N GLU E 402 -26.39 -26.77 -12.24
CA GLU E 402 -25.23 -27.63 -12.13
C GLU E 402 -24.30 -27.43 -13.33
N GLU E 403 -24.85 -27.09 -14.50
CA GLU E 403 -24.09 -26.99 -15.73
C GLU E 403 -22.98 -25.94 -15.65
N GLU E 404 -23.37 -24.67 -15.49
CA GLU E 404 -22.40 -23.56 -15.40
C GLU E 404 -21.41 -23.82 -14.25
N ALA E 405 -21.92 -24.37 -13.14
CA ALA E 405 -21.07 -24.82 -12.05
C ALA E 405 -20.06 -25.82 -12.59
N LYS E 406 -20.53 -26.79 -13.39
CA LYS E 406 -19.70 -27.82 -14.00
C LYS E 406 -18.78 -27.23 -15.09
N ILE E 407 -19.15 -26.11 -15.70
CA ILE E 407 -18.35 -25.51 -16.75
C ILE E 407 -16.94 -25.20 -16.21
N PRO E 408 -15.86 -25.60 -16.92
CA PRO E 408 -14.51 -25.28 -16.50
C PRO E 408 -14.23 -23.78 -16.56
N THR E 409 -13.31 -23.33 -15.71
CA THR E 409 -12.97 -21.91 -15.62
C THR E 409 -11.47 -21.76 -15.83
N VAL E 410 -11.07 -20.53 -16.13
CA VAL E 410 -9.67 -20.22 -16.30
C VAL E 410 -8.99 -20.25 -14.92
N ALA E 411 -7.66 -20.16 -14.88
CA ALA E 411 -6.95 -20.33 -13.62
C ALA E 411 -7.23 -19.20 -12.62
N HIS E 412 -7.24 -19.53 -11.33
CA HIS E 412 -7.57 -18.56 -10.30
C HIS E 412 -6.35 -17.75 -9.88
N SER E 413 -5.16 -18.32 -10.03
CA SER E 413 -3.95 -17.68 -9.56
C SER E 413 -2.79 -18.02 -10.48
N LEU E 414 -1.73 -17.20 -10.50
CA LEU E 414 -0.55 -17.57 -11.26
C LEU E 414 0.00 -18.88 -10.72
N ASP E 415 -0.07 -19.03 -9.39
CA ASP E 415 0.38 -20.24 -8.74
C ASP E 415 -0.24 -21.44 -9.46
N MET E 416 -1.57 -21.45 -9.51
CA MET E 416 -2.36 -22.51 -10.11
C MET E 416 -1.99 -22.67 -11.59
N ALA E 417 -1.87 -21.55 -12.30
CA ALA E 417 -1.51 -21.60 -13.71
C ALA E 417 -0.18 -22.32 -13.91
N LEU E 418 0.78 -22.04 -13.03
CA LEU E 418 2.08 -22.67 -13.14
C LEU E 418 1.98 -24.16 -12.83
N GLU E 419 1.15 -24.52 -11.86
CA GLU E 419 0.92 -25.93 -11.55
C GLU E 419 0.29 -26.62 -12.75
N ALA E 420 -0.60 -25.89 -13.44
CA ALA E 420 -1.29 -26.41 -14.60
C ALA E 420 -0.29 -26.72 -15.71
N LEU E 421 0.62 -25.76 -15.93
CA LEU E 421 1.61 -25.89 -16.99
C LEU E 421 2.51 -27.07 -16.70
N GLN E 422 2.85 -27.25 -15.42
CA GLN E 422 3.67 -28.37 -15.04
C GLN E 422 3.02 -29.63 -15.56
N ALA E 423 1.75 -29.85 -15.19
CA ALA E 423 0.99 -31.02 -15.58
C ALA E 423 0.91 -31.13 -17.09
N ASP E 424 0.50 -30.05 -17.77
CA ASP E 424 0.16 -30.12 -19.18
C ASP E 424 1.12 -29.29 -20.03
N HIS E 425 2.32 -29.79 -20.33
CA HIS E 425 3.24 -29.04 -21.20
C HIS E 425 3.50 -29.74 -22.53
N GLU E 426 2.85 -30.88 -22.74
CA GLU E 426 3.22 -31.74 -23.86
C GLU E 426 3.03 -31.06 -25.21
N PHE E 427 1.89 -30.41 -25.38
CA PHE E 427 1.54 -29.80 -26.66
C PHE E 427 2.62 -28.82 -27.09
N LEU E 428 3.25 -28.13 -26.13
CA LEU E 428 4.30 -27.16 -26.41
C LEU E 428 5.55 -27.82 -26.98
N LEU E 429 5.88 -29.00 -26.44
CA LEU E 429 7.11 -29.68 -26.80
C LEU E 429 7.02 -30.26 -28.21
N LYS E 430 5.82 -30.34 -28.78
CA LYS E 430 5.64 -30.77 -30.17
C LYS E 430 6.44 -29.86 -31.11
N GLY E 431 7.02 -30.48 -32.14
CA GLY E 431 7.86 -29.77 -33.08
C GLY E 431 9.19 -29.31 -32.48
N GLY E 432 9.41 -29.70 -31.21
CA GLY E 432 10.53 -29.17 -30.43
C GLY E 432 10.51 -27.64 -30.32
N VAL E 433 9.34 -27.04 -30.53
CA VAL E 433 9.17 -25.59 -30.52
C VAL E 433 9.57 -25.07 -29.15
N PHE E 434 9.08 -25.77 -28.12
CA PHE E 434 9.41 -25.44 -26.75
C PHE E 434 10.28 -26.56 -26.17
N THR E 435 11.51 -26.21 -25.75
CA THR E 435 12.36 -27.18 -25.07
C THR E 435 11.90 -27.30 -23.63
N LYS E 436 12.08 -28.47 -23.03
CA LYS E 436 11.64 -28.69 -21.67
C LYS E 436 12.42 -27.79 -20.70
N GLU E 437 13.72 -27.70 -20.95
CA GLU E 437 14.61 -26.87 -20.15
C GLU E 437 14.06 -25.45 -20.07
N MET E 438 13.64 -24.88 -21.20
CA MET E 438 13.09 -23.52 -21.23
C MET E 438 11.86 -23.43 -20.33
N LEU E 439 10.94 -24.40 -20.48
CA LEU E 439 9.72 -24.45 -19.69
C LEU E 439 10.09 -24.53 -18.22
N ASP E 440 11.03 -25.43 -17.89
CA ASP E 440 11.48 -25.58 -16.51
C ASP E 440 11.89 -24.24 -15.92
N ALA E 441 12.76 -23.54 -16.66
CA ALA E 441 13.28 -22.24 -16.26
C ALA E 441 12.18 -21.22 -16.06
N TYR E 442 11.42 -21.03 -17.16
CA TYR E 442 10.30 -20.11 -17.19
C TYR E 442 9.51 -20.28 -15.90
N ILE E 443 9.10 -21.51 -15.63
CA ILE E 443 8.22 -21.74 -14.51
C ILE E 443 8.90 -21.25 -13.24
N GLU E 444 10.18 -21.57 -13.06
CA GLU E 444 10.85 -21.21 -11.82
C GLU E 444 10.96 -19.68 -11.71
N LEU E 445 11.33 -19.04 -12.82
CA LEU E 445 11.47 -17.59 -12.85
C LEU E 445 10.15 -16.93 -12.45
N LYS E 446 9.05 -17.37 -13.10
CA LYS E 446 7.75 -16.80 -12.80
C LYS E 446 7.34 -17.11 -11.37
N THR E 447 7.85 -18.20 -10.79
CA THR E 447 7.48 -18.52 -9.43
C THR E 447 8.00 -17.44 -8.49
N GLU E 448 9.11 -16.79 -8.82
CA GLU E 448 9.63 -15.74 -7.96
C GLU E 448 8.61 -14.62 -7.85
N ASP E 449 7.90 -14.34 -8.95
CA ASP E 449 6.84 -13.35 -8.91
C ASP E 449 5.79 -13.80 -7.91
N VAL E 450 5.42 -15.07 -8.00
CA VAL E 450 4.44 -15.63 -7.08
C VAL E 450 4.97 -15.49 -5.66
N ARG E 451 6.22 -15.91 -5.45
CA ARG E 451 6.83 -15.79 -4.14
C ARG E 451 6.65 -14.38 -3.58
N ARG E 452 7.02 -13.37 -4.36
CA ARG E 452 6.93 -11.98 -3.92
C ARG E 452 5.58 -11.72 -3.30
N LEU E 453 4.52 -11.92 -4.10
CA LEU E 453 3.15 -11.68 -3.69
C LEU E 453 2.85 -12.42 -2.39
N ASN E 454 3.19 -13.71 -2.35
CA ASN E 454 2.80 -14.55 -1.23
C ASN E 454 3.57 -14.16 0.02
N THR E 455 4.78 -13.61 -0.16
CA THR E 455 5.61 -13.31 0.99
C THR E 455 5.22 -11.96 1.56
N THR E 456 4.88 -10.99 0.71
CA THR E 456 4.70 -9.63 1.16
C THR E 456 3.30 -9.43 1.69
N THR E 457 3.19 -9.06 2.98
CA THR E 457 1.93 -8.69 3.57
C THR E 457 1.28 -7.60 2.72
N HIS E 458 -0.05 -7.73 2.55
CA HIS E 458 -0.84 -6.86 1.69
C HIS E 458 -1.58 -5.89 2.58
N PRO E 459 -1.74 -4.61 2.19
CA PRO E 459 -2.53 -3.67 2.99
C PRO E 459 -3.89 -4.23 3.42
N VAL E 460 -4.49 -5.00 2.53
CA VAL E 460 -5.82 -5.51 2.79
C VAL E 460 -5.80 -6.45 4.00
N GLU E 461 -4.69 -7.11 4.27
CA GLU E 461 -4.63 -8.03 5.39
C GLU E 461 -4.74 -7.25 6.68
N PHE E 462 -4.29 -6.02 6.69
CA PHE E 462 -4.45 -5.17 7.86
C PHE E 462 -5.94 -4.97 8.07
N ASP E 463 -6.63 -4.73 6.96
CA ASP E 463 -8.05 -4.46 7.05
C ASP E 463 -8.72 -5.67 7.66
N MET E 464 -8.42 -6.86 7.13
CA MET E 464 -9.10 -8.04 7.61
C MET E 464 -8.60 -8.45 9.00
N TYR E 465 -7.30 -8.55 9.20
CA TYR E 465 -6.76 -9.26 10.35
C TYR E 465 -6.21 -8.39 11.46
N TYR E 466 -6.04 -7.09 11.32
CA TYR E 466 -5.25 -6.36 12.31
C TYR E 466 -5.78 -6.58 13.73
N SER E 467 -7.10 -6.40 13.92
CA SER E 467 -7.69 -6.32 15.26
C SER E 467 -8.20 -7.65 15.81
N LEU E 468 -7.93 -8.74 15.06
CA LEU E 468 -8.31 -10.07 15.49
C LEU E 468 -7.24 -10.58 16.47
N ALA F 1 -19.00 10.15 -51.88
CA ALA F 1 -20.29 10.51 -51.26
C ALA F 1 -20.57 11.98 -51.57
N ASN F 2 -21.11 12.70 -50.58
CA ASN F 2 -21.33 14.13 -50.75
C ASN F 2 -20.56 14.95 -49.72
N LYS F 3 -21.20 15.25 -48.58
CA LYS F 3 -20.57 16.13 -47.60
C LYS F 3 -19.26 15.49 -47.14
N VAL F 4 -19.40 14.38 -46.41
CA VAL F 4 -18.32 13.88 -45.57
C VAL F 4 -17.16 13.44 -46.48
N LEU F 5 -17.42 12.52 -47.39
CA LEU F 5 -16.34 11.95 -48.19
C LEU F 5 -15.62 13.08 -48.91
N GLN F 6 -16.38 14.05 -49.43
CA GLN F 6 -15.74 15.14 -50.15
C GLN F 6 -14.94 15.96 -49.16
N LEU F 7 -15.52 16.24 -48.00
CA LEU F 7 -14.83 17.01 -46.98
C LEU F 7 -13.50 16.35 -46.70
N ILE F 8 -13.46 15.00 -46.65
CA ILE F 8 -12.22 14.31 -46.33
C ILE F 8 -11.17 14.75 -47.34
N GLN F 9 -11.53 14.70 -48.62
CA GLN F 9 -10.61 15.10 -49.68
C GLN F 9 -10.16 16.54 -49.46
N GLU F 10 -11.15 17.43 -49.36
CA GLU F 10 -11.02 18.86 -49.17
C GLU F 10 -10.05 19.18 -48.02
N SER F 11 -10.27 18.55 -46.86
CA SER F 11 -9.55 18.91 -45.65
C SER F 11 -8.40 17.95 -45.40
N GLY F 12 -7.90 17.27 -46.45
CA GLY F 12 -6.76 16.38 -46.25
C GLY F 12 -7.17 15.25 -45.31
N ALA F 13 -6.84 15.41 -44.04
CA ALA F 13 -7.41 14.68 -42.91
C ALA F 13 -7.24 13.16 -42.95
N LYS F 14 -6.61 12.65 -41.88
CA LYS F 14 -6.28 11.24 -41.79
C LYS F 14 -7.28 10.52 -40.88
N TRP F 15 -8.21 11.25 -40.25
CA TRP F 15 -9.03 10.65 -39.21
C TRP F 15 -10.48 11.06 -39.35
N VAL F 16 -11.40 10.14 -39.05
CA VAL F 16 -12.82 10.43 -39.08
C VAL F 16 -13.42 10.04 -37.73
N ASP F 17 -14.11 10.98 -37.09
CA ASP F 17 -14.63 10.77 -35.76
C ASP F 17 -16.12 10.46 -35.86
N PHE F 18 -16.50 9.22 -35.61
CA PHE F 18 -17.90 8.81 -35.70
C PHE F 18 -18.57 9.13 -34.37
N ARG F 19 -19.67 9.89 -34.42
CA ARG F 19 -20.30 10.34 -33.18
C ARG F 19 -21.74 9.86 -33.13
N PHE F 20 -22.19 9.26 -32.02
CA PHE F 20 -23.61 8.98 -31.88
C PHE F 20 -24.08 9.45 -30.51
N THR F 21 -25.36 9.21 -30.18
CA THR F 21 -25.93 9.74 -28.95
C THR F 21 -26.57 8.62 -28.10
N ASP F 22 -26.30 8.61 -26.80
CA ASP F 22 -26.81 7.58 -25.93
C ASP F 22 -28.23 7.93 -25.49
N THR F 23 -28.85 7.02 -24.73
CA THR F 23 -30.21 7.20 -24.29
C THR F 23 -30.29 8.47 -23.46
N LYS F 24 -29.28 8.70 -22.63
CA LYS F 24 -29.28 9.82 -21.71
C LYS F 24 -28.98 11.12 -22.44
N GLY F 25 -28.61 11.05 -23.70
CA GLY F 25 -28.45 12.25 -24.50
C GLY F 25 -27.03 12.79 -24.45
N LYS F 26 -26.04 11.90 -24.26
CA LYS F 26 -24.65 12.30 -24.26
C LYS F 26 -23.99 11.79 -25.54
N GLU F 27 -23.48 12.72 -26.36
CA GLU F 27 -22.74 12.39 -27.57
C GLU F 27 -21.56 11.49 -27.18
N GLN F 28 -21.33 10.46 -27.99
CA GLN F 28 -20.22 9.54 -27.81
C GLN F 28 -19.41 9.50 -29.10
N HIS F 29 -18.12 9.13 -29.04
CA HIS F 29 -17.29 9.22 -30.24
C HIS F 29 -16.23 8.12 -30.31
N VAL F 30 -15.98 7.64 -31.54
CA VAL F 30 -14.91 6.71 -31.85
C VAL F 30 -14.23 7.21 -33.12
N THR F 31 -12.91 7.05 -33.20
CA THR F 31 -12.17 7.64 -34.30
C THR F 31 -11.53 6.53 -35.15
N TYR F 32 -11.70 6.65 -36.47
CA TYR F 32 -11.19 5.69 -37.43
C TYR F 32 -10.35 6.43 -38.47
N PRO F 33 -9.42 5.75 -39.19
CA PRO F 33 -8.72 6.37 -40.30
C PRO F 33 -9.64 6.67 -41.48
N ALA F 34 -9.29 7.66 -42.28
CA ALA F 34 -10.06 8.00 -43.47
C ALA F 34 -10.06 6.84 -44.47
N ASP F 35 -8.99 6.03 -44.46
CA ASP F 35 -8.94 4.83 -45.29
C ASP F 35 -10.08 3.91 -44.85
N SER F 36 -10.71 3.24 -45.79
CA SER F 36 -11.75 2.29 -45.43
C SER F 36 -13.05 2.99 -45.02
N ILE F 37 -13.13 4.32 -45.19
CA ILE F 37 -14.42 4.98 -45.18
C ILE F 37 -14.85 5.29 -46.61
N ASP F 38 -15.89 4.59 -47.07
CA ASP F 38 -16.32 4.62 -48.46
C ASP F 38 -17.81 4.90 -48.49
N GLU F 39 -18.38 4.96 -49.70
CA GLU F 39 -19.80 5.15 -49.88
C GLU F 39 -20.57 4.03 -49.19
N ASP F 40 -19.97 2.83 -49.13
CA ASP F 40 -20.63 1.66 -48.59
C ASP F 40 -20.83 1.83 -47.09
N THR F 41 -19.91 2.58 -46.47
CA THR F 41 -19.96 2.83 -45.05
C THR F 41 -21.30 3.46 -44.70
N PHE F 42 -21.76 4.37 -45.57
CA PHE F 42 -22.99 5.09 -45.31
C PHE F 42 -24.12 4.07 -45.26
N GLU F 43 -24.09 3.08 -46.15
CA GLU F 43 -25.06 2.01 -46.14
C GLU F 43 -24.77 1.08 -44.97
N ASP F 44 -23.63 0.37 -45.02
CA ASP F 44 -23.40 -0.70 -44.07
C ASP F 44 -23.08 -0.15 -42.68
N GLY F 45 -22.08 0.74 -42.60
CA GLY F 45 -21.55 1.28 -41.35
C GLY F 45 -20.43 0.43 -40.75
N LYS F 46 -20.08 0.72 -39.48
CA LYS F 46 -19.07 -0.03 -38.73
C LYS F 46 -19.73 -0.59 -37.45
N MET F 47 -19.28 -1.75 -36.96
CA MET F 47 -19.92 -2.41 -35.81
C MET F 47 -19.21 -2.04 -34.50
N PHE F 48 -19.92 -2.18 -33.37
CA PHE F 48 -19.32 -2.00 -32.04
C PHE F 48 -20.15 -2.74 -30.98
N ASP F 49 -19.53 -3.05 -29.83
CA ASP F 49 -20.20 -3.78 -28.74
C ASP F 49 -21.11 -2.82 -27.95
N GLY F 50 -22.33 -3.29 -27.61
CA GLY F 50 -23.34 -2.41 -27.05
C GLY F 50 -23.18 -2.25 -25.54
N SER F 51 -22.45 -1.22 -25.08
CA SER F 51 -22.18 -1.09 -23.66
C SER F 51 -23.36 -0.39 -22.98
N SER F 52 -23.45 0.96 -23.10
CA SER F 52 -24.28 1.76 -22.21
C SER F 52 -25.77 1.56 -22.49
N ILE F 53 -26.17 1.64 -23.78
CA ILE F 53 -27.59 1.65 -24.22
C ILE F 53 -28.36 0.39 -23.75
N ALA F 54 -27.84 -0.78 -24.11
CA ALA F 54 -28.45 -2.06 -23.78
C ALA F 54 -27.50 -2.83 -22.86
N GLY F 55 -27.86 -2.97 -21.57
CA GLY F 55 -27.28 -4.01 -20.73
C GLY F 55 -27.44 -5.35 -21.45
N TRP F 56 -26.30 -5.99 -21.76
CA TRP F 56 -26.26 -7.34 -22.31
C TRP F 56 -26.86 -7.37 -23.72
N LYS F 57 -26.42 -6.42 -24.56
CA LYS F 57 -26.85 -6.42 -25.95
C LYS F 57 -26.46 -7.77 -26.55
N GLY F 58 -25.17 -8.11 -26.40
CA GLY F 58 -24.61 -9.23 -27.13
C GLY F 58 -24.82 -9.09 -28.63
N ILE F 59 -25.14 -7.86 -29.08
CA ILE F 59 -25.26 -7.50 -30.47
C ILE F 59 -24.04 -6.61 -30.77
N GLU F 60 -23.40 -6.95 -31.89
CA GLU F 60 -22.43 -6.08 -32.52
C GLU F 60 -23.25 -5.08 -33.37
N ALA F 61 -23.83 -4.10 -32.66
CA ALA F 61 -24.70 -3.11 -33.29
C ALA F 61 -23.86 -2.24 -34.25
N SER F 62 -24.38 -2.03 -35.46
CA SER F 62 -23.66 -1.28 -36.48
C SER F 62 -23.98 0.20 -36.36
N ASP F 63 -22.98 1.04 -36.61
CA ASP F 63 -23.10 2.47 -36.59
C ASP F 63 -23.23 2.95 -38.03
N MET F 64 -24.47 3.23 -38.44
CA MET F 64 -24.78 3.80 -39.74
C MET F 64 -24.28 5.25 -39.76
N ILE F 65 -23.17 5.46 -40.42
CA ILE F 65 -22.71 6.83 -40.69
C ILE F 65 -23.61 7.51 -41.74
N LEU F 66 -23.75 8.85 -41.76
CA LEU F 66 -24.64 9.51 -42.71
C LEU F 66 -23.98 10.78 -43.24
N ARG F 67 -24.46 11.35 -44.35
CA ARG F 67 -23.91 12.61 -44.84
C ARG F 67 -24.74 13.86 -44.51
N PRO F 68 -26.02 13.79 -44.06
CA PRO F 68 -26.70 14.95 -43.50
C PRO F 68 -25.96 15.48 -42.27
N ASP F 69 -26.03 16.80 -42.07
CA ASP F 69 -25.21 17.48 -41.08
C ASP F 69 -23.75 17.07 -41.31
N ALA F 70 -23.06 16.64 -40.25
CA ALA F 70 -21.81 15.92 -40.37
C ALA F 70 -20.88 16.68 -41.30
N GLU F 71 -21.04 18.01 -41.37
CA GLU F 71 -20.20 18.85 -42.21
C GLU F 71 -19.12 19.45 -41.32
N THR F 72 -18.61 18.67 -40.35
CA THR F 72 -17.73 19.24 -39.35
C THR F 72 -16.33 18.63 -39.59
N GLY F 73 -15.33 19.49 -39.89
CA GLY F 73 -13.93 19.18 -39.66
C GLY F 73 -13.71 19.35 -38.17
N PHE F 74 -12.70 18.69 -37.58
CA PHE F 74 -12.51 18.71 -36.13
C PHE F 74 -12.26 20.15 -35.71
N ILE F 75 -13.30 20.78 -35.18
CA ILE F 75 -13.20 22.20 -34.86
C ILE F 75 -12.22 22.42 -33.72
N ASP F 76 -12.55 21.98 -32.49
CA ASP F 76 -11.71 22.25 -31.33
C ASP F 76 -10.40 21.44 -31.46
N PRO F 77 -10.37 20.08 -31.55
CA PRO F 77 -9.11 19.32 -31.50
C PRO F 77 -8.09 19.57 -32.59
N PHE F 78 -6.80 19.38 -32.22
CA PHE F 78 -5.65 19.42 -33.11
C PHE F 78 -5.74 18.27 -34.11
N PHE F 79 -5.07 18.38 -35.25
CA PHE F 79 -5.05 17.35 -36.27
C PHE F 79 -6.38 17.39 -37.04
N ALA F 80 -6.27 17.51 -38.36
CA ALA F 80 -7.48 17.65 -39.14
C ALA F 80 -8.27 16.36 -39.03
N GLU F 81 -9.45 16.36 -38.37
CA GLU F 81 -10.19 15.12 -38.14
C GLU F 81 -11.70 15.37 -38.30
N PRO F 82 -12.34 15.20 -39.50
CA PRO F 82 -13.78 15.42 -39.65
C PRO F 82 -14.65 14.45 -38.87
N THR F 83 -15.78 14.97 -38.45
CA THR F 83 -16.62 14.23 -37.55
C THR F 83 -17.91 13.99 -38.30
N VAL F 84 -18.46 12.80 -38.13
CA VAL F 84 -19.76 12.50 -38.69
C VAL F 84 -20.75 12.39 -37.55
N VAL F 85 -21.20 13.59 -37.10
CA VAL F 85 -22.04 13.79 -35.91
C VAL F 85 -23.26 12.90 -36.05
N VAL F 86 -23.44 12.46 -37.28
CA VAL F 86 -24.58 11.63 -37.56
C VAL F 86 -24.07 10.19 -37.69
N THR F 87 -24.41 9.40 -36.68
CA THR F 87 -24.22 7.98 -36.81
C THR F 87 -25.45 7.32 -36.18
N CYS F 88 -26.41 6.94 -37.01
CA CYS F 88 -27.53 6.12 -36.55
C CYS F 88 -26.93 4.81 -36.03
N ASP F 89 -27.56 4.20 -35.03
CA ASP F 89 -27.25 2.84 -34.68
C ASP F 89 -28.28 1.89 -35.32
N VAL F 90 -27.81 0.90 -36.10
CA VAL F 90 -28.69 -0.06 -36.76
C VAL F 90 -28.44 -1.48 -36.23
N ILE F 91 -29.49 -2.22 -35.92
CA ILE F 91 -29.35 -3.58 -35.37
C ILE F 91 -28.97 -4.52 -36.51
N GLU F 92 -28.16 -5.55 -36.19
CA GLU F 92 -27.58 -6.39 -37.23
C GLU F 92 -28.65 -7.02 -38.13
N PRO F 93 -29.62 -7.82 -37.62
CA PRO F 93 -30.66 -8.38 -38.49
C PRO F 93 -31.59 -7.34 -39.10
N SER F 94 -32.32 -6.61 -38.24
CA SER F 94 -33.30 -5.64 -38.68
C SER F 94 -32.70 -4.53 -39.56
N THR F 95 -31.41 -4.21 -39.36
CA THR F 95 -30.78 -3.04 -39.97
C THR F 95 -31.68 -1.82 -39.77
N GLY F 96 -32.27 -1.71 -38.58
CA GLY F 96 -33.19 -0.65 -38.18
C GLY F 96 -32.81 0.04 -36.86
N GLN F 97 -33.74 0.16 -35.89
CA GLN F 97 -33.38 0.78 -34.62
C GLN F 97 -32.39 -0.12 -33.90
N GLY F 98 -31.14 0.32 -33.75
CA GLY F 98 -30.11 -0.52 -33.16
C GLY F 98 -30.32 -0.68 -31.65
N TYR F 99 -29.80 -1.78 -31.09
CA TYR F 99 -29.78 -2.04 -29.66
C TYR F 99 -31.18 -1.80 -29.08
N GLU F 100 -31.25 -1.27 -27.84
CA GLU F 100 -32.51 -0.84 -27.25
C GLU F 100 -33.23 0.14 -28.18
N ARG F 101 -32.65 1.32 -28.42
CA ARG F 101 -33.28 2.26 -29.32
C ARG F 101 -32.32 3.39 -29.61
N ASP F 102 -31.74 3.38 -30.81
CA ASP F 102 -30.91 4.47 -31.27
C ASP F 102 -31.79 5.71 -31.32
N PRO F 103 -31.49 6.79 -30.58
CA PRO F 103 -32.34 7.96 -30.59
C PRO F 103 -32.52 8.56 -31.99
N ARG F 104 -31.44 8.59 -32.77
CA ARG F 104 -31.48 9.20 -34.09
C ARG F 104 -32.50 8.47 -34.96
N SER F 105 -32.49 7.13 -34.92
CA SER F 105 -33.49 6.35 -35.63
C SER F 105 -34.90 6.68 -35.13
N ILE F 106 -35.10 6.71 -33.80
CA ILE F 106 -36.40 7.02 -33.24
C ILE F 106 -36.85 8.34 -33.84
N ALA F 107 -35.93 9.29 -33.96
CA ALA F 107 -36.28 10.60 -34.47
C ALA F 107 -36.61 10.52 -35.95
N ARG F 108 -35.82 9.74 -36.71
CA ARG F 108 -36.10 9.51 -38.12
C ARG F 108 -37.50 8.91 -38.25
N ARG F 109 -37.79 7.91 -37.41
CA ARG F 109 -39.07 7.24 -37.39
C ARG F 109 -40.18 8.28 -37.24
N ALA F 110 -40.03 9.17 -36.26
CA ALA F 110 -41.01 10.21 -35.99
C ALA F 110 -41.14 11.14 -37.20
N GLU F 111 -40.05 11.40 -37.93
CA GLU F 111 -40.16 12.22 -39.12
C GLU F 111 -41.14 11.56 -40.11
N GLU F 112 -40.93 10.25 -40.31
CA GLU F 112 -41.68 9.48 -41.28
C GLU F 112 -43.12 9.35 -40.82
N TYR F 113 -43.37 9.20 -39.51
CA TYR F 113 -44.73 9.01 -39.04
C TYR F 113 -45.53 10.26 -39.35
N LEU F 114 -44.92 11.43 -39.21
CA LEU F 114 -45.60 12.68 -39.51
C LEU F 114 -46.05 12.66 -40.97
N LYS F 115 -45.12 12.32 -41.87
CA LYS F 115 -45.44 12.24 -43.28
C LYS F 115 -46.51 11.18 -43.55
N SER F 116 -46.39 10.05 -42.86
CA SER F 116 -47.31 8.93 -43.04
C SER F 116 -48.72 9.34 -42.63
N THR F 117 -48.85 10.10 -41.54
CA THR F 117 -50.15 10.62 -41.10
C THR F 117 -50.62 11.69 -42.07
N GLY F 118 -49.68 12.24 -42.85
CA GLY F 118 -50.02 13.19 -43.90
C GLY F 118 -50.36 14.56 -43.34
N ILE F 119 -50.14 14.76 -42.03
CA ILE F 119 -50.50 16.02 -41.38
C ILE F 119 -49.57 17.13 -41.85
N GLY F 120 -48.27 16.80 -41.97
CA GLY F 120 -47.30 17.74 -42.48
C GLY F 120 -46.15 17.05 -43.22
N ASP F 121 -45.50 17.84 -44.08
CA ASP F 121 -44.30 17.39 -44.79
C ASP F 121 -43.07 17.46 -43.85
N THR F 122 -42.95 18.52 -43.03
CA THR F 122 -41.79 18.75 -42.18
C THR F 122 -42.23 19.31 -40.81
N ALA F 123 -41.42 19.05 -39.77
CA ALA F 123 -41.65 19.58 -38.42
C ALA F 123 -40.45 20.38 -37.94
N PHE F 124 -40.69 21.48 -37.25
CA PHE F 124 -39.64 22.46 -36.98
C PHE F 124 -39.50 22.62 -35.46
N PHE F 125 -38.24 22.53 -35.01
CA PHE F 125 -37.90 22.64 -33.61
C PHE F 125 -36.84 23.71 -33.41
N GLY F 126 -37.08 24.57 -32.40
CA GLY F 126 -36.20 25.71 -32.12
C GLY F 126 -35.85 25.79 -30.65
N PRO F 127 -34.76 25.14 -30.20
CA PRO F 127 -34.45 25.07 -28.77
C PRO F 127 -33.55 26.21 -28.34
N GLU F 128 -33.78 26.70 -27.12
CA GLU F 128 -33.04 27.81 -26.55
C GLU F 128 -32.32 27.29 -25.31
N PRO F 129 -31.25 26.44 -25.40
CA PRO F 129 -30.54 25.93 -24.23
C PRO F 129 -29.70 26.97 -23.52
N GLU F 130 -29.84 27.04 -22.19
CA GLU F 130 -29.09 27.98 -21.38
C GLU F 130 -27.93 27.20 -20.73
N PHE F 131 -26.77 27.85 -20.54
CA PHE F 131 -25.66 27.18 -19.91
C PHE F 131 -24.99 28.13 -18.92
N PHE F 132 -24.26 27.53 -17.96
CA PHE F 132 -23.39 28.23 -17.03
C PHE F 132 -21.93 27.96 -17.39
N VAL F 133 -21.06 28.96 -17.20
CA VAL F 133 -19.63 28.74 -17.28
C VAL F 133 -18.99 29.12 -15.95
N PHE F 134 -18.32 28.13 -15.36
CA PHE F 134 -17.58 28.38 -14.15
C PHE F 134 -16.08 28.25 -14.40
N ASP F 135 -15.32 28.91 -13.53
CA ASP F 135 -13.88 28.83 -13.56
C ASP F 135 -13.47 27.40 -13.16
N GLU F 136 -14.23 26.80 -12.24
CA GLU F 136 -13.88 25.49 -11.75
C GLU F 136 -15.00 24.98 -10.87
N VAL F 137 -15.12 23.66 -10.75
CA VAL F 137 -16.16 23.07 -9.94
C VAL F 137 -15.58 21.83 -9.31
N LYS F 138 -15.80 21.62 -8.01
CA LYS F 138 -15.32 20.43 -7.35
C LYS F 138 -16.46 19.80 -6.58
N TRP F 139 -16.46 18.46 -6.47
CA TRP F 139 -17.42 17.78 -5.61
C TRP F 139 -16.89 16.40 -5.23
N ASP F 140 -17.40 15.84 -4.12
CA ASP F 140 -17.12 14.46 -3.77
C ASP F 140 -18.22 13.89 -2.89
N ILE F 141 -18.43 12.57 -3.02
CA ILE F 141 -19.32 11.88 -2.09
C ILE F 141 -18.63 10.64 -1.53
N ASP F 142 -18.45 10.58 -0.20
CA ASP F 142 -17.92 9.40 0.47
C ASP F 142 -18.82 9.06 1.63
N MET F 143 -18.40 8.04 2.38
CA MET F 143 -19.07 7.70 3.61
C MET F 143 -18.97 8.91 4.54
N SER F 144 -17.86 9.66 4.41
CA SER F 144 -17.61 10.86 5.20
C SER F 144 -18.70 11.89 5.00
N GLY F 145 -19.16 12.06 3.76
CA GLY F 145 -20.29 12.94 3.48
C GLY F 145 -20.43 13.25 1.98
N ALA F 146 -21.18 14.30 1.65
CA ALA F 146 -21.36 14.67 0.26
C ALA F 146 -21.24 16.17 0.13
N ARG F 147 -20.48 16.63 -0.86
CA ARG F 147 -20.06 18.02 -0.90
C ARG F 147 -19.84 18.46 -2.33
N HIS F 148 -20.04 19.75 -2.59
CA HIS F 148 -19.85 20.34 -3.90
C HIS F 148 -19.59 21.83 -3.72
N THR F 149 -18.67 22.38 -4.51
CA THR F 149 -18.45 23.82 -4.46
C THR F 149 -18.34 24.40 -5.86
N LEU F 150 -18.93 25.58 -6.08
CA LEU F 150 -18.79 26.27 -7.34
C LEU F 150 -17.77 27.40 -7.22
N ILE F 151 -16.91 27.52 -8.22
CA ILE F 151 -15.83 28.47 -8.15
C ILE F 151 -15.80 29.27 -9.44
N ALA F 152 -16.00 30.57 -9.29
CA ALA F 152 -15.92 31.42 -10.46
C ALA F 152 -15.78 32.87 -10.01
N GLU F 153 -15.03 33.61 -10.83
CA GLU F 153 -14.72 34.99 -10.52
C GLU F 153 -15.97 35.81 -10.76
N GLU F 154 -16.68 35.46 -11.84
CA GLU F 154 -17.90 36.16 -12.24
C GLU F 154 -19.06 35.85 -11.30
N ALA F 155 -18.93 34.81 -10.47
CA ALA F 155 -20.01 34.45 -9.57
C ALA F 155 -20.32 35.60 -8.63
N ALA F 156 -21.58 35.79 -8.33
CA ALA F 156 -22.04 36.99 -7.70
C ALA F 156 -21.43 37.15 -6.32
N TRP F 157 -21.19 36.02 -5.65
CA TRP F 157 -20.73 36.03 -4.27
C TRP F 157 -19.20 36.21 -4.16
N SER F 158 -18.52 36.22 -5.31
CA SER F 158 -17.08 36.43 -5.33
C SER F 158 -16.66 37.86 -5.00
N THR F 159 -17.56 38.78 -4.67
CA THR F 159 -17.12 40.07 -4.14
C THR F 159 -16.40 39.78 -2.87
N GLY F 160 -15.26 40.40 -2.62
CA GLY F 160 -14.55 40.02 -1.38
C GLY F 160 -13.52 38.87 -1.49
N LYS F 161 -13.59 38.07 -2.55
CA LYS F 161 -12.56 37.13 -2.88
C LYS F 161 -11.29 37.81 -3.39
N ASP F 162 -10.17 37.08 -3.24
CA ASP F 162 -8.86 37.54 -3.69
C ASP F 162 -8.52 36.82 -4.98
N TYR F 163 -7.93 37.58 -5.91
CA TYR F 163 -7.52 37.03 -7.19
C TYR F 163 -6.13 37.55 -7.54
N GLU F 164 -5.55 36.85 -8.53
CA GLU F 164 -4.21 37.07 -9.03
C GLU F 164 -4.13 38.47 -9.57
N SER F 165 -4.98 38.80 -10.57
CA SER F 165 -4.97 40.13 -11.15
C SER F 165 -5.63 41.14 -10.21
N GLY F 166 -6.67 40.63 -9.53
CA GLY F 166 -7.40 41.34 -8.49
C GLY F 166 -8.92 41.28 -8.70
N ASN F 167 -9.63 41.63 -7.62
CA ASN F 167 -11.08 41.72 -7.62
C ASN F 167 -11.47 43.04 -8.26
N SER F 168 -12.19 42.97 -9.38
CA SER F 168 -12.59 44.20 -10.07
C SER F 168 -13.73 44.88 -9.32
N GLY F 169 -14.51 44.09 -8.59
CA GLY F 169 -15.79 44.50 -8.03
C GLY F 169 -16.89 44.60 -9.11
N HIS F 170 -16.49 44.45 -10.38
CA HIS F 170 -17.39 44.37 -11.50
C HIS F 170 -17.64 42.91 -11.81
N ARG F 171 -18.71 42.38 -11.25
CA ARG F 171 -19.32 41.13 -11.69
C ARG F 171 -20.84 41.28 -11.51
N PRO F 172 -21.64 40.43 -12.17
CA PRO F 172 -23.08 40.43 -12.00
C PRO F 172 -23.56 40.19 -10.57
N ARG F 173 -24.55 40.98 -10.13
CA ARG F 173 -25.19 40.77 -8.86
C ARG F 173 -26.18 39.62 -9.04
N VAL F 174 -26.79 39.19 -7.95
CA VAL F 174 -27.68 38.03 -7.99
C VAL F 174 -28.90 38.37 -8.86
N LYS F 175 -29.21 37.50 -9.83
CA LYS F 175 -30.33 37.68 -10.75
C LYS F 175 -30.04 38.82 -11.72
N GLY F 176 -28.96 39.56 -11.51
CA GLY F 176 -28.69 40.76 -12.28
C GLY F 176 -27.67 40.52 -13.38
N GLY F 177 -27.72 39.35 -14.01
CA GLY F 177 -26.88 39.13 -15.16
C GLY F 177 -27.56 39.57 -16.43
N TYR F 178 -28.72 40.24 -16.32
CA TYR F 178 -29.56 40.64 -17.45
C TYR F 178 -28.96 41.70 -18.40
N PHE F 179 -27.97 41.16 -19.14
CA PHE F 179 -27.29 41.73 -20.29
C PHE F 179 -26.47 42.97 -19.93
N PRO F 180 -25.80 43.13 -18.77
CA PRO F 180 -25.08 44.37 -18.51
C PRO F 180 -23.84 44.46 -19.39
N VAL F 181 -23.24 45.66 -19.42
CA VAL F 181 -22.01 46.01 -20.11
C VAL F 181 -20.81 45.11 -19.78
N PRO F 182 -19.89 44.89 -20.75
CA PRO F 182 -18.74 44.02 -20.63
C PRO F 182 -17.88 44.12 -19.38
N PRO F 183 -17.61 45.30 -18.77
CA PRO F 183 -16.77 45.26 -17.56
C PRO F 183 -17.25 44.11 -16.66
N VAL F 184 -18.57 44.03 -16.42
CA VAL F 184 -19.17 43.01 -15.58
C VAL F 184 -19.43 41.75 -16.39
N ASP F 185 -19.80 41.90 -17.67
CA ASP F 185 -20.16 40.76 -18.51
C ASP F 185 -19.00 39.77 -18.60
N SER F 186 -17.83 40.22 -19.05
CA SER F 186 -16.63 39.39 -19.04
C SER F 186 -16.62 38.43 -20.24
N ALA F 187 -17.73 37.78 -20.55
CA ALA F 187 -17.69 36.63 -21.44
C ALA F 187 -17.99 36.99 -22.88
N GLN F 188 -18.00 38.28 -23.21
CA GLN F 188 -18.30 38.68 -24.58
C GLN F 188 -17.39 37.91 -25.53
N ASP F 189 -16.09 38.09 -25.36
CA ASP F 189 -15.17 37.53 -26.34
C ASP F 189 -15.36 36.02 -26.38
N MET F 190 -15.57 35.41 -25.22
CA MET F 190 -15.68 33.96 -25.14
C MET F 190 -16.92 33.49 -25.88
N ARG F 191 -18.07 34.08 -25.61
CA ARG F 191 -19.28 33.74 -26.35
C ARG F 191 -19.04 33.90 -27.85
N ALA F 192 -18.38 34.99 -28.25
CA ALA F 192 -18.05 35.24 -29.64
C ALA F 192 -17.29 34.05 -30.23
N GLU F 193 -16.24 33.59 -29.53
CA GLU F 193 -15.46 32.44 -29.96
C GLU F 193 -16.38 31.23 -30.06
N MET F 194 -17.26 31.04 -29.06
CA MET F 194 -18.18 29.92 -29.11
C MET F 194 -18.99 30.01 -30.42
N CYS F 195 -19.49 31.21 -30.73
CA CYS F 195 -20.27 31.41 -31.93
C CYS F 195 -19.46 31.04 -33.17
N ALA F 196 -18.20 31.49 -33.19
CA ALA F 196 -17.32 31.24 -34.32
C ALA F 196 -17.15 29.73 -34.50
N LYS F 197 -16.97 29.01 -33.39
CA LYS F 197 -16.80 27.57 -33.44
C LYS F 197 -18.07 26.92 -33.96
N ILE F 198 -19.23 27.38 -33.50
CA ILE F 198 -20.49 26.84 -33.99
C ILE F 198 -20.53 26.93 -35.51
N GLU F 199 -20.20 28.11 -36.05
CA GLU F 199 -20.21 28.34 -37.49
C GLU F 199 -19.23 27.39 -38.18
N ASP F 200 -18.09 27.11 -37.55
CA ASP F 200 -17.18 26.14 -38.12
C ASP F 200 -17.93 24.82 -38.27
N ILE F 201 -18.68 24.44 -37.24
CA ILE F 201 -19.39 23.16 -37.25
C ILE F 201 -20.60 23.22 -38.18
N MET F 202 -21.58 24.09 -37.86
CA MET F 202 -22.85 24.14 -38.56
C MET F 202 -22.83 25.07 -39.78
N GLY F 203 -21.67 25.63 -40.14
CA GLY F 203 -21.52 26.44 -41.32
C GLY F 203 -22.11 27.86 -41.15
N PRO F 204 -22.12 28.66 -42.24
CA PRO F 204 -22.43 30.09 -42.14
C PRO F 204 -23.84 30.39 -41.65
N GLY F 205 -24.04 31.65 -41.27
CA GLY F 205 -25.23 32.05 -40.55
C GLY F 205 -25.40 31.18 -39.32
N ARG F 206 -26.61 30.64 -39.14
CA ARG F 206 -26.82 29.59 -38.16
C ARG F 206 -26.74 30.11 -36.72
N VAL F 207 -26.68 31.40 -36.45
CA VAL F 207 -26.58 31.84 -35.07
C VAL F 207 -27.33 33.16 -34.92
N GLU F 208 -28.28 33.21 -33.99
CA GLU F 208 -29.23 34.32 -33.89
C GLU F 208 -28.69 35.42 -32.98
N VAL F 209 -28.19 35.08 -31.78
CA VAL F 209 -27.94 36.08 -30.75
C VAL F 209 -27.07 35.52 -29.63
N HIS F 210 -26.24 36.37 -28.98
CA HIS F 210 -25.48 35.98 -27.79
C HIS F 210 -25.60 37.04 -26.69
N HIS F 211 -26.06 36.62 -25.51
CA HIS F 211 -26.32 37.51 -24.39
C HIS F 211 -26.09 36.77 -23.06
N HIS F 212 -26.11 37.51 -21.94
CA HIS F 212 -25.79 36.95 -20.63
C HIS F 212 -27.10 36.71 -19.91
N GLU F 213 -27.36 35.47 -19.46
CA GLU F 213 -28.63 35.17 -18.78
C GLU F 213 -28.56 35.71 -17.35
N VAL F 214 -29.67 35.60 -16.62
CA VAL F 214 -29.86 36.35 -15.39
C VAL F 214 -28.85 35.96 -14.31
N ALA F 215 -28.66 34.65 -14.08
CA ALA F 215 -27.79 34.21 -12.99
C ALA F 215 -26.34 34.63 -13.27
N SER F 216 -25.56 34.81 -12.19
CA SER F 216 -24.10 34.88 -12.28
C SER F 216 -23.58 33.78 -13.23
N CYS F 217 -22.62 34.09 -14.09
CA CYS F 217 -22.13 33.07 -15.02
C CYS F 217 -23.37 32.98 -15.87
N GLN F 218 -23.85 31.82 -16.29
CA GLN F 218 -25.12 31.81 -17.08
C GLN F 218 -25.20 32.76 -18.31
N LEU F 219 -25.08 32.08 -19.44
CA LEU F 219 -24.93 32.66 -20.76
C LEU F 219 -25.91 31.99 -21.70
N GLU F 220 -26.28 32.69 -22.78
CA GLU F 220 -27.11 32.10 -23.82
C GLU F 220 -26.53 32.45 -25.18
N ILE F 221 -26.39 31.42 -26.02
CA ILE F 221 -26.27 31.61 -27.45
C ILE F 221 -27.52 31.04 -28.13
N GLY F 222 -28.08 31.81 -29.09
CA GLY F 222 -29.25 31.42 -29.84
C GLY F 222 -28.86 30.83 -31.20
N VAL F 223 -29.34 29.63 -31.48
CA VAL F 223 -29.07 28.95 -32.74
C VAL F 223 -30.40 28.72 -33.47
N SER F 224 -30.41 28.94 -34.79
CA SER F 224 -31.66 28.98 -35.55
C SER F 224 -32.32 27.61 -35.56
N PHE F 225 -33.65 27.64 -35.65
CA PHE F 225 -34.45 26.45 -35.56
C PHE F 225 -34.26 25.63 -36.83
N ASN F 226 -34.55 24.33 -36.73
CA ASN F 226 -34.40 23.42 -37.86
C ASN F 226 -35.38 22.26 -37.71
N THR F 227 -35.33 21.32 -38.64
CA THR F 227 -36.14 20.12 -38.54
C THR F 227 -35.65 19.24 -37.39
N LEU F 228 -36.55 18.35 -36.96
CA LEU F 228 -36.21 17.27 -36.05
C LEU F 228 -35.08 16.48 -36.68
N VAL F 229 -34.25 15.83 -35.86
CA VAL F 229 -33.12 15.10 -36.38
C VAL F 229 -32.04 16.14 -36.63
N ARG F 230 -32.23 17.04 -37.59
CA ARG F 230 -31.16 17.96 -37.90
C ARG F 230 -30.85 18.84 -36.69
N LYS F 231 -31.92 19.42 -36.12
CA LYS F 231 -31.77 20.31 -34.98
C LYS F 231 -31.21 19.52 -33.80
N ALA F 232 -31.65 18.27 -33.66
CA ALA F 232 -31.13 17.41 -32.62
C ALA F 232 -29.63 17.22 -32.78
N ASP F 233 -29.17 16.99 -34.01
CA ASP F 233 -27.74 16.90 -34.26
C ASP F 233 -27.04 18.20 -33.87
N GLU F 234 -27.68 19.32 -34.21
CA GLU F 234 -27.10 20.63 -33.95
C GLU F 234 -27.11 20.94 -32.46
N VAL F 235 -28.08 20.43 -31.71
CA VAL F 235 -28.07 20.62 -30.27
C VAL F 235 -26.77 20.02 -29.75
N GLN F 236 -26.49 18.78 -30.15
CA GLN F 236 -25.31 18.08 -29.64
C GLN F 236 -24.07 18.86 -30.03
N GLN F 237 -24.05 19.39 -31.24
CA GLN F 237 -22.88 20.11 -31.71
C GLN F 237 -22.73 21.40 -30.91
N PHE F 238 -23.83 22.10 -30.63
CA PHE F 238 -23.79 23.31 -29.81
C PHE F 238 -23.17 22.99 -28.46
N LYS F 239 -23.72 21.99 -27.76
CA LYS F 239 -23.19 21.59 -26.46
C LYS F 239 -21.67 21.40 -26.58
N TYR F 240 -21.25 20.59 -27.57
CA TYR F 240 -19.85 20.29 -27.78
C TYR F 240 -19.04 21.59 -27.88
N ALA F 241 -19.49 22.50 -28.74
CA ALA F 241 -18.74 23.72 -28.96
C ALA F 241 -18.54 24.46 -27.65
N VAL F 242 -19.64 24.69 -26.93
CA VAL F 242 -19.56 25.55 -25.75
C VAL F 242 -18.67 24.85 -24.73
N TRP F 243 -18.83 23.53 -24.56
CA TRP F 243 -17.98 22.82 -23.61
C TRP F 243 -16.53 23.11 -23.91
N ASN F 244 -16.12 22.85 -25.15
CA ASN F 244 -14.72 22.85 -25.49
C ASN F 244 -14.19 24.29 -25.51
N VAL F 245 -14.95 25.26 -26.01
CA VAL F 245 -14.41 26.61 -26.05
C VAL F 245 -14.13 27.05 -24.62
N ALA F 246 -15.08 26.78 -23.72
CA ALA F 246 -14.90 27.15 -22.33
C ALA F 246 -13.61 26.54 -21.80
N HIS F 247 -13.41 25.27 -22.13
CA HIS F 247 -12.25 24.55 -21.65
C HIS F 247 -11.00 25.24 -22.14
N GLN F 248 -11.05 25.82 -23.34
CA GLN F 248 -9.88 26.49 -23.87
C GLN F 248 -9.65 27.80 -23.14
N TYR F 249 -10.67 28.34 -22.49
CA TYR F 249 -10.53 29.53 -21.68
C TYR F 249 -10.29 29.14 -20.21
N ALA F 250 -9.88 27.89 -20.02
CA ALA F 250 -9.54 27.36 -18.72
C ALA F 250 -10.74 27.37 -17.80
N LYS F 251 -11.95 27.21 -18.37
CA LYS F 251 -13.16 27.24 -17.58
C LYS F 251 -13.95 25.98 -17.87
N THR F 252 -15.09 25.81 -17.21
CA THR F 252 -15.91 24.65 -17.51
C THR F 252 -17.34 25.10 -17.72
N ALA F 253 -18.02 24.42 -18.64
CA ALA F 253 -19.40 24.76 -18.97
C ALA F 253 -20.32 23.62 -18.55
N THR F 254 -21.54 23.92 -18.12
CA THR F 254 -22.51 22.88 -17.81
C THR F 254 -23.89 23.32 -18.27
N PHE F 255 -24.57 22.34 -18.85
CA PHE F 255 -25.95 22.54 -19.31
C PHE F 255 -26.91 22.04 -18.24
N MET F 256 -26.40 21.73 -17.07
CA MET F 256 -27.28 21.26 -16.02
C MET F 256 -28.20 22.43 -15.67
N PRO F 257 -29.44 22.10 -15.26
CA PRO F 257 -30.34 23.09 -14.69
C PRO F 257 -29.90 23.47 -13.29
N LYS F 258 -30.53 24.50 -12.75
CA LYS F 258 -30.28 24.97 -11.39
C LYS F 258 -29.03 24.39 -10.70
N PRO F 259 -27.79 24.73 -11.16
CA PRO F 259 -26.59 24.38 -10.42
C PRO F 259 -26.40 25.29 -9.21
N MET F 260 -26.88 26.53 -9.40
CA MET F 260 -26.89 27.58 -8.40
C MET F 260 -28.31 27.67 -7.80
N VAL F 261 -28.34 27.79 -6.49
CA VAL F 261 -29.56 27.93 -5.72
C VAL F 261 -29.73 29.39 -5.37
N GLY F 262 -30.93 29.90 -5.57
CA GLY F 262 -31.27 31.27 -5.23
C GLY F 262 -30.91 32.24 -6.35
N ASP F 263 -30.63 31.68 -7.52
CA ASP F 263 -30.54 32.43 -8.74
C ASP F 263 -31.02 31.47 -9.79
N ASN F 264 -31.10 31.94 -11.01
CA ASN F 264 -31.90 31.33 -12.04
C ASN F 264 -31.30 29.97 -12.43
N GLY F 265 -32.17 29.05 -12.78
CA GLY F 265 -31.78 27.80 -13.41
C GLY F 265 -31.59 27.98 -14.91
N SER F 266 -31.05 26.96 -15.55
CA SER F 266 -30.84 26.99 -16.99
C SER F 266 -31.93 26.16 -17.64
N GLY F 267 -32.68 26.73 -18.58
CA GLY F 267 -33.78 26.03 -19.21
C GLY F 267 -33.64 25.95 -20.73
N MET F 268 -34.27 24.95 -21.35
CA MET F 268 -34.22 24.74 -22.77
C MET F 268 -35.62 24.91 -23.39
N HIS F 269 -35.99 26.16 -23.72
CA HIS F 269 -37.31 26.40 -24.29
C HIS F 269 -37.26 25.82 -25.70
N VAL F 270 -38.35 25.18 -26.11
CA VAL F 270 -38.47 24.57 -27.45
C VAL F 270 -39.54 25.29 -28.29
N HIS F 271 -39.16 25.72 -29.49
CA HIS F 271 -40.10 26.33 -30.42
C HIS F 271 -40.60 25.24 -31.36
N MET F 272 -41.91 25.23 -31.66
CA MET F 272 -42.43 24.24 -32.57
C MET F 272 -43.31 24.82 -33.66
N SER F 273 -43.12 24.29 -34.88
CA SER F 273 -43.92 24.61 -36.06
C SER F 273 -44.10 23.35 -36.92
N ILE F 274 -45.21 23.24 -37.64
CA ILE F 274 -45.42 22.19 -38.63
C ILE F 274 -45.64 22.86 -39.99
N SER F 275 -44.98 22.34 -41.03
CA SER F 275 -45.17 22.82 -42.39
C SER F 275 -45.64 21.68 -43.30
N LYS F 276 -46.51 22.02 -44.26
CA LYS F 276 -46.99 21.05 -45.24
C LYS F 276 -46.90 21.62 -46.66
N ASP F 277 -45.96 21.07 -47.43
CA ASP F 277 -45.62 21.57 -48.74
C ASP F 277 -45.25 23.05 -48.64
N GLY F 278 -44.51 23.41 -47.59
CA GLY F 278 -44.05 24.79 -47.41
C GLY F 278 -45.17 25.76 -47.03
N LYS F 279 -46.04 25.34 -46.09
CA LYS F 279 -47.07 26.19 -45.56
C LYS F 279 -47.10 26.12 -44.04
N ASN F 280 -47.10 27.28 -43.37
CA ASN F 280 -47.12 27.30 -41.92
C ASN F 280 -48.52 26.95 -41.44
N LEU F 281 -48.69 25.71 -40.95
CA LEU F 281 -49.99 25.23 -40.54
C LEU F 281 -50.43 25.92 -39.24
N PHE F 282 -49.47 26.51 -38.52
CA PHE F 282 -49.80 27.08 -37.22
C PHE F 282 -50.47 28.43 -37.40
N ALA F 283 -50.28 29.07 -38.57
CA ALA F 283 -50.86 30.37 -38.86
C ALA F 283 -52.39 30.27 -38.93
N GLY F 284 -53.08 31.24 -38.30
CA GLY F 284 -54.55 31.32 -38.33
C GLY F 284 -54.99 32.64 -37.71
N ASP F 285 -56.23 32.73 -37.24
CA ASP F 285 -56.69 33.93 -36.55
C ASP F 285 -57.34 33.59 -35.21
N GLU F 286 -57.19 32.35 -34.74
CA GLU F 286 -57.87 31.91 -33.54
C GLU F 286 -57.23 32.60 -32.33
N TYR F 287 -55.97 32.33 -32.03
CA TYR F 287 -55.37 33.01 -30.89
C TYR F 287 -54.08 33.76 -31.20
N ALA F 288 -54.20 35.10 -31.22
CA ALA F 288 -53.06 35.92 -31.63
C ALA F 288 -52.41 35.28 -32.86
N GLY F 289 -53.24 34.94 -33.86
CA GLY F 289 -52.71 34.48 -35.13
C GLY F 289 -52.43 32.98 -35.16
N LEU F 290 -53.04 32.22 -34.26
CA LEU F 290 -52.84 30.78 -34.18
C LEU F 290 -53.98 30.01 -34.84
N SER F 291 -53.64 29.00 -35.63
CA SER F 291 -54.63 28.07 -36.15
C SER F 291 -55.08 27.15 -35.01
N GLU F 292 -56.28 26.57 -35.16
CA GLU F 292 -56.75 25.59 -34.20
C GLU F 292 -55.83 24.37 -34.24
N MET F 293 -55.13 24.13 -35.35
CA MET F 293 -54.12 23.07 -35.39
C MET F 293 -53.16 23.25 -34.22
N ALA F 294 -52.57 24.45 -34.16
CA ALA F 294 -51.62 24.79 -33.11
C ALA F 294 -52.29 24.68 -31.73
N LEU F 295 -53.52 25.18 -31.62
CA LEU F 295 -54.20 25.09 -30.34
C LEU F 295 -54.34 23.62 -29.92
N TYR F 296 -54.52 22.73 -30.88
CA TYR F 296 -54.68 21.32 -30.55
C TYR F 296 -53.32 20.75 -30.14
N PHE F 297 -52.26 21.16 -30.84
CA PHE F 297 -50.90 20.76 -30.49
C PHE F 297 -50.67 21.05 -29.02
N ILE F 298 -50.98 22.29 -28.64
CA ILE F 298 -50.87 22.77 -27.27
C ILE F 298 -51.61 21.82 -26.33
N GLY F 299 -52.88 21.55 -26.61
CA GLY F 299 -53.70 20.77 -25.70
C GLY F 299 -53.04 19.43 -25.37
N GLY F 300 -52.56 18.74 -26.40
CA GLY F 300 -51.99 17.41 -26.23
C GLY F 300 -50.80 17.44 -25.29
N ILE F 301 -49.92 18.39 -25.53
CA ILE F 301 -48.79 18.59 -24.66
C ILE F 301 -49.26 18.84 -23.24
N ILE F 302 -50.24 19.72 -23.04
CA ILE F 302 -50.74 19.95 -21.69
C ILE F 302 -51.23 18.65 -21.07
N LYS F 303 -51.94 17.81 -21.85
CA LYS F 303 -52.46 16.57 -21.31
C LYS F 303 -51.29 15.69 -20.84
N HIS F 304 -50.34 15.49 -21.75
CA HIS F 304 -49.31 14.47 -21.52
C HIS F 304 -48.24 14.96 -20.56
N ALA F 305 -48.02 16.27 -20.54
CA ALA F 305 -46.94 16.99 -19.85
C ALA F 305 -46.23 16.20 -18.76
N ARG F 306 -46.94 15.74 -17.73
CA ARG F 306 -46.26 15.08 -16.63
C ARG F 306 -45.41 13.94 -17.16
N ALA F 307 -45.96 13.14 -18.05
CA ALA F 307 -45.21 12.06 -18.68
C ALA F 307 -44.12 12.63 -19.56
N LEU F 308 -44.41 13.70 -20.31
CA LEU F 308 -43.39 14.36 -21.12
C LEU F 308 -42.18 14.76 -20.26
N ASN F 309 -42.48 15.20 -19.02
CA ASN F 309 -41.44 15.58 -18.08
C ASN F 309 -40.86 14.22 -17.71
N ALA F 310 -39.70 13.93 -18.20
CA ALA F 310 -39.11 12.60 -18.04
C ALA F 310 -38.30 12.46 -19.31
N ILE F 311 -38.93 12.76 -20.47
CA ILE F 311 -38.10 13.06 -21.63
C ILE F 311 -37.58 14.50 -21.51
N THR F 312 -38.47 15.47 -21.23
CA THR F 312 -38.12 16.88 -21.34
C THR F 312 -37.34 17.33 -20.10
N ASN F 313 -37.62 16.69 -18.97
CA ASN F 313 -36.95 17.04 -17.73
C ASN F 313 -36.41 15.78 -17.08
N PRO F 314 -35.39 15.11 -17.67
CA PRO F 314 -34.96 13.79 -17.22
C PRO F 314 -33.87 13.80 -16.17
N SER F 315 -33.74 14.90 -15.43
CA SER F 315 -32.76 14.96 -14.36
C SER F 315 -33.49 15.24 -13.05
N THR F 316 -33.02 14.64 -11.98
CA THR F 316 -33.53 14.95 -10.65
C THR F 316 -33.38 16.45 -10.43
N ASN F 317 -32.32 17.02 -11.00
CA ASN F 317 -32.01 18.43 -10.84
C ASN F 317 -33.05 19.31 -11.54
N SER F 318 -33.73 18.76 -12.55
CA SER F 318 -34.67 19.54 -13.30
C SER F 318 -35.70 20.16 -12.37
N TYR F 319 -36.07 19.39 -11.35
CA TYR F 319 -37.16 19.75 -10.48
C TYR F 319 -36.71 20.75 -9.42
N LYS F 320 -35.41 21.03 -9.36
CA LYS F 320 -34.95 22.15 -8.57
C LYS F 320 -35.32 23.45 -9.27
N ARG F 321 -35.31 23.45 -10.63
CA ARG F 321 -35.77 24.60 -11.40
C ARG F 321 -37.28 24.75 -11.27
N LEU F 322 -38.01 23.64 -11.46
CA LEU F 322 -39.46 23.66 -11.58
C LEU F 322 -40.09 23.73 -10.19
N VAL F 323 -39.96 24.91 -9.59
CA VAL F 323 -40.31 25.17 -8.21
C VAL F 323 -41.28 26.35 -8.22
N PRO F 324 -42.19 26.47 -7.23
CA PRO F 324 -43.11 27.61 -7.15
C PRO F 324 -42.40 28.97 -7.11
N HIS F 325 -42.20 29.55 -8.30
CA HIS F 325 -41.54 30.83 -8.40
C HIS F 325 -41.86 31.51 -9.72
N PHE F 326 -41.36 32.74 -9.87
CA PHE F 326 -41.39 33.52 -11.08
C PHE F 326 -40.49 32.84 -12.12
N GLU F 327 -40.73 33.15 -13.39
CA GLU F 327 -39.97 32.59 -14.49
C GLU F 327 -40.23 31.09 -14.57
N ALA F 328 -40.43 30.41 -13.44
CA ALA F 328 -40.71 28.99 -13.39
C ALA F 328 -41.91 28.66 -14.26
N PRO F 329 -41.73 27.94 -15.40
CA PRO F 329 -42.85 27.43 -16.20
C PRO F 329 -43.56 26.26 -15.51
N ILE F 330 -44.05 26.51 -14.29
CA ILE F 330 -44.55 25.47 -13.43
C ILE F 330 -46.02 25.18 -13.77
N MET F 331 -46.78 26.20 -14.19
CA MET F 331 -48.21 26.05 -14.38
C MET F 331 -48.50 25.75 -15.86
N LEU F 332 -49.30 24.71 -16.09
CA LEU F 332 -49.71 24.27 -17.42
C LEU F 332 -50.82 25.16 -17.96
N ALA F 333 -50.43 26.23 -18.66
CA ALA F 333 -51.36 26.97 -19.48
C ALA F 333 -50.63 27.62 -20.66
N TYR F 334 -51.40 28.39 -21.44
CA TYR F 334 -50.84 29.10 -22.58
C TYR F 334 -51.24 30.58 -22.56
N SER F 335 -50.29 31.43 -22.93
CA SER F 335 -50.54 32.85 -23.10
C SER F 335 -49.35 33.44 -23.84
N ALA F 336 -49.61 34.31 -24.82
CA ALA F 336 -48.52 34.94 -25.53
C ALA F 336 -47.76 35.89 -24.62
N ARG F 337 -48.41 36.43 -23.58
CA ARG F 337 -47.79 37.52 -22.83
C ARG F 337 -47.71 37.23 -21.35
N ASN F 338 -47.69 35.95 -20.94
CA ASN F 338 -47.77 35.70 -19.49
C ASN F 338 -46.67 34.76 -19.00
N ARG F 339 -46.06 35.14 -17.86
CA ARG F 339 -45.14 34.30 -17.13
C ARG F 339 -45.93 33.29 -16.33
N SER F 340 -45.22 32.28 -15.80
CA SER F 340 -45.84 31.16 -15.09
C SER F 340 -46.71 30.36 -16.04
N ALA F 341 -46.62 30.66 -17.34
CA ALA F 341 -47.26 29.88 -18.36
C ALA F 341 -46.24 28.89 -18.91
N SER F 342 -46.55 27.60 -18.80
CA SER F 342 -45.68 26.56 -19.30
C SER F 342 -45.44 26.77 -20.80
N ILE F 343 -46.48 27.23 -21.50
CA ILE F 343 -46.43 27.46 -22.94
C ILE F 343 -46.55 28.95 -23.18
N ARG F 344 -45.71 29.46 -24.08
CA ARG F 344 -45.79 30.87 -24.45
C ARG F 344 -45.89 30.94 -25.96
N ILE F 345 -46.63 31.97 -26.44
CA ILE F 345 -46.81 32.14 -27.86
C ILE F 345 -46.01 33.36 -28.30
N PRO F 346 -44.84 33.19 -28.95
CA PRO F 346 -43.98 34.32 -29.28
C PRO F 346 -44.61 35.25 -30.31
N TYR F 347 -44.40 36.57 -30.11
CA TYR F 347 -44.89 37.57 -31.05
C TYR F 347 -44.03 37.51 -32.29
N VAL F 348 -44.56 36.90 -33.35
CA VAL F 348 -43.76 36.67 -34.54
C VAL F 348 -43.70 37.97 -35.35
N SER F 349 -44.51 38.95 -34.97
CA SER F 349 -44.79 40.15 -35.75
C SER F 349 -45.62 39.72 -36.97
N ASN F 350 -45.21 38.63 -37.63
CA ASN F 350 -45.76 38.16 -38.89
C ASN F 350 -46.33 36.76 -38.68
N PRO F 351 -47.60 36.48 -39.08
CA PRO F 351 -48.13 35.13 -39.02
C PRO F 351 -47.34 34.12 -39.84
N LYS F 352 -46.50 34.58 -40.78
CA LYS F 352 -45.56 33.64 -41.41
C LYS F 352 -44.58 33.18 -40.33
N GLY F 353 -44.44 31.87 -40.15
CA GLY F 353 -43.56 31.35 -39.11
C GLY F 353 -44.14 31.48 -37.70
N LYS F 354 -45.47 31.47 -37.58
CA LYS F 354 -46.10 31.43 -36.26
C LYS F 354 -45.63 30.17 -35.55
N ARG F 355 -45.14 30.30 -34.31
CA ARG F 355 -44.64 29.15 -33.56
C ARG F 355 -45.20 29.15 -32.14
N ILE F 356 -44.99 28.05 -31.44
CA ILE F 356 -45.37 27.89 -30.05
C ILE F 356 -44.14 27.46 -29.24
N GLU F 357 -43.99 28.02 -28.03
CA GLU F 357 -42.77 27.83 -27.25
C GLU F 357 -43.11 27.12 -25.95
N ALA F 358 -42.43 26.00 -25.70
CA ALA F 358 -42.62 25.21 -24.51
C ALA F 358 -41.43 25.44 -23.56
N ARG F 359 -41.69 26.10 -22.42
CA ARG F 359 -40.61 26.63 -21.62
C ARG F 359 -40.22 25.62 -20.53
N PHE F 360 -40.99 24.57 -20.34
CA PHE F 360 -40.75 23.64 -19.23
C PHE F 360 -39.51 22.78 -19.45
N PRO F 361 -39.10 22.35 -20.66
CA PRO F 361 -37.91 21.49 -20.80
C PRO F 361 -36.60 22.15 -20.33
N ASP F 362 -35.63 21.34 -19.85
CA ASP F 362 -34.30 21.79 -19.47
C ASP F 362 -33.28 21.06 -20.31
N PRO F 363 -32.01 21.52 -20.41
CA PRO F 363 -31.08 21.01 -21.41
C PRO F 363 -30.67 19.57 -21.20
N MET F 364 -31.15 18.94 -20.13
CA MET F 364 -30.77 17.56 -19.89
C MET F 364 -31.57 16.63 -20.81
N MET F 365 -32.65 17.16 -21.41
CA MET F 365 -33.44 16.47 -22.39
C MET F 365 -32.59 15.99 -23.56
N ASN F 366 -32.79 14.74 -23.97
CA ASN F 366 -32.22 14.13 -25.16
C ASN F 366 -32.85 14.84 -26.35
N PRO F 367 -32.10 15.43 -27.29
CA PRO F 367 -32.72 16.09 -28.42
C PRO F 367 -33.56 15.13 -29.26
N TYR F 368 -32.94 14.06 -29.77
CA TYR F 368 -33.67 13.15 -30.65
C TYR F 368 -34.93 12.67 -29.93
N LEU F 369 -34.72 11.92 -28.86
CA LEU F 369 -35.80 11.35 -28.09
C LEU F 369 -36.78 12.44 -27.66
N GLY F 370 -36.25 13.57 -27.19
CA GLY F 370 -37.06 14.64 -26.63
C GLY F 370 -38.00 15.25 -27.67
N PHE F 371 -37.43 15.76 -28.76
CA PHE F 371 -38.21 16.40 -29.80
C PHE F 371 -39.34 15.46 -30.20
N ALA F 372 -39.01 14.18 -30.45
CA ALA F 372 -39.99 13.21 -30.92
C ALA F 372 -41.20 13.17 -30.00
N ALA F 373 -40.97 12.98 -28.69
CA ALA F 373 -42.03 12.89 -27.70
C ALA F 373 -42.94 14.11 -27.74
N LEU F 374 -42.38 15.30 -27.92
CA LEU F 374 -43.19 16.51 -27.99
C LEU F 374 -44.17 16.43 -29.18
N LEU F 375 -43.67 15.98 -30.34
CA LEU F 375 -44.49 15.89 -31.55
C LEU F 375 -45.62 14.89 -31.32
N MET F 376 -45.27 13.69 -30.84
CA MET F 376 -46.25 12.65 -30.61
C MET F 376 -47.37 13.17 -29.72
N ALA F 377 -47.01 13.85 -28.62
CA ALA F 377 -47.98 14.45 -27.72
C ALA F 377 -48.77 15.53 -28.44
N GLY F 378 -48.06 16.39 -29.19
CA GLY F 378 -48.69 17.42 -30.00
C GLY F 378 -49.78 16.84 -30.91
N ILE F 379 -49.41 15.83 -31.71
CA ILE F 379 -50.33 15.32 -32.70
C ILE F 379 -51.47 14.55 -32.04
N ASP F 380 -51.22 13.94 -30.87
CA ASP F 380 -52.31 13.30 -30.15
C ASP F 380 -53.38 14.35 -29.82
N GLY F 381 -52.92 15.58 -29.58
CA GLY F 381 -53.81 16.71 -29.38
C GLY F 381 -54.73 16.91 -30.59
N ILE F 382 -54.09 17.05 -31.75
CA ILE F 382 -54.79 17.27 -33.00
C ILE F 382 -55.71 16.08 -33.28
N GLN F 383 -55.16 14.87 -33.22
CA GLN F 383 -55.94 13.67 -33.49
C GLN F 383 -57.18 13.61 -32.59
N ASN F 384 -57.04 13.91 -31.31
CA ASN F 384 -58.17 13.83 -30.39
C ASN F 384 -58.80 15.21 -30.20
N LYS F 385 -58.42 16.18 -31.05
CA LYS F 385 -58.99 17.52 -31.00
C LYS F 385 -59.02 18.02 -29.56
N ILE F 386 -57.89 17.84 -28.83
CA ILE F 386 -57.78 18.18 -27.42
C ILE F 386 -57.76 19.70 -27.29
N HIS F 387 -58.73 20.23 -26.51
CA HIS F 387 -58.93 21.66 -26.39
C HIS F 387 -57.89 22.21 -25.42
N PRO F 388 -57.15 23.28 -25.77
CA PRO F 388 -56.15 23.87 -24.89
C PRO F 388 -56.75 24.62 -23.71
N GLY F 389 -58.07 24.72 -23.68
CA GLY F 389 -58.75 25.55 -22.68
C GLY F 389 -58.69 27.01 -23.08
N GLU F 390 -58.81 27.92 -22.10
CA GLU F 390 -58.80 29.36 -22.36
C GLU F 390 -57.47 29.93 -21.89
N ALA F 391 -56.94 30.96 -22.57
CA ALA F 391 -55.60 31.42 -22.25
C ALA F 391 -55.59 32.30 -21.00
N ALA F 392 -54.85 31.88 -19.96
CA ALA F 392 -54.72 32.66 -18.73
C ALA F 392 -53.68 33.76 -18.93
N ASP F 393 -54.17 34.99 -19.14
CA ASP F 393 -53.32 36.12 -19.46
C ASP F 393 -53.07 36.96 -18.20
N LYS F 394 -53.86 36.75 -17.15
CA LYS F 394 -53.96 37.68 -16.04
C LYS F 394 -53.50 37.07 -14.71
N ASN F 395 -52.90 35.88 -14.72
CA ASN F 395 -52.45 35.22 -13.51
C ASN F 395 -51.03 34.69 -13.63
N LEU F 396 -50.18 35.01 -12.65
CA LEU F 396 -48.79 34.62 -12.70
C LEU F 396 -48.41 33.88 -11.40
N TYR F 397 -47.31 34.29 -10.73
CA TYR F 397 -47.00 33.78 -9.40
C TYR F 397 -47.63 34.72 -8.38
N ASP F 398 -48.93 34.51 -8.14
CA ASP F 398 -49.66 35.29 -7.13
C ASP F 398 -50.15 34.35 -6.01
N LEU F 399 -50.88 34.94 -5.05
CA LEU F 399 -51.49 34.18 -3.96
C LEU F 399 -52.70 33.43 -4.52
N PRO F 400 -52.65 32.07 -4.64
CA PRO F 400 -53.66 31.31 -5.35
C PRO F 400 -54.90 30.99 -4.51
N PRO F 401 -56.09 31.56 -4.83
CA PRO F 401 -57.29 31.23 -4.10
C PRO F 401 -57.79 29.83 -4.46
N GLU F 402 -58.58 29.71 -5.53
CA GLU F 402 -59.03 28.41 -6.02
C GLU F 402 -58.39 28.17 -7.39
N GLU F 403 -58.33 29.22 -8.21
CA GLU F 403 -57.97 29.12 -9.63
C GLU F 403 -56.60 28.45 -9.83
N GLU F 404 -55.57 29.20 -9.43
CA GLU F 404 -54.18 28.80 -9.61
C GLU F 404 -53.94 27.50 -8.86
N ALA F 405 -54.58 27.34 -7.70
CA ALA F 405 -54.59 26.06 -6.98
C ALA F 405 -55.11 24.97 -7.91
N LYS F 406 -56.22 25.25 -8.60
CA LYS F 406 -56.85 24.31 -9.53
C LYS F 406 -56.03 24.15 -10.81
N ILE F 407 -55.21 25.15 -11.17
CA ILE F 407 -54.40 25.09 -12.38
C ILE F 407 -53.49 23.86 -12.32
N PRO F 408 -53.42 23.05 -13.40
CA PRO F 408 -52.48 21.94 -13.47
C PRO F 408 -51.02 22.37 -13.44
N THR F 409 -50.16 21.53 -12.84
CA THR F 409 -48.76 21.88 -12.70
C THR F 409 -47.93 20.77 -13.31
N VAL F 410 -46.70 21.14 -13.68
CA VAL F 410 -45.78 20.18 -14.25
C VAL F 410 -45.29 19.26 -13.12
N ALA F 411 -44.54 18.21 -13.43
CA ALA F 411 -44.19 17.21 -12.41
C ALA F 411 -43.28 17.79 -11.32
N HIS F 412 -43.44 17.34 -10.08
CA HIS F 412 -42.66 17.87 -8.97
C HIS F 412 -41.32 17.17 -8.85
N SER F 413 -41.24 15.92 -9.32
CA SER F 413 -40.05 15.13 -9.14
C SER F 413 -39.86 14.22 -10.35
N LEU F 414 -38.62 13.77 -10.57
CA LEU F 414 -38.41 12.78 -11.62
C LEU F 414 -39.21 11.52 -11.29
N ASP F 415 -39.25 11.19 -10.00
CA ASP F 415 -40.01 10.06 -9.51
C ASP F 415 -41.42 10.11 -10.10
N MET F 416 -42.10 11.22 -9.83
CA MET F 416 -43.47 11.46 -10.26
C MET F 416 -43.55 11.42 -11.79
N ALA F 417 -42.60 12.05 -12.45
CA ALA F 417 -42.57 12.07 -13.91
C ALA F 417 -42.52 10.66 -14.47
N LEU F 418 -41.73 9.79 -13.84
CA LEU F 418 -41.62 8.42 -14.31
C LEU F 418 -42.92 7.66 -14.06
N GLU F 419 -43.57 7.94 -12.93
CA GLU F 419 -44.88 7.34 -12.66
C GLU F 419 -45.87 7.80 -13.71
N ALA F 420 -45.77 9.07 -14.09
CA ALA F 420 -46.64 9.66 -15.07
C ALA F 420 -46.48 8.94 -16.41
N LEU F 421 -45.22 8.74 -16.80
CA LEU F 421 -44.91 8.16 -18.10
C LEU F 421 -45.44 6.74 -18.13
N GLN F 422 -45.31 6.04 -17.00
CA GLN F 422 -45.78 4.67 -17.00
C GLN F 422 -47.25 4.68 -17.40
N ALA F 423 -48.04 5.47 -16.65
CA ALA F 423 -49.47 5.60 -16.88
C ALA F 423 -49.78 6.07 -18.31
N ASP F 424 -49.10 7.12 -18.78
CA ASP F 424 -49.45 7.75 -20.03
C ASP F 424 -48.35 7.56 -21.09
N HIS F 425 -48.22 6.36 -21.67
CA HIS F 425 -47.20 6.14 -22.68
C HIS F 425 -47.75 6.00 -24.09
N GLU F 426 -49.07 6.10 -24.24
CA GLU F 426 -49.74 5.57 -25.41
C GLU F 426 -49.30 6.36 -26.65
N PHE F 427 -49.31 7.69 -26.52
CA PHE F 427 -49.05 8.56 -27.63
C PHE F 427 -47.70 8.24 -28.26
N LEU F 428 -46.71 7.85 -27.44
CA LEU F 428 -45.38 7.56 -27.96
C LEU F 428 -45.34 6.28 -28.79
N LEU F 429 -46.14 5.28 -28.36
CA LEU F 429 -46.14 3.98 -28.99
C LEU F 429 -46.81 4.04 -30.37
N LYS F 430 -47.55 5.12 -30.64
CA LYS F 430 -48.15 5.33 -31.95
C LYS F 430 -47.07 5.36 -33.03
N GLY F 431 -47.39 4.80 -34.19
CA GLY F 431 -46.46 4.68 -35.29
C GLY F 431 -45.43 3.59 -35.04
N GLY F 432 -45.40 3.02 -33.83
CA GLY F 432 -44.33 2.16 -33.36
C GLY F 432 -42.96 2.85 -33.45
N VAL F 433 -42.96 4.19 -33.45
CA VAL F 433 -41.76 5.01 -33.40
C VAL F 433 -41.02 4.68 -32.10
N PHE F 434 -41.78 4.56 -31.01
CA PHE F 434 -41.24 4.15 -29.73
C PHE F 434 -41.68 2.71 -29.40
N THR F 435 -40.71 1.80 -29.28
CA THR F 435 -41.01 0.41 -28.94
C THR F 435 -41.23 0.35 -27.43
N LYS F 436 -42.04 -0.61 -27.00
CA LYS F 436 -42.32 -0.71 -25.59
C LYS F 436 -41.06 -1.09 -24.82
N GLU F 437 -40.26 -1.99 -25.41
CA GLU F 437 -39.01 -2.44 -24.80
C GLU F 437 -38.18 -1.22 -24.41
N MET F 438 -38.02 -0.28 -25.37
CA MET F 438 -37.20 0.91 -25.16
C MET F 438 -37.75 1.72 -23.98
N LEU F 439 -39.06 1.98 -23.98
CA LEU F 439 -39.70 2.72 -22.92
C LEU F 439 -39.50 2.02 -21.60
N ASP F 440 -39.70 0.69 -21.57
CA ASP F 440 -39.53 -0.07 -20.35
C ASP F 440 -38.14 0.18 -19.75
N ALA F 441 -37.12 0.03 -20.62
CA ALA F 441 -35.72 0.22 -20.25
C ALA F 441 -35.48 1.63 -19.73
N TYR F 442 -35.79 2.59 -20.60
CA TYR F 442 -35.62 4.01 -20.32
C TYR F 442 -36.10 4.28 -18.90
N ILE F 443 -37.34 3.88 -18.62
CA ILE F 443 -37.91 4.21 -17.34
C ILE F 443 -37.02 3.67 -16.24
N GLU F 444 -36.60 2.40 -16.38
CA GLU F 444 -35.85 1.78 -15.31
C GLU F 444 -34.49 2.47 -15.14
N LEU F 445 -33.84 2.75 -16.27
CA LEU F 445 -32.52 3.38 -16.29
C LEU F 445 -32.60 4.72 -15.57
N LYS F 446 -33.58 5.54 -15.92
CA LYS F 446 -33.70 6.84 -15.28
C LYS F 446 -34.00 6.70 -13.79
N THR F 447 -34.62 5.59 -13.40
CA THR F 447 -34.93 5.40 -12.00
C THR F 447 -33.65 5.28 -11.18
N GLU F 448 -32.56 4.77 -11.78
CA GLU F 448 -31.31 4.66 -11.05
C GLU F 448 -30.87 6.03 -10.60
N ASP F 449 -31.10 7.02 -11.46
CA ASP F 449 -30.74 8.39 -11.10
C ASP F 449 -31.57 8.78 -9.87
N VAL F 450 -32.85 8.47 -9.91
CA VAL F 450 -33.73 8.77 -8.81
C VAL F 450 -33.22 8.05 -7.58
N ARG F 451 -32.93 6.76 -7.71
CA ARG F 451 -32.39 5.98 -6.60
C ARG F 451 -31.22 6.73 -5.95
N ARG F 452 -30.24 7.14 -6.75
CA ARG F 452 -29.05 7.80 -6.26
C ARG F 452 -29.44 8.93 -5.31
N LEU F 453 -30.23 9.86 -5.81
CA LEU F 453 -30.67 11.03 -5.05
C LEU F 453 -31.31 10.58 -3.74
N ASN F 454 -32.24 9.62 -3.84
CA ASN F 454 -33.03 9.25 -2.68
C ASN F 454 -32.18 8.51 -1.68
N THR F 455 -31.13 7.84 -2.14
CA THR F 455 -30.30 7.07 -1.24
C THR F 455 -29.29 7.97 -0.53
N THR F 456 -28.72 8.94 -1.24
CA THR F 456 -27.59 9.71 -0.73
C THR F 456 -28.05 10.87 0.14
N THR F 457 -27.73 10.85 1.43
CA THR F 457 -28.21 11.88 2.34
C THR F 457 -27.71 13.23 1.86
N HIS F 458 -28.54 14.27 1.99
CA HIS F 458 -28.26 15.62 1.50
C HIS F 458 -27.73 16.49 2.61
N PRO F 459 -26.74 17.37 2.36
CA PRO F 459 -26.26 18.29 3.38
C PRO F 459 -27.37 19.00 4.15
N VAL F 460 -28.44 19.35 3.42
CA VAL F 460 -29.51 20.11 4.00
C VAL F 460 -30.19 19.32 5.10
N GLU F 461 -30.17 17.97 5.03
CA GLU F 461 -30.85 17.19 6.04
C GLU F 461 -30.14 17.37 7.37
N PHE F 462 -28.84 17.60 7.31
CA PHE F 462 -28.08 17.88 8.52
C PHE F 462 -28.64 19.16 9.11
N ASP F 463 -28.86 20.13 8.22
CA ASP F 463 -29.28 21.43 8.67
C ASP F 463 -30.61 21.27 9.37
N MET F 464 -31.54 20.56 8.76
CA MET F 464 -32.86 20.51 9.36
C MET F 464 -32.86 19.55 10.57
N TYR F 465 -32.32 18.34 10.40
CA TYR F 465 -32.61 17.29 11.35
C TYR F 465 -31.51 16.98 12.37
N TYR F 466 -30.26 17.41 12.19
CA TYR F 466 -29.17 16.80 12.95
C TYR F 466 -29.44 16.81 14.45
N SER F 467 -29.84 17.97 15.02
CA SER F 467 -29.94 18.17 16.46
C SER F 467 -31.35 17.89 17.03
N LEU F 468 -32.16 17.15 16.25
CA LEU F 468 -33.42 16.61 16.65
C LEU F 468 -33.20 15.21 17.27
#